data_2JWY
#
_entry.id   2JWY
#
_entity_poly.entity_id   1
_entity_poly.type   'polypeptide(L)'
_entity_poly.pdbx_seq_one_letter_code
;MVQQSEVRQMKHSVSTLNQEMTQLNQETVKITQQNRLNAKSSSGVYLLPGAKTPARLESQIGTLRMSLVNITPDADGTTL
TLRIQGESNDPLPAFSGTVEYGQIQGTIDNFQEINVQNQLINAPASVLAPSDVDIPLQLKGISVDQLGFVRIHDIQPVMQ
LEHHHHHH
;
_entity_poly.pdbx_strand_id   A
#
# COMPACT_ATOMS: atom_id res chain seq x y z
N MET A 1 -2.10 -32.85 17.81
CA MET A 1 -3.03 -34.00 17.99
C MET A 1 -4.41 -33.73 17.36
N VAL A 2 -4.51 -32.70 16.52
CA VAL A 2 -5.78 -32.39 15.84
C VAL A 2 -5.98 -33.26 14.59
N GLN A 3 -4.96 -34.06 14.27
CA GLN A 3 -4.98 -34.93 13.10
C GLN A 3 -5.91 -36.13 13.32
N GLN A 4 -7.21 -35.91 13.17
CA GLN A 4 -8.21 -36.96 13.34
C GLN A 4 -8.68 -37.51 11.98
N SER A 5 -9.11 -38.77 11.97
CA SER A 5 -9.66 -39.37 10.75
C SER A 5 -11.09 -38.87 10.49
N GLU A 6 -11.20 -37.58 10.13
CA GLU A 6 -12.50 -36.95 9.93
C GLU A 6 -12.92 -37.04 8.45
N VAL A 7 -14.03 -37.73 8.20
CA VAL A 7 -14.50 -37.99 6.83
C VAL A 7 -15.66 -37.06 6.42
N ARG A 8 -15.72 -36.73 5.13
CA ARG A 8 -16.79 -35.87 4.59
C ARG A 8 -17.87 -36.69 3.88
N GLN A 9 -18.01 -37.96 4.28
CA GLN A 9 -18.99 -38.88 3.69
C GLN A 9 -20.42 -38.28 3.71
N MET A 10 -20.95 -37.93 2.54
CA MET A 10 -22.28 -37.34 2.44
C MET A 10 -23.39 -38.36 2.78
N LYS A 11 -23.79 -38.38 4.05
CA LYS A 11 -24.89 -39.25 4.51
C LYS A 11 -26.24 -38.54 4.35
N HIS A 12 -27.27 -39.26 3.89
CA HIS A 12 -28.60 -38.68 3.72
C HIS A 12 -29.29 -38.45 5.07
N SER A 13 -28.95 -37.34 5.70
CA SER A 13 -29.55 -36.95 6.99
C SER A 13 -29.61 -35.42 7.11
N VAL A 14 -30.80 -34.90 7.38
CA VAL A 14 -31.00 -33.44 7.46
C VAL A 14 -30.25 -32.81 8.65
N SER A 15 -29.53 -31.73 8.38
CA SER A 15 -28.82 -30.98 9.42
C SER A 15 -29.00 -29.47 9.22
N THR A 16 -29.62 -28.81 10.19
CA THR A 16 -29.90 -27.37 10.10
C THR A 16 -28.74 -26.52 10.60
N LEU A 17 -28.09 -25.79 9.68
CA LEU A 17 -26.98 -24.90 10.03
C LEU A 17 -27.49 -23.54 10.53
N ASN A 18 -26.59 -22.70 11.05
CA ASN A 18 -26.96 -21.35 11.50
C ASN A 18 -27.24 -20.44 10.29
N GLN A 19 -28.09 -19.44 10.49
CA GLN A 19 -28.46 -18.49 9.43
C GLN A 19 -27.23 -17.75 8.87
N GLU A 20 -26.66 -18.27 7.80
CA GLU A 20 -25.50 -17.64 7.15
C GLU A 20 -25.89 -16.27 6.57
N MET A 21 -25.03 -15.28 6.79
CA MET A 21 -25.33 -13.88 6.43
C MET A 21 -25.30 -13.64 4.91
N THR A 22 -25.62 -12.41 4.49
CA THR A 22 -25.75 -12.08 3.07
C THR A 22 -24.39 -11.98 2.35
N GLN A 23 -24.43 -11.88 1.02
CA GLN A 23 -23.23 -11.71 0.21
C GLN A 23 -22.73 -10.26 0.28
N LEU A 24 -21.63 -9.96 -0.40
CA LEU A 24 -21.02 -8.63 -0.34
C LEU A 24 -20.39 -8.22 -1.69
N ASN A 25 -20.38 -6.91 -1.96
CA ASN A 25 -19.73 -6.37 -3.17
C ASN A 25 -18.27 -6.84 -3.27
N GLN A 26 -17.89 -7.33 -4.45
CA GLN A 26 -16.54 -7.88 -4.67
C GLN A 26 -15.44 -6.91 -4.20
N GLU A 27 -15.52 -5.65 -4.60
CA GLU A 27 -14.52 -4.66 -4.19
C GLU A 27 -14.48 -4.53 -2.66
N THR A 28 -15.65 -4.44 -2.04
CA THR A 28 -15.77 -4.34 -0.58
C THR A 28 -15.14 -5.56 0.12
N VAL A 29 -15.26 -6.73 -0.50
CA VAL A 29 -14.62 -7.95 0.01
C VAL A 29 -13.09 -7.79 0.03
N LYS A 30 -12.53 -7.34 -1.10
CA LYS A 30 -11.09 -7.09 -1.20
C LYS A 30 -10.64 -6.00 -0.21
N ILE A 31 -11.49 -4.99 0.01
CA ILE A 31 -11.24 -3.97 1.03
C ILE A 31 -11.18 -4.60 2.43
N THR A 32 -12.17 -5.44 2.74
CA THR A 32 -12.21 -6.17 4.01
C THR A 32 -10.98 -7.07 4.17
N GLN A 33 -10.52 -7.63 3.05
CA GLN A 33 -9.29 -8.44 3.03
C GLN A 33 -8.05 -7.56 3.28
N GLN A 34 -8.03 -6.39 2.63
CA GLN A 34 -6.94 -5.41 2.81
C GLN A 34 -6.79 -5.03 4.29
N ASN A 35 -7.88 -4.56 4.89
CA ASN A 35 -7.88 -4.15 6.30
C ASN A 35 -7.36 -5.26 7.24
N ARG A 36 -7.87 -6.48 7.05
CA ARG A 36 -7.45 -7.62 7.88
C ARG A 36 -5.95 -7.92 7.70
N LEU A 37 -5.48 -8.00 6.46
CA LEU A 37 -4.05 -8.25 6.19
C LEU A 37 -3.19 -7.06 6.65
N ASN A 38 -3.75 -5.85 6.55
CA ASN A 38 -3.08 -4.62 6.98
C ASN A 38 -2.66 -4.73 8.46
N ALA A 39 -3.59 -5.14 9.30
CA ALA A 39 -3.33 -5.34 10.72
C ALA A 39 -2.37 -6.53 10.96
N LYS A 40 -2.45 -7.55 10.10
CA LYS A 40 -1.57 -8.73 10.20
C LYS A 40 -0.15 -8.44 9.69
N SER A 41 0.04 -7.28 9.06
CA SER A 41 1.36 -6.87 8.55
C SER A 41 2.17 -6.14 9.62
N SER A 42 3.44 -6.54 9.78
CA SER A 42 4.37 -5.82 10.67
C SER A 42 5.35 -4.96 9.84
N SER A 43 5.57 -5.36 8.58
CA SER A 43 6.43 -4.61 7.67
C SER A 43 5.60 -3.75 6.71
N GLY A 44 5.37 -2.48 7.08
CA GLY A 44 4.60 -1.57 6.25
C GLY A 44 3.12 -1.94 6.10
N VAL A 45 2.48 -1.41 5.07
CA VAL A 45 1.03 -1.58 4.86
C VAL A 45 0.72 -2.35 3.57
N TYR A 46 -0.34 -3.17 3.60
CA TYR A 46 -0.79 -3.92 2.42
C TYR A 46 -1.70 -3.06 1.52
N LEU A 47 -1.24 -2.76 0.31
CA LEU A 47 -2.09 -2.15 -0.72
C LEU A 47 -2.50 -3.20 -1.76
N LEU A 48 -3.66 -3.82 -1.57
CA LEU A 48 -4.17 -4.81 -2.52
C LEU A 48 -4.68 -4.12 -3.80
N PRO A 49 -4.11 -4.46 -4.98
CA PRO A 49 -4.53 -3.87 -6.27
C PRO A 49 -6.02 -4.08 -6.57
N GLY A 50 -6.62 -5.09 -5.93
CA GLY A 50 -8.05 -5.33 -6.07
C GLY A 50 -8.90 -4.45 -5.13
N ALA A 51 -8.28 -3.95 -4.07
CA ALA A 51 -8.97 -3.07 -3.09
C ALA A 51 -8.77 -1.60 -3.44
N LYS A 52 -7.54 -1.25 -3.85
CA LYS A 52 -7.20 0.11 -4.32
C LYS A 52 -7.38 1.19 -3.24
N THR A 53 -7.75 0.76 -2.03
CA THR A 53 -7.99 1.68 -0.90
C THR A 53 -6.70 2.29 -0.36
N PRO A 54 -6.81 3.51 0.20
CA PRO A 54 -5.68 4.19 0.86
C PRO A 54 -5.32 3.56 2.22
N ALA A 55 -4.03 3.37 2.49
CA ALA A 55 -3.56 2.84 3.78
C ALA A 55 -2.63 3.82 4.49
N ARG A 56 -2.77 3.92 5.82
CA ARG A 56 -1.98 4.86 6.63
C ARG A 56 -0.70 4.22 7.18
N LEU A 57 0.43 4.86 6.95
CA LEU A 57 1.74 4.36 7.39
C LEU A 57 2.56 5.44 8.12
N GLU A 58 3.03 5.12 9.32
CA GLU A 58 3.81 6.07 10.12
C GLU A 58 5.32 5.91 9.83
N SER A 59 5.84 6.76 8.97
CA SER A 59 7.23 6.64 8.49
C SER A 59 8.20 7.49 9.32
N GLN A 60 9.47 7.47 8.92
CA GLN A 60 10.51 8.27 9.59
C GLN A 60 10.29 9.78 9.40
N ILE A 61 9.75 10.17 8.24
CA ILE A 61 9.52 11.59 7.94
C ILE A 61 8.18 12.09 8.52
N GLY A 62 7.21 11.19 8.64
CA GLY A 62 5.88 11.55 9.15
C GLY A 62 4.80 10.54 8.79
N THR A 63 3.57 10.82 9.19
CA THR A 63 2.44 9.93 8.91
C THR A 63 1.85 10.19 7.51
N LEU A 64 2.06 9.25 6.59
CA LEU A 64 1.59 9.38 5.22
C LEU A 64 0.55 8.30 4.85
N ARG A 65 -0.06 8.43 3.68
CA ARG A 65 -1.16 7.55 3.26
C ARG A 65 -1.04 7.21 1.75
N MET A 66 -0.79 5.95 1.42
CA MET A 66 -0.62 5.55 0.02
C MET A 66 -1.84 4.82 -0.55
N SER A 67 -1.97 4.83 -1.88
CA SER A 67 -3.09 4.18 -2.58
C SER A 67 -2.71 3.81 -4.03
N LEU A 68 -3.42 2.85 -4.61
CA LEU A 68 -3.12 2.37 -5.97
C LEU A 68 -4.23 2.72 -6.97
N VAL A 69 -3.90 3.53 -7.98
CA VAL A 69 -4.86 3.88 -9.05
C VAL A 69 -4.21 3.80 -10.43
N ASN A 70 -5.04 3.80 -11.49
CA ASN A 70 -4.57 3.74 -12.88
C ASN A 70 -3.71 2.49 -13.14
N ILE A 71 -4.11 1.36 -12.57
CA ILE A 71 -3.38 0.09 -12.71
C ILE A 71 -3.48 -0.45 -14.15
N THR A 72 -2.36 -0.45 -14.86
CA THR A 72 -2.32 -0.92 -16.27
C THR A 72 -1.08 -1.78 -16.53
N PRO A 73 -1.18 -2.73 -17.50
CA PRO A 73 -0.08 -3.66 -17.83
C PRO A 73 1.15 -2.95 -18.44
N ASP A 74 2.34 -3.47 -18.14
CA ASP A 74 3.60 -2.88 -18.63
C ASP A 74 4.32 -3.84 -19.59
N ALA A 75 5.36 -3.34 -20.25
CA ALA A 75 6.19 -4.16 -21.15
C ALA A 75 6.76 -5.40 -20.45
N ASP A 76 7.19 -5.23 -19.21
CA ASP A 76 7.74 -6.34 -18.41
C ASP A 76 6.77 -6.76 -17.29
N GLY A 77 6.22 -5.79 -16.56
CA GLY A 77 5.31 -6.10 -15.46
C GLY A 77 4.00 -5.32 -15.49
N THR A 78 3.82 -4.39 -14.56
CA THR A 78 2.58 -3.60 -14.44
C THR A 78 2.83 -2.17 -13.94
N THR A 79 2.32 -1.17 -14.66
CA THR A 79 2.45 0.24 -14.27
C THR A 79 1.19 0.76 -13.56
N LEU A 80 1.35 1.21 -12.32
CA LEU A 80 0.24 1.82 -11.58
C LEU A 80 0.70 3.09 -10.84
N THR A 81 -0.21 4.03 -10.63
CA THR A 81 0.11 5.30 -9.98
C THR A 81 0.10 5.18 -8.44
N LEU A 82 1.27 5.32 -7.84
CA LEU A 82 1.43 5.27 -6.38
C LEU A 82 1.33 6.68 -5.80
N ARG A 83 0.24 6.96 -5.09
CA ARG A 83 0.00 8.30 -4.52
C ARG A 83 0.32 8.36 -3.03
N ILE A 84 1.23 9.26 -2.64
CA ILE A 84 1.56 9.48 -1.23
C ILE A 84 0.87 10.73 -0.69
N GLN A 85 -0.21 10.54 0.07
CA GLN A 85 -0.97 11.66 0.64
C GLN A 85 -0.63 11.86 2.12
N GLY A 86 -0.41 13.12 2.51
CA GLY A 86 -0.06 13.42 3.89
C GLY A 86 -1.26 13.43 4.84
N GLU A 87 -1.19 12.60 5.89
CA GLU A 87 -2.23 12.58 6.91
C GLU A 87 -2.14 13.83 7.81
N SER A 88 -0.93 14.37 7.93
CA SER A 88 -0.68 15.57 8.71
C SER A 88 -0.93 16.84 7.88
N ASN A 89 -0.63 18.00 8.46
CA ASN A 89 -0.77 19.29 7.76
C ASN A 89 0.59 19.83 7.29
N ASP A 90 1.64 19.02 7.46
CA ASP A 90 3.02 19.46 7.18
C ASP A 90 3.52 18.93 5.82
N PRO A 91 4.48 19.64 5.19
CA PRO A 91 5.13 19.20 3.94
C PRO A 91 6.14 18.06 4.15
N LEU A 92 6.13 17.06 3.27
CA LEU A 92 7.01 15.89 3.41
C LEU A 92 8.28 16.01 2.54
N PRO A 93 9.48 15.96 3.16
CA PRO A 93 10.76 16.06 2.43
C PRO A 93 11.04 14.82 1.54
N ALA A 94 12.07 14.92 0.71
CA ALA A 94 12.42 13.83 -0.23
C ALA A 94 12.71 12.51 0.49
N PHE A 95 12.09 11.42 0.01
CA PHE A 95 12.22 10.11 0.66
C PHE A 95 12.19 8.96 -0.36
N SER A 96 12.79 7.83 0.02
CA SER A 96 12.72 6.61 -0.79
C SER A 96 12.05 5.48 0.01
N GLY A 97 11.40 4.54 -0.70
CA GLY A 97 10.72 3.45 -0.02
C GLY A 97 10.85 2.10 -0.75
N THR A 98 10.82 1.01 0.02
CA THR A 98 10.90 -0.34 -0.55
C THR A 98 9.51 -0.98 -0.63
N VAL A 99 8.99 -1.15 -1.84
CA VAL A 99 7.65 -1.71 -2.04
C VAL A 99 7.69 -3.19 -2.48
N GLU A 100 7.13 -4.07 -1.64
CA GLU A 100 6.99 -5.50 -2.00
C GLU A 100 5.72 -5.70 -2.84
N TYR A 101 5.76 -6.65 -3.76
CA TYR A 101 4.56 -6.98 -4.55
C TYR A 101 4.62 -8.43 -5.08
N GLY A 102 3.50 -9.14 -4.93
CA GLY A 102 3.43 -10.54 -5.33
C GLY A 102 2.01 -11.10 -5.33
N GLN A 103 1.88 -12.39 -5.03
CA GLN A 103 0.56 -13.06 -5.04
C GLN A 103 0.21 -13.71 -3.69
N ILE A 104 -1.09 -13.79 -3.41
CA ILE A 104 -1.58 -14.46 -2.20
C ILE A 104 -2.44 -15.69 -2.56
N GLN A 105 -1.87 -16.88 -2.41
CA GLN A 105 -2.58 -18.12 -2.79
C GLN A 105 -3.42 -18.70 -1.63
N GLY A 106 -3.14 -18.25 -0.40
CA GLY A 106 -3.83 -18.81 0.76
C GLY A 106 -5.10 -18.05 1.14
N THR A 107 -5.52 -18.22 2.39
CA THR A 107 -6.73 -17.56 2.93
C THR A 107 -6.35 -16.55 4.02
N ILE A 108 -7.36 -15.90 4.61
CA ILE A 108 -7.12 -14.97 5.71
C ILE A 108 -6.61 -15.72 6.96
N ASP A 109 -7.05 -16.97 7.10
CA ASP A 109 -6.62 -17.83 8.21
C ASP A 109 -5.14 -18.25 8.04
N ASN A 110 -4.76 -18.55 6.80
CA ASN A 110 -3.38 -18.94 6.47
C ASN A 110 -3.03 -18.61 5.01
N PHE A 111 -2.19 -17.61 4.81
CA PHE A 111 -1.80 -17.18 3.45
C PHE A 111 -0.29 -17.16 3.26
N GLN A 112 0.17 -17.61 2.10
CA GLN A 112 1.60 -17.58 1.75
C GLN A 112 1.88 -16.52 0.67
N GLU A 113 2.79 -15.59 0.97
CA GLU A 113 3.22 -14.57 0.01
C GLU A 113 4.17 -15.19 -1.04
N ILE A 114 3.65 -15.50 -2.22
CA ILE A 114 4.43 -16.13 -3.29
C ILE A 114 4.70 -15.17 -4.46
N ASN A 115 5.76 -15.45 -5.24
CA ASN A 115 6.09 -14.65 -6.43
C ASN A 115 6.28 -13.16 -6.09
N VAL A 116 6.76 -12.90 -4.88
CA VAL A 116 6.91 -11.54 -4.37
C VAL A 116 8.34 -11.00 -4.54
N GLN A 117 8.43 -9.77 -5.05
CA GLN A 117 9.71 -9.04 -5.14
C GLN A 117 9.46 -7.56 -4.85
N ASN A 118 10.52 -6.75 -4.85
CA ASN A 118 10.40 -5.35 -4.44
C ASN A 118 10.96 -4.34 -5.46
N GLN A 119 10.72 -3.06 -5.19
CA GLN A 119 11.15 -1.96 -6.05
C GLN A 119 11.35 -0.69 -5.22
N LEU A 120 12.17 0.25 -5.70
CA LEU A 120 12.45 1.49 -4.97
C LEU A 120 11.59 2.66 -5.46
N ILE A 121 10.66 3.12 -4.61
CA ILE A 121 9.84 4.29 -4.91
C ILE A 121 10.44 5.56 -4.27
N ASN A 122 11.12 6.37 -5.08
CA ASN A 122 11.77 7.59 -4.59
C ASN A 122 10.97 8.84 -4.99
N ALA A 123 10.34 9.48 -4.01
CA ALA A 123 9.52 10.67 -4.26
C ALA A 123 10.30 11.96 -3.99
N PRO A 124 9.95 13.08 -4.66
CA PRO A 124 10.66 14.37 -4.53
C PRO A 124 10.38 15.09 -3.20
N ALA A 125 11.00 16.26 -3.01
CA ALA A 125 10.81 17.04 -1.80
C ALA A 125 9.51 17.87 -1.88
N SER A 126 8.52 17.48 -1.10
CA SER A 126 7.22 18.16 -1.11
C SER A 126 7.25 19.42 -0.26
N VAL A 127 7.47 20.57 -0.89
CA VAL A 127 7.54 21.85 -0.19
C VAL A 127 6.15 22.49 0.00
N LEU A 128 5.09 21.74 -0.33
CA LEU A 128 3.72 22.25 -0.22
C LEU A 128 2.98 21.65 0.97
N ALA A 129 2.09 22.44 1.57
CA ALA A 129 1.27 21.99 2.70
C ALA A 129 -0.22 22.31 2.47
N PRO A 130 -1.13 21.32 2.59
CA PRO A 130 -0.78 19.92 2.93
C PRO A 130 -0.01 19.20 1.80
N SER A 131 0.77 18.18 2.17
CA SER A 131 1.62 17.47 1.21
C SER A 131 0.90 16.30 0.53
N ASP A 132 0.83 16.33 -0.81
CA ASP A 132 0.31 15.20 -1.60
C ASP A 132 1.16 14.98 -2.87
N VAL A 133 1.56 13.73 -3.10
CA VAL A 133 2.45 13.38 -4.22
C VAL A 133 1.92 12.15 -4.99
N ASP A 134 2.20 12.10 -6.29
CA ASP A 134 1.89 10.91 -7.10
C ASP A 134 3.09 10.52 -7.97
N ILE A 135 3.52 9.27 -7.86
CA ILE A 135 4.66 8.76 -8.64
C ILE A 135 4.32 7.42 -9.33
N PRO A 136 4.72 7.24 -10.60
CA PRO A 136 4.47 6.00 -11.34
C PRO A 136 5.27 4.81 -10.80
N LEU A 137 4.55 3.77 -10.36
CA LEU A 137 5.17 2.56 -9.83
C LEU A 137 5.18 1.47 -10.93
N GLN A 138 6.32 1.34 -11.61
CA GLN A 138 6.45 0.40 -12.73
C GLN A 138 6.88 -0.99 -12.24
N LEU A 139 5.91 -1.78 -11.79
CA LEU A 139 6.18 -3.14 -11.29
C LEU A 139 6.76 -4.03 -12.39
N LYS A 140 7.65 -4.95 -12.02
CA LYS A 140 8.33 -5.80 -13.01
C LYS A 140 8.00 -7.29 -12.81
N GLY A 141 7.96 -8.03 -13.92
CA GLY A 141 7.71 -9.47 -13.86
C GLY A 141 6.24 -9.84 -13.72
N ILE A 142 5.55 -9.22 -12.76
CA ILE A 142 4.17 -9.60 -12.44
C ILE A 142 3.14 -8.83 -13.29
N SER A 143 2.11 -9.55 -13.74
CA SER A 143 1.08 -8.96 -14.61
C SER A 143 -0.12 -8.43 -13.80
N VAL A 144 -0.78 -7.40 -14.31
CA VAL A 144 -1.93 -6.77 -13.63
C VAL A 144 -3.01 -7.80 -13.25
N ASP A 145 -3.30 -8.72 -14.17
CA ASP A 145 -4.29 -9.77 -13.93
C ASP A 145 -3.81 -10.76 -12.85
N GLN A 146 -2.49 -10.83 -12.68
CA GLN A 146 -1.87 -11.77 -11.72
C GLN A 146 -1.42 -11.06 -10.44
N LEU A 147 -1.77 -9.79 -10.28
CA LEU A 147 -1.42 -9.02 -9.08
C LEU A 147 -2.22 -9.44 -7.84
N GLY A 148 -1.53 -9.81 -6.77
CA GLY A 148 -2.19 -10.17 -5.53
C GLY A 148 -2.13 -9.05 -4.48
N PHE A 149 -0.91 -8.62 -4.13
CA PHE A 149 -0.73 -7.57 -3.11
C PHE A 149 0.46 -6.66 -3.44
N VAL A 150 0.34 -5.39 -3.08
CA VAL A 150 1.44 -4.42 -3.18
C VAL A 150 1.69 -3.77 -1.81
N ARG A 151 2.70 -4.23 -1.09
CA ARG A 151 2.93 -3.78 0.30
C ARG A 151 4.05 -2.72 0.39
N ILE A 152 3.67 -1.50 0.79
CA ILE A 152 4.61 -0.39 0.97
C ILE A 152 5.28 -0.45 2.36
N HIS A 153 6.61 -0.49 2.39
CA HIS A 153 7.35 -0.48 3.67
C HIS A 153 8.74 0.14 3.50
N ASP A 154 9.50 0.22 4.60
CA ASP A 154 10.86 0.76 4.58
C ASP A 154 10.91 2.15 3.95
N ILE A 155 10.43 3.14 4.69
CA ILE A 155 10.38 4.53 4.21
C ILE A 155 11.47 5.37 4.89
N GLN A 156 12.43 5.85 4.09
CA GLN A 156 13.60 6.54 4.63
C GLN A 156 13.90 7.85 3.88
N PRO A 157 14.29 8.92 4.62
CA PRO A 157 14.62 10.23 4.01
C PRO A 157 15.96 10.20 3.24
N VAL A 158 16.07 10.98 2.16
CA VAL A 158 17.28 10.95 1.33
C VAL A 158 18.11 12.25 1.43
N MET A 159 19.44 12.07 1.56
CA MET A 159 20.45 13.14 1.51
C MET A 159 20.04 14.48 2.17
N GLN A 160 19.19 14.43 3.20
CA GLN A 160 18.76 15.67 3.88
C GLN A 160 19.40 15.80 5.26
N LEU A 161 19.65 17.05 5.68
CA LEU A 161 20.35 17.32 6.93
C LEU A 161 19.45 17.22 8.17
N GLU A 162 20.02 16.82 9.30
CA GLU A 162 19.30 16.77 10.58
C GLU A 162 19.57 18.05 11.40
N HIS A 163 18.85 18.18 12.51
CA HIS A 163 19.13 19.25 13.48
C HIS A 163 19.79 18.68 14.73
N HIS A 164 20.97 19.21 15.08
CA HIS A 164 21.73 18.71 16.22
C HIS A 164 20.89 18.72 17.50
N HIS A 165 20.59 17.53 18.01
CA HIS A 165 19.73 17.39 19.20
C HIS A 165 20.49 17.81 20.47
N HIS A 166 20.64 19.13 20.64
CA HIS A 166 21.44 19.68 21.74
C HIS A 166 20.73 19.55 23.09
N HIS A 167 20.96 18.42 23.77
CA HIS A 167 20.38 18.20 25.11
C HIS A 167 21.40 18.53 26.21
N HIS A 168 22.68 18.46 25.87
CA HIS A 168 23.77 18.85 26.78
C HIS A 168 24.52 20.08 26.24
N MET A 1 13.56 5.65 56.33
CA MET A 1 12.71 6.88 56.35
C MET A 1 11.59 6.78 55.30
N VAL A 2 10.50 7.50 55.51
CA VAL A 2 9.33 7.41 54.60
C VAL A 2 8.81 8.80 54.18
N GLN A 3 8.37 8.90 52.93
CA GLN A 3 7.76 10.13 52.40
C GLN A 3 6.24 9.97 52.24
N GLN A 4 5.57 11.02 51.79
CA GLN A 4 4.10 10.99 51.59
C GLN A 4 3.75 10.51 50.17
N SER A 5 2.81 9.56 50.07
CA SER A 5 2.41 8.98 48.77
C SER A 5 1.18 9.70 48.19
N GLU A 6 1.07 9.68 46.86
CA GLU A 6 -0.05 10.33 46.16
C GLU A 6 -1.24 9.38 45.94
N VAL A 7 -2.20 9.80 45.11
CA VAL A 7 -3.39 8.99 44.82
C VAL A 7 -3.17 8.05 43.61
N ARG A 8 -4.14 7.18 43.35
CA ARG A 8 -4.01 6.16 42.29
C ARG A 8 -5.19 6.21 41.29
N GLN A 9 -4.89 6.33 40.00
CA GLN A 9 -5.91 6.40 38.96
C GLN A 9 -6.45 5.02 38.56
N MET A 10 -7.73 4.96 38.19
CA MET A 10 -8.36 3.71 37.73
C MET A 10 -8.92 3.88 36.30
N LYS A 11 -8.43 3.07 35.36
CA LYS A 11 -8.73 3.23 33.93
C LYS A 11 -9.58 2.06 33.39
N HIS A 12 -10.63 2.38 32.62
CA HIS A 12 -11.44 1.35 31.97
C HIS A 12 -11.25 1.36 30.44
N SER A 13 -11.47 0.20 29.80
CA SER A 13 -11.28 0.06 28.35
C SER A 13 -12.62 0.10 27.59
N VAL A 14 -12.54 0.30 26.27
CA VAL A 14 -13.75 0.34 25.42
C VAL A 14 -13.48 -0.23 24.01
N SER A 15 -14.18 -1.31 23.67
CA SER A 15 -14.01 -1.97 22.35
C SER A 15 -15.09 -3.03 22.10
N THR A 16 -15.83 -2.89 21.00
CA THR A 16 -16.84 -3.88 20.59
C THR A 16 -16.43 -4.61 19.30
N LEU A 17 -17.10 -5.72 19.00
CA LEU A 17 -16.82 -6.49 17.78
C LEU A 17 -17.85 -6.22 16.67
N ASN A 18 -17.47 -6.50 15.43
CA ASN A 18 -18.36 -6.29 14.28
C ASN A 18 -19.01 -7.61 13.82
N GLN A 19 -19.89 -7.53 12.82
CA GLN A 19 -20.59 -8.71 12.28
C GLN A 19 -20.04 -9.12 10.91
N GLU A 20 -20.18 -10.40 10.57
CA GLU A 20 -19.77 -10.93 9.26
C GLU A 20 -20.93 -10.86 8.25
N MET A 21 -20.70 -10.23 7.11
CA MET A 21 -21.74 -10.10 6.07
C MET A 21 -21.61 -11.20 4.99
N THR A 22 -22.48 -11.14 3.99
CA THR A 22 -22.47 -12.10 2.89
C THR A 22 -21.50 -11.69 1.77
N GLN A 23 -21.34 -12.55 0.77
CA GLN A 23 -20.39 -12.28 -0.33
C GLN A 23 -20.84 -11.10 -1.21
N LEU A 24 -20.17 -9.96 -1.04
CA LEU A 24 -20.41 -8.77 -1.87
C LEU A 24 -19.35 -8.70 -2.98
N ASN A 25 -19.44 -7.68 -3.85
CA ASN A 25 -18.47 -7.50 -4.95
C ASN A 25 -17.01 -7.65 -4.48
N GLN A 26 -16.16 -8.17 -5.36
CA GLN A 26 -14.77 -8.51 -5.02
C GLN A 26 -13.98 -7.33 -4.47
N GLU A 27 -14.16 -6.12 -5.03
CA GLU A 27 -13.36 -4.97 -4.58
C GLU A 27 -13.69 -4.62 -3.12
N THR A 28 -14.98 -4.69 -2.76
CA THR A 28 -15.40 -4.49 -1.36
C THR A 28 -14.73 -5.52 -0.42
N VAL A 29 -14.81 -6.79 -0.79
CA VAL A 29 -14.17 -7.86 -0.03
C VAL A 29 -12.64 -7.65 0.01
N LYS A 30 -12.09 -7.14 -1.08
CA LYS A 30 -10.66 -6.86 -1.19
C LYS A 30 -10.26 -5.69 -0.28
N ILE A 31 -11.14 -4.69 -0.16
CA ILE A 31 -10.94 -3.59 0.80
C ILE A 31 -10.88 -4.13 2.23
N THR A 32 -11.76 -5.07 2.54
CA THR A 32 -11.76 -5.76 3.83
C THR A 32 -10.40 -6.45 4.07
N GLN A 33 -9.90 -7.12 3.03
CA GLN A 33 -8.59 -7.78 3.08
C GLN A 33 -7.46 -6.76 3.33
N GLN A 34 -7.57 -5.60 2.69
CA GLN A 34 -6.59 -4.51 2.85
C GLN A 34 -6.47 -4.06 4.30
N ASN A 35 -7.59 -3.68 4.91
CA ASN A 35 -7.62 -3.24 6.31
C ASN A 35 -7.14 -4.36 7.27
N ARG A 36 -7.54 -5.60 6.98
CA ARG A 36 -7.16 -6.74 7.83
C ARG A 36 -5.63 -7.02 7.80
N LEU A 37 -5.08 -7.20 6.60
CA LEU A 37 -3.63 -7.43 6.46
C LEU A 37 -2.82 -6.30 7.10
N ASN A 38 -3.27 -5.07 6.89
CA ASN A 38 -2.68 -3.90 7.57
C ASN A 38 -2.65 -4.08 9.09
N ALA A 39 -3.77 -4.55 9.65
CA ALA A 39 -3.91 -4.73 11.11
C ALA A 39 -3.04 -5.89 11.64
N LYS A 40 -2.63 -6.79 10.75
CA LYS A 40 -1.75 -7.91 11.12
C LYS A 40 -0.26 -7.59 10.89
N SER A 41 0.01 -6.51 10.17
CA SER A 41 1.39 -6.04 9.94
C SER A 41 1.87 -5.14 11.09
N SER A 42 3.16 -5.26 11.45
CA SER A 42 3.72 -4.45 12.55
C SER A 42 4.15 -3.07 12.08
N SER A 43 4.80 -3.01 10.91
CA SER A 43 5.24 -1.73 10.33
C SER A 43 5.21 -1.77 8.80
N GLY A 44 4.07 -1.43 8.22
CA GLY A 44 3.93 -1.43 6.77
C GLY A 44 2.51 -1.72 6.31
N VAL A 45 2.12 -1.22 5.13
CA VAL A 45 0.74 -1.39 4.64
C VAL A 45 0.63 -2.42 3.52
N TYR A 46 -0.49 -3.14 3.48
CA TYR A 46 -0.79 -4.09 2.41
C TYR A 46 -1.87 -3.52 1.47
N LEU A 47 -1.46 -3.04 0.30
CA LEU A 47 -2.39 -2.51 -0.69
C LEU A 47 -2.81 -3.60 -1.69
N LEU A 48 -4.10 -3.93 -1.70
CA LEU A 48 -4.64 -4.90 -2.66
C LEU A 48 -5.04 -4.20 -3.97
N PRO A 49 -4.40 -4.56 -5.11
CA PRO A 49 -4.65 -3.93 -6.43
C PRO A 49 -6.15 -3.88 -6.81
N GLY A 50 -6.89 -4.92 -6.45
CA GLY A 50 -8.32 -4.94 -6.69
C GLY A 50 -9.06 -3.84 -5.92
N ALA A 51 -8.67 -3.63 -4.67
CA ALA A 51 -9.29 -2.62 -3.82
C ALA A 51 -8.64 -1.25 -4.00
N LYS A 52 -9.21 -0.43 -4.87
CA LYS A 52 -8.69 0.92 -5.10
C LYS A 52 -8.92 1.80 -3.85
N THR A 53 -8.08 1.60 -2.83
CA THR A 53 -8.23 2.30 -1.55
C THR A 53 -6.89 2.74 -0.95
N PRO A 54 -6.92 3.85 -0.19
CA PRO A 54 -5.76 4.34 0.57
C PRO A 54 -5.56 3.60 1.91
N ALA A 55 -4.31 3.56 2.39
CA ALA A 55 -3.98 2.94 3.69
C ALA A 55 -3.05 3.83 4.52
N ARG A 56 -3.34 3.93 5.82
CA ARG A 56 -2.54 4.77 6.74
C ARG A 56 -1.23 4.08 7.15
N LEU A 57 -0.12 4.82 7.10
CA LEU A 57 1.21 4.28 7.42
C LEU A 57 2.05 5.24 8.26
N GLU A 58 2.45 4.78 9.44
CA GLU A 58 3.40 5.50 10.29
C GLU A 58 4.84 5.22 9.83
N SER A 59 5.57 6.28 9.47
CA SER A 59 6.95 6.15 8.98
C SER A 59 7.93 6.96 9.81
N GLN A 60 9.21 6.91 9.43
CA GLN A 60 10.29 7.61 10.14
C GLN A 60 10.15 9.14 10.02
N ILE A 61 9.41 9.60 9.01
CA ILE A 61 9.18 11.04 8.81
C ILE A 61 7.82 11.50 9.36
N GLY A 62 6.87 10.58 9.42
CA GLY A 62 5.52 10.89 9.90
C GLY A 62 4.47 9.95 9.34
N THR A 63 3.20 10.29 9.48
CA THR A 63 2.11 9.45 8.97
C THR A 63 1.66 9.90 7.57
N LEU A 64 1.64 8.96 6.65
CA LEU A 64 1.14 9.22 5.29
C LEU A 64 0.08 8.19 4.89
N ARG A 65 -0.59 8.41 3.77
CA ARG A 65 -1.67 7.52 3.32
C ARG A 65 -1.51 7.20 1.82
N MET A 66 -1.07 5.98 1.50
CA MET A 66 -0.80 5.58 0.12
C MET A 66 -1.98 4.84 -0.52
N SER A 67 -2.14 4.99 -1.84
CA SER A 67 -3.23 4.32 -2.58
C SER A 67 -2.79 3.91 -4.00
N LEU A 68 -3.36 2.81 -4.49
CA LEU A 68 -3.07 2.31 -5.84
C LEU A 68 -4.13 2.78 -6.86
N VAL A 69 -3.73 3.62 -7.80
CA VAL A 69 -4.62 4.09 -8.87
C VAL A 69 -3.96 4.02 -10.25
N ASN A 70 -4.76 4.08 -11.32
CA ASN A 70 -4.27 4.03 -12.71
C ASN A 70 -3.55 2.70 -13.01
N ILE A 71 -4.02 1.62 -12.40
CA ILE A 71 -3.41 0.29 -12.57
C ILE A 71 -3.69 -0.27 -13.98
N THR A 72 -2.66 -0.29 -14.84
CA THR A 72 -2.80 -0.79 -16.21
C THR A 72 -1.58 -1.59 -16.66
N PRO A 73 -1.73 -2.46 -17.69
CA PRO A 73 -0.64 -3.33 -18.17
C PRO A 73 0.61 -2.56 -18.66
N ASP A 74 1.77 -3.21 -18.59
CA ASP A 74 3.04 -2.59 -18.99
C ASP A 74 3.84 -3.50 -19.95
N ALA A 75 4.94 -2.96 -20.49
CA ALA A 75 5.85 -3.73 -21.35
C ALA A 75 6.33 -5.03 -20.69
N ASP A 76 6.75 -4.94 -19.43
CA ASP A 76 7.24 -6.11 -18.69
C ASP A 76 6.28 -6.57 -17.57
N GLY A 77 5.40 -5.67 -17.11
CA GLY A 77 4.47 -6.03 -16.05
C GLY A 77 3.22 -5.16 -15.99
N THR A 78 3.18 -4.25 -15.02
CA THR A 78 1.99 -3.40 -14.79
C THR A 78 2.37 -2.04 -14.20
N THR A 79 1.88 -0.96 -14.82
CA THR A 79 2.12 0.40 -14.31
C THR A 79 0.95 0.90 -13.46
N LEU A 80 1.23 1.30 -12.23
CA LEU A 80 0.21 1.88 -11.35
C LEU A 80 0.76 3.11 -10.61
N THR A 81 -0.06 4.15 -10.54
CA THR A 81 0.35 5.40 -9.89
C THR A 81 0.15 5.33 -8.37
N LEU A 82 1.26 5.24 -7.64
CA LEU A 82 1.24 5.18 -6.18
C LEU A 82 1.14 6.58 -5.58
N ARG A 83 0.00 6.91 -4.99
CA ARG A 83 -0.23 8.24 -4.41
C ARG A 83 0.11 8.27 -2.91
N ILE A 84 1.17 9.01 -2.56
CA ILE A 84 1.52 9.21 -1.15
C ILE A 84 0.86 10.49 -0.61
N GLN A 85 -0.31 10.35 0.00
CA GLN A 85 -1.03 11.47 0.58
C GLN A 85 -0.70 11.63 2.09
N GLY A 86 0.12 12.60 2.42
CA GLY A 86 0.54 12.78 3.82
C GLY A 86 -0.58 13.30 4.71
N GLU A 87 -0.60 12.85 5.98
CA GLU A 87 -1.59 13.34 6.95
C GLU A 87 -1.40 14.85 7.17
N SER A 88 -0.15 15.27 7.34
CA SER A 88 0.20 16.68 7.48
C SER A 88 0.24 17.37 6.10
N ASN A 89 -0.67 18.31 5.88
CA ASN A 89 -0.74 19.04 4.60
C ASN A 89 0.55 19.82 4.32
N ASP A 90 1.24 20.20 5.39
CA ASP A 90 2.49 20.96 5.31
C ASP A 90 3.53 20.29 4.39
N PRO A 91 4.28 21.08 3.60
CA PRO A 91 5.24 20.55 2.60
C PRO A 91 6.25 19.54 3.19
N LEU A 92 6.06 18.27 2.87
CA LEU A 92 6.94 17.20 3.35
C LEU A 92 8.22 17.08 2.52
N PRO A 93 9.35 16.67 3.14
CA PRO A 93 10.64 16.50 2.44
C PRO A 93 10.66 15.28 1.50
N ALA A 94 11.80 15.06 0.82
CA ALA A 94 11.95 13.94 -0.11
C ALA A 94 12.25 12.63 0.63
N PHE A 95 11.64 11.54 0.18
CA PHE A 95 11.75 10.25 0.88
C PHE A 95 11.85 9.06 -0.09
N SER A 96 12.04 7.87 0.48
CA SER A 96 12.22 6.63 -0.30
C SER A 96 11.75 5.40 0.49
N GLY A 97 11.63 4.26 -0.18
CA GLY A 97 11.23 3.03 0.51
C GLY A 97 11.25 1.79 -0.40
N THR A 98 10.85 0.64 0.16
CA THR A 98 10.83 -0.62 -0.59
C THR A 98 9.39 -1.12 -0.79
N VAL A 99 8.98 -1.24 -2.06
CA VAL A 99 7.65 -1.78 -2.39
C VAL A 99 7.74 -3.25 -2.86
N GLU A 100 7.14 -4.15 -2.09
CA GLU A 100 7.16 -5.58 -2.44
C GLU A 100 5.80 -6.05 -2.95
N TYR A 101 5.76 -6.43 -4.22
CA TYR A 101 4.50 -6.83 -4.88
C TYR A 101 4.56 -8.31 -5.33
N GLY A 102 3.54 -9.07 -4.95
CA GLY A 102 3.49 -10.48 -5.29
C GLY A 102 2.08 -11.07 -5.26
N GLN A 103 1.95 -12.34 -4.88
CA GLN A 103 0.66 -13.02 -4.87
C GLN A 103 0.39 -13.71 -3.52
N ILE A 104 -0.89 -13.86 -3.18
CA ILE A 104 -1.30 -14.52 -1.93
C ILE A 104 -2.06 -15.83 -2.22
N GLN A 105 -1.60 -16.93 -1.63
CA GLN A 105 -2.26 -18.24 -1.79
C GLN A 105 -2.91 -18.73 -0.48
N GLY A 106 -3.09 -17.82 0.48
CA GLY A 106 -3.62 -18.21 1.78
C GLY A 106 -4.75 -17.31 2.29
N THR A 107 -5.05 -17.42 3.58
CA THR A 107 -6.14 -16.66 4.20
C THR A 107 -5.61 -15.47 5.01
N ILE A 108 -6.52 -14.68 5.56
CA ILE A 108 -6.15 -13.58 6.47
C ILE A 108 -5.40 -14.14 7.69
N ASP A 109 -5.84 -15.31 8.17
CA ASP A 109 -5.21 -15.98 9.31
C ASP A 109 -3.83 -16.53 8.92
N ASN A 110 -3.78 -17.22 7.79
CA ASN A 110 -2.56 -17.91 7.34
C ASN A 110 -2.33 -17.74 5.82
N PHE A 111 -1.57 -16.70 5.46
CA PHE A 111 -1.27 -16.41 4.05
C PHE A 111 0.22 -16.56 3.73
N GLN A 112 0.53 -17.34 2.69
CA GLN A 112 1.89 -17.44 2.16
C GLN A 112 2.07 -16.52 0.96
N GLU A 113 3.08 -15.64 1.04
CA GLU A 113 3.37 -14.67 -0.02
C GLU A 113 4.29 -15.27 -1.08
N ILE A 114 3.72 -15.59 -2.24
CA ILE A 114 4.49 -16.21 -3.34
C ILE A 114 4.70 -15.23 -4.51
N ASN A 115 5.75 -15.47 -5.31
CA ASN A 115 6.01 -14.68 -6.52
C ASN A 115 6.13 -13.18 -6.22
N VAL A 116 6.77 -12.85 -5.10
CA VAL A 116 6.88 -11.45 -4.65
C VAL A 116 8.22 -10.81 -5.07
N GLN A 117 8.12 -9.77 -5.91
CA GLN A 117 9.29 -8.99 -6.33
C GLN A 117 9.33 -7.64 -5.62
N ASN A 118 10.52 -7.12 -5.35
CA ASN A 118 10.67 -5.84 -4.63
C ASN A 118 11.26 -4.74 -5.54
N GLN A 119 10.67 -3.54 -5.46
CA GLN A 119 11.11 -2.38 -6.25
C GLN A 119 11.37 -1.17 -5.33
N LEU A 120 12.17 -0.22 -5.78
CA LEU A 120 12.49 0.97 -4.98
C LEU A 120 11.58 2.16 -5.31
N ILE A 121 10.88 2.68 -4.31
CA ILE A 121 10.01 3.86 -4.48
C ILE A 121 10.70 5.14 -3.95
N ASN A 122 11.17 5.98 -4.87
CA ASN A 122 11.78 7.27 -4.51
C ASN A 122 10.85 8.42 -4.95
N ALA A 123 10.40 9.22 -3.98
CA ALA A 123 9.47 10.33 -4.27
C ALA A 123 10.10 11.71 -4.01
N PRO A 124 9.96 12.65 -4.96
CA PRO A 124 10.50 14.02 -4.82
C PRO A 124 9.88 14.82 -3.67
N ALA A 125 10.58 15.86 -3.21
CA ALA A 125 10.11 16.69 -2.09
C ALA A 125 8.87 17.52 -2.46
N SER A 126 8.01 17.75 -1.47
CA SER A 126 6.81 18.58 -1.66
C SER A 126 7.13 20.05 -1.42
N VAL A 127 6.84 20.90 -2.40
CA VAL A 127 7.17 22.33 -2.32
C VAL A 127 6.03 23.14 -1.70
N LEU A 128 4.79 22.73 -1.98
CA LEU A 128 3.61 23.45 -1.48
C LEU A 128 2.65 22.51 -0.72
N ALA A 129 1.44 23.00 -0.44
CA ALA A 129 0.43 22.22 0.30
C ALA A 129 -0.86 22.06 -0.52
N PRO A 130 -1.61 20.94 -0.35
CA PRO A 130 -1.25 19.85 0.57
C PRO A 130 -0.25 18.85 -0.04
N SER A 131 0.62 18.28 0.81
CA SER A 131 1.62 17.29 0.36
C SER A 131 0.96 15.99 -0.12
N ASP A 132 0.52 16.01 -1.38
CA ASP A 132 -0.04 14.84 -2.05
C ASP A 132 0.87 14.43 -3.22
N VAL A 133 1.80 13.52 -2.96
CA VAL A 133 2.83 13.16 -3.95
C VAL A 133 2.56 11.79 -4.58
N ASP A 134 2.12 11.79 -5.83
CA ASP A 134 1.92 10.54 -6.57
C ASP A 134 3.12 10.22 -7.47
N ILE A 135 3.47 8.94 -7.58
CA ILE A 135 4.58 8.48 -8.43
C ILE A 135 4.19 7.23 -9.24
N PRO A 136 4.54 7.19 -10.54
CA PRO A 136 4.22 6.04 -11.42
C PRO A 136 5.13 4.82 -11.18
N LEU A 137 4.52 3.72 -10.75
CA LEU A 137 5.26 2.47 -10.51
C LEU A 137 5.17 1.51 -11.70
N GLN A 138 6.30 1.29 -12.38
CA GLN A 138 6.37 0.31 -13.47
C GLN A 138 6.80 -1.06 -12.90
N LEU A 139 5.83 -1.87 -12.53
CA LEU A 139 6.09 -3.18 -11.92
C LEU A 139 6.51 -4.21 -12.98
N LYS A 140 7.53 -5.02 -12.66
CA LYS A 140 8.13 -5.95 -13.63
C LYS A 140 7.75 -7.41 -13.35
N GLY A 141 7.40 -8.15 -14.41
CA GLY A 141 7.19 -9.59 -14.30
C GLY A 141 5.85 -9.99 -13.68
N ILE A 142 4.90 -9.06 -13.62
CA ILE A 142 3.58 -9.35 -13.03
C ILE A 142 2.47 -8.56 -13.72
N SER A 143 1.40 -9.26 -14.11
CA SER A 143 0.25 -8.63 -14.77
C SER A 143 -0.83 -8.22 -13.76
N VAL A 144 -1.66 -7.25 -14.14
CA VAL A 144 -2.78 -6.78 -13.31
C VAL A 144 -3.72 -7.94 -12.92
N ASP A 145 -3.87 -8.91 -13.82
CA ASP A 145 -4.68 -10.10 -13.56
C ASP A 145 -4.09 -10.96 -12.43
N GLN A 146 -2.76 -10.95 -12.32
CA GLN A 146 -2.04 -11.80 -11.36
C GLN A 146 -1.42 -10.97 -10.22
N LEU A 147 -1.91 -9.75 -10.05
CA LEU A 147 -1.43 -8.88 -8.96
C LEU A 147 -2.13 -9.21 -7.64
N GLY A 148 -1.41 -9.85 -6.72
CA GLY A 148 -1.98 -10.25 -5.44
C GLY A 148 -1.98 -9.15 -4.40
N PHE A 149 -0.79 -8.76 -3.94
CA PHE A 149 -0.66 -7.73 -2.89
C PHE A 149 0.51 -6.78 -3.16
N VAL A 150 0.44 -5.59 -2.58
CA VAL A 150 1.54 -4.60 -2.64
C VAL A 150 1.90 -4.11 -1.22
N ARG A 151 3.01 -4.61 -0.67
CA ARG A 151 3.45 -4.23 0.68
C ARG A 151 4.44 -3.06 0.67
N ILE A 152 4.03 -1.93 1.24
CA ILE A 152 4.88 -0.74 1.35
C ILE A 152 5.57 -0.67 2.73
N HIS A 153 6.89 -0.46 2.74
CA HIS A 153 7.64 -0.32 3.99
C HIS A 153 9.04 0.27 3.74
N ASP A 154 9.85 0.35 4.81
CA ASP A 154 11.22 0.91 4.75
C ASP A 154 11.21 2.40 4.39
N ILE A 155 10.11 3.09 4.67
CA ILE A 155 9.95 4.50 4.33
C ILE A 155 10.95 5.39 5.10
N GLN A 156 11.99 5.82 4.40
CA GLN A 156 13.06 6.63 4.98
C GLN A 156 13.38 7.86 4.11
N PRO A 157 13.69 9.01 4.73
CA PRO A 157 14.01 10.24 3.98
C PRO A 157 15.37 10.18 3.28
N VAL A 158 15.51 10.91 2.18
CA VAL A 158 16.78 10.96 1.44
C VAL A 158 17.66 12.11 1.97
N MET A 159 18.98 11.89 1.99
CA MET A 159 19.95 12.87 2.50
C MET A 159 19.88 13.05 4.03
N GLN A 160 18.84 12.50 4.65
CA GLN A 160 18.67 12.57 6.10
C GLN A 160 18.62 11.16 6.72
N LEU A 161 19.64 10.84 7.52
CA LEU A 161 19.72 9.52 8.17
C LEU A 161 20.00 9.64 9.67
N GLU A 162 19.63 8.60 10.43
CA GLU A 162 19.85 8.58 11.87
C GLU A 162 20.50 7.27 12.33
N HIS A 163 21.04 7.30 13.54
CA HIS A 163 21.70 6.12 14.16
C HIS A 163 20.80 4.87 14.17
N HIS A 164 21.33 3.77 13.67
CA HIS A 164 20.64 2.49 13.73
C HIS A 164 20.74 1.89 15.14
N HIS A 165 19.68 1.23 15.59
CA HIS A 165 19.61 0.75 16.98
C HIS A 165 18.85 -0.58 17.08
N HIS A 166 19.26 -1.43 18.02
CA HIS A 166 18.61 -2.73 18.23
C HIS A 166 17.23 -2.57 18.90
N HIS A 167 16.45 -3.65 18.92
CA HIS A 167 15.15 -3.71 19.60
C HIS A 167 14.07 -2.86 18.88
N HIS A 168 13.34 -3.52 17.99
CA HIS A 168 12.13 -2.95 17.38
C HIS A 168 10.91 -3.90 17.58
N MET A 1 -32.27 -43.72 -38.95
CA MET A 1 -33.13 -42.69 -38.29
C MET A 1 -32.70 -42.49 -36.82
N VAL A 2 -32.16 -41.32 -36.52
CA VAL A 2 -31.66 -41.01 -35.17
C VAL A 2 -31.96 -39.54 -34.78
N GLN A 3 -32.47 -39.34 -33.56
CA GLN A 3 -32.78 -37.99 -33.06
C GLN A 3 -32.07 -37.72 -31.72
N GLN A 4 -31.26 -36.66 -31.68
CA GLN A 4 -30.52 -36.30 -30.46
C GLN A 4 -29.80 -34.96 -30.59
N SER A 5 -29.71 -34.21 -29.48
CA SER A 5 -28.97 -32.95 -29.44
C SER A 5 -28.10 -32.87 -28.15
N GLU A 6 -27.41 -31.75 -27.96
CA GLU A 6 -26.50 -31.59 -26.82
C GLU A 6 -26.87 -30.37 -25.95
N VAL A 7 -26.18 -30.22 -24.81
CA VAL A 7 -26.49 -29.15 -23.85
C VAL A 7 -25.83 -27.80 -24.23
N ARG A 8 -26.38 -26.70 -23.72
CA ARG A 8 -25.90 -25.35 -24.05
C ARG A 8 -25.52 -24.57 -22.78
N GLN A 9 -24.27 -24.09 -22.74
CA GLN A 9 -23.74 -23.37 -21.57
C GLN A 9 -24.02 -21.85 -21.66
N MET A 10 -24.26 -21.23 -20.51
CA MET A 10 -24.55 -19.79 -20.43
C MET A 10 -23.64 -19.08 -19.41
N LYS A 11 -23.14 -17.89 -19.76
CA LYS A 11 -22.30 -17.10 -18.86
C LYS A 11 -22.45 -15.59 -19.14
N HIS A 12 -22.71 -14.81 -18.08
CA HIS A 12 -22.86 -13.35 -18.20
C HIS A 12 -22.28 -12.62 -16.97
N SER A 13 -21.33 -11.70 -17.21
CA SER A 13 -20.72 -10.91 -16.13
C SER A 13 -20.70 -9.41 -16.49
N VAL A 14 -21.61 -8.63 -15.89
CA VAL A 14 -21.67 -7.18 -16.11
C VAL A 14 -21.14 -6.41 -14.88
N SER A 15 -20.49 -5.27 -15.11
CA SER A 15 -19.94 -4.46 -14.00
C SER A 15 -20.69 -3.14 -13.84
N THR A 16 -21.65 -3.11 -12.91
CA THR A 16 -22.43 -1.89 -12.60
C THR A 16 -21.77 -1.07 -11.48
N LEU A 17 -22.54 -0.19 -10.85
CA LEU A 17 -22.06 0.56 -9.68
C LEU A 17 -22.14 -0.30 -8.41
N ASN A 18 -21.68 0.23 -7.28
CA ASN A 18 -21.78 -0.47 -6.00
C ASN A 18 -23.24 -0.59 -5.52
N GLN A 19 -23.96 -1.54 -6.12
CA GLN A 19 -25.39 -1.73 -5.85
C GLN A 19 -25.61 -2.72 -4.69
N GLU A 20 -26.82 -2.69 -4.14
CA GLU A 20 -27.21 -3.62 -3.07
C GLU A 20 -27.57 -5.01 -3.65
N MET A 21 -26.60 -5.91 -3.67
CA MET A 21 -26.82 -7.28 -4.18
C MET A 21 -26.99 -8.28 -3.04
N THR A 22 -27.48 -9.49 -3.38
CA THR A 22 -27.60 -10.57 -2.40
C THR A 22 -26.24 -10.97 -1.82
N GLN A 23 -25.23 -10.98 -2.69
CA GLN A 23 -23.85 -11.25 -2.28
C GLN A 23 -23.00 -9.98 -2.36
N LEU A 24 -21.97 -9.90 -1.53
CA LEU A 24 -21.13 -8.70 -1.46
C LEU A 24 -20.31 -8.47 -2.74
N ASN A 25 -20.20 -7.21 -3.13
CA ASN A 25 -19.42 -6.82 -4.31
C ASN A 25 -17.95 -7.23 -4.16
N GLN A 26 -17.41 -7.95 -5.16
CA GLN A 26 -16.04 -8.47 -5.08
C GLN A 26 -15.00 -7.34 -4.94
N GLU A 27 -15.31 -6.17 -5.50
CA GLU A 27 -14.49 -4.97 -5.29
C GLU A 27 -14.42 -4.63 -3.79
N THR A 28 -15.58 -4.65 -3.13
CA THR A 28 -15.68 -4.38 -1.69
C THR A 28 -14.96 -5.48 -0.88
N VAL A 29 -14.98 -6.71 -1.41
CA VAL A 29 -14.26 -7.82 -0.79
C VAL A 29 -12.75 -7.56 -0.79
N LYS A 30 -12.22 -7.09 -1.93
CA LYS A 30 -10.81 -6.70 -2.04
C LYS A 30 -10.45 -5.64 -0.99
N ILE A 31 -11.29 -4.61 -0.91
CA ILE A 31 -11.12 -3.54 0.08
C ILE A 31 -11.06 -4.11 1.52
N THR A 32 -12.04 -4.92 1.87
CA THR A 32 -12.11 -5.56 3.20
C THR A 32 -10.85 -6.39 3.48
N GLN A 33 -10.43 -7.18 2.50
CA GLN A 33 -9.21 -8.00 2.62
C GLN A 33 -7.97 -7.12 2.85
N GLN A 34 -7.86 -6.02 2.09
CA GLN A 34 -6.75 -5.09 2.22
C GLN A 34 -6.62 -4.56 3.65
N ASN A 35 -7.72 -4.05 4.21
CA ASN A 35 -7.74 -3.51 5.57
C ASN A 35 -7.28 -4.55 6.61
N ARG A 36 -7.78 -5.78 6.48
CA ARG A 36 -7.41 -6.87 7.40
C ARG A 36 -5.91 -7.20 7.32
N LEU A 37 -5.40 -7.37 6.10
CA LEU A 37 -3.97 -7.61 5.89
C LEU A 37 -3.14 -6.40 6.37
N ASN A 38 -3.70 -5.21 6.21
CA ASN A 38 -3.07 -3.97 6.65
C ASN A 38 -2.91 -3.95 8.18
N ALA A 39 -3.94 -4.43 8.88
CA ALA A 39 -3.91 -4.54 10.35
C ALA A 39 -3.00 -5.70 10.80
N LYS A 40 -2.92 -6.75 10.00
CA LYS A 40 -2.03 -7.90 10.29
C LYS A 40 -0.57 -7.62 9.85
N SER A 41 -0.36 -6.50 9.15
CA SER A 41 0.97 -6.14 8.64
C SER A 41 2.03 -6.06 9.75
N SER A 42 3.05 -6.92 9.65
CA SER A 42 4.15 -6.94 10.63
C SER A 42 5.07 -5.72 10.48
N SER A 43 5.27 -5.27 9.24
CA SER A 43 6.11 -4.09 8.96
C SER A 43 5.66 -3.40 7.66
N GLY A 44 5.28 -2.13 7.76
CA GLY A 44 4.78 -1.40 6.60
C GLY A 44 3.26 -1.47 6.48
N VAL A 45 2.74 -1.34 5.25
CA VAL A 45 1.29 -1.44 5.01
C VAL A 45 0.98 -2.28 3.77
N TYR A 46 -0.17 -2.97 3.79
CA TYR A 46 -0.61 -3.78 2.64
C TYR A 46 -1.59 -3.02 1.74
N LEU A 47 -1.31 -3.03 0.45
CA LEU A 47 -2.23 -2.50 -0.59
C LEU A 47 -2.52 -3.58 -1.63
N LEU A 48 -3.75 -3.62 -2.14
CA LEU A 48 -4.13 -4.64 -3.14
C LEU A 48 -4.44 -4.01 -4.51
N PRO A 49 -3.96 -4.63 -5.61
CA PRO A 49 -4.19 -4.12 -6.98
C PRO A 49 -5.67 -4.08 -7.38
N GLY A 50 -6.52 -4.74 -6.60
CA GLY A 50 -7.96 -4.73 -6.87
C GLY A 50 -8.76 -3.98 -5.80
N ALA A 51 -8.07 -3.33 -4.86
CA ALA A 51 -8.73 -2.60 -3.77
C ALA A 51 -8.55 -1.09 -3.94
N LYS A 52 -9.61 -0.42 -4.40
CA LYS A 52 -9.56 1.02 -4.66
C LYS A 52 -9.75 1.83 -3.36
N THR A 53 -8.83 1.62 -2.41
CA THR A 53 -8.86 2.31 -1.10
C THR A 53 -7.45 2.59 -0.58
N PRO A 54 -7.29 3.68 0.22
CA PRO A 54 -6.01 4.07 0.82
C PRO A 54 -5.64 3.30 2.10
N ALA A 55 -4.40 3.49 2.56
CA ALA A 55 -3.92 2.94 3.83
C ALA A 55 -2.97 3.93 4.51
N ARG A 56 -2.82 3.83 5.83
CA ARG A 56 -2.02 4.81 6.59
C ARG A 56 -0.74 4.20 7.19
N LEU A 57 0.40 4.74 6.78
CA LEU A 57 1.72 4.21 7.18
C LEU A 57 2.52 5.21 8.02
N GLU A 58 2.97 4.79 9.20
CA GLU A 58 3.89 5.59 10.01
C GLU A 58 5.34 5.31 9.59
N SER A 59 5.96 6.28 8.93
CA SER A 59 7.30 6.08 8.35
C SER A 59 8.38 6.93 9.04
N GLN A 60 9.60 6.84 8.53
CA GLN A 60 10.74 7.60 9.09
C GLN A 60 10.60 9.12 8.87
N ILE A 61 9.76 9.52 7.91
CA ILE A 61 9.48 10.94 7.67
C ILE A 61 8.21 11.38 8.42
N GLY A 62 7.50 10.43 9.01
CA GLY A 62 6.25 10.71 9.70
C GLY A 62 5.09 9.84 9.22
N THR A 63 3.91 10.06 9.80
CA THR A 63 2.71 9.31 9.42
C THR A 63 2.09 9.86 8.12
N LEU A 64 1.78 8.98 7.18
CA LEU A 64 1.21 9.39 5.89
C LEU A 64 0.15 8.38 5.38
N ARG A 65 -0.49 8.72 4.27
CA ARG A 65 -1.52 7.89 3.66
C ARG A 65 -1.17 7.57 2.20
N MET A 66 -1.10 6.29 1.85
CA MET A 66 -0.78 5.86 0.48
C MET A 66 -1.91 5.06 -0.16
N SER A 67 -1.97 5.05 -1.49
CA SER A 67 -2.99 4.28 -2.22
C SER A 67 -2.56 3.98 -3.68
N LEU A 68 -3.33 3.14 -4.36
CA LEU A 68 -2.98 2.68 -5.72
C LEU A 68 -4.02 3.14 -6.76
N VAL A 69 -3.67 4.12 -7.58
CA VAL A 69 -4.53 4.58 -8.66
C VAL A 69 -3.93 4.27 -10.03
N ASN A 70 -4.76 4.30 -11.08
CA ASN A 70 -4.28 4.15 -12.47
C ASN A 70 -3.65 2.76 -12.72
N ILE A 71 -4.14 1.76 -12.01
CA ILE A 71 -3.61 0.39 -12.11
C ILE A 71 -3.98 -0.29 -13.44
N THR A 72 -3.03 -0.37 -14.36
CA THR A 72 -3.22 -1.10 -15.63
C THR A 72 -1.98 -1.93 -16.00
N PRO A 73 -2.17 -3.03 -16.76
CA PRO A 73 -1.06 -3.94 -17.14
C PRO A 73 -0.01 -3.26 -18.05
N ASP A 74 1.11 -3.95 -18.25
CA ASP A 74 2.24 -3.42 -19.02
C ASP A 74 2.92 -4.55 -19.82
N ALA A 75 3.83 -4.18 -20.72
CA ALA A 75 4.59 -5.17 -21.50
C ALA A 75 5.44 -6.08 -20.59
N ASP A 76 6.13 -5.47 -19.63
CA ASP A 76 6.97 -6.21 -18.67
C ASP A 76 6.14 -6.75 -17.50
N GLY A 77 5.12 -6.00 -17.07
CA GLY A 77 4.29 -6.44 -15.96
C GLY A 77 3.03 -5.60 -15.75
N THR A 78 3.07 -4.69 -14.78
CA THR A 78 1.90 -3.86 -14.44
C THR A 78 2.33 -2.45 -13.98
N THR A 79 1.69 -1.43 -14.54
CA THR A 79 1.99 -0.04 -14.18
C THR A 79 0.85 0.60 -13.38
N LEU A 80 1.19 1.35 -12.34
CA LEU A 80 0.20 2.06 -11.53
C LEU A 80 0.79 3.36 -10.93
N THR A 81 -0.02 4.08 -10.17
CA THR A 81 0.41 5.34 -9.56
C THR A 81 0.21 5.31 -8.04
N LEU A 82 1.32 5.43 -7.31
CA LEU A 82 1.30 5.47 -5.85
C LEU A 82 0.98 6.90 -5.37
N ARG A 83 -0.18 7.08 -4.74
CA ARG A 83 -0.58 8.40 -4.21
C ARG A 83 -0.25 8.52 -2.72
N ILE A 84 0.29 9.67 -2.33
CA ILE A 84 0.80 9.88 -0.98
C ILE A 84 0.28 11.20 -0.38
N GLN A 85 -0.17 11.15 0.87
CA GLN A 85 -0.64 12.36 1.57
C GLN A 85 -0.24 12.30 3.06
N GLY A 86 0.46 13.32 3.54
CA GLY A 86 0.95 13.32 4.92
C GLY A 86 -0.14 13.62 5.95
N GLU A 87 -0.04 12.99 7.13
CA GLU A 87 -0.94 13.29 8.26
C GLU A 87 -0.83 14.78 8.63
N SER A 88 0.40 15.28 8.59
CA SER A 88 0.66 16.71 8.74
C SER A 88 0.75 17.35 7.35
N ASN A 89 -0.23 18.20 7.03
CA ASN A 89 -0.32 18.82 5.69
C ASN A 89 0.87 19.74 5.38
N ASP A 90 1.71 19.98 6.39
CA ASP A 90 2.91 20.81 6.25
C ASP A 90 3.93 20.17 5.29
N PRO A 91 4.82 20.99 4.68
CA PRO A 91 5.82 20.51 3.70
C PRO A 91 6.64 19.30 4.19
N LEU A 92 6.61 18.21 3.42
CA LEU A 92 7.36 16.99 3.73
C LEU A 92 8.66 16.89 2.91
N PRO A 93 9.73 16.29 3.47
CA PRO A 93 11.00 16.12 2.76
C PRO A 93 10.94 15.02 1.67
N ALA A 94 12.02 14.92 0.89
CA ALA A 94 12.10 13.88 -0.15
C ALA A 94 12.38 12.50 0.47
N PHE A 95 11.75 11.47 -0.07
CA PHE A 95 11.84 10.13 0.53
C PHE A 95 11.79 9.02 -0.54
N SER A 96 12.21 7.82 -0.15
CA SER A 96 12.16 6.64 -1.02
C SER A 96 11.91 5.38 -0.18
N GLY A 97 11.29 4.37 -0.77
CA GLY A 97 10.97 3.15 -0.03
C GLY A 97 10.95 1.90 -0.90
N THR A 98 10.86 0.74 -0.26
CA THR A 98 10.83 -0.55 -0.96
C THR A 98 9.42 -1.15 -0.95
N VAL A 99 8.94 -1.59 -2.11
CA VAL A 99 7.61 -2.18 -2.23
C VAL A 99 7.68 -3.70 -2.52
N GLU A 100 6.93 -4.48 -1.74
CA GLU A 100 6.88 -5.94 -1.92
C GLU A 100 5.64 -6.34 -2.73
N TYR A 101 5.84 -6.83 -3.95
CA TYR A 101 4.73 -7.24 -4.79
C TYR A 101 4.85 -8.71 -5.22
N GLY A 102 3.85 -9.51 -4.87
CA GLY A 102 3.86 -10.94 -5.17
C GLY A 102 2.47 -11.58 -5.09
N GLN A 103 2.43 -12.86 -4.72
CA GLN A 103 1.18 -13.63 -4.69
C GLN A 103 0.93 -14.28 -3.32
N ILE A 104 -0.34 -14.58 -3.04
CA ILE A 104 -0.73 -15.22 -1.77
C ILE A 104 -1.45 -16.56 -2.01
N GLN A 105 -0.89 -17.63 -1.46
CA GLN A 105 -1.49 -18.97 -1.58
C GLN A 105 -2.16 -19.41 -0.27
N GLY A 106 -2.20 -18.51 0.71
CA GLY A 106 -2.78 -18.83 2.01
C GLY A 106 -4.06 -18.06 2.32
N THR A 107 -4.61 -18.26 3.51
CA THR A 107 -5.84 -17.57 3.93
C THR A 107 -5.52 -16.26 4.65
N ILE A 108 -6.56 -15.54 5.06
CA ILE A 108 -6.36 -14.30 5.84
C ILE A 108 -5.81 -14.62 7.23
N ASP A 109 -6.13 -15.81 7.73
CA ASP A 109 -5.61 -16.28 9.03
C ASP A 109 -4.15 -16.73 8.92
N ASN A 110 -3.77 -17.26 7.77
CA ASN A 110 -2.38 -17.65 7.51
C ASN A 110 -2.03 -17.53 6.02
N PHE A 111 -1.53 -16.36 5.62
CA PHE A 111 -1.22 -16.09 4.22
C PHE A 111 0.27 -16.33 3.90
N GLN A 112 0.53 -17.29 3.02
CA GLN A 112 1.89 -17.57 2.57
C GLN A 112 2.27 -16.67 1.38
N GLU A 113 3.21 -15.76 1.60
CA GLU A 113 3.64 -14.81 0.57
C GLU A 113 4.65 -15.46 -0.39
N ILE A 114 4.19 -15.81 -1.59
CA ILE A 114 5.03 -16.48 -2.60
C ILE A 114 5.28 -15.58 -3.82
N ASN A 115 6.42 -15.78 -4.48
CA ASN A 115 6.75 -15.07 -5.72
C ASN A 115 6.76 -13.54 -5.52
N VAL A 116 7.17 -13.10 -4.33
CA VAL A 116 7.18 -11.67 -3.99
C VAL A 116 8.53 -11.00 -4.35
N GLN A 117 8.48 -10.04 -5.27
CA GLN A 117 9.66 -9.25 -5.65
C GLN A 117 9.67 -7.88 -4.94
N ASN A 118 10.77 -7.16 -5.07
CA ASN A 118 10.93 -5.85 -4.41
C ASN A 118 11.37 -4.76 -5.40
N GLN A 119 10.87 -3.54 -5.21
CA GLN A 119 11.23 -2.40 -6.06
C GLN A 119 11.28 -1.09 -5.25
N LEU A 120 12.17 -0.17 -5.64
CA LEU A 120 12.30 1.11 -4.93
C LEU A 120 11.43 2.22 -5.56
N ILE A 121 10.58 2.85 -4.74
CA ILE A 121 9.79 4.00 -5.17
C ILE A 121 10.41 5.31 -4.65
N ASN A 122 10.76 6.20 -5.58
CA ASN A 122 11.41 7.47 -5.23
C ASN A 122 10.45 8.67 -5.40
N ALA A 123 10.24 9.42 -4.32
CA ALA A 123 9.34 10.58 -4.34
C ALA A 123 10.08 11.87 -4.00
N PRO A 124 9.78 12.97 -4.73
CA PRO A 124 10.45 14.28 -4.51
C PRO A 124 9.98 14.99 -3.24
N ALA A 125 10.67 16.07 -2.88
CA ALA A 125 10.36 16.84 -1.67
C ALA A 125 8.98 17.52 -1.76
N SER A 126 8.08 17.14 -0.86
CA SER A 126 6.72 17.71 -0.82
C SER A 126 6.71 19.08 -0.13
N VAL A 127 7.40 20.05 -0.73
CA VAL A 127 7.62 21.36 -0.11
C VAL A 127 6.37 22.26 -0.14
N LEU A 128 5.35 21.89 -0.90
CA LEU A 128 4.14 22.71 -1.01
C LEU A 128 3.00 22.14 -0.17
N ALA A 129 2.49 22.94 0.78
CA ALA A 129 1.36 22.54 1.63
C ALA A 129 0.00 22.87 0.97
N PRO A 130 -1.01 21.98 1.06
CA PRO A 130 -0.91 20.68 1.75
C PRO A 130 -0.02 19.66 1.02
N SER A 131 0.68 18.84 1.79
CA SER A 131 1.66 17.87 1.24
C SER A 131 1.00 16.56 0.77
N ASP A 132 0.70 16.49 -0.52
CA ASP A 132 0.26 15.24 -1.16
C ASP A 132 0.89 15.08 -2.56
N VAL A 133 1.52 13.94 -2.79
CA VAL A 133 2.26 13.68 -4.03
C VAL A 133 1.92 12.31 -4.64
N ASP A 134 1.78 12.26 -5.96
CA ASP A 134 1.55 10.99 -6.66
C ASP A 134 2.74 10.64 -7.57
N ILE A 135 3.18 9.39 -7.51
CA ILE A 135 4.34 8.93 -8.30
C ILE A 135 4.02 7.62 -9.05
N PRO A 136 4.48 7.49 -10.31
CA PRO A 136 4.27 6.26 -11.10
C PRO A 136 5.08 5.07 -10.57
N LEU A 137 4.63 3.86 -10.87
CA LEU A 137 5.30 2.64 -10.40
C LEU A 137 5.17 1.53 -11.46
N GLN A 138 6.31 1.09 -12.01
CA GLN A 138 6.32 0.04 -13.04
C GLN A 138 6.75 -1.32 -12.47
N LEU A 139 5.77 -2.15 -12.15
CA LEU A 139 6.05 -3.51 -11.67
C LEU A 139 6.40 -4.42 -12.85
N LYS A 140 7.51 -5.15 -12.73
CA LYS A 140 8.02 -5.95 -13.85
C LYS A 140 8.00 -7.46 -13.53
N GLY A 141 7.62 -8.27 -14.50
CA GLY A 141 7.57 -9.72 -14.33
C GLY A 141 6.30 -10.22 -13.66
N ILE A 142 5.23 -9.42 -13.70
CA ILE A 142 3.95 -9.79 -13.07
C ILE A 142 2.76 -8.99 -13.62
N SER A 143 1.74 -9.70 -14.11
CA SER A 143 0.52 -9.07 -14.63
C SER A 143 -0.50 -8.80 -13.50
N VAL A 144 -1.27 -7.72 -13.62
CA VAL A 144 -2.25 -7.33 -12.61
C VAL A 144 -3.27 -8.45 -12.30
N ASP A 145 -3.64 -9.23 -13.31
CA ASP A 145 -4.57 -10.36 -13.14
C ASP A 145 -3.94 -11.47 -12.26
N GLN A 146 -2.62 -11.49 -12.21
CA GLN A 146 -1.87 -12.50 -11.43
C GLN A 146 -1.21 -11.87 -10.19
N LEU A 147 -1.54 -10.61 -9.90
CA LEU A 147 -0.92 -9.88 -8.79
C LEU A 147 -1.73 -10.04 -7.49
N GLY A 148 -1.05 -10.49 -6.43
CA GLY A 148 -1.72 -10.74 -5.15
C GLY A 148 -1.73 -9.53 -4.22
N PHE A 149 -0.54 -9.07 -3.80
CA PHE A 149 -0.43 -7.98 -2.82
C PHE A 149 0.71 -7.00 -3.13
N VAL A 150 0.63 -5.81 -2.54
CA VAL A 150 1.69 -4.79 -2.64
C VAL A 150 1.94 -4.17 -1.24
N ARG A 151 3.01 -4.60 -0.57
CA ARG A 151 3.33 -4.11 0.78
C ARG A 151 4.41 -3.00 0.75
N ILE A 152 4.02 -1.81 1.19
CA ILE A 152 4.93 -0.65 1.23
C ILE A 152 5.76 -0.64 2.53
N HIS A 153 7.08 -0.49 2.43
CA HIS A 153 7.96 -0.42 3.62
C HIS A 153 9.30 0.27 3.29
N ASP A 154 10.17 0.40 4.30
CA ASP A 154 11.51 1.01 4.13
C ASP A 154 11.44 2.47 3.64
N ILE A 155 10.39 3.17 4.03
CA ILE A 155 10.23 4.58 3.68
C ILE A 155 11.21 5.46 4.47
N GLN A 156 12.24 5.94 3.77
CA GLN A 156 13.34 6.68 4.39
C GLN A 156 13.62 8.01 3.67
N PRO A 157 14.09 9.04 4.39
CA PRO A 157 14.45 10.34 3.80
C PRO A 157 15.74 10.27 2.95
N VAL A 158 15.71 10.91 1.78
CA VAL A 158 16.89 10.97 0.91
C VAL A 158 17.65 12.29 1.10
N MET A 159 18.95 12.29 0.82
CA MET A 159 19.79 13.48 1.04
C MET A 159 21.16 13.35 0.36
N GLN A 160 21.83 14.48 0.16
CA GLN A 160 23.21 14.48 -0.30
C GLN A 160 24.15 14.18 0.89
N LEU A 161 24.88 13.07 0.79
CA LEU A 161 25.64 12.53 1.94
C LEU A 161 26.65 13.54 2.52
N GLU A 162 26.65 13.67 3.85
CA GLU A 162 27.61 14.53 4.56
C GLU A 162 28.49 13.70 5.51
N HIS A 163 29.38 14.37 6.25
CA HIS A 163 30.33 13.69 7.13
C HIS A 163 30.21 14.19 8.58
N HIS A 164 30.47 13.30 9.55
CA HIS A 164 30.25 13.61 10.96
C HIS A 164 31.29 12.90 11.86
N HIS A 165 31.86 13.63 12.82
CA HIS A 165 32.83 13.06 13.76
C HIS A 165 32.81 13.79 15.12
N HIS A 166 32.77 13.02 16.21
CA HIS A 166 32.76 13.60 17.57
C HIS A 166 34.02 13.20 18.37
N HIS A 167 34.31 13.93 19.43
CA HIS A 167 35.48 13.64 20.28
C HIS A 167 35.14 12.63 21.39
N HIS A 168 34.02 12.85 22.08
CA HIS A 168 33.58 11.97 23.18
C HIS A 168 32.27 11.24 22.83
N MET A 1 -4.84 -43.89 9.85
CA MET A 1 -4.21 -43.09 8.76
C MET A 1 -5.21 -42.82 7.62
N VAL A 2 -6.10 -41.84 7.82
CA VAL A 2 -7.09 -41.47 6.81
C VAL A 2 -7.31 -39.95 6.76
N GLN A 3 -7.81 -39.47 5.62
CA GLN A 3 -8.12 -38.05 5.46
C GLN A 3 -9.44 -37.85 4.71
N GLN A 4 -10.41 -37.22 5.36
CA GLN A 4 -11.72 -36.97 4.76
C GLN A 4 -11.69 -35.77 3.79
N SER A 5 -11.50 -36.08 2.50
CA SER A 5 -11.44 -35.05 1.45
C SER A 5 -12.79 -34.33 1.27
N GLU A 6 -12.74 -33.07 0.85
CA GLU A 6 -13.96 -32.26 0.65
C GLU A 6 -14.36 -32.21 -0.83
N VAL A 7 -15.60 -31.79 -1.09
CA VAL A 7 -16.10 -31.70 -2.47
C VAL A 7 -16.02 -30.26 -3.02
N ARG A 8 -15.57 -30.13 -4.26
CA ARG A 8 -15.51 -28.83 -4.94
C ARG A 8 -16.57 -28.70 -6.04
N GLN A 9 -17.03 -27.48 -6.26
CA GLN A 9 -18.01 -27.19 -7.32
C GLN A 9 -17.34 -26.42 -8.46
N MET A 10 -17.09 -27.12 -9.56
CA MET A 10 -16.37 -26.52 -10.70
C MET A 10 -17.26 -25.60 -11.53
N LYS A 11 -16.69 -24.48 -11.98
CA LYS A 11 -17.42 -23.50 -12.81
C LYS A 11 -17.66 -24.03 -14.23
N HIS A 12 -18.92 -24.25 -14.59
CA HIS A 12 -19.27 -24.76 -15.92
C HIS A 12 -20.54 -24.08 -16.46
N SER A 13 -20.83 -24.31 -17.75
CA SER A 13 -22.02 -23.74 -18.39
C SER A 13 -23.31 -24.22 -17.70
N VAL A 14 -24.30 -23.33 -17.61
CA VAL A 14 -25.59 -23.66 -16.99
C VAL A 14 -26.77 -23.14 -17.82
N SER A 15 -27.68 -24.05 -18.19
CA SER A 15 -28.90 -23.70 -18.94
C SER A 15 -30.13 -23.71 -18.02
N THR A 16 -29.89 -23.54 -16.73
CA THR A 16 -30.96 -23.57 -15.72
C THR A 16 -31.61 -22.19 -15.53
N LEU A 17 -32.64 -22.13 -14.68
CA LEU A 17 -33.32 -20.86 -14.37
C LEU A 17 -32.41 -19.92 -13.54
N ASN A 18 -32.77 -18.64 -13.53
CA ASN A 18 -31.95 -17.62 -12.87
C ASN A 18 -32.04 -17.69 -11.34
N GLN A 19 -31.14 -16.96 -10.66
CA GLN A 19 -31.10 -16.93 -9.20
C GLN A 19 -31.71 -15.62 -8.65
N GLU A 20 -31.72 -15.49 -7.33
CA GLU A 20 -32.21 -14.27 -6.68
C GLU A 20 -31.07 -13.26 -6.45
N MET A 21 -31.25 -12.35 -5.50
CA MET A 21 -30.24 -11.32 -5.18
C MET A 21 -28.86 -11.93 -4.91
N THR A 22 -27.82 -11.31 -5.47
CA THR A 22 -26.44 -11.80 -5.28
C THR A 22 -25.79 -11.21 -4.03
N GLN A 23 -24.68 -11.79 -3.61
CA GLN A 23 -23.97 -11.35 -2.40
C GLN A 23 -23.16 -10.06 -2.63
N LEU A 24 -22.38 -9.66 -1.62
CA LEU A 24 -21.57 -8.45 -1.66
C LEU A 24 -20.58 -8.47 -2.86
N ASN A 25 -20.21 -7.28 -3.34
CA ASN A 25 -19.31 -7.15 -4.48
C ASN A 25 -17.87 -7.63 -4.15
N GLN A 26 -17.19 -8.18 -5.16
CA GLN A 26 -15.80 -8.65 -5.01
C GLN A 26 -14.86 -7.56 -4.49
N GLU A 27 -14.93 -6.37 -5.10
CA GLU A 27 -14.04 -5.25 -4.73
C GLU A 27 -14.15 -4.93 -3.24
N THR A 28 -15.37 -4.73 -2.75
CA THR A 28 -15.62 -4.43 -1.33
C THR A 28 -15.01 -5.51 -0.41
N VAL A 29 -15.15 -6.77 -0.82
CA VAL A 29 -14.57 -7.90 -0.07
C VAL A 29 -13.04 -7.84 -0.09
N LYS A 30 -12.48 -7.43 -1.22
CA LYS A 30 -11.03 -7.26 -1.38
C LYS A 30 -10.53 -6.12 -0.48
N ILE A 31 -11.32 -5.05 -0.39
CA ILE A 31 -11.02 -3.92 0.52
C ILE A 31 -10.98 -4.40 1.98
N THR A 32 -11.99 -5.16 2.38
CA THR A 32 -12.03 -5.76 3.72
C THR A 32 -10.78 -6.62 3.97
N GLN A 33 -10.37 -7.38 2.96
CA GLN A 33 -9.15 -8.18 3.02
C GLN A 33 -7.91 -7.29 3.25
N GLN A 34 -7.83 -6.18 2.51
CA GLN A 34 -6.69 -5.24 2.64
C GLN A 34 -6.55 -4.71 4.07
N ASN A 35 -7.63 -4.18 4.63
CA ASN A 35 -7.62 -3.67 6.00
C ASN A 35 -7.20 -4.74 7.02
N ARG A 36 -7.72 -5.96 6.85
CA ARG A 36 -7.40 -7.07 7.75
C ARG A 36 -5.94 -7.53 7.60
N LEU A 37 -5.40 -7.45 6.38
CA LEU A 37 -3.98 -7.74 6.15
C LEU A 37 -3.09 -6.65 6.79
N ASN A 38 -3.55 -5.40 6.72
CA ASN A 38 -2.85 -4.28 7.36
C ASN A 38 -2.71 -4.53 8.88
N ALA A 39 -3.78 -5.00 9.50
CA ALA A 39 -3.75 -5.35 10.93
C ALA A 39 -2.76 -6.51 11.21
N LYS A 40 -2.67 -7.46 10.28
CA LYS A 40 -1.75 -8.60 10.41
C LYS A 40 -0.34 -8.26 9.88
N SER A 41 -0.18 -7.05 9.35
CA SER A 41 1.11 -6.61 8.79
C SER A 41 2.09 -6.20 9.90
N SER A 42 3.37 -6.36 9.62
CA SER A 42 4.45 -5.92 10.53
C SER A 42 5.38 -4.93 9.83
N SER A 43 5.56 -5.09 8.52
CA SER A 43 6.44 -4.21 7.74
C SER A 43 5.64 -3.35 6.75
N GLY A 44 5.14 -2.22 7.22
CA GLY A 44 4.41 -1.29 6.36
C GLY A 44 2.95 -1.68 6.14
N VAL A 45 2.43 -1.38 4.94
CA VAL A 45 1.02 -1.62 4.63
C VAL A 45 0.84 -2.52 3.38
N TYR A 46 -0.14 -3.42 3.44
CA TYR A 46 -0.54 -4.23 2.28
C TYR A 46 -1.58 -3.49 1.41
N LEU A 47 -1.16 -3.01 0.25
CA LEU A 47 -2.10 -2.41 -0.71
C LEU A 47 -2.50 -3.43 -1.79
N LEU A 48 -3.80 -3.61 -2.00
CA LEU A 48 -4.31 -4.61 -2.94
C LEU A 48 -4.90 -3.94 -4.20
N PRO A 49 -4.54 -4.45 -5.41
CA PRO A 49 -5.01 -3.89 -6.69
C PRO A 49 -6.54 -3.76 -6.77
N GLY A 50 -7.25 -4.82 -6.36
CA GLY A 50 -8.70 -4.78 -6.34
C GLY A 50 -9.27 -3.89 -5.24
N ALA A 51 -8.49 -3.70 -4.17
CA ALA A 51 -8.93 -2.89 -3.03
C ALA A 51 -8.49 -1.42 -3.18
N LYS A 52 -9.02 -0.77 -4.22
CA LYS A 52 -8.65 0.63 -4.52
C LYS A 52 -9.10 1.59 -3.40
N THR A 53 -8.37 1.57 -2.30
CA THR A 53 -8.71 2.38 -1.11
C THR A 53 -7.46 2.95 -0.42
N PRO A 54 -7.60 4.10 0.23
CA PRO A 54 -6.49 4.74 0.98
C PRO A 54 -6.15 4.03 2.30
N ALA A 55 -4.86 3.71 2.49
CA ALA A 55 -4.38 3.13 3.75
C ALA A 55 -3.37 4.07 4.42
N ARG A 56 -3.44 4.18 5.74
CA ARG A 56 -2.55 5.08 6.48
C ARG A 56 -1.25 4.36 6.90
N LEU A 57 -0.12 5.02 6.66
CA LEU A 57 1.20 4.44 6.96
C LEU A 57 2.10 5.44 7.70
N GLU A 58 2.69 5.00 8.81
CA GLU A 58 3.65 5.82 9.54
C GLU A 58 5.07 5.63 8.96
N SER A 59 5.81 6.71 8.82
CA SER A 59 7.15 6.66 8.23
C SER A 59 8.19 7.30 9.16
N GLN A 60 9.45 7.27 8.73
CA GLN A 60 10.55 7.81 9.53
C GLN A 60 10.62 9.36 9.43
N ILE A 61 9.69 9.94 8.68
CA ILE A 61 9.57 11.42 8.57
C ILE A 61 8.21 11.93 9.09
N GLY A 62 7.32 10.99 9.45
CA GLY A 62 6.00 11.36 9.94
C GLY A 62 4.89 10.42 9.44
N THR A 63 3.65 10.71 9.81
CA THR A 63 2.51 9.88 9.37
C THR A 63 1.94 10.36 8.02
N LEU A 64 1.73 9.43 7.11
CA LEU A 64 1.20 9.75 5.77
C LEU A 64 0.16 8.72 5.31
N ARG A 65 -0.35 8.89 4.10
CA ARG A 65 -1.37 7.99 3.54
C ARG A 65 -1.05 7.62 2.08
N MET A 66 -1.30 6.37 1.72
CA MET A 66 -1.02 5.87 0.36
C MET A 66 -2.24 5.16 -0.25
N SER A 67 -2.34 5.18 -1.59
CA SER A 67 -3.42 4.49 -2.30
C SER A 67 -2.99 4.08 -3.72
N LEU A 68 -3.60 3.01 -4.24
CA LEU A 68 -3.31 2.53 -5.60
C LEU A 68 -4.39 2.96 -6.59
N VAL A 69 -4.03 3.86 -7.51
CA VAL A 69 -4.94 4.33 -8.56
C VAL A 69 -4.32 4.20 -9.94
N ASN A 70 -5.15 4.17 -10.98
CA ASN A 70 -4.69 3.99 -12.37
C ASN A 70 -3.77 2.78 -12.51
N ILE A 71 -4.35 1.58 -12.35
CA ILE A 71 -3.59 0.34 -12.42
C ILE A 71 -3.75 -0.33 -13.79
N THR A 72 -2.74 -0.18 -14.65
CA THR A 72 -2.80 -0.69 -16.04
C THR A 72 -1.66 -1.69 -16.34
N PRO A 73 -1.96 -2.71 -17.16
CA PRO A 73 -0.95 -3.70 -17.58
C PRO A 73 0.06 -3.12 -18.58
N ASP A 74 1.35 -3.32 -18.30
CA ASP A 74 2.43 -2.70 -19.06
C ASP A 74 3.21 -3.76 -19.89
N ALA A 75 4.01 -3.28 -20.85
CA ALA A 75 4.79 -4.17 -21.72
C ALA A 75 5.81 -5.02 -20.95
N ASP A 76 6.39 -4.46 -19.89
CA ASP A 76 7.34 -5.20 -19.05
C ASP A 76 6.67 -5.80 -17.80
N GLY A 77 5.43 -5.39 -17.53
CA GLY A 77 4.70 -5.91 -16.37
C GLY A 77 3.39 -5.17 -16.10
N THR A 78 3.40 -4.28 -15.10
CA THR A 78 2.20 -3.51 -14.74
C THR A 78 2.56 -2.12 -14.19
N THR A 79 1.92 -1.08 -14.71
CA THR A 79 2.14 0.30 -14.23
C THR A 79 0.95 0.80 -13.41
N LEU A 80 1.21 1.16 -12.15
CA LEU A 80 0.17 1.73 -11.29
C LEU A 80 0.66 3.02 -10.61
N THR A 81 -0.27 3.85 -10.15
CA THR A 81 0.10 5.15 -9.54
C THR A 81 0.03 5.09 -8.01
N LEU A 82 1.19 5.10 -7.37
CA LEU A 82 1.27 5.12 -5.90
C LEU A 82 1.16 6.57 -5.39
N ARG A 83 0.02 6.93 -4.82
CA ARG A 83 -0.18 8.30 -4.33
C ARG A 83 0.12 8.41 -2.83
N ILE A 84 1.01 9.35 -2.48
CA ILE A 84 1.39 9.58 -1.07
C ILE A 84 0.97 10.98 -0.61
N GLN A 85 -0.11 11.07 0.16
CA GLN A 85 -0.54 12.33 0.75
C GLN A 85 -0.24 12.36 2.25
N GLY A 86 0.31 13.47 2.73
CA GLY A 86 0.64 13.60 4.16
C GLY A 86 -0.59 13.76 5.05
N GLU A 87 -0.55 13.15 6.24
CA GLU A 87 -1.64 13.29 7.21
C GLU A 87 -1.79 14.76 7.65
N SER A 88 -0.66 15.45 7.76
CA SER A 88 -0.63 16.88 8.08
C SER A 88 -0.46 17.72 6.81
N ASN A 89 -1.01 18.94 6.81
CA ASN A 89 -0.91 19.84 5.66
C ASN A 89 0.53 20.34 5.46
N ASP A 90 1.34 20.20 6.51
CA ASP A 90 2.76 20.56 6.50
C ASP A 90 3.51 19.89 5.33
N PRO A 91 4.39 20.63 4.62
CA PRO A 91 5.19 20.08 3.51
C PRO A 91 6.24 19.05 3.99
N LEU A 92 6.10 17.80 3.54
CA LEU A 92 7.03 16.73 3.92
C LEU A 92 8.28 16.70 3.01
N PRO A 93 9.44 16.29 3.56
CA PRO A 93 10.69 16.19 2.79
C PRO A 93 10.71 14.99 1.82
N ALA A 94 11.77 14.89 1.02
CA ALA A 94 11.90 13.80 0.03
C ALA A 94 12.25 12.46 0.70
N PHE A 95 11.65 11.38 0.20
CA PHE A 95 11.80 10.07 0.82
C PHE A 95 11.89 8.94 -0.22
N SER A 96 12.26 7.75 0.25
CA SER A 96 12.36 6.55 -0.60
C SER A 96 11.99 5.31 0.19
N GLY A 97 11.36 4.34 -0.46
CA GLY A 97 10.93 3.12 0.24
C GLY A 97 11.06 1.86 -0.61
N THR A 98 11.15 0.71 0.05
CA THR A 98 11.24 -0.57 -0.65
C THR A 98 9.88 -1.27 -0.68
N VAL A 99 9.23 -1.26 -1.84
CA VAL A 99 7.91 -1.89 -2.00
C VAL A 99 8.03 -3.34 -2.45
N GLU A 100 7.42 -4.26 -1.70
CA GLU A 100 7.49 -5.69 -2.02
C GLU A 100 6.13 -6.19 -2.54
N TYR A 101 6.10 -6.57 -3.82
CA TYR A 101 4.86 -6.98 -4.48
C TYR A 101 4.92 -8.45 -4.92
N GLY A 102 3.81 -9.15 -4.78
CA GLY A 102 3.74 -10.56 -5.13
C GLY A 102 2.31 -11.09 -5.21
N GLN A 103 2.11 -12.36 -4.85
CA GLN A 103 0.79 -13.00 -4.93
C GLN A 103 0.38 -13.65 -3.61
N ILE A 104 -0.91 -13.60 -3.29
CA ILE A 104 -1.47 -14.27 -2.11
C ILE A 104 -2.44 -15.39 -2.52
N GLN A 105 -1.98 -16.63 -2.42
CA GLN A 105 -2.81 -17.79 -2.79
C GLN A 105 -3.58 -18.37 -1.60
N GLY A 106 -3.66 -17.60 -0.51
CA GLY A 106 -4.30 -18.10 0.72
C GLY A 106 -5.45 -17.23 1.21
N THR A 107 -5.92 -17.53 2.42
CA THR A 107 -7.06 -16.81 3.03
C THR A 107 -6.58 -15.81 4.10
N ILE A 108 -7.53 -15.13 4.75
CA ILE A 108 -7.21 -14.24 5.87
C ILE A 108 -6.60 -15.02 7.04
N ASP A 109 -7.02 -16.28 7.16
CA ASP A 109 -6.50 -17.19 8.20
C ASP A 109 -5.08 -17.64 7.84
N ASN A 110 -4.93 -18.24 6.65
CA ASN A 110 -3.64 -18.74 6.18
C ASN A 110 -3.32 -18.24 4.76
N PHE A 111 -2.51 -17.18 4.69
CA PHE A 111 -2.12 -16.60 3.40
C PHE A 111 -0.61 -16.77 3.14
N GLN A 112 -0.26 -17.23 1.94
CA GLN A 112 1.14 -17.43 1.55
C GLN A 112 1.59 -16.36 0.54
N GLU A 113 2.55 -15.53 0.94
CA GLU A 113 3.17 -14.55 0.03
C GLU A 113 4.12 -15.24 -0.95
N ILE A 114 3.64 -15.53 -2.15
CA ILE A 114 4.44 -16.21 -3.18
C ILE A 114 4.81 -15.24 -4.32
N ASN A 115 5.89 -15.55 -5.04
CA ASN A 115 6.31 -14.77 -6.23
C ASN A 115 6.52 -13.28 -5.87
N VAL A 116 7.05 -13.03 -4.68
CA VAL A 116 7.20 -11.67 -4.18
C VAL A 116 8.61 -11.09 -4.41
N GLN A 117 8.68 -10.03 -5.22
CA GLN A 117 9.92 -9.28 -5.46
C GLN A 117 9.73 -7.79 -5.14
N ASN A 118 10.84 -7.10 -4.85
CA ASN A 118 10.79 -5.70 -4.39
C ASN A 118 11.14 -4.68 -5.48
N GLN A 119 10.86 -3.41 -5.19
CA GLN A 119 11.24 -2.29 -6.05
C GLN A 119 11.40 -1.00 -5.21
N LEU A 120 12.24 -0.07 -5.67
CA LEU A 120 12.46 1.19 -4.94
C LEU A 120 11.52 2.31 -5.42
N ILE A 121 10.91 3.01 -4.48
CA ILE A 121 10.10 4.19 -4.79
C ILE A 121 10.80 5.49 -4.31
N ASN A 122 11.33 6.25 -5.25
CA ASN A 122 12.04 7.50 -4.91
C ASN A 122 11.15 8.73 -5.19
N ALA A 123 10.57 9.29 -4.13
CA ALA A 123 9.63 10.41 -4.27
C ALA A 123 10.29 11.77 -3.96
N PRO A 124 9.94 12.82 -4.73
CA PRO A 124 10.48 14.17 -4.53
C PRO A 124 9.96 14.85 -3.25
N ALA A 125 10.57 15.97 -2.88
CA ALA A 125 10.19 16.71 -1.67
C ALA A 125 9.00 17.64 -1.93
N SER A 126 8.07 17.70 -0.98
CA SER A 126 6.93 18.62 -1.06
C SER A 126 7.35 20.05 -0.70
N VAL A 127 7.71 20.83 -1.71
CA VAL A 127 8.12 22.22 -1.49
C VAL A 127 6.92 23.11 -1.18
N LEU A 128 5.79 22.82 -1.83
CA LEU A 128 4.56 23.60 -1.64
C LEU A 128 3.49 22.75 -0.93
N ALA A 129 2.69 23.41 -0.09
CA ALA A 129 1.59 22.74 0.62
C ALA A 129 0.33 22.67 -0.26
N PRO A 130 -0.48 21.60 -0.14
CA PRO A 130 -0.23 20.48 0.79
C PRO A 130 0.77 19.43 0.27
N SER A 131 1.17 18.50 1.14
CA SER A 131 2.15 17.47 0.77
C SER A 131 1.50 16.32 -0.01
N ASP A 132 1.18 16.58 -1.28
CA ASP A 132 0.61 15.57 -2.18
C ASP A 132 1.63 15.09 -3.22
N VAL A 133 2.20 13.91 -3.02
CA VAL A 133 3.22 13.35 -3.94
C VAL A 133 2.78 11.99 -4.48
N ASP A 134 2.42 11.92 -5.76
CA ASP A 134 2.02 10.64 -6.38
C ASP A 134 2.97 10.26 -7.53
N ILE A 135 3.48 9.02 -7.48
CA ILE A 135 4.46 8.52 -8.45
C ILE A 135 4.02 7.21 -9.12
N PRO A 136 4.32 7.02 -10.42
CA PRO A 136 4.02 5.77 -11.15
C PRO A 136 4.94 4.60 -10.74
N LEU A 137 4.48 3.38 -10.98
CA LEU A 137 5.27 2.18 -10.66
C LEU A 137 5.17 1.10 -11.74
N GLN A 138 6.22 0.96 -12.54
CA GLN A 138 6.33 -0.14 -13.51
C GLN A 138 6.87 -1.40 -12.80
N LEU A 139 5.96 -2.26 -12.37
CA LEU A 139 6.33 -3.55 -11.80
C LEU A 139 6.65 -4.55 -12.91
N LYS A 140 7.90 -4.98 -12.97
CA LYS A 140 8.37 -5.82 -14.07
C LYS A 140 8.33 -7.32 -13.72
N GLY A 141 7.82 -8.12 -14.64
CA GLY A 141 7.74 -9.57 -14.43
C GLY A 141 6.44 -10.03 -13.77
N ILE A 142 5.42 -9.15 -13.76
CA ILE A 142 4.13 -9.50 -13.16
C ILE A 142 2.97 -8.70 -13.82
N SER A 143 1.87 -9.39 -14.15
CA SER A 143 0.70 -8.73 -14.76
C SER A 143 -0.35 -8.32 -13.72
N VAL A 144 -1.18 -7.34 -14.08
CA VAL A 144 -2.20 -6.80 -13.17
C VAL A 144 -3.16 -7.88 -12.63
N ASP A 145 -3.62 -8.77 -13.51
CA ASP A 145 -4.51 -9.87 -13.10
C ASP A 145 -3.78 -10.87 -12.19
N GLN A 146 -2.45 -10.76 -12.15
CA GLN A 146 -1.62 -11.65 -11.33
C GLN A 146 -1.08 -10.93 -10.08
N LEU A 147 -1.52 -9.71 -9.84
CA LEU A 147 -1.09 -8.95 -8.66
C LEU A 147 -1.88 -9.37 -7.41
N GLY A 148 -1.20 -10.04 -6.49
CA GLY A 148 -1.82 -10.50 -5.25
C GLY A 148 -1.77 -9.45 -4.15
N PHE A 149 -0.60 -8.84 -3.96
CA PHE A 149 -0.45 -7.79 -2.93
C PHE A 149 0.72 -6.84 -3.27
N VAL A 150 0.60 -5.61 -2.79
CA VAL A 150 1.68 -4.61 -2.91
C VAL A 150 2.00 -4.02 -1.53
N ARG A 151 2.98 -4.60 -0.84
CA ARG A 151 3.31 -4.17 0.52
C ARG A 151 4.35 -3.02 0.54
N ILE A 152 3.88 -1.84 0.91
CA ILE A 152 4.72 -0.63 0.96
C ILE A 152 5.36 -0.46 2.35
N HIS A 153 6.69 -0.25 2.40
CA HIS A 153 7.39 -0.06 3.67
C HIS A 153 8.82 0.47 3.47
N ASP A 154 9.53 0.64 4.59
CA ASP A 154 10.93 1.10 4.59
C ASP A 154 11.03 2.56 4.10
N ILE A 155 9.99 3.34 4.37
CA ILE A 155 9.94 4.74 3.96
C ILE A 155 10.98 5.59 4.71
N GLN A 156 12.15 5.75 4.11
CA GLN A 156 13.27 6.48 4.72
C GLN A 156 13.58 7.79 3.96
N PRO A 157 13.98 8.85 4.69
CA PRO A 157 14.32 10.15 4.06
C PRO A 157 15.63 10.11 3.27
N VAL A 158 15.65 10.78 2.11
CA VAL A 158 16.86 10.87 1.28
C VAL A 158 17.67 12.14 1.60
N MET A 159 17.51 12.63 2.84
CA MET A 159 18.17 13.87 3.29
C MET A 159 18.98 13.61 4.57
N GLN A 160 19.50 14.67 5.18
CA GLN A 160 20.25 14.56 6.44
C GLN A 160 19.29 14.36 7.63
N LEU A 161 19.51 13.30 8.42
CA LEU A 161 18.66 13.00 9.58
C LEU A 161 19.51 12.83 10.85
N GLU A 162 18.99 13.30 11.98
CA GLU A 162 19.70 13.20 13.27
C GLU A 162 19.11 12.11 14.18
N HIS A 163 19.85 11.77 15.23
CA HIS A 163 19.40 10.80 16.23
C HIS A 163 20.30 10.88 17.49
N HIS A 164 19.88 11.67 18.48
CA HIS A 164 20.67 11.89 19.69
C HIS A 164 20.70 10.65 20.60
N HIS A 165 21.87 10.34 21.14
CA HIS A 165 22.03 9.18 22.04
C HIS A 165 21.55 9.49 23.46
N HIS A 166 20.59 8.72 23.94
CA HIS A 166 20.15 8.82 25.34
C HIS A 166 20.89 7.79 26.22
N HIS A 167 22.11 8.14 26.62
CA HIS A 167 22.95 7.24 27.42
C HIS A 167 22.53 7.22 28.90
N HIS A 168 21.79 8.24 29.33
CA HIS A 168 21.35 8.35 30.72
C HIS A 168 19.99 9.07 30.84
N MET A 1 22.58 -14.12 51.68
CA MET A 1 21.61 -14.02 50.56
C MET A 1 20.28 -14.69 50.92
N VAL A 2 19.35 -13.90 51.47
CA VAL A 2 18.03 -14.40 51.87
C VAL A 2 17.05 -14.48 50.68
N GLN A 3 16.12 -15.42 50.74
CA GLN A 3 15.13 -15.63 49.68
C GLN A 3 13.74 -15.13 50.10
N GLN A 4 13.05 -14.45 49.18
CA GLN A 4 11.73 -13.87 49.49
C GLN A 4 10.58 -14.68 48.87
N SER A 5 9.35 -14.31 49.20
CA SER A 5 8.15 -15.05 48.80
C SER A 5 8.01 -15.20 47.28
N GLU A 6 7.51 -16.36 46.84
CA GLU A 6 7.28 -16.62 45.42
C GLU A 6 5.82 -16.33 45.04
N VAL A 7 5.59 -15.15 44.47
CA VAL A 7 4.24 -14.75 44.03
C VAL A 7 4.26 -14.11 42.64
N ARG A 8 3.23 -14.40 41.83
CA ARG A 8 3.10 -13.84 40.48
C ARG A 8 1.63 -13.51 40.17
N GLN A 9 1.32 -12.22 40.05
CA GLN A 9 -0.05 -11.79 39.74
C GLN A 9 -0.43 -12.18 38.30
N MET A 10 -1.45 -13.02 38.16
CA MET A 10 -1.86 -13.53 36.85
C MET A 10 -2.99 -12.69 36.22
N LYS A 11 -2.95 -12.53 34.90
CA LYS A 11 -3.93 -11.72 34.17
C LYS A 11 -4.15 -12.27 32.75
N HIS A 12 -5.39 -12.69 32.45
CA HIS A 12 -5.71 -13.27 31.14
C HIS A 12 -6.69 -12.41 30.35
N SER A 13 -6.74 -12.64 29.03
CA SER A 13 -7.68 -11.93 28.14
C SER A 13 -8.86 -12.83 27.77
N VAL A 14 -9.69 -12.36 26.84
CA VAL A 14 -10.84 -13.13 26.35
C VAL A 14 -11.14 -12.80 24.86
N SER A 15 -11.46 -13.83 24.08
CA SER A 15 -11.72 -13.66 22.65
C SER A 15 -13.06 -14.32 22.24
N THR A 16 -13.80 -13.65 21.36
CA THR A 16 -15.11 -14.17 20.90
C THR A 16 -15.01 -14.82 19.52
N LEU A 17 -16.08 -15.52 19.12
CA LEU A 17 -16.12 -16.20 17.82
C LEU A 17 -16.73 -15.30 16.73
N ASN A 18 -16.29 -15.49 15.49
CA ASN A 18 -16.79 -14.68 14.36
C ASN A 18 -17.89 -15.42 13.57
N GLN A 19 -19.01 -14.75 13.36
CA GLN A 19 -20.13 -15.33 12.57
C GLN A 19 -20.04 -14.92 11.09
N GLU A 20 -20.77 -15.63 10.24
CA GLU A 20 -20.84 -15.29 8.82
C GLU A 20 -21.68 -14.02 8.59
N MET A 21 -21.34 -13.27 7.54
CA MET A 21 -22.11 -12.09 7.13
C MET A 21 -22.66 -12.30 5.71
N THR A 22 -23.70 -11.55 5.35
CA THR A 22 -24.25 -11.62 3.99
C THR A 22 -23.21 -11.25 2.94
N GLN A 23 -23.27 -11.92 1.79
CA GLN A 23 -22.31 -11.67 0.69
C GLN A 23 -22.22 -10.17 0.34
N LEU A 24 -21.12 -9.55 0.74
CA LEU A 24 -20.93 -8.10 0.57
C LEU A 24 -20.36 -7.76 -0.82
N ASN A 25 -20.44 -6.48 -1.19
CA ASN A 25 -19.92 -5.98 -2.47
C ASN A 25 -18.46 -6.46 -2.70
N GLN A 26 -18.21 -7.02 -3.89
CA GLN A 26 -16.91 -7.63 -4.20
C GLN A 26 -15.73 -6.67 -3.94
N GLU A 27 -15.88 -5.40 -4.29
CA GLU A 27 -14.86 -4.40 -4.01
C GLU A 27 -14.59 -4.31 -2.49
N THR A 28 -15.66 -4.21 -1.71
CA THR A 28 -15.57 -4.06 -0.26
C THR A 28 -15.06 -5.35 0.40
N VAL A 29 -15.29 -6.49 -0.24
CA VAL A 29 -14.72 -7.77 0.23
C VAL A 29 -13.18 -7.73 0.18
N LYS A 30 -12.63 -7.27 -0.95
CA LYS A 30 -11.18 -7.09 -1.09
C LYS A 30 -10.67 -6.00 -0.14
N ILE A 31 -11.45 -4.92 0.02
CA ILE A 31 -11.12 -3.86 0.98
C ILE A 31 -11.02 -4.42 2.41
N THR A 32 -12.01 -5.24 2.80
CA THR A 32 -11.99 -5.93 4.10
C THR A 32 -10.72 -6.76 4.26
N GLN A 33 -10.43 -7.57 3.23
CA GLN A 33 -9.21 -8.37 3.18
C GLN A 33 -7.95 -7.50 3.36
N GLN A 34 -7.94 -6.35 2.68
CA GLN A 34 -6.82 -5.40 2.76
C GLN A 34 -6.62 -4.89 4.19
N ASN A 35 -7.69 -4.39 4.82
CA ASN A 35 -7.61 -3.85 6.18
C ASN A 35 -7.07 -4.89 7.19
N ARG A 36 -7.51 -6.14 7.05
CA ARG A 36 -7.05 -7.22 7.95
C ARG A 36 -5.55 -7.49 7.81
N LEU A 37 -5.07 -7.62 6.57
CA LEU A 37 -3.64 -7.80 6.31
C LEU A 37 -2.84 -6.55 6.72
N ASN A 38 -3.43 -5.39 6.44
CA ASN A 38 -2.81 -4.09 6.75
C ASN A 38 -2.55 -3.94 8.26
N ALA A 39 -3.48 -4.43 9.07
CA ALA A 39 -3.37 -4.37 10.53
C ALA A 39 -2.48 -5.48 11.11
N LYS A 40 -2.38 -6.61 10.38
CA LYS A 40 -1.51 -7.72 10.79
C LYS A 40 -0.02 -7.35 10.66
N SER A 41 0.30 -6.49 9.69
CA SER A 41 1.70 -6.07 9.48
C SER A 41 2.21 -5.15 10.59
N SER A 42 3.38 -5.47 11.12
CA SER A 42 4.05 -4.63 12.14
C SER A 42 4.83 -3.48 11.50
N SER A 43 5.05 -3.55 10.19
CA SER A 43 5.81 -2.51 9.47
C SER A 43 5.54 -2.55 7.96
N GLY A 44 4.71 -1.64 7.48
CA GLY A 44 4.40 -1.59 6.06
C GLY A 44 2.92 -1.86 5.77
N VAL A 45 2.34 -1.09 4.86
CA VAL A 45 0.92 -1.23 4.53
C VAL A 45 0.68 -2.23 3.39
N TYR A 46 -0.36 -3.06 3.55
CA TYR A 46 -0.79 -3.97 2.50
C TYR A 46 -1.82 -3.31 1.60
N LEU A 47 -1.46 -3.10 0.34
CA LEU A 47 -2.37 -2.56 -0.67
C LEU A 47 -2.77 -3.65 -1.68
N LEU A 48 -4.06 -3.76 -1.98
CA LEU A 48 -4.55 -4.76 -2.92
C LEU A 48 -5.04 -4.10 -4.23
N PRO A 49 -4.54 -4.55 -5.39
CA PRO A 49 -4.97 -4.01 -6.70
C PRO A 49 -6.50 -4.05 -6.90
N GLY A 50 -7.14 -5.07 -6.32
CA GLY A 50 -8.60 -5.15 -6.33
C GLY A 50 -9.25 -4.17 -5.34
N ALA A 51 -8.60 -3.97 -4.20
CA ALA A 51 -9.11 -3.06 -3.16
C ALA A 51 -8.53 -1.65 -3.33
N LYS A 52 -8.98 -0.95 -4.37
CA LYS A 52 -8.46 0.38 -4.69
C LYS A 52 -8.83 1.41 -3.61
N THR A 53 -8.08 1.37 -2.50
CA THR A 53 -8.35 2.25 -1.35
C THR A 53 -7.05 2.69 -0.66
N PRO A 54 -7.06 3.88 -0.02
CA PRO A 54 -5.91 4.40 0.72
C PRO A 54 -5.63 3.64 2.04
N ALA A 55 -4.36 3.62 2.46
CA ALA A 55 -3.95 2.97 3.71
C ALA A 55 -2.99 3.85 4.51
N ARG A 56 -3.15 3.85 5.84
CA ARG A 56 -2.32 4.67 6.73
C ARG A 56 -0.98 3.96 7.07
N LEU A 57 0.11 4.70 6.95
CA LEU A 57 1.46 4.18 7.23
C LEU A 57 2.24 5.11 8.17
N GLU A 58 2.81 4.55 9.23
CA GLU A 58 3.66 5.31 10.16
C GLU A 58 5.13 5.06 9.82
N SER A 59 5.84 6.11 9.41
CA SER A 59 7.20 5.95 8.87
C SER A 59 8.17 7.02 9.39
N GLN A 60 9.42 6.93 8.91
CA GLN A 60 10.49 7.82 9.36
C GLN A 60 10.27 9.28 8.94
N ILE A 61 9.41 9.51 7.93
CA ILE A 61 9.07 10.87 7.51
C ILE A 61 7.84 11.40 8.26
N GLY A 62 7.07 10.47 8.85
CA GLY A 62 5.83 10.83 9.52
C GLY A 62 4.70 9.87 9.20
N THR A 63 3.47 10.27 9.50
CA THR A 63 2.28 9.45 9.22
C THR A 63 1.64 9.82 7.89
N LEU A 64 1.80 8.95 6.89
CA LEU A 64 1.27 9.20 5.55
C LEU A 64 0.17 8.19 5.17
N ARG A 65 -0.33 8.29 3.94
CA ARG A 65 -1.47 7.47 3.49
C ARG A 65 -1.39 7.22 1.98
N MET A 66 -1.07 5.99 1.58
CA MET A 66 -0.84 5.65 0.16
C MET A 66 -2.01 4.90 -0.47
N SER A 67 -2.06 4.90 -1.80
CA SER A 67 -3.11 4.17 -2.56
C SER A 67 -2.63 3.77 -3.96
N LEU A 68 -3.30 2.78 -4.56
CA LEU A 68 -2.95 2.27 -5.89
C LEU A 68 -3.97 2.72 -6.96
N VAL A 69 -3.54 3.62 -7.85
CA VAL A 69 -4.42 4.09 -8.95
C VAL A 69 -3.70 4.01 -10.31
N ASN A 70 -4.48 4.13 -11.40
CA ASN A 70 -3.95 4.09 -12.78
C ASN A 70 -3.22 2.76 -13.09
N ILE A 71 -3.64 1.69 -12.43
CA ILE A 71 -3.02 0.37 -12.60
C ILE A 71 -3.28 -0.21 -14.01
N THR A 72 -2.25 -0.21 -14.85
CA THR A 72 -2.38 -0.69 -16.24
C THR A 72 -1.21 -1.62 -16.64
N PRO A 73 -1.46 -2.54 -17.61
CA PRO A 73 -0.43 -3.50 -18.06
C PRO A 73 0.74 -2.83 -18.81
N ASP A 74 1.92 -3.44 -18.72
CA ASP A 74 3.14 -2.89 -19.32
C ASP A 74 4.03 -3.99 -19.94
N ALA A 75 5.02 -3.59 -20.73
CA ALA A 75 5.95 -4.54 -21.35
C ALA A 75 6.90 -5.18 -20.32
N ASP A 76 7.39 -4.38 -19.37
CA ASP A 76 8.25 -4.87 -18.29
C ASP A 76 7.41 -5.61 -17.23
N GLY A 77 6.14 -5.23 -17.12
CA GLY A 77 5.23 -5.88 -16.18
C GLY A 77 3.91 -5.13 -16.02
N THR A 78 3.84 -4.26 -15.03
CA THR A 78 2.61 -3.48 -14.76
C THR A 78 2.94 -2.09 -14.19
N THR A 79 2.40 -1.05 -14.82
CA THR A 79 2.64 0.33 -14.38
C THR A 79 1.41 0.91 -13.65
N LEU A 80 1.64 1.48 -12.47
CA LEU A 80 0.57 2.12 -11.69
C LEU A 80 1.06 3.40 -11.01
N THR A 81 0.15 4.33 -10.77
CA THR A 81 0.48 5.59 -10.09
C THR A 81 0.31 5.45 -8.57
N LEU A 82 1.44 5.44 -7.86
CA LEU A 82 1.43 5.36 -6.39
C LEU A 82 1.30 6.78 -5.80
N ARG A 83 0.15 7.08 -5.22
CA ARG A 83 -0.08 8.41 -4.61
C ARG A 83 0.11 8.37 -3.10
N ILE A 84 0.90 9.30 -2.57
CA ILE A 84 1.19 9.37 -1.14
C ILE A 84 0.55 10.61 -0.50
N GLN A 85 -0.56 10.42 0.20
CA GLN A 85 -1.20 11.48 0.97
C GLN A 85 -0.55 11.61 2.36
N GLY A 86 -0.82 12.71 3.04
CA GLY A 86 -0.38 12.86 4.43
C GLY A 86 -1.55 12.98 5.39
N GLU A 87 -1.35 12.58 6.65
CA GLU A 87 -2.39 12.72 7.68
C GLU A 87 -2.72 14.20 7.92
N SER A 88 -1.68 15.02 8.03
CA SER A 88 -1.84 16.47 8.23
C SER A 88 -2.01 17.21 6.88
N ASN A 89 -2.23 18.51 6.95
CA ASN A 89 -2.42 19.33 5.74
C ASN A 89 -1.08 19.88 5.21
N ASP A 90 -0.17 20.25 6.12
CA ASP A 90 1.11 20.82 5.72
C ASP A 90 1.99 19.78 4.96
N PRO A 91 2.78 20.24 3.97
CA PRO A 91 3.49 19.34 3.03
C PRO A 91 4.57 18.45 3.65
N LEU A 92 4.72 17.24 3.11
CA LEU A 92 5.77 16.30 3.52
C LEU A 92 7.04 16.47 2.66
N PRO A 93 8.23 16.13 3.21
CA PRO A 93 9.51 16.21 2.47
C PRO A 93 9.70 15.04 1.48
N ALA A 94 10.90 14.93 0.90
CA ALA A 94 11.22 13.85 -0.04
C ALA A 94 11.44 12.52 0.69
N PHE A 95 11.17 11.41 0.02
CA PHE A 95 11.23 10.09 0.66
C PHE A 95 11.49 8.95 -0.34
N SER A 96 12.17 7.90 0.15
CA SER A 96 12.44 6.69 -0.64
C SER A 96 12.05 5.45 0.18
N GLY A 97 11.40 4.49 -0.45
CA GLY A 97 10.97 3.29 0.27
C GLY A 97 11.02 2.02 -0.56
N THR A 98 10.72 0.89 0.08
CA THR A 98 10.74 -0.42 -0.60
C THR A 98 9.32 -0.99 -0.75
N VAL A 99 8.93 -1.27 -1.99
CA VAL A 99 7.62 -1.87 -2.28
C VAL A 99 7.78 -3.37 -2.64
N GLU A 100 6.93 -4.20 -2.05
CA GLU A 100 6.98 -5.66 -2.29
C GLU A 100 5.63 -6.17 -2.81
N TYR A 101 5.66 -6.86 -3.94
CA TYR A 101 4.43 -7.25 -4.66
C TYR A 101 4.47 -8.72 -5.09
N GLY A 102 3.38 -9.45 -4.84
CA GLY A 102 3.31 -10.86 -5.21
C GLY A 102 1.89 -11.43 -5.17
N GLN A 103 1.77 -12.75 -5.03
CA GLN A 103 0.47 -13.43 -5.03
C GLN A 103 0.17 -14.13 -3.69
N ILE A 104 -1.12 -14.25 -3.36
CA ILE A 104 -1.55 -14.92 -2.12
C ILE A 104 -2.23 -16.27 -2.43
N GLN A 105 -1.70 -17.35 -1.86
CA GLN A 105 -2.30 -18.69 -2.04
C GLN A 105 -3.02 -19.18 -0.76
N GLY A 106 -3.42 -18.25 0.09
CA GLY A 106 -4.08 -18.60 1.35
C GLY A 106 -5.16 -17.62 1.78
N THR A 107 -5.65 -17.79 3.01
CA THR A 107 -6.71 -16.93 3.57
C THR A 107 -6.12 -15.82 4.46
N ILE A 108 -6.99 -15.06 5.12
CA ILE A 108 -6.56 -14.03 6.08
C ILE A 108 -5.92 -14.67 7.32
N ASP A 109 -6.46 -15.81 7.75
CA ASP A 109 -5.98 -16.50 8.94
C ASP A 109 -4.64 -17.23 8.67
N ASN A 110 -4.52 -17.81 7.47
CA ASN A 110 -3.31 -18.52 7.06
C ASN A 110 -3.01 -18.34 5.56
N PHE A 111 -1.93 -17.62 5.25
CA PHE A 111 -1.58 -17.32 3.85
C PHE A 111 -0.08 -17.45 3.58
N GLN A 112 0.26 -17.90 2.38
CA GLN A 112 1.65 -18.00 1.93
C GLN A 112 1.89 -17.07 0.73
N GLU A 113 3.09 -16.48 0.65
CA GLU A 113 3.43 -15.52 -0.40
C GLU A 113 4.22 -16.19 -1.54
N ILE A 114 3.66 -16.15 -2.75
CA ILE A 114 4.31 -16.75 -3.92
C ILE A 114 4.51 -15.71 -5.04
N ASN A 115 5.57 -15.88 -5.84
CA ASN A 115 5.87 -14.97 -6.95
C ASN A 115 5.98 -13.51 -6.47
N VAL A 116 6.58 -13.32 -5.29
CA VAL A 116 6.69 -12.01 -4.66
C VAL A 116 8.11 -11.42 -4.77
N GLN A 117 8.22 -10.20 -5.29
CA GLN A 117 9.50 -9.50 -5.42
C GLN A 117 9.36 -8.02 -5.03
N ASN A 118 10.48 -7.34 -4.86
CA ASN A 118 10.50 -5.96 -4.34
C ASN A 118 10.94 -4.92 -5.39
N GLN A 119 10.94 -3.65 -4.97
CA GLN A 119 11.39 -2.53 -5.80
C GLN A 119 11.55 -1.25 -4.94
N LEU A 120 12.32 -0.28 -5.42
CA LEU A 120 12.51 1.01 -4.71
C LEU A 120 11.64 2.13 -5.31
N ILE A 121 10.97 2.89 -4.44
CA ILE A 121 10.21 4.08 -4.87
C ILE A 121 10.86 5.36 -4.33
N ASN A 122 11.52 6.11 -5.22
CA ASN A 122 12.17 7.37 -4.84
C ASN A 122 11.34 8.57 -5.29
N ALA A 123 10.60 9.17 -4.35
CA ALA A 123 9.68 10.26 -4.66
C ALA A 123 10.29 11.64 -4.30
N PRO A 124 9.86 12.71 -5.00
CA PRO A 124 10.30 14.08 -4.72
C PRO A 124 9.61 14.70 -3.49
N ALA A 125 10.05 15.89 -3.10
CA ALA A 125 9.49 16.60 -1.93
C ALA A 125 8.23 17.41 -2.29
N SER A 126 7.40 17.68 -1.29
CA SER A 126 6.22 18.55 -1.46
C SER A 126 6.52 19.94 -0.91
N VAL A 127 6.48 20.95 -1.78
CA VAL A 127 6.82 22.32 -1.39
C VAL A 127 5.66 23.01 -0.65
N LEU A 128 4.47 22.98 -1.25
CA LEU A 128 3.28 23.61 -0.66
C LEU A 128 2.17 22.58 -0.40
N ALA A 129 1.19 22.96 0.41
CA ALA A 129 0.07 22.07 0.75
C ALA A 129 -0.86 21.81 -0.45
N PRO A 130 -1.62 20.68 -0.45
CA PRO A 130 -1.58 19.66 0.59
C PRO A 130 -0.57 18.53 0.31
N SER A 131 -0.29 17.73 1.34
CA SER A 131 0.62 16.57 1.19
C SER A 131 0.02 15.49 0.27
N ASP A 132 0.39 15.55 -1.01
CA ASP A 132 -0.03 14.53 -1.98
C ASP A 132 1.07 14.35 -3.05
N VAL A 133 1.70 13.18 -3.08
CA VAL A 133 2.77 12.90 -4.03
C VAL A 133 2.39 11.76 -5.00
N ASP A 134 2.15 12.09 -6.26
CA ASP A 134 1.83 11.08 -7.28
C ASP A 134 3.08 10.69 -8.09
N ILE A 135 3.46 9.42 -8.03
CA ILE A 135 4.63 8.93 -8.76
C ILE A 135 4.29 7.71 -9.64
N PRO A 136 4.73 7.71 -10.92
CA PRO A 136 4.56 6.56 -11.81
C PRO A 136 5.49 5.39 -11.44
N LEU A 137 4.89 4.25 -11.09
CA LEU A 137 5.63 3.08 -10.62
C LEU A 137 5.54 1.92 -11.63
N GLN A 138 6.70 1.43 -12.07
CA GLN A 138 6.76 0.30 -13.02
C GLN A 138 7.19 -1.00 -12.33
N LEU A 139 6.24 -1.91 -12.13
CA LEU A 139 6.53 -3.24 -11.58
C LEU A 139 7.02 -4.20 -12.68
N LYS A 140 8.19 -4.78 -12.49
CA LYS A 140 8.80 -5.64 -13.51
C LYS A 140 8.71 -7.13 -13.13
N GLY A 141 8.19 -7.94 -14.06
CA GLY A 141 8.10 -9.39 -13.84
C GLY A 141 6.74 -9.86 -13.34
N ILE A 142 5.76 -8.96 -13.30
CA ILE A 142 4.42 -9.29 -12.78
C ILE A 142 3.30 -8.55 -13.54
N SER A 143 2.22 -9.26 -13.84
CA SER A 143 1.07 -8.67 -14.56
C SER A 143 -0.05 -8.26 -13.60
N VAL A 144 -0.79 -7.21 -13.96
CA VAL A 144 -1.89 -6.68 -13.13
C VAL A 144 -2.90 -7.77 -12.72
N ASP A 145 -3.39 -8.56 -13.68
CA ASP A 145 -4.38 -9.61 -13.39
C ASP A 145 -3.83 -10.67 -12.42
N GLN A 146 -2.51 -10.84 -12.42
CA GLN A 146 -1.85 -11.84 -11.58
C GLN A 146 -1.23 -11.20 -10.32
N LEU A 147 -1.61 -9.96 -10.03
CA LEU A 147 -1.08 -9.24 -8.86
C LEU A 147 -1.98 -9.44 -7.62
N GLY A 148 -1.41 -9.98 -6.55
CA GLY A 148 -2.19 -10.27 -5.34
C GLY A 148 -2.11 -9.17 -4.28
N PHE A 149 -0.90 -8.91 -3.77
CA PHE A 149 -0.72 -7.95 -2.67
C PHE A 149 0.47 -7.02 -2.90
N VAL A 150 0.43 -5.85 -2.27
CA VAL A 150 1.53 -4.88 -2.32
C VAL A 150 1.94 -4.44 -0.89
N ARG A 151 3.24 -4.33 -0.64
CA ARG A 151 3.78 -4.00 0.69
C ARG A 151 4.68 -2.76 0.64
N ILE A 152 4.23 -1.67 1.28
CA ILE A 152 5.01 -0.41 1.28
C ILE A 152 5.66 -0.16 2.66
N HIS A 153 6.99 -0.17 2.72
CA HIS A 153 7.70 0.05 4.01
C HIS A 153 9.09 0.70 3.80
N ASP A 154 9.78 0.94 4.92
CA ASP A 154 11.14 1.54 4.91
C ASP A 154 11.15 2.97 4.33
N ILE A 155 10.00 3.64 4.40
CA ILE A 155 9.87 5.01 3.92
C ILE A 155 10.78 5.97 4.71
N GLN A 156 11.87 6.40 4.07
CA GLN A 156 12.89 7.23 4.73
C GLN A 156 13.14 8.53 3.93
N PRO A 157 13.40 9.66 4.63
CA PRO A 157 13.60 10.97 3.98
C PRO A 157 14.89 11.05 3.13
N VAL A 158 14.73 11.06 1.82
CA VAL A 158 15.87 11.17 0.89
C VAL A 158 16.23 12.64 0.66
N MET A 159 17.39 13.06 1.15
CA MET A 159 17.83 14.47 1.04
C MET A 159 19.27 14.57 0.52
N GLN A 160 19.66 15.80 0.14
CA GLN A 160 21.00 16.05 -0.40
C GLN A 160 22.12 15.57 0.55
N LEU A 161 22.86 14.54 0.13
CA LEU A 161 23.95 13.99 0.95
C LEU A 161 25.21 14.88 0.88
N GLU A 162 25.37 15.75 1.89
CA GLU A 162 26.51 16.67 1.95
C GLU A 162 27.72 16.03 2.65
N HIS A 163 27.57 15.76 3.95
CA HIS A 163 28.69 15.23 4.75
C HIS A 163 28.26 14.01 5.56
N HIS A 164 29.10 12.98 5.59
CA HIS A 164 28.87 11.80 6.43
C HIS A 164 29.24 12.10 7.89
N HIS A 165 28.51 13.05 8.48
CA HIS A 165 28.80 13.56 9.83
C HIS A 165 28.22 12.62 10.91
N HIS A 166 29.03 11.67 11.38
CA HIS A 166 28.55 10.65 12.32
C HIS A 166 29.26 10.77 13.69
N HIS A 167 28.52 11.26 14.70
CA HIS A 167 28.96 11.26 16.11
C HIS A 167 30.05 12.31 16.42
N HIS A 168 30.89 12.64 15.44
CA HIS A 168 31.96 13.61 15.64
C HIS A 168 31.49 15.05 15.36
N MET A 1 2.10 47.90 22.16
CA MET A 1 2.78 46.57 22.19
C MET A 1 2.07 45.62 23.16
N VAL A 2 1.52 44.52 22.63
CA VAL A 2 0.79 43.55 23.46
C VAL A 2 1.56 42.22 23.60
N GLN A 3 1.05 41.31 24.43
CA GLN A 3 1.68 40.01 24.65
C GLN A 3 0.62 38.93 24.94
N GLN A 4 0.35 38.08 23.94
CA GLN A 4 -0.62 37.00 24.09
C GLN A 4 0.08 35.63 24.22
N SER A 5 0.18 35.13 25.46
CA SER A 5 0.76 33.81 25.71
C SER A 5 -0.33 32.74 25.70
N GLU A 6 -0.53 32.10 24.54
CA GLU A 6 -1.62 31.12 24.37
C GLU A 6 -1.14 29.86 23.63
N VAL A 7 -1.58 28.69 24.10
CA VAL A 7 -1.28 27.42 23.45
C VAL A 7 -2.54 26.52 23.44
N ARG A 8 -2.76 25.79 22.34
CA ARG A 8 -3.89 24.86 22.24
C ARG A 8 -3.40 23.41 22.05
N GLN A 9 -4.09 22.47 22.70
CA GLN A 9 -3.74 21.04 22.62
C GLN A 9 -4.67 20.28 21.66
N MET A 10 -4.10 19.66 20.64
CA MET A 10 -4.87 18.85 19.68
C MET A 10 -4.75 17.35 20.01
N LYS A 11 -5.87 16.73 20.44
CA LYS A 11 -5.85 15.32 20.82
C LYS A 11 -7.25 14.66 20.75
N HIS A 12 -7.35 13.58 19.98
CA HIS A 12 -8.56 12.75 19.92
C HIS A 12 -8.26 11.41 19.24
N SER A 13 -8.04 10.38 20.04
CA SER A 13 -7.73 9.03 19.52
C SER A 13 -8.82 8.01 19.88
N VAL A 14 -9.46 7.44 18.87
CA VAL A 14 -10.47 6.39 19.06
C VAL A 14 -10.18 5.19 18.15
N SER A 15 -10.22 3.98 18.70
CA SER A 15 -9.95 2.76 17.93
C SER A 15 -11.02 1.69 18.19
N THR A 16 -11.95 1.57 17.24
CA THR A 16 -13.04 0.59 17.34
C THR A 16 -12.71 -0.70 16.57
N LEU A 17 -12.49 -1.78 17.30
CA LEU A 17 -12.14 -3.07 16.68
C LEU A 17 -13.38 -3.74 16.07
N ASN A 18 -13.39 -3.87 14.75
CA ASN A 18 -14.55 -4.42 14.04
C ASN A 18 -14.57 -5.95 14.06
N GLN A 19 -15.77 -6.52 14.20
CA GLN A 19 -15.96 -7.97 14.18
C GLN A 19 -16.16 -8.50 12.74
N GLU A 20 -16.85 -9.64 12.61
CA GLU A 20 -17.16 -10.22 11.30
C GLU A 20 -18.36 -9.51 10.62
N MET A 21 -18.35 -9.45 9.29
CA MET A 21 -19.46 -8.86 8.53
C MET A 21 -19.94 -9.80 7.40
N THR A 22 -21.01 -9.39 6.73
CA THR A 22 -21.57 -10.15 5.60
C THR A 22 -20.86 -9.81 4.28
N GLN A 23 -20.94 -10.72 3.32
CA GLN A 23 -20.27 -10.54 2.02
C GLN A 23 -21.04 -9.56 1.10
N LEU A 24 -20.77 -8.27 1.25
CA LEU A 24 -21.36 -7.25 0.38
C LEU A 24 -20.27 -6.58 -0.48
N ASN A 25 -20.54 -6.48 -1.79
CA ASN A 25 -19.61 -5.92 -2.76
C ASN A 25 -18.20 -6.56 -2.68
N GLN A 26 -17.84 -7.36 -3.69
CA GLN A 26 -16.50 -7.97 -3.75
C GLN A 26 -15.39 -6.91 -3.53
N GLU A 27 -15.66 -5.68 -3.94
CA GLU A 27 -14.78 -4.54 -3.63
C GLU A 27 -14.60 -4.38 -2.12
N THR A 28 -15.72 -4.18 -1.41
CA THR A 28 -15.71 -4.04 0.06
C THR A 28 -15.12 -5.29 0.74
N VAL A 29 -15.36 -6.44 0.15
CA VAL A 29 -14.75 -7.70 0.61
C VAL A 29 -13.21 -7.63 0.54
N LYS A 30 -12.70 -7.14 -0.58
CA LYS A 30 -11.25 -6.93 -0.75
C LYS A 30 -10.72 -5.85 0.21
N ILE A 31 -11.54 -4.83 0.45
CA ILE A 31 -11.19 -3.78 1.42
C ILE A 31 -11.05 -4.37 2.83
N THR A 32 -12.04 -5.15 3.23
CA THR A 32 -12.00 -5.87 4.52
C THR A 32 -10.76 -6.79 4.59
N GLN A 33 -10.49 -7.48 3.48
CA GLN A 33 -9.30 -8.31 3.33
C GLN A 33 -8.02 -7.50 3.58
N GLN A 34 -7.93 -6.35 2.90
CA GLN A 34 -6.77 -5.45 3.02
C GLN A 34 -6.52 -5.02 4.48
N ASN A 35 -7.58 -4.58 5.16
CA ASN A 35 -7.47 -4.16 6.57
C ASN A 35 -7.01 -5.31 7.49
N ARG A 36 -7.62 -6.48 7.33
CA ARG A 36 -7.25 -7.63 8.17
C ARG A 36 -5.81 -8.11 7.91
N LEU A 37 -5.37 -8.04 6.65
CA LEU A 37 -3.97 -8.34 6.30
C LEU A 37 -3.04 -7.30 6.94
N ASN A 38 -3.47 -6.04 6.95
CA ASN A 38 -2.73 -4.96 7.59
C ASN A 38 -2.66 -5.18 9.12
N ALA A 39 -3.73 -5.76 9.68
CA ALA A 39 -3.78 -6.09 11.12
C ALA A 39 -2.67 -7.09 11.50
N LYS A 40 -2.47 -8.11 10.65
CA LYS A 40 -1.37 -9.07 10.85
C LYS A 40 -0.02 -8.44 10.47
N SER A 41 -0.05 -7.46 9.58
CA SER A 41 1.17 -6.78 9.11
C SER A 41 1.81 -5.92 10.21
N SER A 42 3.08 -6.16 10.49
CA SER A 42 3.83 -5.35 11.46
C SER A 42 5.01 -4.62 10.79
N SER A 43 5.06 -4.66 9.46
CA SER A 43 6.21 -4.11 8.72
C SER A 43 5.79 -3.27 7.50
N GLY A 44 4.63 -2.61 7.59
CA GLY A 44 4.18 -1.73 6.51
C GLY A 44 2.70 -1.88 6.20
N VAL A 45 2.29 -1.37 5.03
CA VAL A 45 0.88 -1.43 4.63
C VAL A 45 0.68 -2.28 3.37
N TYR A 46 -0.37 -3.12 3.38
CA TYR A 46 -0.74 -3.92 2.21
C TYR A 46 -1.74 -3.16 1.31
N LEU A 47 -1.26 -2.63 0.20
CA LEU A 47 -2.14 -2.01 -0.80
C LEU A 47 -2.60 -3.06 -1.83
N LEU A 48 -3.83 -3.52 -1.69
CA LEU A 48 -4.41 -4.49 -2.62
C LEU A 48 -4.97 -3.80 -3.87
N PRO A 49 -4.43 -4.12 -5.07
CA PRO A 49 -4.92 -3.54 -6.33
C PRO A 49 -6.43 -3.82 -6.58
N GLY A 50 -6.96 -4.83 -5.88
CA GLY A 50 -8.39 -5.14 -5.96
C GLY A 50 -9.23 -4.41 -4.91
N ALA A 51 -8.57 -3.75 -3.97
CA ALA A 51 -9.26 -3.00 -2.91
C ALA A 51 -9.12 -1.49 -3.12
N LYS A 52 -10.06 -0.91 -3.86
CA LYS A 52 -10.03 0.53 -4.17
C LYS A 52 -10.20 1.36 -2.88
N THR A 53 -9.07 1.58 -2.18
CA THR A 53 -9.06 2.33 -0.92
C THR A 53 -7.65 2.88 -0.60
N PRO A 54 -7.58 3.99 0.16
CA PRO A 54 -6.32 4.53 0.68
C PRO A 54 -5.92 3.92 2.05
N ALA A 55 -4.62 3.76 2.27
CA ALA A 55 -4.12 3.22 3.55
C ALA A 55 -3.11 4.18 4.20
N ARG A 56 -3.24 4.37 5.52
CA ARG A 56 -2.34 5.25 6.28
C ARG A 56 -1.08 4.49 6.75
N LEU A 57 0.09 5.04 6.44
CA LEU A 57 1.37 4.45 6.85
C LEU A 57 2.18 5.42 7.71
N GLU A 58 2.45 5.03 8.96
CA GLU A 58 3.25 5.86 9.87
C GLU A 58 4.75 5.55 9.70
N SER A 59 5.44 6.41 8.96
CA SER A 59 6.83 6.16 8.55
C SER A 59 7.85 6.89 9.44
N GLN A 60 9.10 6.92 8.99
CA GLN A 60 10.18 7.60 9.71
C GLN A 60 10.11 9.13 9.54
N ILE A 61 9.51 9.58 8.44
CA ILE A 61 9.34 11.02 8.21
C ILE A 61 8.07 11.55 8.90
N GLY A 62 7.12 10.66 9.13
CA GLY A 62 5.85 11.03 9.72
C GLY A 62 4.70 10.19 9.20
N THR A 63 3.47 10.64 9.43
CA THR A 63 2.27 9.92 8.98
C THR A 63 1.81 10.37 7.59
N LEU A 64 1.69 9.42 6.66
CA LEU A 64 1.18 9.70 5.31
C LEU A 64 0.16 8.65 4.85
N ARG A 65 -0.43 8.87 3.67
CA ARG A 65 -1.50 8.00 3.16
C ARG A 65 -1.22 7.60 1.69
N MET A 66 -1.08 6.30 1.44
CA MET A 66 -0.78 5.81 0.08
C MET A 66 -1.96 5.02 -0.53
N SER A 67 -2.00 4.99 -1.86
CA SER A 67 -3.02 4.22 -2.59
C SER A 67 -2.59 3.97 -4.05
N LEU A 68 -3.34 3.10 -4.75
CA LEU A 68 -2.96 2.68 -6.10
C LEU A 68 -3.99 3.15 -7.16
N VAL A 69 -3.50 3.86 -8.17
CA VAL A 69 -4.33 4.28 -9.32
C VAL A 69 -3.63 4.00 -10.65
N ASN A 70 -4.38 4.03 -11.76
CA ASN A 70 -3.80 3.96 -13.11
C ASN A 70 -3.06 2.63 -13.37
N ILE A 71 -3.50 1.57 -12.68
CA ILE A 71 -2.85 0.25 -12.80
C ILE A 71 -3.07 -0.35 -14.19
N THR A 72 -2.02 -0.33 -15.02
CA THR A 72 -2.10 -0.83 -16.41
C THR A 72 -0.85 -1.62 -16.82
N PRO A 73 -1.00 -2.57 -17.77
CA PRO A 73 0.10 -3.42 -18.25
C PRO A 73 1.33 -2.65 -18.74
N ASP A 74 2.48 -3.32 -18.78
CA ASP A 74 3.76 -2.70 -19.15
C ASP A 74 4.70 -3.72 -19.82
N ALA A 75 5.70 -3.23 -20.55
CA ALA A 75 6.65 -4.10 -21.26
C ALA A 75 7.42 -5.02 -20.30
N ASP A 76 7.91 -4.46 -19.20
CA ASP A 76 8.62 -5.24 -18.17
C ASP A 76 7.64 -5.94 -17.21
N GLY A 77 6.49 -5.33 -16.98
CA GLY A 77 5.46 -5.95 -16.13
C GLY A 77 4.16 -5.16 -16.08
N THR A 78 3.99 -4.35 -15.03
CA THR A 78 2.76 -3.56 -14.86
C THR A 78 3.07 -2.19 -14.21
N THR A 79 2.63 -1.11 -14.85
CA THR A 79 2.84 0.25 -14.32
C THR A 79 1.61 0.75 -13.56
N LEU A 80 1.84 1.38 -12.43
CA LEU A 80 0.77 2.01 -11.65
C LEU A 80 1.25 3.29 -10.97
N THR A 81 0.32 4.20 -10.68
CA THR A 81 0.65 5.47 -10.02
C THR A 81 0.44 5.37 -8.51
N LEU A 82 1.54 5.42 -7.75
CA LEU A 82 1.48 5.39 -6.30
C LEU A 82 1.26 6.82 -5.76
N ARG A 83 0.08 7.08 -5.21
CA ARG A 83 -0.26 8.41 -4.69
C ARG A 83 -0.04 8.49 -3.17
N ILE A 84 0.72 9.50 -2.73
CA ILE A 84 1.01 9.69 -1.31
C ILE A 84 0.38 10.99 -0.77
N GLN A 85 -0.77 10.87 -0.13
CA GLN A 85 -1.37 12.00 0.58
C GLN A 85 -0.81 12.09 2.01
N GLY A 86 -1.27 13.04 2.81
CA GLY A 86 -0.81 13.14 4.18
C GLY A 86 -1.88 13.61 5.17
N GLU A 87 -1.95 12.95 6.32
CA GLU A 87 -2.83 13.37 7.43
C GLU A 87 -2.48 14.79 7.91
N SER A 88 -1.25 15.21 7.67
CA SER A 88 -0.76 16.53 8.10
C SER A 88 -1.16 17.63 7.10
N ASN A 89 -1.62 18.76 7.62
CA ASN A 89 -1.93 19.93 6.80
C ASN A 89 -0.62 20.52 6.26
N ASP A 90 0.40 20.49 7.11
CA ASP A 90 1.74 20.96 6.73
C ASP A 90 2.41 19.99 5.74
N PRO A 91 3.25 20.51 4.84
CA PRO A 91 3.90 19.68 3.80
C PRO A 91 4.94 18.69 4.37
N LEU A 92 5.30 17.69 3.56
CA LEU A 92 6.27 16.67 3.96
C LEU A 92 7.50 16.69 3.02
N PRO A 93 8.71 16.41 3.54
CA PRO A 93 9.94 16.37 2.73
C PRO A 93 10.03 15.14 1.81
N ALA A 94 11.12 15.03 1.04
CA ALA A 94 11.29 13.92 0.10
C ALA A 94 11.62 12.61 0.83
N PHE A 95 11.28 11.49 0.20
CA PHE A 95 11.43 10.18 0.83
C PHE A 95 11.53 9.05 -0.22
N SER A 96 11.97 7.87 0.22
CA SER A 96 12.10 6.70 -0.66
C SER A 96 11.92 5.42 0.16
N GLY A 97 11.51 4.32 -0.50
CA GLY A 97 11.29 3.07 0.22
C GLY A 97 11.19 1.84 -0.70
N THR A 98 11.00 0.68 -0.09
CA THR A 98 10.91 -0.59 -0.83
C THR A 98 9.47 -1.08 -0.90
N VAL A 99 9.04 -1.52 -2.08
CA VAL A 99 7.69 -2.07 -2.26
C VAL A 99 7.72 -3.59 -2.53
N GLU A 100 6.84 -4.31 -1.85
CA GLU A 100 6.71 -5.77 -2.02
C GLU A 100 5.46 -6.10 -2.86
N TYR A 101 5.63 -6.75 -4.00
CA TYR A 101 4.49 -7.09 -4.86
C TYR A 101 4.54 -8.54 -5.33
N GLY A 102 3.41 -9.24 -5.17
CA GLY A 102 3.31 -10.64 -5.56
C GLY A 102 1.89 -11.18 -5.46
N GLN A 103 1.75 -12.50 -5.31
CA GLN A 103 0.44 -13.16 -5.25
C GLN A 103 0.17 -13.72 -3.84
N ILE A 104 -1.11 -13.79 -3.46
CA ILE A 104 -1.51 -14.40 -2.18
C ILE A 104 -2.34 -15.67 -2.42
N GLN A 105 -1.75 -16.85 -2.18
CA GLN A 105 -2.44 -18.13 -2.42
C GLN A 105 -3.14 -18.68 -1.16
N GLY A 106 -2.93 -18.04 -0.01
CA GLY A 106 -3.49 -18.54 1.24
C GLY A 106 -4.72 -17.78 1.70
N THR A 107 -5.16 -18.05 2.94
CA THR A 107 -6.33 -17.38 3.52
C THR A 107 -5.89 -16.19 4.39
N ILE A 108 -6.87 -15.41 4.87
CA ILE A 108 -6.58 -14.29 5.76
C ILE A 108 -5.97 -14.77 7.08
N ASP A 109 -6.28 -16.01 7.45
CA ASP A 109 -5.76 -16.63 8.67
C ASP A 109 -4.35 -17.20 8.44
N ASN A 110 -4.16 -17.83 7.27
CA ASN A 110 -2.85 -18.39 6.89
C ASN A 110 -2.54 -18.14 5.40
N PHE A 111 -1.78 -17.10 5.11
CA PHE A 111 -1.45 -16.73 3.72
C PHE A 111 0.05 -16.87 3.40
N GLN A 112 0.35 -17.16 2.14
CA GLN A 112 1.73 -17.23 1.65
C GLN A 112 1.91 -16.34 0.41
N GLU A 113 2.82 -15.37 0.50
CA GLU A 113 3.11 -14.49 -0.63
C GLU A 113 4.03 -15.20 -1.64
N ILE A 114 3.46 -15.63 -2.77
CA ILE A 114 4.21 -16.33 -3.82
C ILE A 114 4.46 -15.43 -5.04
N ASN A 115 5.55 -15.70 -5.76
CA ASN A 115 5.94 -14.89 -6.94
C ASN A 115 6.15 -13.42 -6.54
N VAL A 116 6.52 -13.19 -5.28
CA VAL A 116 6.70 -11.84 -4.75
C VAL A 116 8.14 -11.35 -4.90
N GLN A 117 8.28 -10.10 -5.31
CA GLN A 117 9.59 -9.45 -5.40
C GLN A 117 9.51 -7.98 -4.97
N ASN A 118 10.67 -7.35 -4.84
CA ASN A 118 10.75 -5.97 -4.31
C ASN A 118 11.11 -4.96 -5.40
N GLN A 119 10.99 -3.67 -5.06
CA GLN A 119 11.40 -2.57 -5.95
C GLN A 119 11.55 -1.25 -5.17
N LEU A 120 12.45 -0.38 -5.62
CA LEU A 120 12.70 0.90 -4.95
C LEU A 120 11.86 2.04 -5.56
N ILE A 121 11.12 2.75 -4.70
CA ILE A 121 10.33 3.92 -5.13
C ILE A 121 10.90 5.22 -4.55
N ASN A 122 10.92 6.28 -5.37
CA ASN A 122 11.43 7.58 -4.94
C ASN A 122 10.39 8.69 -5.15
N ALA A 123 10.16 9.50 -4.12
CA ALA A 123 9.18 10.59 -4.19
C ALA A 123 9.80 11.96 -3.86
N PRO A 124 9.48 13.00 -4.65
CA PRO A 124 10.01 14.36 -4.42
C PRO A 124 9.45 15.04 -3.16
N ALA A 125 10.07 16.15 -2.76
CA ALA A 125 9.65 16.89 -1.56
C ALA A 125 8.49 17.86 -1.84
N SER A 126 7.46 17.79 -1.01
CA SER A 126 6.31 18.71 -1.13
C SER A 126 6.65 20.08 -0.52
N VAL A 127 6.97 21.04 -1.36
CA VAL A 127 7.34 22.39 -0.91
C VAL A 127 6.11 23.17 -0.38
N LEU A 128 4.92 22.84 -0.87
CA LEU A 128 3.69 23.55 -0.49
C LEU A 128 2.67 22.62 0.19
N ALA A 129 1.67 23.22 0.84
CA ALA A 129 0.61 22.47 1.54
C ALA A 129 -0.72 22.52 0.76
N PRO A 130 -1.61 21.51 0.93
CA PRO A 130 -1.38 20.35 1.81
C PRO A 130 -0.55 19.22 1.17
N SER A 131 -0.25 18.19 1.96
CA SER A 131 0.60 17.08 1.51
C SER A 131 -0.14 16.10 0.57
N ASP A 132 0.05 16.31 -0.74
CA ASP A 132 -0.45 15.38 -1.77
C ASP A 132 0.64 15.13 -2.83
N VAL A 133 1.00 13.87 -3.03
CA VAL A 133 2.04 13.49 -4.01
C VAL A 133 1.59 12.30 -4.87
N ASP A 134 2.22 12.13 -6.04
CA ASP A 134 2.04 10.93 -6.86
C ASP A 134 3.35 10.57 -7.61
N ILE A 135 3.62 9.28 -7.75
CA ILE A 135 4.83 8.81 -8.45
C ILE A 135 4.54 7.57 -9.31
N PRO A 136 5.25 7.40 -10.45
CA PRO A 136 5.12 6.22 -11.32
C PRO A 136 5.85 4.99 -10.76
N LEU A 137 5.27 3.81 -10.96
CA LEU A 137 5.86 2.56 -10.43
C LEU A 137 5.76 1.43 -11.47
N GLN A 138 6.90 1.04 -12.04
CA GLN A 138 6.96 -0.05 -13.03
C GLN A 138 7.31 -1.40 -12.37
N LEU A 139 6.29 -2.19 -12.07
CA LEU A 139 6.47 -3.54 -11.51
C LEU A 139 6.99 -4.51 -12.58
N LYS A 140 8.08 -5.22 -12.28
CA LYS A 140 8.72 -6.10 -13.27
C LYS A 140 8.41 -7.58 -13.02
N GLY A 141 8.22 -8.33 -14.11
CA GLY A 141 7.97 -9.77 -14.02
C GLY A 141 6.63 -10.11 -13.36
N ILE A 142 5.60 -9.29 -13.60
CA ILE A 142 4.28 -9.53 -13.01
C ILE A 142 3.19 -8.74 -13.75
N SER A 143 2.15 -9.45 -14.21
CA SER A 143 1.02 -8.82 -14.91
C SER A 143 -0.07 -8.36 -13.94
N VAL A 144 -0.85 -7.36 -14.35
CA VAL A 144 -1.89 -6.76 -13.50
C VAL A 144 -2.85 -7.79 -12.90
N ASP A 145 -3.24 -8.81 -13.69
CA ASP A 145 -4.14 -9.86 -13.20
C ASP A 145 -3.44 -10.75 -12.15
N GLN A 146 -2.11 -10.84 -12.25
CA GLN A 146 -1.32 -11.65 -11.31
C GLN A 146 -1.04 -10.90 -10.00
N LEU A 147 -1.47 -9.63 -9.93
CA LEU A 147 -1.27 -8.80 -8.74
C LEU A 147 -2.18 -9.23 -7.58
N GLY A 148 -1.57 -9.58 -6.46
CA GLY A 148 -2.32 -9.90 -5.25
C GLY A 148 -2.27 -8.77 -4.22
N PHE A 149 -1.08 -8.25 -3.95
CA PHE A 149 -0.88 -7.20 -2.94
C PHE A 149 0.30 -6.29 -3.28
N VAL A 150 0.35 -5.11 -2.67
CA VAL A 150 1.50 -4.21 -2.75
C VAL A 150 1.89 -3.70 -1.34
N ARG A 151 2.83 -4.40 -0.69
CA ARG A 151 3.24 -4.08 0.68
C ARG A 151 4.35 -3.01 0.73
N ILE A 152 3.98 -1.80 1.15
CA ILE A 152 4.94 -0.67 1.22
C ILE A 152 5.72 -0.67 2.56
N HIS A 153 7.04 -0.46 2.49
CA HIS A 153 7.87 -0.39 3.70
C HIS A 153 9.23 0.30 3.43
N ASP A 154 10.05 0.42 4.48
CA ASP A 154 11.40 1.03 4.38
C ASP A 154 11.35 2.52 4.03
N ILE A 155 10.22 3.17 4.28
CA ILE A 155 10.06 4.58 3.95
C ILE A 155 11.04 5.47 4.76
N GLN A 156 12.16 5.80 4.14
CA GLN A 156 13.19 6.64 4.75
C GLN A 156 13.34 7.99 4.02
N PRO A 157 13.75 9.06 4.73
CA PRO A 157 13.87 10.40 4.14
C PRO A 157 15.08 10.54 3.18
N VAL A 158 14.92 11.39 2.17
CA VAL A 158 16.02 11.72 1.24
C VAL A 158 16.07 13.25 1.01
N MET A 159 17.25 13.83 1.20
CA MET A 159 17.38 15.30 1.20
C MET A 159 18.79 15.76 0.77
N GLN A 160 19.08 17.04 0.96
CA GLN A 160 20.40 17.60 0.67
C GLN A 160 21.46 17.07 1.66
N LEU A 161 22.73 17.10 1.23
CA LEU A 161 23.83 16.57 2.05
C LEU A 161 24.20 17.53 3.20
N GLU A 162 24.01 17.09 4.44
CA GLU A 162 24.41 17.86 5.61
C GLU A 162 25.44 17.08 6.47
N HIS A 163 26.45 17.78 6.94
CA HIS A 163 27.46 17.21 7.84
C HIS A 163 27.06 17.44 9.30
N HIS A 164 27.25 16.44 10.15
CA HIS A 164 26.87 16.56 11.58
C HIS A 164 28.07 16.29 12.50
N HIS A 165 28.43 17.29 13.32
CA HIS A 165 29.47 17.10 14.34
C HIS A 165 28.86 16.51 15.62
N HIS A 166 28.90 15.20 15.74
CA HIS A 166 28.31 14.51 16.89
C HIS A 166 29.27 14.56 18.09
N HIS A 167 28.76 14.97 19.25
CA HIS A 167 29.57 15.14 20.48
C HIS A 167 30.46 16.39 20.41
N HIS A 168 29.93 17.52 20.87
CA HIS A 168 30.71 18.76 20.95
C HIS A 168 31.03 19.13 22.42
N MET A 1 12.54 -22.23 17.42
CA MET A 1 11.64 -22.34 18.61
C MET A 1 10.26 -22.91 18.23
N VAL A 2 9.69 -22.45 17.11
CA VAL A 2 8.34 -22.86 16.70
C VAL A 2 8.32 -23.41 15.27
N GLN A 3 8.21 -24.74 15.15
CA GLN A 3 8.11 -25.39 13.84
C GLN A 3 6.70 -25.23 13.26
N GLN A 4 6.40 -24.06 12.72
CA GLN A 4 5.07 -23.79 12.16
C GLN A 4 4.94 -24.31 10.72
N SER A 5 3.82 -24.98 10.43
CA SER A 5 3.56 -25.56 9.12
C SER A 5 2.06 -25.81 8.90
N GLU A 6 1.57 -25.50 7.70
CA GLU A 6 0.15 -25.70 7.39
C GLU A 6 -0.07 -26.97 6.55
N VAL A 7 -1.25 -27.59 6.68
CA VAL A 7 -1.59 -28.80 5.94
C VAL A 7 -2.93 -28.67 5.20
N ARG A 8 -3.01 -29.22 3.99
CA ARG A 8 -4.23 -29.16 3.20
C ARG A 8 -5.15 -30.35 3.50
N GLN A 9 -6.19 -30.10 4.29
CA GLN A 9 -7.19 -31.12 4.63
C GLN A 9 -8.54 -30.83 3.96
N MET A 10 -9.13 -31.85 3.35
CA MET A 10 -10.39 -31.70 2.61
C MET A 10 -11.54 -32.48 3.27
N LYS A 11 -12.44 -31.74 3.93
CA LYS A 11 -13.63 -32.34 4.54
C LYS A 11 -14.85 -32.16 3.63
N HIS A 12 -15.80 -33.11 3.71
CA HIS A 12 -16.98 -33.09 2.83
C HIS A 12 -18.05 -34.10 3.30
N SER A 13 -19.22 -33.59 3.65
CA SER A 13 -20.36 -34.44 4.04
C SER A 13 -21.67 -33.67 3.88
N VAL A 14 -22.79 -34.37 4.04
CA VAL A 14 -24.10 -33.73 3.95
C VAL A 14 -24.40 -32.87 5.19
N SER A 15 -23.77 -31.71 5.26
CA SER A 15 -23.95 -30.78 6.38
C SER A 15 -25.09 -29.79 6.09
N THR A 16 -26.22 -29.97 6.77
CA THR A 16 -27.38 -29.10 6.57
C THR A 16 -27.25 -27.79 7.38
N LEU A 17 -26.85 -26.72 6.70
CA LEU A 17 -26.76 -25.39 7.32
C LEU A 17 -28.03 -24.58 7.08
N ASN A 18 -28.28 -23.58 7.91
CA ASN A 18 -29.49 -22.76 7.81
C ASN A 18 -29.19 -21.36 7.21
N GLN A 19 -30.14 -20.44 7.37
CA GLN A 19 -30.03 -19.08 6.80
C GLN A 19 -28.67 -18.41 7.13
N GLU A 20 -28.09 -17.79 6.11
CA GLU A 20 -26.78 -17.12 6.22
C GLU A 20 -26.84 -15.77 5.48
N MET A 21 -26.23 -14.71 6.05
CA MET A 21 -26.25 -13.41 5.37
C MET A 21 -25.46 -13.45 4.04
N THR A 22 -26.21 -13.44 2.95
CA THR A 22 -25.66 -13.61 1.59
C THR A 22 -25.57 -12.29 0.82
N GLN A 23 -24.81 -12.31 -0.27
CA GLN A 23 -24.65 -11.17 -1.18
C GLN A 23 -23.92 -9.97 -0.55
N LEU A 24 -22.66 -9.80 -0.95
CA LEU A 24 -21.86 -8.63 -0.57
C LEU A 24 -20.89 -8.30 -1.72
N ASN A 25 -20.74 -7.02 -2.04
CA ASN A 25 -19.94 -6.61 -3.22
C ASN A 25 -18.48 -7.08 -3.10
N GLN A 26 -18.00 -7.79 -4.13
CA GLN A 26 -16.65 -8.36 -4.13
C GLN A 26 -15.58 -7.29 -3.85
N GLU A 27 -15.79 -6.08 -4.37
CA GLU A 27 -14.87 -4.96 -4.09
C GLU A 27 -14.79 -4.69 -2.59
N THR A 28 -15.95 -4.46 -1.96
CA THR A 28 -16.02 -4.22 -0.51
C THR A 28 -15.43 -5.39 0.29
N VAL A 29 -15.64 -6.62 -0.21
CA VAL A 29 -15.02 -7.80 0.40
C VAL A 29 -13.49 -7.74 0.28
N LYS A 30 -13.00 -7.32 -0.89
CA LYS A 30 -11.57 -7.21 -1.15
C LYS A 30 -10.95 -6.10 -0.28
N ILE A 31 -11.68 -4.99 -0.10
CA ILE A 31 -11.27 -3.91 0.81
C ILE A 31 -11.12 -4.43 2.23
N THR A 32 -12.12 -5.20 2.68
CA THR A 32 -12.09 -5.83 4.01
C THR A 32 -10.87 -6.74 4.15
N GLN A 33 -10.61 -7.56 3.12
CA GLN A 33 -9.43 -8.44 3.10
C GLN A 33 -8.13 -7.61 3.20
N GLN A 34 -8.09 -6.54 2.43
CA GLN A 34 -6.93 -5.63 2.39
C GLN A 34 -6.63 -5.06 3.78
N ASN A 35 -7.62 -4.46 4.41
CA ASN A 35 -7.46 -3.85 5.74
C ASN A 35 -7.18 -4.91 6.84
N ARG A 36 -7.69 -6.13 6.68
CA ARG A 36 -7.37 -7.23 7.61
C ARG A 36 -5.88 -7.59 7.50
N LEU A 37 -5.41 -7.80 6.27
CA LEU A 37 -3.98 -8.07 6.04
C LEU A 37 -3.12 -6.87 6.49
N ASN A 38 -3.64 -5.67 6.25
CA ASN A 38 -2.96 -4.42 6.62
C ASN A 38 -2.64 -4.39 8.13
N ALA A 39 -3.60 -4.83 8.95
CA ALA A 39 -3.44 -4.88 10.40
C ALA A 39 -2.46 -5.99 10.83
N LYS A 40 -2.58 -7.17 10.22
CA LYS A 40 -1.71 -8.31 10.55
C LYS A 40 -0.30 -8.15 9.95
N SER A 41 -0.11 -7.12 9.12
CA SER A 41 1.18 -6.86 8.47
C SER A 41 2.29 -6.55 9.49
N SER A 42 3.39 -7.30 9.40
CA SER A 42 4.56 -7.06 10.26
C SER A 42 5.58 -6.13 9.57
N SER A 43 5.30 -5.75 8.33
CA SER A 43 6.19 -4.88 7.56
C SER A 43 5.39 -3.90 6.68
N GLY A 44 5.21 -2.68 7.18
CA GLY A 44 4.49 -1.64 6.44
C GLY A 44 3.01 -1.96 6.22
N VAL A 45 2.45 -1.48 5.10
CA VAL A 45 1.02 -1.67 4.81
C VAL A 45 0.81 -2.57 3.58
N TYR A 46 -0.35 -3.25 3.54
CA TYR A 46 -0.73 -4.08 2.39
C TYR A 46 -1.75 -3.36 1.51
N LEU A 47 -1.35 -3.04 0.28
CA LEU A 47 -2.28 -2.48 -0.73
C LEU A 47 -2.66 -3.56 -1.76
N LEU A 48 -3.88 -4.08 -1.64
CA LEU A 48 -4.39 -5.08 -2.60
C LEU A 48 -4.95 -4.37 -3.85
N PRO A 49 -4.28 -4.53 -5.02
CA PRO A 49 -4.68 -3.84 -6.27
C PRO A 49 -6.12 -4.14 -6.70
N GLY A 50 -6.66 -5.27 -6.24
CA GLY A 50 -8.07 -5.61 -6.52
C GLY A 50 -9.05 -4.63 -5.90
N ALA A 51 -8.58 -3.84 -4.92
CA ALA A 51 -9.40 -2.83 -4.25
C ALA A 51 -8.69 -1.47 -4.20
N LYS A 52 -9.05 -0.56 -5.09
CA LYS A 52 -8.47 0.79 -5.10
C LYS A 52 -8.83 1.53 -3.81
N THR A 53 -7.98 1.36 -2.79
CA THR A 53 -8.25 1.96 -1.46
C THR A 53 -7.01 2.60 -0.85
N PRO A 54 -7.22 3.66 -0.05
CA PRO A 54 -6.15 4.33 0.70
C PRO A 54 -5.79 3.62 2.02
N ALA A 55 -4.50 3.40 2.26
CA ALA A 55 -4.02 2.83 3.52
C ALA A 55 -3.05 3.80 4.21
N ARG A 56 -3.24 4.00 5.51
CA ARG A 56 -2.39 4.92 6.28
C ARG A 56 -1.10 4.25 6.77
N LEU A 57 0.03 4.67 6.18
CA LEU A 57 1.34 4.10 6.51
C LEU A 57 2.17 5.08 7.36
N GLU A 58 2.62 4.62 8.53
CA GLU A 58 3.54 5.38 9.36
C GLU A 58 4.96 5.31 8.78
N SER A 59 5.63 6.46 8.66
CA SER A 59 6.94 6.54 8.03
C SER A 59 7.98 7.20 8.94
N GLN A 60 9.20 7.33 8.43
CA GLN A 60 10.28 7.98 9.18
C GLN A 60 10.29 9.51 8.96
N ILE A 61 9.34 10.00 8.16
CA ILE A 61 9.17 11.46 7.95
C ILE A 61 7.87 11.95 8.59
N GLY A 62 6.87 11.07 8.67
CA GLY A 62 5.58 11.42 9.25
C GLY A 62 4.46 10.53 8.74
N THR A 63 3.42 10.34 9.56
CA THR A 63 2.27 9.49 9.18
C THR A 63 1.64 9.97 7.86
N LEU A 64 1.50 9.05 6.91
CA LEU A 64 0.99 9.40 5.57
C LEU A 64 -0.02 8.35 5.04
N ARG A 65 -0.61 8.66 3.90
CA ARG A 65 -1.63 7.79 3.27
C ARG A 65 -1.28 7.47 1.81
N MET A 66 -1.23 6.19 1.47
CA MET A 66 -0.91 5.77 0.09
C MET A 66 -2.08 5.02 -0.56
N SER A 67 -2.27 5.23 -1.87
CA SER A 67 -3.33 4.56 -2.63
C SER A 67 -2.88 4.21 -4.06
N LEU A 68 -3.32 3.06 -4.56
CA LEU A 68 -2.97 2.59 -5.92
C LEU A 68 -3.98 3.10 -6.96
N VAL A 69 -3.57 4.07 -7.78
CA VAL A 69 -4.45 4.59 -8.84
C VAL A 69 -3.80 4.46 -10.23
N ASN A 70 -4.61 4.54 -11.29
CA ASN A 70 -4.14 4.41 -12.68
C ASN A 70 -3.44 3.05 -12.93
N ILE A 71 -4.02 1.97 -12.38
CA ILE A 71 -3.43 0.64 -12.50
C ILE A 71 -3.60 0.07 -13.93
N THR A 72 -2.49 -0.06 -14.66
CA THR A 72 -2.50 -0.56 -16.05
C THR A 72 -1.36 -1.57 -16.30
N PRO A 73 -1.53 -2.45 -17.31
CA PRO A 73 -0.49 -3.44 -17.68
C PRO A 73 0.73 -2.81 -18.37
N ASP A 74 1.89 -3.44 -18.22
CA ASP A 74 3.14 -2.94 -18.80
C ASP A 74 3.92 -4.08 -19.48
N ALA A 75 4.91 -3.73 -20.30
CA ALA A 75 5.74 -4.73 -20.99
C ALA A 75 6.46 -5.67 -20.00
N ASP A 76 7.09 -5.08 -18.99
CA ASP A 76 7.78 -5.86 -17.96
C ASP A 76 6.79 -6.40 -16.91
N GLY A 77 5.78 -5.61 -16.57
CA GLY A 77 4.79 -6.04 -15.58
C GLY A 77 3.56 -5.15 -15.49
N THR A 78 3.55 -4.24 -14.53
CA THR A 78 2.37 -3.38 -14.26
C THR A 78 2.76 -1.94 -13.92
N THR A 79 2.13 -0.97 -14.57
CA THR A 79 2.36 0.45 -14.30
C THR A 79 1.18 1.08 -13.55
N LEU A 80 1.43 1.56 -12.33
CA LEU A 80 0.39 2.21 -11.54
C LEU A 80 0.93 3.46 -10.83
N THR A 81 0.08 4.46 -10.65
CA THR A 81 0.47 5.70 -9.95
C THR A 81 0.21 5.59 -8.44
N LEU A 82 1.27 5.61 -7.65
CA LEU A 82 1.15 5.55 -6.19
C LEU A 82 1.04 6.97 -5.61
N ARG A 83 -0.12 7.31 -5.03
CA ARG A 83 -0.34 8.65 -4.47
C ARG A 83 -0.22 8.68 -2.93
N ILE A 84 0.80 9.39 -2.44
CA ILE A 84 0.99 9.60 -1.01
C ILE A 84 0.31 10.90 -0.55
N GLN A 85 -0.19 10.91 0.69
CA GLN A 85 -0.77 12.12 1.29
C GLN A 85 -0.50 12.16 2.80
N GLY A 86 0.22 13.18 3.25
CA GLY A 86 0.58 13.28 4.67
C GLY A 86 -0.62 13.59 5.57
N GLU A 87 -0.70 12.92 6.73
CA GLU A 87 -1.77 13.17 7.68
C GLU A 87 -1.48 14.44 8.50
N SER A 88 -1.53 15.59 7.83
CA SER A 88 -1.25 16.88 8.46
C SER A 88 -1.62 18.04 7.53
N ASN A 89 -1.41 19.28 7.99
CA ASN A 89 -1.74 20.47 7.21
C ASN A 89 -0.50 21.08 6.53
N ASP A 90 0.67 20.51 6.81
CA ASP A 90 1.94 21.04 6.31
C ASP A 90 2.61 20.10 5.28
N PRO A 91 3.64 20.62 4.55
CA PRO A 91 4.38 19.83 3.54
C PRO A 91 5.35 18.79 4.12
N LEU A 92 5.91 17.94 3.25
CA LEU A 92 6.85 16.88 3.65
C LEU A 92 8.06 16.83 2.70
N PRO A 93 9.23 16.37 3.20
CA PRO A 93 10.45 16.25 2.37
C PRO A 93 10.43 15.02 1.44
N ALA A 94 11.43 14.92 0.56
CA ALA A 94 11.53 13.79 -0.37
C ALA A 94 11.89 12.48 0.35
N PHE A 95 11.42 11.36 -0.18
CA PHE A 95 11.65 10.06 0.46
C PHE A 95 11.70 8.90 -0.55
N SER A 96 12.24 7.77 -0.09
CA SER A 96 12.31 6.54 -0.89
C SER A 96 11.87 5.35 -0.04
N GLY A 97 11.62 4.21 -0.66
CA GLY A 97 11.19 3.03 0.09
C GLY A 97 11.27 1.73 -0.68
N THR A 98 11.21 0.61 0.04
CA THR A 98 11.28 -0.73 -0.56
C THR A 98 9.88 -1.37 -0.59
N VAL A 99 9.29 -1.48 -1.79
CA VAL A 99 7.96 -2.07 -1.94
C VAL A 99 8.04 -3.55 -2.37
N GLU A 100 7.30 -4.42 -1.67
CA GLU A 100 7.29 -5.85 -1.96
C GLU A 100 5.95 -6.27 -2.60
N TYR A 101 6.00 -6.64 -3.87
CA TYR A 101 4.79 -7.03 -4.61
C TYR A 101 4.83 -8.50 -5.02
N GLY A 102 3.69 -9.18 -4.93
CA GLY A 102 3.61 -10.60 -5.29
C GLY A 102 2.21 -11.19 -5.14
N GLN A 103 2.13 -12.49 -4.83
CA GLN A 103 0.84 -13.19 -4.67
C GLN A 103 0.68 -13.78 -3.27
N ILE A 104 -0.55 -14.18 -2.93
CA ILE A 104 -0.86 -14.81 -1.65
C ILE A 104 -1.58 -16.14 -1.87
N GLN A 105 -1.04 -17.22 -1.29
CA GLN A 105 -1.63 -18.57 -1.47
C GLN A 105 -2.52 -19.00 -0.28
N GLY A 106 -2.93 -18.05 0.56
CA GLY A 106 -3.67 -18.40 1.77
C GLY A 106 -4.74 -17.39 2.17
N THR A 107 -5.34 -17.59 3.34
CA THR A 107 -6.44 -16.74 3.84
C THR A 107 -5.95 -15.74 4.88
N ILE A 108 -6.86 -14.91 5.38
CA ILE A 108 -6.53 -13.91 6.42
C ILE A 108 -5.87 -14.56 7.64
N ASP A 109 -6.36 -15.75 8.02
CA ASP A 109 -5.83 -16.47 9.18
C ASP A 109 -4.46 -17.11 8.88
N ASN A 110 -4.35 -17.77 7.73
CA ASN A 110 -3.10 -18.42 7.33
C ASN A 110 -2.76 -18.12 5.85
N PHE A 111 -1.81 -17.20 5.65
CA PHE A 111 -1.40 -16.80 4.30
C PHE A 111 0.12 -16.79 4.14
N GLN A 112 0.57 -17.05 2.91
CA GLN A 112 2.01 -17.00 2.59
C GLN A 112 2.25 -16.24 1.27
N GLU A 113 3.18 -15.30 1.30
CA GLU A 113 3.50 -14.47 0.13
C GLU A 113 4.43 -15.22 -0.84
N ILE A 114 3.93 -15.53 -2.03
CA ILE A 114 4.72 -16.25 -3.04
C ILE A 114 4.88 -15.41 -4.32
N ASN A 115 5.91 -15.73 -5.12
CA ASN A 115 6.19 -15.01 -6.37
C ASN A 115 6.42 -13.51 -6.10
N VAL A 116 6.88 -13.21 -4.88
CA VAL A 116 7.06 -11.84 -4.43
C VAL A 116 8.49 -11.33 -4.67
N GLN A 117 8.60 -10.05 -5.00
CA GLN A 117 9.89 -9.38 -5.16
C GLN A 117 9.76 -7.88 -4.83
N ASN A 118 10.90 -7.25 -4.57
CA ASN A 118 10.92 -5.85 -4.10
C ASN A 118 11.40 -4.86 -5.18
N GLN A 119 10.96 -3.61 -5.06
CA GLN A 119 11.43 -2.53 -5.92
C GLN A 119 11.62 -1.24 -5.11
N LEU A 120 12.58 -0.41 -5.52
CA LEU A 120 12.83 0.88 -4.86
C LEU A 120 11.96 2.00 -5.47
N ILE A 121 11.12 2.61 -4.64
CA ILE A 121 10.31 3.77 -5.08
C ILE A 121 10.97 5.08 -4.65
N ASN A 122 10.90 6.09 -5.50
CA ASN A 122 11.51 7.40 -5.21
C ASN A 122 10.49 8.53 -5.38
N ALA A 123 10.17 9.21 -4.28
CA ALA A 123 9.18 10.30 -4.29
C ALA A 123 9.85 11.66 -4.05
N PRO A 124 9.57 12.67 -4.91
CA PRO A 124 10.13 14.02 -4.78
C PRO A 124 9.57 14.80 -3.58
N ALA A 125 10.25 15.89 -3.20
CA ALA A 125 9.85 16.69 -2.03
C ALA A 125 8.65 17.60 -2.33
N SER A 126 7.57 17.44 -1.56
CA SER A 126 6.38 18.28 -1.71
C SER A 126 6.45 19.48 -0.75
N VAL A 127 6.91 20.63 -1.26
CA VAL A 127 7.01 21.86 -0.46
C VAL A 127 5.63 22.54 -0.31
N LEU A 128 4.72 22.21 -1.21
CA LEU A 128 3.34 22.70 -1.15
C LEU A 128 2.51 21.94 -0.10
N ALA A 129 1.50 22.60 0.45
CA ALA A 129 0.66 22.01 1.49
C ALA A 129 -0.80 21.85 1.04
N PRO A 130 -1.47 20.72 1.39
CA PRO A 130 -0.86 19.59 2.11
C PRO A 130 0.01 18.70 1.21
N SER A 131 0.95 17.99 1.80
CA SER A 131 1.94 17.20 1.04
C SER A 131 1.35 15.96 0.39
N ASP A 132 1.03 16.06 -0.91
CA ASP A 132 0.64 14.89 -1.71
C ASP A 132 1.71 14.59 -2.78
N VAL A 133 1.96 13.30 -3.04
CA VAL A 133 2.96 12.90 -4.02
C VAL A 133 2.42 11.80 -4.95
N ASP A 134 2.42 12.08 -6.24
CA ASP A 134 1.95 11.10 -7.24
C ASP A 134 3.11 10.56 -8.09
N ILE A 135 3.58 9.35 -7.77
CA ILE A 135 4.73 8.77 -8.48
C ILE A 135 4.33 7.55 -9.33
N PRO A 136 4.72 7.52 -10.63
CA PRO A 136 4.49 6.38 -11.51
C PRO A 136 5.38 5.18 -11.15
N LEU A 137 4.76 4.05 -10.83
CA LEU A 137 5.48 2.87 -10.35
C LEU A 137 5.36 1.71 -11.37
N GLN A 138 6.46 1.40 -12.06
CA GLN A 138 6.50 0.28 -12.99
C GLN A 138 7.02 -1.00 -12.32
N LEU A 139 6.10 -1.87 -11.92
CA LEU A 139 6.45 -3.17 -11.35
C LEU A 139 6.86 -4.16 -12.47
N LYS A 140 8.05 -4.72 -12.36
CA LYS A 140 8.55 -5.66 -13.38
C LYS A 140 8.37 -7.12 -12.95
N GLY A 141 8.15 -8.00 -13.93
CA GLY A 141 8.06 -9.43 -13.65
C GLY A 141 6.65 -9.92 -13.32
N ILE A 142 5.70 -9.00 -13.12
CA ILE A 142 4.34 -9.39 -12.71
C ILE A 142 3.25 -8.57 -13.43
N SER A 143 2.40 -9.27 -14.19
CA SER A 143 1.27 -8.64 -14.88
C SER A 143 0.14 -8.27 -13.90
N VAL A 144 -0.68 -7.29 -14.28
CA VAL A 144 -1.76 -6.78 -13.41
C VAL A 144 -2.65 -7.89 -12.83
N ASP A 145 -3.08 -8.83 -13.66
CA ASP A 145 -3.96 -9.92 -13.23
C ASP A 145 -3.24 -10.89 -12.28
N GLN A 146 -1.91 -10.82 -12.24
CA GLN A 146 -1.11 -11.70 -11.39
C GLN A 146 -0.83 -11.07 -10.01
N LEU A 147 -1.25 -9.82 -9.84
CA LEU A 147 -1.01 -9.08 -8.59
C LEU A 147 -1.90 -9.58 -7.43
N GLY A 148 -1.27 -10.16 -6.42
CA GLY A 148 -1.98 -10.59 -5.22
C GLY A 148 -1.98 -9.53 -4.12
N PHE A 149 -0.86 -8.81 -3.99
CA PHE A 149 -0.73 -7.74 -2.99
C PHE A 149 0.42 -6.78 -3.34
N VAL A 150 0.39 -5.58 -2.76
CA VAL A 150 1.49 -4.61 -2.87
C VAL A 150 1.88 -4.07 -1.49
N ARG A 151 2.96 -4.60 -0.91
CA ARG A 151 3.41 -4.20 0.43
C ARG A 151 4.34 -2.97 0.38
N ILE A 152 3.92 -1.88 1.05
CA ILE A 152 4.73 -0.66 1.09
C ILE A 152 5.43 -0.50 2.46
N HIS A 153 6.75 -0.33 2.46
CA HIS A 153 7.51 -0.12 3.71
C HIS A 153 8.93 0.42 3.44
N ASP A 154 9.73 0.54 4.51
CA ASP A 154 11.13 0.99 4.43
C ASP A 154 11.22 2.47 4.00
N ILE A 155 10.13 3.21 4.22
CA ILE A 155 10.05 4.63 3.81
C ILE A 155 11.02 5.52 4.60
N GLN A 156 12.04 6.02 3.92
CA GLN A 156 13.08 6.87 4.53
C GLN A 156 13.34 8.11 3.68
N PRO A 157 13.65 9.27 4.30
CA PRO A 157 13.89 10.54 3.57
C PRO A 157 15.16 10.49 2.70
N VAL A 158 15.21 11.33 1.66
CA VAL A 158 16.40 11.43 0.79
C VAL A 158 16.91 12.87 0.75
N MET A 159 18.22 13.01 0.55
CA MET A 159 18.85 14.34 0.49
C MET A 159 20.26 14.26 -0.15
N GLN A 160 20.97 15.39 -0.13
CA GLN A 160 22.35 15.44 -0.64
C GLN A 160 23.31 14.59 0.22
N LEU A 161 24.49 14.30 -0.32
CA LEU A 161 25.43 13.39 0.35
C LEU A 161 26.10 14.03 1.58
N GLU A 162 26.78 13.20 2.36
CA GLU A 162 27.38 13.60 3.63
C GLU A 162 28.86 14.01 3.45
N HIS A 163 29.40 14.77 4.41
CA HIS A 163 30.77 15.33 4.30
C HIS A 163 31.74 14.69 5.31
N HIS A 164 31.45 13.46 5.75
CA HIS A 164 32.27 12.77 6.77
C HIS A 164 32.24 13.52 8.12
N HIS A 165 31.09 13.49 8.78
CA HIS A 165 30.92 14.20 10.06
C HIS A 165 31.60 13.47 11.23
N HIS A 166 32.04 12.23 11.01
CA HIS A 166 32.80 11.46 12.01
C HIS A 166 32.02 11.30 13.34
N HIS A 167 30.83 10.73 13.28
CA HIS A 167 30.01 10.50 14.49
C HIS A 167 28.66 9.85 14.17
N HIS A 168 28.63 8.52 14.14
CA HIS A 168 27.38 7.77 13.96
C HIS A 168 27.39 6.42 14.69
N MET A 1 -0.24 -28.51 -19.86
CA MET A 1 -1.06 -27.56 -20.67
C MET A 1 -2.42 -27.29 -20.01
N VAL A 2 -2.80 -26.01 -19.95
CA VAL A 2 -4.09 -25.63 -19.36
C VAL A 2 -5.27 -26.05 -20.25
N GLN A 3 -5.26 -25.60 -21.52
CA GLN A 3 -6.27 -26.00 -22.51
C GLN A 3 -7.73 -25.74 -22.06
N GLN A 4 -7.91 -24.93 -21.01
CA GLN A 4 -9.25 -24.60 -20.53
C GLN A 4 -9.83 -23.40 -21.30
N SER A 5 -11.14 -23.21 -21.20
CA SER A 5 -11.82 -22.12 -21.92
C SER A 5 -11.36 -20.74 -21.43
N GLU A 6 -10.44 -20.12 -22.18
CA GLU A 6 -10.00 -18.76 -21.89
C GLU A 6 -11.12 -17.76 -22.18
N VAL A 7 -11.74 -17.26 -21.11
CA VAL A 7 -12.91 -16.37 -21.23
C VAL A 7 -12.49 -14.90 -21.40
N ARG A 8 -13.41 -14.09 -21.91
CA ARG A 8 -13.18 -12.66 -22.05
C ARG A 8 -13.86 -11.88 -20.91
N GLN A 9 -13.05 -11.18 -20.12
CA GLN A 9 -13.55 -10.46 -18.94
C GLN A 9 -14.60 -9.40 -19.29
N MET A 10 -15.59 -9.24 -18.41
CA MET A 10 -16.66 -8.25 -18.61
C MET A 10 -16.18 -6.82 -18.28
N LYS A 11 -16.22 -5.93 -19.27
CA LYS A 11 -15.77 -4.56 -19.09
C LYS A 11 -16.93 -3.65 -18.63
N HIS A 12 -16.92 -3.30 -17.34
CA HIS A 12 -17.99 -2.49 -16.75
C HIS A 12 -17.43 -1.52 -15.70
N SER A 13 -17.67 -0.22 -15.92
CA SER A 13 -17.22 0.83 -15.00
C SER A 13 -18.04 2.11 -15.20
N VAL A 14 -18.64 2.62 -14.12
CA VAL A 14 -19.50 3.82 -14.21
C VAL A 14 -19.49 4.62 -12.89
N SER A 15 -19.61 5.94 -12.99
CA SER A 15 -19.67 6.81 -11.82
C SER A 15 -20.59 8.02 -12.05
N THR A 16 -21.85 7.90 -11.64
CA THR A 16 -22.83 8.98 -11.80
C THR A 16 -23.51 9.33 -10.46
N LEU A 17 -24.23 10.45 -10.44
CA LEU A 17 -25.00 10.85 -9.26
C LEU A 17 -26.35 10.11 -9.21
N ASN A 18 -26.39 9.00 -8.48
CA ASN A 18 -27.59 8.19 -8.39
C ASN A 18 -28.13 8.13 -6.95
N GLN A 19 -27.52 7.28 -6.13
CA GLN A 19 -27.93 7.09 -4.73
C GLN A 19 -26.89 6.31 -3.94
N GLU A 20 -27.27 5.86 -2.74
CA GLU A 20 -26.44 4.96 -1.94
C GLU A 20 -26.25 3.60 -2.64
N MET A 21 -25.14 2.93 -2.35
CA MET A 21 -24.78 1.69 -3.04
C MET A 21 -25.59 0.49 -2.53
N THR A 22 -25.56 -0.59 -3.31
CA THR A 22 -26.27 -1.84 -2.97
C THR A 22 -25.44 -2.71 -2.01
N GLN A 23 -25.85 -3.98 -1.86
CA GLN A 23 -25.16 -4.91 -0.94
C GLN A 23 -23.71 -5.20 -1.36
N LEU A 24 -23.06 -6.10 -0.63
CA LEU A 24 -21.62 -6.37 -0.80
C LEU A 24 -21.24 -6.71 -2.26
N ASN A 25 -20.11 -6.18 -2.72
CA ASN A 25 -19.60 -6.46 -4.07
C ASN A 25 -18.17 -7.03 -4.00
N GLN A 26 -17.71 -7.60 -5.12
CA GLN A 26 -16.42 -8.31 -5.17
C GLN A 26 -15.25 -7.41 -4.70
N GLU A 27 -15.17 -6.21 -5.25
CA GLU A 27 -14.12 -5.24 -4.87
C GLU A 27 -14.18 -4.90 -3.37
N THR A 28 -15.40 -4.72 -2.86
CA THR A 28 -15.62 -4.41 -1.44
C THR A 28 -15.09 -5.55 -0.54
N VAL A 29 -15.12 -6.78 -1.06
CA VAL A 29 -14.53 -7.92 -0.34
C VAL A 29 -13.01 -7.76 -0.24
N LYS A 30 -12.37 -7.42 -1.37
CA LYS A 30 -10.93 -7.15 -1.39
C LYS A 30 -10.56 -5.99 -0.46
N ILE A 31 -11.42 -4.97 -0.41
CA ILE A 31 -11.27 -3.85 0.54
C ILE A 31 -11.21 -4.37 1.99
N THR A 32 -12.16 -5.23 2.33
CA THR A 32 -12.22 -5.85 3.66
C THR A 32 -10.96 -6.70 3.93
N GLN A 33 -10.52 -7.44 2.91
CA GLN A 33 -9.33 -8.27 3.00
C GLN A 33 -8.06 -7.42 3.20
N GLN A 34 -8.00 -6.27 2.53
CA GLN A 34 -6.88 -5.33 2.68
C GLN A 34 -6.74 -4.90 4.14
N ASN A 35 -7.81 -4.34 4.70
CA ASN A 35 -7.81 -3.86 6.09
C ASN A 35 -7.31 -4.95 7.08
N ARG A 36 -7.81 -6.17 6.93
CA ARG A 36 -7.47 -7.27 7.85
C ARG A 36 -5.98 -7.66 7.76
N LEU A 37 -5.48 -7.87 6.54
CA LEU A 37 -4.05 -8.19 6.35
C LEU A 37 -3.17 -7.02 6.82
N ASN A 38 -3.55 -5.81 6.44
CA ASN A 38 -2.80 -4.60 6.83
C ASN A 38 -2.89 -4.37 8.35
N ALA A 39 -3.98 -4.82 8.96
CA ALA A 39 -4.13 -4.76 10.43
C ALA A 39 -3.13 -5.69 11.13
N LYS A 40 -2.82 -6.82 10.49
CA LYS A 40 -1.80 -7.74 11.01
C LYS A 40 -0.38 -7.21 10.73
N SER A 41 -0.24 -6.33 9.74
CA SER A 41 1.06 -5.71 9.40
C SER A 41 1.61 -4.86 10.55
N SER A 42 2.83 -5.17 11.00
CA SER A 42 3.50 -4.38 12.04
C SER A 42 4.66 -3.56 11.47
N SER A 43 4.90 -3.67 10.16
CA SER A 43 5.99 -2.93 9.50
C SER A 43 5.63 -2.56 8.05
N GLY A 44 4.82 -1.52 7.89
CA GLY A 44 4.41 -1.07 6.57
C GLY A 44 2.93 -1.30 6.29
N VAL A 45 2.50 -1.17 5.03
CA VAL A 45 1.09 -1.34 4.67
C VAL A 45 0.88 -2.29 3.48
N TYR A 46 -0.27 -2.98 3.48
CA TYR A 46 -0.67 -3.85 2.37
C TYR A 46 -1.67 -3.15 1.43
N LEU A 47 -1.25 -2.85 0.21
CA LEU A 47 -2.14 -2.27 -0.79
C LEU A 47 -2.55 -3.32 -1.84
N LEU A 48 -3.79 -3.79 -1.76
CA LEU A 48 -4.30 -4.78 -2.72
C LEU A 48 -4.80 -4.10 -4.01
N PRO A 49 -4.33 -4.58 -5.19
CA PRO A 49 -4.73 -4.01 -6.50
C PRO A 49 -6.25 -4.02 -6.73
N GLY A 50 -6.93 -4.99 -6.12
CA GLY A 50 -8.39 -5.08 -6.24
C GLY A 50 -9.13 -4.32 -5.13
N ALA A 51 -8.40 -3.54 -4.35
CA ALA A 51 -8.99 -2.81 -3.23
C ALA A 51 -8.61 -1.31 -3.27
N LYS A 52 -9.39 -0.53 -4.01
CA LYS A 52 -9.15 0.92 -4.13
C LYS A 52 -9.37 1.63 -2.78
N THR A 53 -8.37 1.57 -1.91
CA THR A 53 -8.49 2.15 -0.56
C THR A 53 -7.22 2.89 -0.12
N PRO A 54 -7.38 3.91 0.74
CA PRO A 54 -6.27 4.62 1.37
C PRO A 54 -5.71 3.91 2.61
N ALA A 55 -4.40 3.68 2.65
CA ALA A 55 -3.75 3.04 3.79
C ALA A 55 -2.89 4.05 4.58
N ARG A 56 -3.05 4.03 5.90
CA ARG A 56 -2.32 4.95 6.78
C ARG A 56 -0.99 4.32 7.24
N LEU A 57 0.12 5.03 7.03
CA LEU A 57 1.44 4.52 7.38
C LEU A 57 2.28 5.57 8.13
N GLU A 58 2.70 5.23 9.35
CA GLU A 58 3.58 6.11 10.14
C GLU A 58 5.05 5.83 9.78
N SER A 59 5.69 6.79 9.11
CA SER A 59 7.05 6.59 8.59
C SER A 59 8.09 7.46 9.31
N GLN A 60 9.32 7.46 8.81
CA GLN A 60 10.40 8.27 9.36
C GLN A 60 10.24 9.76 8.99
N ILE A 61 9.52 10.05 7.90
CA ILE A 61 9.24 11.44 7.51
C ILE A 61 7.97 11.96 8.19
N GLY A 62 7.04 11.05 8.48
CA GLY A 62 5.80 11.44 9.13
C GLY A 62 4.65 10.47 8.85
N THR A 63 3.45 10.82 9.29
CA THR A 63 2.26 9.99 9.04
C THR A 63 1.69 10.28 7.64
N LEU A 64 1.76 9.31 6.75
CA LEU A 64 1.31 9.49 5.37
C LEU A 64 0.19 8.51 4.99
N ARG A 65 -0.39 8.72 3.81
CA ARG A 65 -1.52 7.92 3.33
C ARG A 65 -1.28 7.49 1.86
N MET A 66 -1.10 6.19 1.65
CA MET A 66 -0.80 5.66 0.31
C MET A 66 -2.00 4.91 -0.28
N SER A 67 -2.14 4.96 -1.61
CA SER A 67 -3.22 4.25 -2.31
C SER A 67 -2.86 3.94 -3.77
N LEU A 68 -3.51 2.94 -4.34
CA LEU A 68 -3.25 2.51 -5.73
C LEU A 68 -4.34 3.02 -6.69
N VAL A 69 -3.97 3.91 -7.60
CA VAL A 69 -4.91 4.41 -8.62
C VAL A 69 -4.33 4.28 -10.05
N ASN A 70 -5.21 4.34 -11.06
CA ASN A 70 -4.80 4.21 -12.47
C ASN A 70 -4.00 2.92 -12.74
N ILE A 71 -4.29 1.87 -11.97
CA ILE A 71 -3.61 0.57 -12.13
C ILE A 71 -3.80 0.00 -13.54
N THR A 72 -2.77 0.10 -14.37
CA THR A 72 -2.85 -0.34 -15.78
C THR A 72 -1.74 -1.35 -16.13
N PRO A 73 -2.02 -2.26 -17.08
CA PRO A 73 -1.03 -3.27 -17.53
C PRO A 73 0.09 -2.69 -18.40
N ASP A 74 1.34 -2.99 -18.04
CA ASP A 74 2.51 -2.55 -18.81
C ASP A 74 2.89 -3.61 -19.85
N ALA A 75 3.76 -3.24 -20.79
CA ALA A 75 4.24 -4.15 -21.83
C ALA A 75 4.93 -5.39 -21.23
N ASP A 76 5.60 -5.22 -20.10
CA ASP A 76 6.29 -6.31 -19.41
C ASP A 76 5.68 -6.64 -18.04
N GLY A 77 4.79 -5.79 -17.56
CA GLY A 77 4.19 -6.02 -16.24
C GLY A 77 2.96 -5.15 -15.95
N THR A 78 3.08 -4.25 -14.98
CA THR A 78 1.96 -3.40 -14.55
C THR A 78 2.42 -2.02 -14.10
N THR A 79 1.83 -0.96 -14.67
CA THR A 79 2.10 0.42 -14.26
C THR A 79 0.95 0.99 -13.41
N LEU A 80 1.20 1.28 -12.15
CA LEU A 80 0.16 1.85 -11.27
C LEU A 80 0.63 3.15 -10.59
N THR A 81 -0.30 4.05 -10.33
CA THR A 81 0.01 5.34 -9.72
C THR A 81 -0.09 5.29 -8.19
N LEU A 82 1.05 5.32 -7.52
CA LEU A 82 1.12 5.29 -6.05
C LEU A 82 1.01 6.71 -5.50
N ARG A 83 -0.11 7.05 -4.87
CA ARG A 83 -0.31 8.39 -4.28
C ARG A 83 0.08 8.40 -2.79
N ILE A 84 1.02 9.27 -2.42
CA ILE A 84 1.42 9.45 -1.03
C ILE A 84 0.88 10.79 -0.48
N GLN A 85 -0.31 10.76 0.11
CA GLN A 85 -0.89 11.97 0.73
C GLN A 85 -0.45 12.11 2.19
N GLY A 86 0.17 13.24 2.52
CA GLY A 86 0.63 13.47 3.88
C GLY A 86 -0.48 13.88 4.84
N GLU A 87 -0.55 13.23 6.00
CA GLU A 87 -1.53 13.60 7.03
C GLU A 87 -1.18 14.96 7.63
N SER A 88 0.11 15.17 7.90
CA SER A 88 0.64 16.49 8.25
C SER A 88 0.82 17.30 6.96
N ASN A 89 -0.01 18.32 6.76
CA ASN A 89 -0.07 19.05 5.48
C ASN A 89 1.13 19.97 5.24
N ASP A 90 2.09 20.00 6.18
CA ASP A 90 3.29 20.82 6.03
C ASP A 90 4.27 20.22 5.00
N PRO A 91 5.15 21.06 4.42
CA PRO A 91 6.12 20.62 3.39
C PRO A 91 6.99 19.43 3.83
N LEU A 92 6.82 18.28 3.17
CA LEU A 92 7.56 17.06 3.48
C LEU A 92 8.80 16.90 2.59
N PRO A 93 9.90 16.35 3.13
CA PRO A 93 11.13 16.12 2.36
C PRO A 93 11.02 14.91 1.41
N ALA A 94 12.00 14.76 0.52
CA ALA A 94 12.04 13.63 -0.42
C ALA A 94 12.35 12.32 0.33
N PHE A 95 11.81 11.21 -0.15
CA PHE A 95 11.96 9.93 0.56
C PHE A 95 12.07 8.73 -0.40
N SER A 96 12.60 7.63 0.13
CA SER A 96 12.75 6.39 -0.62
C SER A 96 12.36 5.19 0.26
N GLY A 97 11.69 4.20 -0.32
CA GLY A 97 11.28 3.03 0.43
C GLY A 97 11.24 1.76 -0.42
N THR A 98 11.05 0.62 0.23
CA THR A 98 10.99 -0.68 -0.46
C THR A 98 9.54 -1.17 -0.58
N VAL A 99 9.16 -1.65 -1.77
CA VAL A 99 7.82 -2.19 -1.99
C VAL A 99 7.86 -3.68 -2.37
N GLU A 100 7.16 -4.50 -1.57
CA GLU A 100 7.04 -5.94 -1.84
C GLU A 100 5.80 -6.21 -2.72
N TYR A 101 6.01 -6.52 -3.99
CA TYR A 101 4.88 -6.83 -4.89
C TYR A 101 4.94 -8.28 -5.38
N GLY A 102 3.92 -9.07 -5.03
CA GLY A 102 3.88 -10.47 -5.42
C GLY A 102 2.48 -11.08 -5.28
N GLN A 103 2.42 -12.37 -4.99
CA GLN A 103 1.13 -13.08 -4.89
C GLN A 103 0.93 -13.72 -3.50
N ILE A 104 -0.33 -13.96 -3.15
CA ILE A 104 -0.67 -14.61 -1.86
C ILE A 104 -1.50 -15.88 -2.08
N GLN A 105 -1.00 -17.00 -1.57
CA GLN A 105 -1.74 -18.27 -1.64
C GLN A 105 -2.34 -18.63 -0.26
N GLY A 106 -3.57 -18.18 -0.04
CA GLY A 106 -4.28 -18.52 1.18
C GLY A 106 -5.43 -17.59 1.51
N THR A 107 -5.74 -17.46 2.80
CA THR A 107 -6.83 -16.61 3.28
C THR A 107 -6.31 -15.54 4.25
N ILE A 108 -7.23 -14.81 4.89
CA ILE A 108 -6.86 -13.88 5.97
C ILE A 108 -6.23 -14.63 7.15
N ASP A 109 -6.73 -15.84 7.39
CA ASP A 109 -6.29 -16.65 8.53
C ASP A 109 -5.00 -17.43 8.21
N ASN A 110 -4.98 -18.13 7.08
CA ASN A 110 -3.83 -18.95 6.71
C ASN A 110 -3.36 -18.66 5.27
N PHE A 111 -2.24 -17.96 5.14
CA PHE A 111 -1.72 -17.57 3.83
C PHE A 111 -0.19 -17.69 3.74
N GLN A 112 0.33 -17.76 2.51
CA GLN A 112 1.77 -17.78 2.27
C GLN A 112 2.14 -16.82 1.14
N GLU A 113 3.20 -16.04 1.34
CA GLU A 113 3.67 -15.07 0.34
C GLU A 113 4.53 -15.77 -0.73
N ILE A 114 4.14 -15.64 -2.00
CA ILE A 114 4.87 -16.28 -3.10
C ILE A 114 5.08 -15.33 -4.29
N ASN A 115 6.13 -15.60 -5.08
CA ASN A 115 6.42 -14.81 -6.30
C ASN A 115 6.49 -13.30 -6.00
N VAL A 116 7.08 -12.96 -4.85
CA VAL A 116 7.17 -11.56 -4.42
C VAL A 116 8.53 -10.93 -4.77
N GLN A 117 8.48 -9.80 -5.46
CA GLN A 117 9.70 -9.04 -5.83
C GLN A 117 9.72 -7.68 -5.14
N ASN A 118 10.92 -7.13 -4.91
CA ASN A 118 11.06 -5.85 -4.23
C ASN A 118 11.57 -4.74 -5.17
N GLN A 119 10.93 -3.58 -5.12
CA GLN A 119 11.33 -2.41 -5.91
C GLN A 119 11.47 -1.17 -5.01
N LEU A 120 12.38 -0.25 -5.34
CA LEU A 120 12.55 0.96 -4.54
C LEU A 120 11.68 2.12 -5.05
N ILE A 121 10.79 2.60 -4.19
CA ILE A 121 9.93 3.74 -4.51
C ILE A 121 10.56 5.07 -4.02
N ASN A 122 11.20 5.79 -4.94
CA ASN A 122 11.83 7.08 -4.62
C ASN A 122 10.94 8.25 -5.08
N ALA A 123 10.44 9.03 -4.12
CA ALA A 123 9.54 10.15 -4.42
C ALA A 123 10.20 11.51 -4.14
N PRO A 124 9.86 12.56 -4.92
CA PRO A 124 10.44 13.91 -4.77
C PRO A 124 9.97 14.66 -3.51
N ALA A 125 10.69 15.72 -3.16
CA ALA A 125 10.37 16.52 -1.97
C ALA A 125 9.13 17.40 -2.18
N SER A 126 8.17 17.28 -1.27
CA SER A 126 6.95 18.10 -1.32
C SER A 126 7.14 19.38 -0.51
N VAL A 127 7.82 20.36 -1.11
CA VAL A 127 8.14 21.62 -0.43
C VAL A 127 6.93 22.58 -0.40
N LEU A 128 5.89 22.25 -1.15
CA LEU A 128 4.67 23.06 -1.21
C LEU A 128 3.52 22.43 -0.40
N ALA A 129 2.90 23.22 0.47
CA ALA A 129 1.74 22.76 1.26
C ALA A 129 0.42 23.10 0.55
N PRO A 130 -0.58 22.19 0.57
CA PRO A 130 -0.50 20.89 1.27
C PRO A 130 0.41 19.86 0.56
N SER A 131 1.04 19.00 1.35
CA SER A 131 2.00 18.02 0.84
C SER A 131 1.33 16.70 0.42
N ASP A 132 1.57 16.30 -0.83
CA ASP A 132 1.10 15.01 -1.35
C ASP A 132 1.82 14.68 -2.68
N VAL A 133 2.11 13.41 -2.88
CA VAL A 133 2.84 12.97 -4.07
C VAL A 133 2.07 11.86 -4.81
N ASP A 134 2.34 11.68 -6.10
CA ASP A 134 1.83 10.54 -6.86
C ASP A 134 2.84 10.11 -7.94
N ILE A 135 3.43 8.92 -7.75
CA ILE A 135 4.47 8.42 -8.65
C ILE A 135 4.04 7.13 -9.36
N PRO A 136 4.44 6.96 -10.64
CA PRO A 136 4.12 5.76 -11.42
C PRO A 136 5.08 4.60 -11.13
N LEU A 137 4.53 3.42 -10.86
CA LEU A 137 5.33 2.22 -10.59
C LEU A 137 5.21 1.19 -11.71
N GLN A 138 6.31 0.98 -12.43
CA GLN A 138 6.36 -0.04 -13.47
C GLN A 138 6.86 -1.37 -12.90
N LEU A 139 5.94 -2.20 -12.43
CA LEU A 139 6.29 -3.52 -11.91
C LEU A 139 6.44 -4.51 -13.07
N LYS A 140 7.66 -4.96 -13.32
CA LYS A 140 7.94 -5.80 -14.49
C LYS A 140 8.01 -7.28 -14.11
N GLY A 141 7.44 -8.14 -14.97
CA GLY A 141 7.39 -9.57 -14.71
C GLY A 141 6.06 -10.03 -14.11
N ILE A 142 5.20 -9.09 -13.75
CA ILE A 142 3.93 -9.42 -13.09
C ILE A 142 2.75 -8.64 -13.71
N SER A 143 1.72 -9.36 -14.17
CA SER A 143 0.55 -8.74 -14.80
C SER A 143 -0.50 -8.31 -13.76
N VAL A 144 -1.21 -7.22 -14.06
CA VAL A 144 -2.21 -6.62 -13.15
C VAL A 144 -3.18 -7.66 -12.55
N ASP A 145 -3.80 -8.48 -13.40
CA ASP A 145 -4.73 -9.52 -12.94
C ASP A 145 -4.04 -10.52 -11.99
N GLN A 146 -2.79 -10.85 -12.30
CA GLN A 146 -2.03 -11.83 -11.51
C GLN A 146 -1.29 -11.18 -10.33
N LEU A 147 -1.56 -9.89 -10.09
CA LEU A 147 -0.94 -9.18 -8.96
C LEU A 147 -1.70 -9.48 -7.64
N GLY A 148 -0.98 -9.92 -6.62
CA GLY A 148 -1.61 -10.26 -5.35
C GLY A 148 -1.63 -9.10 -4.36
N PHE A 149 -0.46 -8.57 -4.01
CA PHE A 149 -0.38 -7.48 -3.02
C PHE A 149 0.79 -6.52 -3.32
N VAL A 150 0.59 -5.25 -2.96
CA VAL A 150 1.64 -4.22 -3.02
C VAL A 150 1.96 -3.71 -1.61
N ARG A 151 3.03 -4.21 -1.01
CA ARG A 151 3.34 -3.94 0.40
C ARG A 151 4.45 -2.89 0.55
N ILE A 152 4.09 -1.74 1.10
CA ILE A 152 5.03 -0.61 1.25
C ILE A 152 5.78 -0.67 2.61
N HIS A 153 7.08 -0.34 2.60
CA HIS A 153 7.87 -0.23 3.84
C HIS A 153 9.21 0.49 3.62
N ASP A 154 9.99 0.65 4.69
CA ASP A 154 11.32 1.31 4.65
C ASP A 154 11.24 2.79 4.21
N ILE A 155 10.08 3.42 4.37
CA ILE A 155 9.90 4.83 3.97
C ILE A 155 10.81 5.77 4.80
N GLN A 156 11.99 6.07 4.26
CA GLN A 156 12.99 6.91 4.92
C GLN A 156 13.41 8.08 4.02
N PRO A 157 13.69 9.27 4.62
CA PRO A 157 14.02 10.49 3.84
C PRO A 157 15.40 10.43 3.17
N VAL A 158 15.51 11.05 1.99
CA VAL A 158 16.79 11.15 1.28
C VAL A 158 17.39 12.56 1.45
N MET A 159 18.72 12.66 1.50
CA MET A 159 19.37 13.94 1.76
C MET A 159 20.58 14.16 0.83
N GLN A 160 20.89 15.43 0.58
CA GLN A 160 22.08 15.79 -0.22
C GLN A 160 23.37 15.63 0.60
N LEU A 161 23.22 15.46 1.92
CA LEU A 161 24.36 15.20 2.80
C LEU A 161 24.79 13.74 2.72
N GLU A 162 26.06 13.47 2.91
CA GLU A 162 26.62 12.13 2.66
C GLU A 162 26.44 11.17 3.87
N HIS A 163 27.32 11.27 4.87
CA HIS A 163 27.30 10.32 5.99
C HIS A 163 27.31 11.04 7.36
N HIS A 164 26.55 10.48 8.31
CA HIS A 164 26.51 11.02 9.67
C HIS A 164 27.72 10.53 10.50
N HIS A 165 28.19 11.37 11.43
CA HIS A 165 29.35 11.02 12.27
C HIS A 165 28.91 10.46 13.63
N HIS A 166 29.89 10.09 14.46
CA HIS A 166 29.63 9.39 15.73
C HIS A 166 29.03 8.00 15.48
N HIS A 167 29.89 6.99 15.30
CA HIS A 167 29.44 5.63 15.00
C HIS A 167 30.49 4.58 15.42
N HIS A 168 31.13 4.79 16.58
CA HIS A 168 32.19 3.87 17.03
C HIS A 168 32.05 3.49 18.52
N MET A 1 -21.24 -48.43 13.94
CA MET A 1 -20.20 -47.50 14.46
C MET A 1 -19.64 -46.59 13.34
N VAL A 2 -20.46 -46.33 12.32
CA VAL A 2 -20.06 -45.47 11.20
C VAL A 2 -21.27 -45.10 10.33
N GLN A 3 -21.23 -43.93 9.69
CA GLN A 3 -22.30 -43.50 8.79
C GLN A 3 -21.75 -42.73 7.58
N GLN A 4 -22.46 -42.80 6.46
CA GLN A 4 -22.11 -42.06 5.24
C GLN A 4 -23.35 -41.40 4.64
N SER A 5 -23.51 -40.10 4.85
CA SER A 5 -24.67 -39.37 4.32
C SER A 5 -24.22 -38.33 3.29
N GLU A 6 -24.24 -38.72 2.01
CA GLU A 6 -23.81 -37.84 0.93
C GLU A 6 -25.00 -37.12 0.29
N VAL A 7 -25.29 -35.91 0.76
CA VAL A 7 -26.46 -35.16 0.29
C VAL A 7 -26.21 -34.49 -1.08
N ARG A 8 -27.18 -34.62 -1.97
CA ARG A 8 -27.10 -34.04 -3.32
C ARG A 8 -28.46 -33.42 -3.73
N GLN A 9 -28.50 -32.09 -3.84
CA GLN A 9 -29.73 -31.38 -4.20
C GLN A 9 -29.97 -31.38 -5.72
N MET A 10 -30.89 -32.24 -6.18
CA MET A 10 -31.14 -32.37 -7.63
C MET A 10 -32.57 -32.86 -7.91
N LYS A 11 -33.35 -32.05 -8.64
CA LYS A 11 -34.70 -32.43 -9.09
C LYS A 11 -34.98 -31.86 -10.49
N HIS A 12 -35.81 -32.57 -11.27
CA HIS A 12 -36.15 -32.13 -12.63
C HIS A 12 -37.42 -31.26 -12.65
N SER A 13 -38.12 -31.18 -11.52
CA SER A 13 -39.33 -30.35 -11.41
C SER A 13 -38.98 -28.90 -11.04
N VAL A 14 -39.22 -27.98 -11.98
CA VAL A 14 -38.94 -26.56 -11.77
C VAL A 14 -39.82 -25.94 -10.66
N SER A 15 -39.16 -25.44 -9.61
CA SER A 15 -39.86 -24.81 -8.48
C SER A 15 -39.16 -23.50 -8.08
N THR A 16 -39.91 -22.58 -7.47
CA THR A 16 -39.35 -21.26 -7.08
C THR A 16 -39.82 -20.83 -5.69
N LEU A 17 -38.91 -20.24 -4.92
CA LEU A 17 -39.25 -19.60 -3.64
C LEU A 17 -39.19 -18.08 -3.80
N ASN A 18 -39.77 -17.33 -2.86
CA ASN A 18 -39.75 -15.87 -2.93
C ASN A 18 -38.32 -15.35 -3.16
N GLN A 19 -38.16 -14.50 -4.17
CA GLN A 19 -36.83 -14.08 -4.67
C GLN A 19 -35.81 -13.81 -3.54
N GLU A 20 -34.59 -14.33 -3.76
CA GLU A 20 -33.52 -14.29 -2.76
C GLU A 20 -33.02 -12.87 -2.43
N MET A 21 -31.99 -12.80 -1.60
CA MET A 21 -31.41 -11.53 -1.15
C MET A 21 -30.19 -11.13 -1.99
N THR A 22 -29.48 -10.08 -1.56
CA THR A 22 -28.29 -9.60 -2.29
C THR A 22 -26.99 -10.19 -1.70
N GLN A 23 -26.07 -10.52 -2.58
CA GLN A 23 -24.76 -11.05 -2.16
C GLN A 23 -23.72 -9.91 -2.14
N LEU A 24 -23.00 -9.78 -1.02
CA LEU A 24 -22.02 -8.70 -0.83
C LEU A 24 -21.08 -8.56 -2.05
N ASN A 25 -20.83 -7.31 -2.44
CA ASN A 25 -20.02 -7.03 -3.63
C ASN A 25 -18.57 -7.51 -3.45
N GLN A 26 -18.02 -8.11 -4.51
CA GLN A 26 -16.66 -8.65 -4.47
C GLN A 26 -15.62 -7.56 -4.18
N GLU A 27 -15.92 -6.33 -4.62
CA GLU A 27 -15.09 -5.17 -4.29
C GLU A 27 -15.02 -4.98 -2.77
N THR A 28 -16.18 -4.91 -2.13
CA THR A 28 -16.26 -4.72 -0.67
C THR A 28 -15.48 -5.82 0.06
N VAL A 29 -15.55 -7.04 -0.46
CA VAL A 29 -14.78 -8.16 0.08
C VAL A 29 -13.26 -7.90 -0.05
N LYS A 30 -12.83 -7.47 -1.24
CA LYS A 30 -11.42 -7.17 -1.51
C LYS A 30 -10.91 -6.02 -0.61
N ILE A 31 -11.73 -4.98 -0.46
CA ILE A 31 -11.40 -3.85 0.43
C ILE A 31 -11.29 -4.30 1.89
N THR A 32 -12.30 -5.04 2.36
CA THR A 32 -12.28 -5.60 3.71
C THR A 32 -11.04 -6.47 3.93
N GLN A 33 -10.66 -7.22 2.90
CA GLN A 33 -9.45 -8.05 2.94
C GLN A 33 -8.19 -7.18 3.17
N GLN A 34 -8.13 -6.02 2.50
CA GLN A 34 -7.02 -5.09 2.67
C GLN A 34 -6.94 -4.56 4.12
N ASN A 35 -8.07 -4.05 4.63
CA ASN A 35 -8.14 -3.57 6.01
C ASN A 35 -7.67 -4.65 7.00
N ARG A 36 -8.10 -5.89 6.78
CA ARG A 36 -7.67 -7.03 7.59
C ARG A 36 -6.14 -7.18 7.59
N LEU A 37 -5.53 -7.09 6.41
CA LEU A 37 -4.07 -7.13 6.29
C LEU A 37 -3.42 -5.91 6.96
N ASN A 38 -4.12 -4.77 6.95
CA ASN A 38 -3.64 -3.57 7.65
C ASN A 38 -3.66 -3.77 9.17
N ALA A 39 -4.58 -4.58 9.66
CA ALA A 39 -4.63 -4.96 11.07
C ALA A 39 -3.49 -5.93 11.42
N LYS A 40 -3.23 -6.88 10.53
CA LYS A 40 -2.13 -7.85 10.70
C LYS A 40 -0.79 -7.27 10.20
N SER A 41 -0.81 -6.03 9.74
CA SER A 41 0.40 -5.34 9.27
C SER A 41 1.40 -5.08 10.42
N SER A 42 2.60 -5.63 10.28
CA SER A 42 3.68 -5.38 11.26
C SER A 42 4.96 -4.87 10.59
N SER A 43 5.02 -4.99 9.26
CA SER A 43 6.23 -4.63 8.48
C SER A 43 5.92 -3.70 7.30
N GLY A 44 4.84 -2.94 7.41
CA GLY A 44 4.45 -2.02 6.33
C GLY A 44 3.06 -2.29 5.80
N VAL A 45 2.47 -1.32 5.10
CA VAL A 45 1.07 -1.40 4.69
C VAL A 45 0.85 -2.35 3.50
N TYR A 46 -0.18 -3.18 3.60
CA TYR A 46 -0.57 -4.09 2.53
C TYR A 46 -1.62 -3.45 1.62
N LEU A 47 -1.23 -3.10 0.40
CA LEU A 47 -2.17 -2.56 -0.60
C LEU A 47 -2.56 -3.64 -1.60
N LEU A 48 -3.87 -3.78 -1.86
CA LEU A 48 -4.38 -4.81 -2.75
C LEU A 48 -5.07 -4.22 -4.00
N PRO A 49 -4.59 -4.54 -5.22
CA PRO A 49 -5.24 -4.12 -6.46
C PRO A 49 -6.72 -4.57 -6.52
N GLY A 50 -7.59 -3.69 -7.00
CA GLY A 50 -9.03 -3.95 -6.93
C GLY A 50 -9.67 -3.23 -5.75
N ALA A 51 -8.94 -3.17 -4.63
CA ALA A 51 -9.37 -2.38 -3.47
C ALA A 51 -8.81 -0.95 -3.57
N LYS A 52 -9.60 -0.05 -4.13
CA LYS A 52 -9.14 1.31 -4.43
C LYS A 52 -9.14 2.22 -3.18
N THR A 53 -8.98 1.60 -2.00
CA THR A 53 -8.96 2.34 -0.73
C THR A 53 -7.52 2.60 -0.25
N PRO A 54 -7.30 3.78 0.35
CA PRO A 54 -5.98 4.16 0.91
C PRO A 54 -5.64 3.44 2.22
N ALA A 55 -4.36 3.47 2.58
CA ALA A 55 -3.88 2.86 3.83
C ALA A 55 -2.93 3.82 4.58
N ARG A 56 -3.05 3.85 5.91
CA ARG A 56 -2.23 4.72 6.75
C ARG A 56 -0.89 4.06 7.13
N LEU A 57 0.21 4.73 6.81
CA LEU A 57 1.55 4.23 7.11
C LEU A 57 2.37 5.26 7.91
N GLU A 58 2.85 4.85 9.08
CA GLU A 58 3.71 5.73 9.90
C GLU A 58 5.17 5.61 9.46
N SER A 59 5.60 6.54 8.60
CA SER A 59 6.96 6.49 8.04
C SER A 59 7.98 7.16 8.95
N GLN A 60 9.22 7.26 8.48
CA GLN A 60 10.29 7.94 9.20
C GLN A 60 10.25 9.46 8.97
N ILE A 61 9.35 9.93 8.09
CA ILE A 61 9.15 11.36 7.86
C ILE A 61 7.85 11.86 8.48
N GLY A 62 6.86 10.95 8.59
CA GLY A 62 5.58 11.30 9.19
C GLY A 62 4.45 10.34 8.81
N THR A 63 3.28 10.53 9.39
CA THR A 63 2.10 9.71 9.07
C THR A 63 1.55 10.05 7.67
N LEU A 64 1.68 9.12 6.73
CA LEU A 64 1.23 9.36 5.35
C LEU A 64 0.18 8.33 4.91
N ARG A 65 -0.62 8.71 3.92
CA ARG A 65 -1.74 7.89 3.43
C ARG A 65 -1.53 7.53 1.94
N MET A 66 -1.18 6.27 1.67
CA MET A 66 -0.90 5.82 0.29
C MET A 66 -2.06 4.99 -0.29
N SER A 67 -2.14 4.94 -1.62
CA SER A 67 -3.18 4.15 -2.30
C SER A 67 -2.77 3.82 -3.74
N LEU A 68 -3.42 2.80 -4.32
CA LEU A 68 -3.12 2.35 -5.69
C LEU A 68 -4.21 2.79 -6.68
N VAL A 69 -3.87 3.69 -7.61
CA VAL A 69 -4.82 4.13 -8.64
C VAL A 69 -4.17 4.05 -10.04
N ASN A 70 -4.99 4.15 -11.08
CA ASN A 70 -4.51 4.06 -12.48
C ASN A 70 -3.86 2.70 -12.76
N ILE A 71 -4.29 1.66 -12.05
CA ILE A 71 -3.70 0.33 -12.17
C ILE A 71 -3.92 -0.25 -13.58
N THR A 72 -2.92 -0.10 -14.45
CA THR A 72 -3.01 -0.55 -15.84
C THR A 72 -1.79 -1.37 -16.27
N PRO A 73 -1.96 -2.32 -17.22
CA PRO A 73 -0.88 -3.22 -17.66
C PRO A 73 0.28 -2.50 -18.36
N ASP A 74 1.45 -3.13 -18.36
CA ASP A 74 2.66 -2.56 -18.95
C ASP A 74 3.38 -3.60 -19.82
N ALA A 75 4.37 -3.15 -20.60
CA ALA A 75 5.18 -4.04 -21.43
C ALA A 75 5.89 -5.12 -20.60
N ASP A 76 6.60 -4.69 -19.55
CA ASP A 76 7.31 -5.63 -18.67
C ASP A 76 6.38 -6.25 -17.61
N GLY A 77 5.36 -5.51 -17.18
CA GLY A 77 4.43 -6.04 -16.20
C GLY A 77 3.18 -5.20 -16.02
N THR A 78 3.16 -4.37 -14.98
CA THR A 78 2.00 -3.54 -14.65
C THR A 78 2.41 -2.20 -14.02
N THR A 79 1.82 -1.11 -14.49
CA THR A 79 2.10 0.23 -13.96
C THR A 79 0.90 0.80 -13.18
N LEU A 80 1.15 1.23 -11.96
CA LEU A 80 0.10 1.86 -11.14
C LEU A 80 0.63 3.13 -10.46
N THR A 81 -0.25 4.13 -10.32
CA THR A 81 0.12 5.40 -9.71
C THR A 81 0.02 5.34 -8.17
N LEU A 82 1.17 5.19 -7.51
CA LEU A 82 1.23 5.17 -6.05
C LEU A 82 1.17 6.60 -5.50
N ARG A 83 0.05 6.97 -4.91
CA ARG A 83 -0.14 8.33 -4.40
C ARG A 83 0.19 8.43 -2.91
N ILE A 84 1.26 9.16 -2.59
CA ILE A 84 1.65 9.40 -1.20
C ILE A 84 0.94 10.65 -0.67
N GLN A 85 -0.26 10.47 -0.13
CA GLN A 85 -1.05 11.59 0.39
C GLN A 85 -0.81 11.78 1.90
N GLY A 86 0.11 12.67 2.24
CA GLY A 86 0.46 12.90 3.64
C GLY A 86 -0.69 13.43 4.48
N GLU A 87 -0.91 12.81 5.64
CA GLU A 87 -1.96 13.25 6.57
C GLU A 87 -1.50 14.45 7.41
N SER A 88 -0.22 14.80 7.28
CA SER A 88 0.34 15.98 7.94
C SER A 88 0.24 17.22 7.03
N ASN A 89 0.06 18.39 7.63
CA ASN A 89 0.04 19.65 6.86
C ASN A 89 1.48 20.09 6.53
N ASP A 90 2.43 19.65 7.34
CA ASP A 90 3.85 20.00 7.14
C ASP A 90 4.41 19.41 5.84
N PRO A 91 5.16 20.21 5.05
CA PRO A 91 5.78 19.75 3.80
C PRO A 91 6.92 18.74 4.04
N LEU A 92 6.63 17.46 3.81
CA LEU A 92 7.60 16.38 4.07
C LEU A 92 8.78 16.41 3.08
N PRO A 93 10.00 16.10 3.55
CA PRO A 93 11.22 16.09 2.71
C PRO A 93 11.25 14.92 1.71
N ALA A 94 12.29 14.88 0.87
CA ALA A 94 12.46 13.80 -0.11
C ALA A 94 12.65 12.44 0.58
N PHE A 95 11.97 11.41 0.10
CA PHE A 95 11.98 10.10 0.75
C PHE A 95 12.01 8.94 -0.26
N SER A 96 12.55 7.80 0.19
CA SER A 96 12.55 6.57 -0.60
C SER A 96 12.05 5.40 0.24
N GLY A 97 11.99 4.20 -0.35
CA GLY A 97 11.58 3.02 0.38
C GLY A 97 11.58 1.76 -0.46
N THR A 98 11.30 0.62 0.18
CA THR A 98 11.27 -0.68 -0.52
C THR A 98 9.84 -1.23 -0.57
N VAL A 99 9.40 -1.67 -1.75
CA VAL A 99 8.03 -2.19 -1.91
C VAL A 99 8.04 -3.66 -2.37
N GLU A 100 7.19 -4.46 -1.72
CA GLU A 100 7.07 -5.90 -2.02
C GLU A 100 5.85 -6.15 -2.92
N TYR A 101 6.06 -6.44 -4.20
CA TYR A 101 4.94 -6.73 -5.10
C TYR A 101 4.99 -8.17 -5.64
N GLY A 102 3.93 -8.92 -5.39
CA GLY A 102 3.85 -10.31 -5.82
C GLY A 102 2.45 -10.92 -5.66
N GLN A 103 2.40 -12.21 -5.32
CA GLN A 103 1.12 -12.92 -5.19
C GLN A 103 1.00 -13.63 -3.83
N ILE A 104 -0.23 -13.92 -3.42
CA ILE A 104 -0.50 -14.61 -2.14
C ILE A 104 -1.21 -15.94 -2.36
N GLN A 105 -0.56 -17.04 -1.98
CA GLN A 105 -1.17 -18.38 -2.11
C GLN A 105 -1.91 -18.78 -0.82
N GLY A 106 -2.64 -17.83 -0.23
CA GLY A 106 -3.32 -18.09 1.03
C GLY A 106 -4.43 -17.07 1.34
N THR A 107 -4.79 -16.98 2.63
CA THR A 107 -5.89 -16.10 3.07
C THR A 107 -5.43 -15.15 4.17
N ILE A 108 -6.38 -14.37 4.72
CA ILE A 108 -6.10 -13.50 5.87
C ILE A 108 -5.56 -14.30 7.07
N ASP A 109 -6.09 -15.49 7.27
CA ASP A 109 -5.64 -16.38 8.34
C ASP A 109 -4.22 -16.90 8.07
N ASN A 110 -3.96 -17.29 6.82
CA ASN A 110 -2.64 -17.80 6.42
C ASN A 110 -2.22 -17.27 5.03
N PHE A 111 -1.58 -16.09 5.02
CA PHE A 111 -1.08 -15.52 3.76
C PHE A 111 0.41 -15.82 3.58
N GLN A 112 0.76 -16.33 2.39
CA GLN A 112 2.15 -16.68 2.06
C GLN A 112 2.62 -15.95 0.80
N GLU A 113 3.67 -15.16 0.93
CA GLU A 113 4.18 -14.33 -0.17
C GLU A 113 4.97 -15.17 -1.20
N ILE A 114 4.48 -15.20 -2.44
CA ILE A 114 5.17 -15.90 -3.54
C ILE A 114 5.30 -15.00 -4.77
N ASN A 115 6.29 -15.27 -5.62
CA ASN A 115 6.52 -14.48 -6.85
C ASN A 115 6.65 -12.98 -6.54
N VAL A 116 7.20 -12.69 -5.37
CA VAL A 116 7.31 -11.30 -4.89
C VAL A 116 8.68 -10.68 -5.23
N GLN A 117 8.65 -9.62 -6.03
CA GLN A 117 9.87 -8.86 -6.35
C GLN A 117 9.92 -7.57 -5.54
N ASN A 118 11.13 -7.15 -5.16
CA ASN A 118 11.30 -5.94 -4.34
C ASN A 118 11.79 -4.75 -5.19
N GLN A 119 10.99 -3.69 -5.27
CA GLN A 119 11.35 -2.49 -6.04
C GLN A 119 11.64 -1.31 -5.10
N LEU A 120 12.56 -0.44 -5.51
CA LEU A 120 12.94 0.73 -4.69
C LEU A 120 12.24 2.00 -5.19
N ILE A 121 11.37 2.57 -4.35
CA ILE A 121 10.62 3.78 -4.71
C ILE A 121 11.31 5.05 -4.20
N ASN A 122 11.75 5.91 -5.14
CA ASN A 122 12.31 7.22 -4.80
C ASN A 122 11.34 8.34 -5.22
N ALA A 123 10.72 9.00 -4.24
CA ALA A 123 9.71 10.02 -4.51
C ALA A 123 10.26 11.45 -4.35
N PRO A 124 9.75 12.41 -5.16
CA PRO A 124 10.14 13.83 -5.05
C PRO A 124 9.76 14.47 -3.70
N ALA A 125 10.54 15.47 -3.28
CA ALA A 125 10.30 16.16 -2.01
C ALA A 125 9.00 16.97 -2.01
N SER A 126 8.26 16.94 -0.91
CA SER A 126 7.04 17.76 -0.79
C SER A 126 7.39 19.18 -0.36
N VAL A 127 7.88 19.99 -1.30
CA VAL A 127 8.26 21.38 -1.00
C VAL A 127 7.03 22.25 -0.68
N LEU A 128 5.86 21.80 -1.11
CA LEU A 128 4.60 22.52 -0.87
C LEU A 128 3.77 21.82 0.21
N ALA A 129 2.95 22.59 0.92
CA ALA A 129 2.11 22.05 2.00
C ALA A 129 0.61 22.17 1.67
N PRO A 130 -0.21 21.15 1.99
CA PRO A 130 0.25 19.91 2.66
C PRO A 130 0.98 18.94 1.72
N SER A 131 1.53 17.86 2.29
CA SER A 131 2.26 16.85 1.52
C SER A 131 1.32 15.95 0.68
N ASP A 132 1.37 16.10 -0.64
CA ASP A 132 0.65 15.21 -1.56
C ASP A 132 1.49 14.91 -2.82
N VAL A 133 1.88 13.65 -2.99
CA VAL A 133 2.70 13.23 -4.15
C VAL A 133 2.12 11.96 -4.80
N ASP A 134 2.41 11.74 -6.08
CA ASP A 134 1.99 10.53 -6.78
C ASP A 134 3.05 10.07 -7.80
N ILE A 135 3.54 8.83 -7.62
CA ILE A 135 4.62 8.27 -8.47
C ILE A 135 4.17 7.00 -9.21
N PRO A 136 4.54 6.86 -10.50
CA PRO A 136 4.22 5.67 -11.30
C PRO A 136 5.14 4.47 -10.99
N LEU A 137 4.55 3.35 -10.61
CA LEU A 137 5.31 2.13 -10.31
C LEU A 137 5.26 1.14 -11.48
N GLN A 138 6.37 1.02 -12.20
CA GLN A 138 6.51 0.01 -13.25
C GLN A 138 6.94 -1.33 -12.65
N LEU A 139 5.96 -2.13 -12.25
CA LEU A 139 6.23 -3.45 -11.69
C LEU A 139 6.47 -4.47 -12.80
N LYS A 140 7.66 -5.03 -12.86
CA LYS A 140 8.06 -5.90 -13.97
C LYS A 140 7.93 -7.39 -13.62
N GLY A 141 7.49 -8.20 -14.58
CA GLY A 141 7.34 -9.63 -14.36
C GLY A 141 6.11 -9.98 -13.52
N ILE A 142 5.02 -9.26 -13.72
CA ILE A 142 3.78 -9.48 -12.98
C ILE A 142 2.56 -8.85 -13.71
N SER A 143 1.52 -9.66 -13.94
CA SER A 143 0.33 -9.21 -14.68
C SER A 143 -0.69 -8.49 -13.77
N VAL A 144 -1.37 -7.49 -14.33
CA VAL A 144 -2.32 -6.66 -13.56
C VAL A 144 -3.43 -7.48 -12.89
N ASP A 145 -3.98 -8.46 -13.60
CA ASP A 145 -5.02 -9.33 -13.05
C ASP A 145 -4.44 -10.32 -12.04
N GLN A 146 -3.18 -10.70 -12.23
CA GLN A 146 -2.53 -11.68 -11.36
C GLN A 146 -1.80 -11.01 -10.19
N LEU A 147 -1.79 -9.68 -10.17
CA LEU A 147 -1.17 -8.92 -9.08
C LEU A 147 -1.87 -9.24 -7.74
N GLY A 148 -1.11 -9.80 -6.80
CA GLY A 148 -1.67 -10.19 -5.51
C GLY A 148 -1.63 -9.08 -4.47
N PHE A 149 -0.42 -8.64 -4.11
CA PHE A 149 -0.26 -7.65 -3.03
C PHE A 149 0.87 -6.64 -3.32
N VAL A 150 0.77 -5.47 -2.71
CA VAL A 150 1.82 -4.44 -2.76
C VAL A 150 2.12 -3.92 -1.34
N ARG A 151 3.24 -4.35 -0.76
CA ARG A 151 3.62 -3.95 0.61
C ARG A 151 4.58 -2.77 0.63
N ILE A 152 4.14 -1.65 1.17
CA ILE A 152 4.96 -0.44 1.26
C ILE A 152 5.66 -0.38 2.63
N HIS A 153 7.00 -0.31 2.61
CA HIS A 153 7.78 -0.28 3.86
C HIS A 153 9.16 0.42 3.68
N ASP A 154 9.86 0.61 4.79
CA ASP A 154 11.21 1.21 4.80
C ASP A 154 11.21 2.67 4.30
N ILE A 155 10.07 3.35 4.39
CA ILE A 155 9.95 4.73 3.94
C ILE A 155 10.85 5.68 4.78
N GLN A 156 11.92 6.18 4.14
CA GLN A 156 12.96 6.94 4.83
C GLN A 156 13.33 8.22 4.06
N PRO A 157 13.71 9.30 4.77
CA PRO A 157 14.16 10.55 4.12
C PRO A 157 15.57 10.41 3.50
N VAL A 158 15.67 10.70 2.20
CA VAL A 158 16.95 10.55 1.47
C VAL A 158 17.90 11.73 1.70
N MET A 159 17.53 12.60 2.63
CA MET A 159 18.31 13.80 2.91
C MET A 159 19.51 13.49 3.82
N GLN A 160 20.73 13.53 3.25
CA GLN A 160 21.94 13.27 4.04
C GLN A 160 22.47 14.57 4.68
N LEU A 161 21.68 15.64 4.58
CA LEU A 161 22.09 16.95 5.12
C LEU A 161 21.48 17.22 6.51
N GLU A 162 20.87 16.20 7.12
CA GLU A 162 20.22 16.35 8.43
C GLU A 162 21.22 16.29 9.59
N HIS A 163 20.84 16.88 10.72
CA HIS A 163 21.69 16.93 11.92
C HIS A 163 20.96 16.37 13.16
N HIS A 164 20.16 15.32 12.95
CA HIS A 164 19.36 14.72 14.03
C HIS A 164 20.24 14.21 15.20
N HIS A 165 21.30 13.47 14.87
CA HIS A 165 22.26 13.01 15.88
C HIS A 165 22.97 14.19 16.57
N HIS A 166 22.98 14.21 17.90
CA HIS A 166 23.56 15.34 18.65
C HIS A 166 24.99 15.05 19.15
N HIS A 167 25.98 15.53 18.39
CA HIS A 167 27.39 15.42 18.76
C HIS A 167 28.23 16.47 18.03
N HIS A 168 28.19 17.69 18.54
CA HIS A 168 28.94 18.81 17.96
C HIS A 168 29.71 19.57 19.06
N MET A 1 6.31 -2.24 55.68
CA MET A 1 7.08 -2.48 54.44
C MET A 1 6.30 -3.40 53.46
N VAL A 2 5.53 -2.79 52.57
CA VAL A 2 4.79 -3.53 51.54
C VAL A 2 5.49 -3.47 50.18
N GLN A 3 5.19 -4.45 49.32
CA GLN A 3 5.75 -4.49 47.97
C GLN A 3 4.67 -4.25 46.92
N GLN A 4 5.05 -3.70 45.77
CA GLN A 4 4.13 -3.51 44.65
C GLN A 4 3.63 -4.87 44.12
N SER A 5 2.48 -5.31 44.63
CA SER A 5 1.95 -6.64 44.31
C SER A 5 1.04 -6.63 43.08
N GLU A 6 1.27 -7.56 42.16
CA GLU A 6 0.42 -7.73 40.98
C GLU A 6 -0.61 -8.85 41.18
N VAL A 7 -1.38 -9.16 40.14
CA VAL A 7 -2.42 -10.18 40.22
C VAL A 7 -2.32 -11.18 39.06
N ARG A 8 -2.83 -12.38 39.27
CA ARG A 8 -2.89 -13.41 38.22
C ARG A 8 -4.18 -13.26 37.40
N GLN A 9 -4.12 -13.63 36.11
CA GLN A 9 -5.26 -13.47 35.22
C GLN A 9 -6.34 -14.52 35.52
N MET A 10 -7.23 -14.19 36.46
CA MET A 10 -8.34 -15.05 36.83
C MET A 10 -9.42 -15.06 35.73
N LYS A 11 -10.10 -16.19 35.56
CA LYS A 11 -11.02 -16.39 34.44
C LYS A 11 -12.43 -15.89 34.78
N HIS A 12 -12.65 -14.59 34.61
CA HIS A 12 -13.98 -13.99 34.86
C HIS A 12 -14.28 -12.87 33.85
N SER A 13 -15.32 -13.07 33.03
CA SER A 13 -15.75 -12.07 32.04
C SER A 13 -16.96 -12.58 31.24
N VAL A 14 -17.33 -11.84 30.19
CA VAL A 14 -18.44 -12.23 29.32
C VAL A 14 -17.99 -12.36 27.86
N SER A 15 -17.87 -13.60 27.39
CA SER A 15 -17.41 -13.86 26.00
C SER A 15 -18.51 -13.54 24.98
N THR A 16 -18.42 -12.37 24.36
CA THR A 16 -19.38 -11.94 23.33
C THR A 16 -18.82 -12.19 21.91
N LEU A 17 -19.59 -12.89 21.08
CA LEU A 17 -19.15 -13.25 19.72
C LEU A 17 -19.89 -12.43 18.65
N ASN A 18 -19.17 -12.05 17.59
CA ASN A 18 -19.77 -11.32 16.47
C ASN A 18 -20.81 -12.17 15.72
N GLN A 19 -21.87 -11.51 15.25
CA GLN A 19 -22.99 -12.21 14.59
C GLN A 19 -22.86 -12.24 13.06
N GLU A 20 -23.87 -12.81 12.41
CA GLU A 20 -23.93 -12.90 10.95
C GLU A 20 -24.18 -11.53 10.30
N MET A 21 -23.30 -11.13 9.39
CA MET A 21 -23.46 -9.89 8.61
C MET A 21 -24.35 -10.13 7.37
N THR A 22 -24.96 -9.07 6.86
CA THR A 22 -25.82 -9.17 5.66
C THR A 22 -25.00 -9.32 4.37
N GLN A 23 -25.67 -9.16 3.22
CA GLN A 23 -25.03 -9.32 1.90
C GLN A 23 -23.74 -8.49 1.76
N LEU A 24 -22.74 -9.06 1.09
CA LEU A 24 -21.44 -8.40 0.95
C LEU A 24 -21.00 -8.29 -0.53
N ASN A 25 -20.31 -7.21 -0.86
CA ASN A 25 -19.80 -7.00 -2.23
C ASN A 25 -18.38 -7.54 -2.40
N GLN A 26 -18.05 -8.03 -3.60
CA GLN A 26 -16.71 -8.58 -3.88
C GLN A 26 -15.61 -7.54 -3.66
N GLU A 27 -15.88 -6.30 -4.07
CA GLU A 27 -14.97 -5.19 -3.79
C GLU A 27 -14.76 -5.04 -2.27
N THR A 28 -15.87 -5.03 -1.53
CA THR A 28 -15.82 -4.92 -0.06
C THR A 28 -15.07 -6.10 0.57
N VAL A 29 -15.17 -7.27 -0.05
CA VAL A 29 -14.40 -8.46 0.36
C VAL A 29 -12.89 -8.18 0.27
N LYS A 30 -12.44 -7.76 -0.89
CA LYS A 30 -11.03 -7.47 -1.14
C LYS A 30 -10.54 -6.28 -0.30
N ILE A 31 -11.41 -5.30 -0.07
CA ILE A 31 -11.10 -4.17 0.81
C ILE A 31 -10.91 -4.64 2.27
N THR A 32 -11.83 -5.47 2.74
CA THR A 32 -11.75 -6.01 4.12
C THR A 32 -10.51 -6.90 4.29
N GLN A 33 -10.19 -7.69 3.26
CA GLN A 33 -8.96 -8.49 3.25
C GLN A 33 -7.74 -7.57 3.34
N GLN A 34 -7.75 -6.49 2.55
CA GLN A 34 -6.69 -5.47 2.60
C GLN A 34 -6.51 -4.96 4.04
N ASN A 35 -7.59 -4.45 4.63
CA ASN A 35 -7.57 -3.92 6.00
C ASN A 35 -7.03 -4.94 7.03
N ARG A 36 -7.51 -6.17 6.96
CA ARG A 36 -7.09 -7.22 7.90
C ARG A 36 -5.59 -7.54 7.77
N LEU A 37 -5.11 -7.76 6.54
CA LEU A 37 -3.69 -8.04 6.30
C LEU A 37 -2.83 -6.82 6.65
N ASN A 38 -3.35 -5.64 6.36
CA ASN A 38 -2.70 -4.37 6.71
C ASN A 38 -2.50 -4.29 8.23
N ALA A 39 -3.54 -4.66 8.99
CA ALA A 39 -3.48 -4.67 10.45
C ALA A 39 -2.43 -5.69 10.97
N LYS A 40 -2.40 -6.88 10.38
CA LYS A 40 -1.43 -7.92 10.77
C LYS A 40 0.01 -7.54 10.37
N SER A 41 0.14 -6.66 9.38
CA SER A 41 1.45 -6.19 8.93
C SER A 41 2.20 -5.42 10.03
N SER A 42 3.33 -5.96 10.47
CA SER A 42 4.17 -5.31 11.49
C SER A 42 4.74 -4.00 10.97
N SER A 43 5.31 -4.03 9.77
CA SER A 43 5.93 -2.85 9.16
C SER A 43 5.41 -2.63 7.73
N GLY A 44 4.75 -1.49 7.51
CA GLY A 44 4.23 -1.17 6.18
C GLY A 44 2.74 -1.46 6.02
N VAL A 45 2.16 -0.99 4.92
CA VAL A 45 0.73 -1.19 4.62
C VAL A 45 0.53 -2.10 3.40
N TYR A 46 -0.62 -2.77 3.35
CA TYR A 46 -0.98 -3.62 2.23
C TYR A 46 -1.99 -2.94 1.30
N LEU A 47 -1.66 -2.87 0.01
CA LEU A 47 -2.57 -2.33 -1.00
C LEU A 47 -2.92 -3.40 -2.05
N LEU A 48 -4.18 -3.83 -2.07
CA LEU A 48 -4.64 -4.85 -3.02
C LEU A 48 -5.19 -4.20 -4.30
N PRO A 49 -4.83 -4.73 -5.49
CA PRO A 49 -5.25 -4.16 -6.78
C PRO A 49 -6.79 -4.09 -6.93
N GLY A 50 -7.49 -5.05 -6.32
CA GLY A 50 -8.96 -5.06 -6.37
C GLY A 50 -9.60 -4.31 -5.21
N ALA A 51 -8.82 -3.49 -4.52
CA ALA A 51 -9.32 -2.72 -3.36
C ALA A 51 -8.87 -1.26 -3.43
N LYS A 52 -9.62 -0.43 -4.17
CA LYS A 52 -9.30 0.99 -4.30
C LYS A 52 -9.56 1.74 -2.98
N THR A 53 -8.59 1.67 -2.07
CA THR A 53 -8.70 2.31 -0.75
C THR A 53 -7.40 3.00 -0.34
N PRO A 54 -7.51 4.06 0.48
CA PRO A 54 -6.35 4.71 1.11
C PRO A 54 -5.84 3.97 2.36
N ALA A 55 -4.54 3.77 2.44
CA ALA A 55 -3.93 3.12 3.60
C ALA A 55 -3.09 4.13 4.41
N ARG A 56 -3.31 4.17 5.71
CA ARG A 56 -2.55 5.07 6.60
C ARG A 56 -1.25 4.39 7.05
N LEU A 57 -0.12 4.86 6.54
CA LEU A 57 1.17 4.22 6.78
C LEU A 57 2.01 4.95 7.84
N GLU A 58 2.52 4.18 8.80
CA GLU A 58 3.46 4.69 9.81
C GLU A 58 4.90 4.65 9.24
N SER A 59 5.43 5.84 8.91
CA SER A 59 6.75 5.93 8.26
C SER A 59 7.79 6.53 9.20
N GLN A 60 9.01 6.68 8.68
CA GLN A 60 10.11 7.30 9.44
C GLN A 60 10.13 8.83 9.28
N ILE A 61 9.22 9.36 8.45
CA ILE A 61 9.08 10.81 8.30
C ILE A 61 7.83 11.33 9.04
N GLY A 62 6.84 10.44 9.23
CA GLY A 62 5.63 10.79 9.95
C GLY A 62 4.41 9.98 9.52
N THR A 63 3.22 10.47 9.85
CA THR A 63 1.97 9.81 9.48
C THR A 63 1.49 10.26 8.09
N LEU A 64 1.40 9.32 7.15
CA LEU A 64 0.99 9.65 5.77
C LEU A 64 -0.03 8.65 5.20
N ARG A 65 -0.60 9.01 4.05
CA ARG A 65 -1.60 8.18 3.37
C ARG A 65 -1.10 7.75 1.98
N MET A 66 -1.31 6.48 1.63
CA MET A 66 -0.91 5.96 0.31
C MET A 66 -2.07 5.19 -0.36
N SER A 67 -2.01 5.08 -1.70
CA SER A 67 -3.03 4.34 -2.45
C SER A 67 -2.58 4.03 -3.88
N LEU A 68 -3.28 3.11 -4.54
CA LEU A 68 -2.94 2.68 -5.91
C LEU A 68 -3.97 3.18 -6.93
N VAL A 69 -3.53 4.01 -7.87
CA VAL A 69 -4.40 4.49 -8.95
C VAL A 69 -3.76 4.27 -10.33
N ASN A 70 -4.58 4.33 -11.38
CA ASN A 70 -4.13 4.13 -12.77
C ASN A 70 -3.47 2.76 -12.99
N ILE A 71 -3.90 1.76 -12.22
CA ILE A 71 -3.38 0.39 -12.34
C ILE A 71 -3.68 -0.19 -13.73
N THR A 72 -2.65 -0.28 -14.56
CA THR A 72 -2.80 -0.75 -15.95
C THR A 72 -1.67 -1.70 -16.37
N PRO A 73 -1.96 -2.63 -17.31
CA PRO A 73 -0.97 -3.62 -17.78
C PRO A 73 0.19 -2.99 -18.57
N ASP A 74 1.29 -3.75 -18.71
CA ASP A 74 2.49 -3.25 -19.39
C ASP A 74 3.23 -4.39 -20.13
N ALA A 75 4.04 -4.02 -21.12
CA ALA A 75 4.81 -5.00 -21.91
C ALA A 75 5.79 -5.80 -21.03
N ASP A 76 6.40 -5.14 -20.06
CA ASP A 76 7.32 -5.82 -19.12
C ASP A 76 6.56 -6.40 -17.92
N GLY A 77 5.49 -5.72 -17.50
CA GLY A 77 4.67 -6.23 -16.41
C GLY A 77 3.39 -5.43 -16.18
N THR A 78 3.43 -4.48 -15.24
CA THR A 78 2.25 -3.68 -14.88
C THR A 78 2.64 -2.29 -14.38
N THR A 79 2.03 -1.24 -14.94
CA THR A 79 2.31 0.14 -14.51
C THR A 79 1.17 0.71 -13.63
N LEU A 80 1.52 1.19 -12.44
CA LEU A 80 0.53 1.80 -11.56
C LEU A 80 1.10 3.06 -10.88
N THR A 81 0.23 4.01 -10.55
CA THR A 81 0.65 5.26 -9.92
C THR A 81 0.54 5.18 -8.39
N LEU A 82 1.68 5.15 -7.71
CA LEU A 82 1.73 5.12 -6.25
C LEU A 82 1.62 6.55 -5.70
N ARG A 83 0.51 6.87 -5.04
CA ARG A 83 0.29 8.22 -4.53
C ARG A 83 0.47 8.31 -3.01
N ILE A 84 1.31 9.22 -2.56
CA ILE A 84 1.51 9.51 -1.15
C ILE A 84 0.95 10.89 -0.79
N GLN A 85 0.33 11.00 0.38
CA GLN A 85 -0.23 12.29 0.83
C GLN A 85 0.02 12.50 2.32
N GLY A 86 0.19 13.75 2.73
CA GLY A 86 0.42 14.05 4.14
C GLY A 86 -0.86 14.10 4.97
N GLU A 87 -0.91 13.29 6.05
CA GLU A 87 -2.03 13.33 7.00
C GLU A 87 -2.02 14.63 7.83
N SER A 88 -1.00 15.45 7.62
CA SER A 88 -0.90 16.77 8.28
C SER A 88 -0.94 17.90 7.25
N ASN A 89 -1.22 19.11 7.72
CA ASN A 89 -1.28 20.29 6.85
C ASN A 89 0.12 20.87 6.57
N ASP A 90 1.14 20.03 6.66
CA ASP A 90 2.53 20.45 6.49
C ASP A 90 3.12 19.90 5.17
N PRO A 91 4.03 20.67 4.52
CA PRO A 91 4.69 20.23 3.28
C PRO A 91 5.73 19.12 3.51
N LEU A 92 5.45 17.91 3.02
CA LEU A 92 6.32 16.75 3.22
C LEU A 92 7.68 16.90 2.51
N PRO A 93 8.77 16.41 3.15
CA PRO A 93 10.12 16.42 2.54
C PRO A 93 10.34 15.26 1.55
N ALA A 94 11.59 15.00 1.18
CA ALA A 94 11.92 13.91 0.24
C ALA A 94 12.19 12.59 0.98
N PHE A 95 11.67 11.49 0.43
CA PHE A 95 11.77 10.18 1.09
C PHE A 95 11.85 9.02 0.08
N SER A 96 12.29 7.85 0.55
CA SER A 96 12.34 6.65 -0.28
C SER A 96 11.92 5.41 0.53
N GLY A 97 11.35 4.40 -0.14
CA GLY A 97 10.92 3.19 0.56
C GLY A 97 10.91 1.95 -0.32
N THR A 98 10.71 0.79 0.31
CA THR A 98 10.69 -0.49 -0.42
C THR A 98 9.25 -0.98 -0.67
N VAL A 99 8.92 -1.22 -1.93
CA VAL A 99 7.60 -1.75 -2.30
C VAL A 99 7.70 -3.23 -2.73
N GLU A 100 6.82 -4.06 -2.17
CA GLU A 100 6.80 -5.48 -2.49
C GLU A 100 5.47 -5.87 -3.14
N TYR A 101 5.54 -6.51 -4.30
CA TYR A 101 4.34 -6.90 -5.05
C TYR A 101 4.39 -8.39 -5.42
N GLY A 102 3.39 -9.14 -4.97
CA GLY A 102 3.35 -10.57 -5.21
C GLY A 102 1.95 -11.16 -5.09
N GLN A 103 1.88 -12.48 -4.88
CA GLN A 103 0.60 -13.20 -4.83
C GLN A 103 0.37 -13.87 -3.46
N ILE A 104 -0.90 -14.11 -3.13
CA ILE A 104 -1.26 -14.81 -1.88
C ILE A 104 -1.88 -16.19 -2.19
N GLN A 105 -1.38 -17.25 -1.55
CA GLN A 105 -1.91 -18.61 -1.74
C GLN A 105 -2.59 -19.16 -0.46
N GLY A 106 -3.14 -18.27 0.34
CA GLY A 106 -3.77 -18.68 1.60
C GLY A 106 -4.90 -17.76 2.05
N THR A 107 -5.20 -17.80 3.34
CA THR A 107 -6.28 -17.00 3.93
C THR A 107 -5.73 -15.81 4.74
N ILE A 108 -6.59 -15.21 5.57
CA ILE A 108 -6.22 -14.01 6.33
C ILE A 108 -5.12 -14.28 7.39
N ASP A 109 -5.21 -15.42 8.09
CA ASP A 109 -4.22 -15.76 9.12
C ASP A 109 -3.08 -16.65 8.56
N ASN A 110 -3.44 -17.63 7.74
CA ASN A 110 -2.46 -18.60 7.21
C ASN A 110 -2.28 -18.46 5.69
N PHE A 111 -1.21 -17.77 5.29
CA PHE A 111 -0.93 -17.54 3.87
C PHE A 111 0.58 -17.35 3.62
N GLN A 112 1.04 -17.77 2.44
CA GLN A 112 2.44 -17.58 2.05
C GLN A 112 2.53 -16.61 0.85
N GLU A 113 3.50 -15.69 0.93
CA GLU A 113 3.71 -14.70 -0.13
C GLU A 113 4.57 -15.28 -1.28
N ILE A 114 3.91 -15.60 -2.39
CA ILE A 114 4.59 -16.24 -3.54
C ILE A 114 4.71 -15.27 -4.73
N ASN A 115 5.70 -15.51 -5.60
CA ASN A 115 5.93 -14.67 -6.79
C ASN A 115 6.00 -13.17 -6.44
N VAL A 116 6.64 -12.87 -5.31
CA VAL A 116 6.75 -11.49 -4.82
C VAL A 116 8.10 -10.85 -5.20
N GLN A 117 8.04 -9.72 -5.89
CA GLN A 117 9.25 -8.95 -6.25
C GLN A 117 9.27 -7.61 -5.49
N ASN A 118 10.45 -6.99 -5.39
CA ASN A 118 10.60 -5.73 -4.64
C ASN A 118 11.30 -4.64 -5.47
N GLN A 119 10.88 -3.39 -5.25
CA GLN A 119 11.53 -2.23 -5.89
C GLN A 119 11.61 -1.05 -4.91
N LEU A 120 12.41 -0.04 -5.26
CA LEU A 120 12.59 1.14 -4.40
C LEU A 120 11.90 2.38 -4.98
N ILE A 121 10.98 2.96 -4.21
CA ILE A 121 10.30 4.20 -4.62
C ILE A 121 11.00 5.44 -4.04
N ASN A 122 11.68 6.18 -4.90
CA ASN A 122 12.37 7.42 -4.49
C ASN A 122 11.52 8.66 -4.85
N ALA A 123 10.84 9.24 -3.85
CA ALA A 123 9.94 10.37 -4.06
C ALA A 123 10.62 11.71 -3.70
N PRO A 124 10.38 12.77 -4.50
CA PRO A 124 10.96 14.10 -4.27
C PRO A 124 10.25 14.90 -3.15
N ALA A 125 10.87 16.00 -2.72
CA ALA A 125 10.34 16.85 -1.65
C ALA A 125 9.23 17.80 -2.15
N SER A 126 8.25 18.06 -1.29
CA SER A 126 7.15 18.97 -1.62
C SER A 126 7.42 20.40 -1.15
N VAL A 127 6.78 21.37 -1.81
CA VAL A 127 6.94 22.79 -1.48
C VAL A 127 5.72 23.33 -0.73
N LEU A 128 4.52 23.04 -1.25
CA LEU A 128 3.27 23.56 -0.69
C LEU A 128 2.53 22.51 0.15
N ALA A 129 1.45 22.95 0.81
CA ALA A 129 0.64 22.08 1.66
C ALA A 129 -0.87 22.18 1.32
N PRO A 130 -1.63 21.07 1.37
CA PRO A 130 -1.09 19.72 1.69
C PRO A 130 -0.25 19.12 0.55
N SER A 131 0.54 18.10 0.87
CA SER A 131 1.46 17.50 -0.11
C SER A 131 0.91 16.20 -0.69
N ASP A 132 0.51 16.25 -1.97
CA ASP A 132 0.11 15.04 -2.72
C ASP A 132 1.23 14.63 -3.69
N VAL A 133 2.11 13.73 -3.25
CA VAL A 133 3.26 13.28 -4.05
C VAL A 133 3.00 11.91 -4.69
N ASP A 134 2.86 11.87 -6.00
CA ASP A 134 2.62 10.61 -6.71
C ASP A 134 3.76 10.28 -7.69
N ILE A 135 4.08 8.99 -7.79
CA ILE A 135 5.14 8.50 -8.66
C ILE A 135 4.72 7.22 -9.42
N PRO A 136 5.02 7.13 -10.74
CA PRO A 136 4.68 5.96 -11.56
C PRO A 136 5.58 4.74 -11.31
N LEU A 137 4.97 3.55 -11.23
CA LEU A 137 5.70 2.30 -10.97
C LEU A 137 5.51 1.29 -12.11
N GLN A 138 6.60 0.97 -12.81
CA GLN A 138 6.59 -0.11 -13.79
C GLN A 138 7.03 -1.43 -13.13
N LEU A 139 6.05 -2.21 -12.66
CA LEU A 139 6.33 -3.52 -12.05
C LEU A 139 6.70 -4.54 -13.14
N LYS A 140 7.88 -5.10 -13.04
CA LYS A 140 8.43 -5.96 -14.09
C LYS A 140 8.32 -7.45 -13.76
N GLY A 141 8.00 -8.28 -14.77
CA GLY A 141 7.92 -9.72 -14.58
C GLY A 141 6.62 -10.19 -13.93
N ILE A 142 5.65 -9.29 -13.81
CA ILE A 142 4.35 -9.63 -13.19
C ILE A 142 3.17 -8.93 -13.88
N SER A 143 2.22 -9.71 -14.37
CA SER A 143 1.03 -9.16 -15.04
C SER A 143 0.02 -8.60 -14.01
N VAL A 144 -0.81 -7.66 -14.45
CA VAL A 144 -1.85 -7.09 -13.58
C VAL A 144 -2.77 -8.19 -13.00
N ASP A 145 -3.10 -9.18 -13.82
CA ASP A 145 -3.88 -10.34 -13.38
C ASP A 145 -3.11 -11.19 -12.36
N GLN A 146 -1.78 -11.08 -12.37
CA GLN A 146 -0.91 -11.84 -11.47
C GLN A 146 -0.64 -11.09 -10.14
N LEU A 147 -1.24 -9.90 -9.99
CA LEU A 147 -1.06 -9.11 -8.76
C LEU A 147 -1.99 -9.60 -7.63
N GLY A 148 -1.38 -9.90 -6.49
CA GLY A 148 -2.14 -10.27 -5.29
C GLY A 148 -2.14 -9.16 -4.24
N PHE A 149 -0.95 -8.71 -3.86
CA PHE A 149 -0.82 -7.65 -2.84
C PHE A 149 0.37 -6.72 -3.15
N VAL A 150 0.25 -5.46 -2.74
CA VAL A 150 1.36 -4.50 -2.85
C VAL A 150 1.68 -3.90 -1.46
N ARG A 151 2.76 -4.38 -0.83
CA ARG A 151 3.16 -3.92 0.51
C ARG A 151 4.14 -2.75 0.43
N ILE A 152 3.73 -1.59 0.94
CA ILE A 152 4.60 -0.40 0.99
C ILE A 152 5.17 -0.23 2.41
N HIS A 153 6.51 -0.28 2.55
CA HIS A 153 7.12 -0.18 3.90
C HIS A 153 8.44 0.60 3.93
N ASP A 154 9.00 0.74 5.14
CA ASP A 154 10.24 1.47 5.41
C ASP A 154 10.03 2.99 5.35
N ILE A 155 9.89 3.53 4.13
CA ILE A 155 9.73 4.98 3.90
C ILE A 155 10.65 5.82 4.83
N GLN A 156 11.90 5.97 4.41
CA GLN A 156 12.92 6.67 5.21
C GLN A 156 13.31 8.01 4.55
N PRO A 157 13.72 9.00 5.37
CA PRO A 157 14.12 10.32 4.86
C PRO A 157 15.47 10.28 4.12
N VAL A 158 15.50 10.82 2.89
CA VAL A 158 16.76 10.90 2.13
C VAL A 158 17.53 12.18 2.49
N MET A 159 16.97 12.93 3.42
CA MET A 159 17.58 14.16 3.93
C MET A 159 18.27 13.89 5.27
N GLN A 160 19.28 14.68 5.60
CA GLN A 160 20.08 14.47 6.81
C GLN A 160 19.27 14.79 8.08
N LEU A 161 18.70 13.75 8.68
CA LEU A 161 17.98 13.90 9.95
C LEU A 161 18.94 14.16 11.11
N GLU A 162 18.56 15.04 12.03
CA GLU A 162 19.41 15.40 13.17
C GLU A 162 19.24 14.39 14.33
N HIS A 163 19.89 14.66 15.46
CA HIS A 163 19.90 13.71 16.58
C HIS A 163 19.45 14.36 17.90
N HIS A 164 19.05 13.54 18.86
CA HIS A 164 18.61 14.02 20.18
C HIS A 164 19.23 13.19 21.31
N HIS A 165 19.24 13.75 22.52
CA HIS A 165 19.92 13.13 23.68
C HIS A 165 19.07 13.21 24.95
N HIS A 166 19.26 12.26 25.87
CA HIS A 166 18.54 12.28 27.15
C HIS A 166 19.32 11.54 28.26
N HIS A 167 19.31 12.10 29.46
CA HIS A 167 19.84 11.39 30.64
C HIS A 167 18.78 10.43 31.19
N HIS A 168 17.59 10.97 31.49
CA HIS A 168 16.45 10.17 31.95
C HIS A 168 15.39 10.04 30.84
N MET A 1 -15.62 40.01 45.23
CA MET A 1 -15.92 40.00 43.77
C MET A 1 -17.36 39.56 43.50
N VAL A 2 -18.17 40.44 42.93
CA VAL A 2 -19.58 40.14 42.64
C VAL A 2 -19.73 39.34 41.34
N GLN A 3 -20.48 38.23 41.41
CA GLN A 3 -20.72 37.38 40.24
C GLN A 3 -22.15 37.58 39.71
N GLN A 4 -22.34 38.61 38.88
CA GLN A 4 -23.67 38.93 38.33
C GLN A 4 -23.90 38.23 36.97
N SER A 5 -25.05 38.52 36.35
CA SER A 5 -25.42 37.91 35.06
C SER A 5 -24.66 38.52 33.89
N GLU A 6 -23.68 37.78 33.37
CA GLU A 6 -22.91 38.21 32.20
C GLU A 6 -23.09 37.22 31.03
N VAL A 7 -23.60 37.72 29.91
CA VAL A 7 -23.92 36.87 28.75
C VAL A 7 -22.68 36.57 27.88
N ARG A 8 -22.69 35.40 27.23
CA ARG A 8 -21.58 34.99 26.36
C ARG A 8 -22.06 34.79 24.91
N GLN A 9 -21.20 34.23 24.08
CA GLN A 9 -21.54 33.94 22.67
C GLN A 9 -22.55 32.79 22.56
N MET A 10 -23.23 32.72 21.42
CA MET A 10 -24.21 31.65 21.17
C MET A 10 -23.58 30.48 20.39
N LYS A 11 -23.94 29.25 20.75
CA LYS A 11 -23.42 28.06 20.08
C LYS A 11 -24.52 27.35 19.27
N HIS A 12 -24.20 26.18 18.70
CA HIS A 12 -25.17 25.40 17.94
C HIS A 12 -24.69 23.95 17.76
N SER A 13 -25.63 23.03 17.57
CA SER A 13 -25.32 21.61 17.35
C SER A 13 -24.98 21.35 15.86
N VAL A 14 -24.77 20.08 15.52
CA VAL A 14 -24.44 19.69 14.14
C VAL A 14 -25.21 18.43 13.72
N SER A 15 -26.04 18.56 12.68
CA SER A 15 -26.84 17.43 12.16
C SER A 15 -26.21 16.82 10.91
N THR A 16 -25.89 15.52 10.97
CA THR A 16 -25.30 14.80 9.84
C THR A 16 -25.96 13.43 9.66
N LEU A 17 -26.86 13.31 8.69
CA LEU A 17 -27.63 12.08 8.47
C LEU A 17 -26.81 11.01 7.73
N ASN A 18 -27.33 9.78 7.70
CA ASN A 18 -26.66 8.68 7.01
C ASN A 18 -27.52 8.13 5.86
N GLN A 19 -26.91 7.28 5.03
CA GLN A 19 -27.61 6.66 3.89
C GLN A 19 -27.52 5.13 3.96
N GLU A 20 -28.64 4.45 3.73
CA GLU A 20 -28.68 2.98 3.73
C GLU A 20 -27.98 2.42 2.47
N MET A 21 -26.95 1.59 2.68
CA MET A 21 -26.11 1.10 1.57
C MET A 21 -26.71 -0.15 0.89
N THR A 22 -26.03 -0.62 -0.16
CA THR A 22 -26.48 -1.80 -0.92
C THR A 22 -25.70 -3.07 -0.52
N GLN A 23 -25.67 -4.07 -1.41
CA GLN A 23 -24.99 -5.34 -1.14
C GLN A 23 -23.46 -5.22 -1.21
N LEU A 24 -22.79 -6.37 -1.02
CA LEU A 24 -21.33 -6.45 -1.15
C LEU A 24 -20.92 -6.55 -2.64
N ASN A 25 -19.79 -5.93 -2.98
CA ASN A 25 -19.26 -5.99 -4.36
C ASN A 25 -17.84 -6.57 -4.38
N GLN A 26 -17.40 -7.05 -5.54
CA GLN A 26 -16.05 -7.61 -5.68
C GLN A 26 -14.96 -6.59 -5.28
N GLU A 27 -15.12 -5.35 -5.74
CA GLU A 27 -14.24 -4.26 -5.34
C GLU A 27 -14.26 -4.08 -3.81
N THR A 28 -15.47 -4.08 -3.25
CA THR A 28 -15.63 -3.96 -1.79
C THR A 28 -14.93 -5.12 -1.06
N VAL A 29 -14.88 -6.30 -1.69
CA VAL A 29 -14.14 -7.44 -1.14
C VAL A 29 -12.63 -7.14 -1.07
N LYS A 30 -12.06 -6.67 -2.18
CA LYS A 30 -10.64 -6.26 -2.22
C LYS A 30 -10.35 -5.21 -1.13
N ILE A 31 -11.22 -4.19 -1.06
CA ILE A 31 -11.12 -3.16 -0.02
C ILE A 31 -11.10 -3.78 1.39
N THR A 32 -12.10 -4.60 1.68
CA THR A 32 -12.20 -5.29 2.98
C THR A 32 -10.94 -6.11 3.29
N GLN A 33 -10.52 -6.91 2.31
CA GLN A 33 -9.32 -7.74 2.43
C GLN A 33 -8.07 -6.89 2.74
N GLN A 34 -7.97 -5.74 2.09
CA GLN A 34 -6.85 -4.82 2.33
C GLN A 34 -6.82 -4.35 3.79
N ASN A 35 -7.98 -3.92 4.31
CA ASN A 35 -8.10 -3.52 5.72
C ASN A 35 -7.69 -4.68 6.65
N ARG A 36 -8.12 -5.90 6.31
CA ARG A 36 -7.75 -7.09 7.10
C ARG A 36 -6.23 -7.30 7.13
N LEU A 37 -5.60 -7.37 5.95
CA LEU A 37 -4.16 -7.59 5.84
C LEU A 37 -3.37 -6.42 6.44
N ASN A 38 -3.87 -5.20 6.27
CA ASN A 38 -3.22 -4.01 6.82
C ASN A 38 -3.19 -4.05 8.37
N ALA A 39 -4.24 -4.62 8.96
CA ALA A 39 -4.30 -4.80 10.42
C ALA A 39 -3.38 -5.95 10.87
N LYS A 40 -3.16 -6.92 9.98
CA LYS A 40 -2.26 -8.06 10.24
C LYS A 40 -0.81 -7.74 9.80
N SER A 41 -0.61 -6.57 9.19
CA SER A 41 0.71 -6.16 8.71
C SER A 41 1.68 -5.85 9.85
N SER A 42 2.66 -6.73 10.05
CA SER A 42 3.66 -6.57 11.12
C SER A 42 4.91 -5.81 10.62
N SER A 43 4.92 -5.46 9.34
CA SER A 43 6.04 -4.73 8.75
C SER A 43 5.59 -3.88 7.55
N GLY A 44 5.45 -2.58 7.75
CA GLY A 44 4.97 -1.70 6.69
C GLY A 44 3.44 -1.76 6.52
N VAL A 45 2.96 -1.63 5.28
CA VAL A 45 1.52 -1.70 5.01
C VAL A 45 1.20 -2.59 3.80
N TYR A 46 0.12 -3.38 3.92
CA TYR A 46 -0.37 -4.21 2.82
C TYR A 46 -1.41 -3.46 1.97
N LEU A 47 -1.00 -3.06 0.76
CA LEU A 47 -1.94 -2.51 -0.23
C LEU A 47 -2.32 -3.58 -1.25
N LEU A 48 -3.54 -3.51 -1.78
CA LEU A 48 -4.00 -4.49 -2.79
C LEU A 48 -4.22 -3.83 -4.16
N PRO A 49 -3.66 -4.43 -5.23
CA PRO A 49 -3.76 -3.87 -6.60
C PRO A 49 -5.16 -4.00 -7.22
N GLY A 50 -6.19 -4.00 -6.38
CA GLY A 50 -7.58 -4.02 -6.86
C GLY A 50 -8.51 -3.20 -5.97
N ALA A 51 -7.92 -2.40 -5.09
CA ALA A 51 -8.70 -1.60 -4.14
C ALA A 51 -8.27 -0.13 -4.16
N LYS A 52 -9.19 0.75 -4.56
CA LYS A 52 -8.95 2.20 -4.62
C LYS A 52 -8.80 2.84 -3.22
N THR A 53 -8.73 2.02 -2.18
CA THR A 53 -8.65 2.51 -0.80
C THR A 53 -7.20 2.67 -0.33
N PRO A 54 -6.95 3.70 0.50
CA PRO A 54 -5.61 3.98 1.07
C PRO A 54 -5.26 3.12 2.30
N ALA A 55 -4.07 3.37 2.86
CA ALA A 55 -3.62 2.71 4.09
C ALA A 55 -2.73 3.64 4.93
N ARG A 56 -2.84 3.52 6.25
CA ARG A 56 -2.04 4.34 7.19
C ARG A 56 -0.63 3.78 7.35
N LEU A 57 0.37 4.50 6.86
CA LEU A 57 1.78 4.07 7.01
C LEU A 57 2.59 5.08 7.83
N GLU A 58 3.15 4.61 8.94
CA GLU A 58 4.02 5.43 9.78
C GLU A 58 5.46 5.42 9.25
N SER A 59 5.94 6.57 8.80
CA SER A 59 7.30 6.67 8.23
C SER A 59 8.22 7.52 9.11
N GLN A 60 9.48 7.67 8.68
CA GLN A 60 10.45 8.46 9.42
C GLN A 60 10.28 9.97 9.18
N ILE A 61 9.30 10.35 8.35
CA ILE A 61 8.93 11.76 8.18
C ILE A 61 7.55 12.04 8.82
N GLY A 62 7.00 11.01 9.49
CA GLY A 62 5.67 11.12 10.10
C GLY A 62 4.66 10.17 9.48
N THR A 63 3.40 10.32 9.86
CA THR A 63 2.32 9.49 9.29
C THR A 63 1.93 9.95 7.89
N LEU A 64 1.79 9.02 6.97
CA LEU A 64 1.35 9.33 5.61
C LEU A 64 0.34 8.29 5.09
N ARG A 65 -0.51 8.72 4.17
CA ARG A 65 -1.59 7.87 3.64
C ARG A 65 -1.32 7.48 2.19
N MET A 66 -0.96 6.22 1.95
CA MET A 66 -0.67 5.74 0.60
C MET A 66 -1.87 4.99 -0.01
N SER A 67 -2.14 5.24 -1.29
CA SER A 67 -3.25 4.59 -2.00
C SER A 67 -2.85 4.20 -3.43
N LEU A 68 -3.60 3.29 -4.04
CA LEU A 68 -3.30 2.77 -5.38
C LEU A 68 -4.38 3.18 -6.41
N VAL A 69 -4.02 4.09 -7.30
CA VAL A 69 -4.93 4.52 -8.38
C VAL A 69 -4.37 4.18 -9.76
N ASN A 70 -5.24 4.16 -10.77
CA ASN A 70 -4.81 4.00 -12.17
C ASN A 70 -4.20 2.61 -12.43
N ILE A 71 -4.53 1.63 -11.59
CA ILE A 71 -3.96 0.28 -11.68
C ILE A 71 -4.31 -0.40 -13.02
N THR A 72 -3.30 -0.67 -13.84
CA THR A 72 -3.51 -1.28 -15.16
C THR A 72 -2.37 -2.23 -15.55
N PRO A 73 -2.65 -3.22 -16.43
CA PRO A 73 -1.63 -4.17 -16.91
C PRO A 73 -0.59 -3.51 -17.84
N ASP A 74 0.69 -3.84 -17.64
CA ASP A 74 1.77 -3.26 -18.43
C ASP A 74 2.36 -4.31 -19.41
N ALA A 75 3.04 -3.82 -20.45
CA ALA A 75 3.67 -4.70 -21.44
C ALA A 75 4.68 -5.65 -20.77
N ASP A 76 5.38 -5.17 -19.76
CA ASP A 76 6.33 -5.99 -19.00
C ASP A 76 5.59 -6.70 -17.85
N GLY A 77 4.90 -5.92 -17.01
CA GLY A 77 4.16 -6.49 -15.89
C GLY A 77 2.88 -5.72 -15.57
N THR A 78 2.95 -4.78 -14.62
CA THR A 78 1.77 -4.00 -14.21
C THR A 78 2.17 -2.59 -13.75
N THR A 79 1.42 -1.57 -14.17
CA THR A 79 1.70 -0.17 -13.77
C THR A 79 0.54 0.41 -12.95
N LEU A 80 0.89 1.00 -11.80
CA LEU A 80 -0.10 1.66 -10.93
C LEU A 80 0.48 2.94 -10.30
N THR A 81 -0.39 3.91 -10.00
CA THR A 81 0.06 5.18 -9.42
C THR A 81 0.00 5.15 -7.88
N LEU A 82 1.17 5.19 -7.25
CA LEU A 82 1.26 5.22 -5.79
C LEU A 82 1.20 6.68 -5.30
N ARG A 83 0.13 7.03 -4.59
CA ARG A 83 -0.06 8.41 -4.10
C ARG A 83 0.07 8.52 -2.58
N ILE A 84 0.83 9.51 -2.12
CA ILE A 84 1.09 9.71 -0.69
C ILE A 84 0.45 11.02 -0.18
N GLN A 85 -0.61 10.90 0.63
CA GLN A 85 -1.26 12.06 1.23
C GLN A 85 -0.68 12.36 2.63
N GLY A 86 -0.58 13.65 2.95
CA GLY A 86 0.02 14.06 4.22
C GLY A 86 -0.95 14.05 5.41
N GLU A 87 -0.44 13.73 6.60
CA GLU A 87 -1.22 13.73 7.83
C GLU A 87 -1.59 15.16 8.29
N SER A 88 -0.59 16.05 8.28
CA SER A 88 -0.77 17.43 8.79
C SER A 88 -0.94 18.45 7.65
N ASN A 89 -1.10 19.71 8.03
CA ASN A 89 -1.24 20.81 7.07
C ASN A 89 0.14 21.33 6.61
N ASP A 90 1.18 20.60 6.98
CA ASP A 90 2.56 20.94 6.61
C ASP A 90 3.07 20.04 5.47
N PRO A 91 3.90 20.58 4.56
CA PRO A 91 4.47 19.80 3.44
C PRO A 91 5.59 18.83 3.90
N LEU A 92 5.50 17.58 3.46
CA LEU A 92 6.50 16.56 3.82
C LEU A 92 7.77 16.69 2.93
N PRO A 93 8.95 16.36 3.48
CA PRO A 93 10.22 16.38 2.72
C PRO A 93 10.31 15.26 1.66
N ALA A 94 11.44 15.19 0.96
CA ALA A 94 11.67 14.14 -0.05
C ALA A 94 12.03 12.79 0.60
N PHE A 95 11.38 11.71 0.16
CA PHE A 95 11.57 10.40 0.77
C PHE A 95 11.67 9.27 -0.28
N SER A 96 12.04 8.07 0.18
CA SER A 96 12.18 6.90 -0.70
C SER A 96 11.97 5.61 0.10
N GLY A 97 11.59 4.52 -0.58
CA GLY A 97 11.37 3.26 0.10
C GLY A 97 11.39 2.05 -0.83
N THR A 98 11.07 0.88 -0.28
CA THR A 98 11.04 -0.37 -1.05
C THR A 98 9.64 -1.00 -1.01
N VAL A 99 9.22 -1.60 -2.13
CA VAL A 99 7.90 -2.23 -2.22
C VAL A 99 8.00 -3.74 -2.53
N GLU A 100 7.32 -4.54 -1.72
CA GLU A 100 7.24 -6.00 -1.92
C GLU A 100 5.96 -6.36 -2.69
N TYR A 101 6.11 -6.86 -3.92
CA TYR A 101 4.93 -7.22 -4.72
C TYR A 101 4.98 -8.69 -5.20
N GLY A 102 3.92 -9.44 -4.94
CA GLY A 102 3.87 -10.85 -5.32
C GLY A 102 2.49 -11.47 -5.16
N GLN A 103 2.46 -12.79 -4.96
CA GLN A 103 1.20 -13.55 -4.86
C GLN A 103 1.01 -14.15 -3.45
N ILE A 104 -0.25 -14.33 -3.06
CA ILE A 104 -0.60 -14.90 -1.75
C ILE A 104 -1.16 -16.33 -1.92
N GLN A 105 -0.36 -17.34 -1.55
CA GLN A 105 -0.78 -18.75 -1.68
C GLN A 105 -1.45 -19.28 -0.40
N GLY A 106 -1.98 -18.38 0.44
CA GLY A 106 -2.58 -18.79 1.70
C GLY A 106 -3.90 -18.09 2.01
N THR A 107 -4.35 -18.19 3.25
CA THR A 107 -5.62 -17.58 3.68
C THR A 107 -5.41 -16.12 4.13
N ILE A 108 -6.36 -15.58 4.89
CA ILE A 108 -6.21 -14.24 5.47
C ILE A 108 -5.46 -14.31 6.82
N ASP A 109 -5.60 -15.45 7.52
CA ASP A 109 -4.95 -15.62 8.83
C ASP A 109 -3.55 -16.26 8.71
N ASN A 110 -3.42 -17.25 7.83
CA ASN A 110 -2.11 -17.87 7.55
C ASN A 110 -1.82 -17.87 6.04
N PHE A 111 -1.05 -16.88 5.60
CA PHE A 111 -0.72 -16.73 4.19
C PHE A 111 0.79 -16.81 3.94
N GLN A 112 1.15 -17.39 2.80
CA GLN A 112 2.55 -17.47 2.38
C GLN A 112 2.77 -16.66 1.09
N GLU A 113 3.81 -15.83 1.09
CA GLU A 113 4.06 -14.90 -0.01
C GLU A 113 5.08 -15.47 -1.02
N ILE A 114 4.63 -15.75 -2.24
CA ILE A 114 5.48 -16.30 -3.31
C ILE A 114 5.51 -15.38 -4.53
N ASN A 115 6.49 -15.60 -5.42
CA ASN A 115 6.65 -14.76 -6.63
C ASN A 115 6.76 -13.27 -6.27
N VAL A 116 7.29 -12.98 -5.08
CA VAL A 116 7.41 -11.60 -4.60
C VAL A 116 8.78 -10.99 -4.91
N GLN A 117 8.75 -9.84 -5.59
CA GLN A 117 9.98 -9.09 -5.90
C GLN A 117 9.98 -7.75 -5.15
N ASN A 118 11.18 -7.21 -4.93
CA ASN A 118 11.34 -5.91 -4.27
C ASN A 118 11.71 -4.82 -5.28
N GLN A 119 11.15 -3.62 -5.11
CA GLN A 119 11.42 -2.50 -6.03
C GLN A 119 11.58 -1.17 -5.25
N LEU A 120 12.44 -0.29 -5.76
CA LEU A 120 12.71 1.00 -5.10
C LEU A 120 11.74 2.10 -5.57
N ILE A 121 10.94 2.62 -4.64
CA ILE A 121 10.01 3.71 -4.94
C ILE A 121 10.50 5.04 -4.30
N ASN A 122 11.03 5.92 -5.14
CA ASN A 122 11.57 7.21 -4.68
C ASN A 122 10.61 8.36 -5.02
N ALA A 123 10.34 9.23 -4.04
CA ALA A 123 9.41 10.34 -4.21
C ALA A 123 10.09 11.70 -3.95
N PRO A 124 9.68 12.75 -4.69
CA PRO A 124 10.23 14.11 -4.50
C PRO A 124 9.65 14.83 -3.25
N ALA A 125 10.18 16.02 -2.96
CA ALA A 125 9.74 16.79 -1.79
C ALA A 125 8.44 17.56 -2.07
N SER A 126 7.52 17.51 -1.12
CA SER A 126 6.23 18.22 -1.24
C SER A 126 6.41 19.74 -1.15
N VAL A 127 5.90 20.47 -2.14
CA VAL A 127 6.08 21.93 -2.19
C VAL A 127 4.87 22.71 -1.66
N LEU A 128 3.66 22.20 -1.88
CA LEU A 128 2.42 22.88 -1.46
C LEU A 128 1.55 21.97 -0.60
N ALA A 129 1.28 22.38 0.64
CA ALA A 129 0.52 21.56 1.58
C ALA A 129 -1.00 21.62 1.35
N PRO A 130 -1.75 20.54 1.66
CA PRO A 130 -1.21 19.28 2.20
C PRO A 130 -0.46 18.45 1.13
N SER A 131 0.27 17.43 1.57
CA SER A 131 1.08 16.61 0.66
C SER A 131 0.21 15.63 -0.14
N ASP A 132 0.46 15.56 -1.45
CA ASP A 132 -0.32 14.73 -2.37
C ASP A 132 0.58 14.05 -3.42
N VAL A 133 1.83 13.77 -3.03
CA VAL A 133 2.84 13.23 -3.95
C VAL A 133 2.35 11.99 -4.72
N ASP A 134 2.24 12.12 -6.04
CA ASP A 134 1.81 11.03 -6.90
C ASP A 134 2.97 10.50 -7.78
N ILE A 135 3.36 9.24 -7.53
CA ILE A 135 4.46 8.62 -8.30
C ILE A 135 4.02 7.31 -8.99
N PRO A 136 4.42 7.11 -10.26
CA PRO A 136 4.10 5.89 -11.01
C PRO A 136 5.00 4.70 -10.63
N LEU A 137 4.38 3.53 -10.46
CA LEU A 137 5.10 2.32 -10.03
C LEU A 137 4.98 1.21 -11.10
N GLN A 138 6.10 0.87 -11.74
CA GLN A 138 6.11 -0.15 -12.80
C GLN A 138 6.67 -1.49 -12.31
N LEU A 139 5.83 -2.53 -12.37
CA LEU A 139 6.22 -3.89 -11.98
C LEU A 139 6.56 -4.74 -13.22
N LYS A 140 7.57 -5.61 -13.11
CA LYS A 140 7.99 -6.43 -14.26
C LYS A 140 7.50 -7.88 -14.15
N GLY A 141 7.14 -8.48 -15.30
CA GLY A 141 6.82 -9.90 -15.35
C GLY A 141 5.43 -10.27 -14.82
N ILE A 142 5.05 -9.68 -13.69
CA ILE A 142 3.79 -10.05 -13.02
C ILE A 142 2.60 -9.22 -13.54
N SER A 143 1.57 -9.90 -14.04
CA SER A 143 0.37 -9.24 -14.58
C SER A 143 -0.60 -8.87 -13.45
N VAL A 144 -1.44 -7.85 -13.69
CA VAL A 144 -2.41 -7.39 -12.68
C VAL A 144 -3.34 -8.52 -12.22
N ASP A 145 -3.72 -9.40 -13.15
CA ASP A 145 -4.51 -10.59 -12.82
C ASP A 145 -3.71 -11.56 -11.93
N GLN A 146 -2.39 -11.53 -12.06
CA GLN A 146 -1.50 -12.42 -11.29
C GLN A 146 -0.99 -11.75 -9.99
N LEU A 147 -1.40 -10.51 -9.75
CA LEU A 147 -0.99 -9.77 -8.54
C LEU A 147 -1.78 -10.20 -7.30
N GLY A 148 -1.10 -10.26 -6.16
CA GLY A 148 -1.75 -10.62 -4.89
C GLY A 148 -1.68 -9.51 -3.85
N PHE A 149 -0.46 -9.05 -3.53
CA PHE A 149 -0.28 -8.01 -2.49
C PHE A 149 0.78 -6.99 -2.89
N VAL A 150 0.73 -5.81 -2.25
CA VAL A 150 1.73 -4.75 -2.43
C VAL A 150 2.15 -4.16 -1.06
N ARG A 151 3.26 -4.65 -0.51
CA ARG A 151 3.73 -4.23 0.83
C ARG A 151 4.73 -3.07 0.74
N ILE A 152 4.34 -1.89 1.22
CA ILE A 152 5.23 -0.72 1.22
C ILE A 152 6.06 -0.64 2.52
N HIS A 153 7.36 -0.31 2.40
CA HIS A 153 8.23 -0.16 3.58
C HIS A 153 9.52 0.62 3.24
N ASP A 154 10.41 0.76 4.23
CA ASP A 154 11.73 1.43 4.06
C ASP A 154 11.60 2.93 3.74
N ILE A 155 10.44 3.52 4.06
CA ILE A 155 10.20 4.94 3.76
C ILE A 155 11.06 5.87 4.63
N GLN A 156 12.13 6.41 4.03
CA GLN A 156 13.07 7.30 4.72
C GLN A 156 13.44 8.51 3.84
N PRO A 157 13.83 9.65 4.46
CA PRO A 157 14.21 10.87 3.71
C PRO A 157 15.45 10.68 2.80
N VAL A 158 15.55 11.47 1.74
CA VAL A 158 16.68 11.39 0.81
C VAL A 158 17.55 12.66 0.87
N MET A 159 18.52 12.77 -0.06
CA MET A 159 19.39 13.95 -0.14
C MET A 159 18.64 15.17 -0.70
N GLN A 160 17.93 15.87 0.18
CA GLN A 160 17.25 17.12 -0.19
C GLN A 160 18.13 18.32 0.14
N LEU A 161 18.32 19.22 -0.82
CA LEU A 161 19.22 20.37 -0.65
C LEU A 161 18.60 21.47 0.24
N GLU A 162 19.09 21.57 1.47
CA GLU A 162 18.63 22.62 2.40
C GLU A 162 19.83 23.43 2.95
N HIS A 163 19.56 24.32 3.91
CA HIS A 163 20.63 25.05 4.58
C HIS A 163 20.54 24.87 6.12
N HIS A 164 21.62 24.35 6.71
CA HIS A 164 21.62 23.93 8.12
C HIS A 164 21.89 25.10 9.08
N HIS A 165 21.47 24.95 10.34
CA HIS A 165 21.70 25.96 11.38
C HIS A 165 21.55 25.36 12.79
N HIS A 166 22.42 25.77 13.71
CA HIS A 166 22.26 25.42 15.13
C HIS A 166 21.72 26.62 15.93
N HIS A 167 21.19 26.35 17.12
CA HIS A 167 20.58 27.40 17.94
C HIS A 167 20.97 27.27 19.42
N HIS A 168 21.97 26.44 19.70
CA HIS A 168 22.40 26.14 21.09
C HIS A 168 21.27 25.51 21.92
N MET A 1 -52.06 30.74 14.19
CA MET A 1 -51.64 30.42 15.58
C MET A 1 -50.81 29.14 15.63
N VAL A 2 -49.53 29.25 16.00
CA VAL A 2 -48.63 28.10 16.12
C VAL A 2 -48.62 27.57 17.57
N GLN A 3 -48.46 26.26 17.73
CA GLN A 3 -48.54 25.63 19.05
C GLN A 3 -47.28 24.83 19.40
N GLN A 4 -47.09 24.55 20.69
CA GLN A 4 -45.99 23.69 21.15
C GLN A 4 -46.34 22.20 20.98
N SER A 5 -45.42 21.42 20.45
CA SER A 5 -45.66 19.98 20.23
C SER A 5 -45.08 19.13 21.37
N GLU A 6 -45.95 18.75 22.31
CA GLU A 6 -45.53 17.97 23.47
C GLU A 6 -45.66 16.46 23.21
N VAL A 7 -44.54 15.79 22.98
CA VAL A 7 -44.52 14.36 22.62
C VAL A 7 -43.81 13.50 23.68
N ARG A 8 -43.82 12.18 23.46
CA ARG A 8 -43.19 11.21 24.37
C ARG A 8 -42.09 10.42 23.67
N GLN A 9 -41.07 10.00 24.41
CA GLN A 9 -39.95 9.26 23.84
C GLN A 9 -39.45 8.14 24.79
N MET A 10 -39.22 6.95 24.24
CA MET A 10 -38.65 5.83 25.00
C MET A 10 -37.22 5.51 24.54
N LYS A 11 -36.65 4.42 25.06
CA LYS A 11 -35.29 3.99 24.68
C LYS A 11 -35.32 2.86 23.62
N HIS A 12 -34.16 2.58 23.02
CA HIS A 12 -34.02 1.47 22.09
C HIS A 12 -32.69 0.72 22.30
N SER A 13 -32.64 -0.53 21.86
CA SER A 13 -31.43 -1.36 22.00
C SER A 13 -31.05 -2.03 20.68
N VAL A 14 -29.75 -2.10 20.39
CA VAL A 14 -29.27 -2.76 19.18
C VAL A 14 -28.68 -4.15 19.49
N SER A 15 -28.95 -5.12 18.61
CA SER A 15 -28.41 -6.48 18.76
C SER A 15 -27.83 -6.98 17.43
N THR A 16 -26.71 -7.70 17.50
CA THR A 16 -26.07 -8.24 16.30
C THR A 16 -26.48 -9.71 16.07
N LEU A 17 -27.41 -9.95 15.15
CA LEU A 17 -27.85 -11.30 14.83
C LEU A 17 -27.07 -11.87 13.65
N ASN A 18 -26.23 -12.88 13.92
CA ASN A 18 -25.41 -13.51 12.88
C ASN A 18 -26.28 -14.34 11.93
N GLN A 19 -26.34 -13.90 10.68
CA GLN A 19 -27.13 -14.57 9.65
C GLN A 19 -26.41 -14.57 8.30
N GLU A 20 -26.96 -15.30 7.33
CA GLU A 20 -26.37 -15.36 5.98
C GLU A 20 -26.68 -14.09 5.18
N MET A 21 -25.71 -13.64 4.40
CA MET A 21 -25.87 -12.43 3.59
C MET A 21 -25.57 -12.73 2.11
N THR A 22 -26.12 -11.92 1.20
CA THR A 22 -25.79 -12.04 -0.22
C THR A 22 -24.28 -11.85 -0.43
N GLN A 23 -23.69 -12.64 -1.33
CA GLN A 23 -22.24 -12.61 -1.55
C GLN A 23 -21.75 -11.19 -1.86
N LEU A 24 -20.99 -10.64 -0.93
CA LEU A 24 -20.51 -9.26 -1.00
C LEU A 24 -19.65 -9.01 -2.25
N ASN A 25 -19.74 -7.80 -2.81
CA ASN A 25 -18.93 -7.40 -3.97
C ASN A 25 -17.44 -7.76 -3.76
N GLN A 26 -16.88 -8.51 -4.71
CA GLN A 26 -15.47 -8.94 -4.63
C GLN A 26 -14.53 -7.74 -4.42
N GLU A 27 -14.90 -6.60 -5.00
CA GLU A 27 -14.20 -5.33 -4.78
C GLU A 27 -14.21 -4.97 -3.28
N THR A 28 -15.40 -4.94 -2.68
CA THR A 28 -15.56 -4.63 -1.26
C THR A 28 -14.88 -5.69 -0.37
N VAL A 29 -14.84 -6.94 -0.87
CA VAL A 29 -14.14 -8.02 -0.18
C VAL A 29 -12.63 -7.73 -0.11
N LYS A 30 -12.05 -7.33 -1.24
CA LYS A 30 -10.64 -6.93 -1.29
C LYS A 30 -10.36 -5.70 -0.41
N ILE A 31 -11.30 -4.75 -0.40
CA ILE A 31 -11.22 -3.60 0.51
C ILE A 31 -11.14 -4.07 1.98
N THR A 32 -12.05 -4.98 2.35
CA THR A 32 -12.07 -5.56 3.70
C THR A 32 -10.78 -6.35 3.98
N GLN A 33 -10.30 -7.06 2.97
CA GLN A 33 -9.06 -7.83 3.09
C GLN A 33 -7.86 -6.91 3.34
N GLN A 34 -7.78 -5.82 2.58
CA GLN A 34 -6.68 -4.86 2.70
C GLN A 34 -6.58 -4.27 4.12
N ASN A 35 -7.70 -3.77 4.64
CA ASN A 35 -7.73 -3.18 5.99
C ASN A 35 -7.28 -4.19 7.07
N ARG A 36 -7.76 -5.42 6.97
CA ARG A 36 -7.41 -6.47 7.95
C ARG A 36 -5.93 -6.88 7.83
N LEU A 37 -5.44 -7.06 6.60
CA LEU A 37 -4.01 -7.35 6.38
C LEU A 37 -3.14 -6.16 6.79
N ASN A 38 -3.68 -4.95 6.62
CA ASN A 38 -3.01 -3.72 7.08
C ASN A 38 -2.84 -3.74 8.60
N ALA A 39 -3.77 -4.40 9.30
CA ALA A 39 -3.68 -4.58 10.75
C ALA A 39 -2.63 -5.65 11.13
N LYS A 40 -2.52 -6.71 10.31
CA LYS A 40 -1.53 -7.77 10.54
C LYS A 40 -0.10 -7.33 10.17
N SER A 41 0.01 -6.46 9.18
CA SER A 41 1.33 -6.06 8.64
C SER A 41 2.27 -5.50 9.71
N SER A 42 3.26 -6.30 10.10
CA SER A 42 4.31 -5.86 11.04
C SER A 42 5.36 -5.01 10.33
N SER A 43 5.47 -5.18 9.01
CA SER A 43 6.41 -4.40 8.19
C SER A 43 5.70 -3.70 7.04
N GLY A 44 5.41 -2.41 7.24
CA GLY A 44 4.79 -1.60 6.20
C GLY A 44 3.28 -1.80 6.08
N VAL A 45 2.75 -1.77 4.86
CA VAL A 45 1.31 -1.93 4.61
C VAL A 45 1.03 -2.79 3.36
N TYR A 46 -0.03 -3.59 3.40
CA TYR A 46 -0.47 -4.38 2.23
C TYR A 46 -1.45 -3.59 1.37
N LEU A 47 -0.97 -2.99 0.27
CA LEU A 47 -1.85 -2.33 -0.70
C LEU A 47 -2.33 -3.33 -1.76
N LEU A 48 -3.61 -3.67 -1.73
CA LEU A 48 -4.16 -4.62 -2.69
C LEU A 48 -4.62 -3.90 -3.98
N PRO A 49 -4.00 -4.20 -5.12
CA PRO A 49 -4.34 -3.57 -6.41
C PRO A 49 -5.78 -3.90 -6.88
N GLY A 50 -6.43 -4.81 -6.18
CA GLY A 50 -7.83 -5.14 -6.46
C GLY A 50 -8.80 -4.44 -5.50
N ALA A 51 -8.26 -3.71 -4.54
CA ALA A 51 -9.06 -3.00 -3.55
C ALA A 51 -9.08 -1.49 -3.83
N LYS A 52 -10.26 -0.94 -4.15
CA LYS A 52 -10.38 0.49 -4.44
C LYS A 52 -10.41 1.31 -3.14
N THR A 53 -9.33 1.22 -2.37
CA THR A 53 -9.20 1.92 -1.08
C THR A 53 -7.73 2.16 -0.70
N PRO A 54 -7.45 3.22 0.07
CA PRO A 54 -6.09 3.55 0.53
C PRO A 54 -5.68 2.83 1.83
N ALA A 55 -4.47 3.11 2.30
CA ALA A 55 -3.97 2.58 3.58
C ALA A 55 -2.92 3.52 4.19
N ARG A 56 -2.99 3.70 5.51
CA ARG A 56 -2.08 4.62 6.21
C ARG A 56 -0.78 3.93 6.67
N LEU A 57 0.35 4.58 6.38
CA LEU A 57 1.68 4.07 6.75
C LEU A 57 2.56 5.21 7.32
N GLU A 58 3.26 4.94 8.42
CA GLU A 58 4.16 5.95 9.01
C GLU A 58 5.59 5.79 8.48
N SER A 59 6.16 6.88 7.99
CA SER A 59 7.55 6.90 7.52
C SER A 59 8.48 7.42 8.61
N GLN A 60 9.78 7.49 8.33
CA GLN A 60 10.75 8.01 9.29
C GLN A 60 10.82 9.56 9.24
N ILE A 61 10.05 10.17 8.34
CA ILE A 61 9.90 11.63 8.34
C ILE A 61 8.52 12.04 8.92
N GLY A 62 7.51 11.20 8.71
CA GLY A 62 6.17 11.47 9.23
C GLY A 62 5.12 10.46 8.74
N THR A 63 3.91 10.55 9.28
CA THR A 63 2.83 9.63 8.89
C THR A 63 2.19 10.05 7.55
N LEU A 64 1.91 9.07 6.70
CA LEU A 64 1.33 9.32 5.37
C LEU A 64 0.29 8.24 4.99
N ARG A 65 -0.41 8.48 3.88
CA ARG A 65 -1.44 7.55 3.40
C ARG A 65 -1.24 7.24 1.92
N MET A 66 -1.05 5.96 1.59
CA MET A 66 -0.80 5.55 0.19
C MET A 66 -2.04 4.88 -0.44
N SER A 67 -2.16 4.98 -1.76
CA SER A 67 -3.27 4.39 -2.50
C SER A 67 -2.85 3.98 -3.92
N LEU A 68 -3.39 2.86 -4.41
CA LEU A 68 -3.11 2.38 -5.76
C LEU A 68 -4.20 2.81 -6.75
N VAL A 69 -3.94 3.86 -7.51
CA VAL A 69 -4.90 4.35 -8.52
C VAL A 69 -4.28 4.32 -9.93
N ASN A 70 -5.13 4.19 -10.95
CA ASN A 70 -4.67 4.07 -12.35
C ASN A 70 -3.72 2.88 -12.51
N ILE A 71 -4.27 1.67 -12.54
CA ILE A 71 -3.47 0.44 -12.65
C ILE A 71 -3.63 -0.22 -14.03
N THR A 72 -2.63 -0.07 -14.89
CA THR A 72 -2.66 -0.68 -16.23
C THR A 72 -1.37 -1.46 -16.53
N PRO A 73 -1.45 -2.50 -17.40
CA PRO A 73 -0.31 -3.37 -17.70
C PRO A 73 0.89 -2.64 -18.35
N ASP A 74 2.03 -3.31 -18.38
CA ASP A 74 3.27 -2.74 -18.91
C ASP A 74 4.05 -3.80 -19.72
N ALA A 75 5.09 -3.37 -20.43
CA ALA A 75 5.94 -4.28 -21.20
C ALA A 75 6.58 -5.37 -20.32
N ASP A 76 7.10 -4.96 -19.16
CA ASP A 76 7.72 -5.90 -18.23
C ASP A 76 6.72 -6.46 -17.20
N GLY A 77 5.73 -5.65 -16.83
CA GLY A 77 4.75 -6.09 -15.84
C GLY A 77 3.50 -5.20 -15.76
N THR A 78 3.45 -4.33 -14.75
CA THR A 78 2.29 -3.46 -14.54
C THR A 78 2.69 -2.08 -13.99
N THR A 79 2.10 -1.02 -14.54
CA THR A 79 2.35 0.35 -14.08
C THR A 79 1.12 0.93 -13.38
N LEU A 80 1.33 1.54 -12.21
CA LEU A 80 0.24 2.14 -11.44
C LEU A 80 0.66 3.45 -10.76
N THR A 81 -0.31 4.27 -10.39
CA THR A 81 -0.05 5.56 -9.71
C THR A 81 -0.21 5.43 -8.20
N LEU A 82 0.90 5.57 -7.47
CA LEU A 82 0.88 5.53 -6.01
C LEU A 82 0.74 6.95 -5.43
N ARG A 83 -0.42 7.26 -4.85
CA ARG A 83 -0.69 8.59 -4.30
C ARG A 83 -0.48 8.66 -2.77
N ILE A 84 0.42 9.54 -2.34
CA ILE A 84 0.75 9.71 -0.93
C ILE A 84 0.13 11.00 -0.36
N GLN A 85 -0.75 10.86 0.62
CA GLN A 85 -1.30 12.01 1.35
C GLN A 85 -0.81 12.00 2.81
N GLY A 86 -0.06 13.03 3.19
CA GLY A 86 0.52 13.10 4.53
C GLY A 86 -0.48 13.43 5.62
N GLU A 87 -0.33 12.81 6.78
CA GLU A 87 -1.16 13.11 7.95
C GLU A 87 -0.90 14.55 8.43
N SER A 88 0.37 14.92 8.50
CA SER A 88 0.78 16.29 8.81
C SER A 88 0.39 17.25 7.68
N ASN A 89 -0.38 18.28 8.01
CA ASN A 89 -0.83 19.26 7.01
C ASN A 89 0.33 20.12 6.48
N ASP A 90 1.44 20.08 7.20
CA ASP A 90 2.66 20.82 6.81
C ASP A 90 3.51 20.03 5.79
N PRO A 91 4.32 20.75 4.97
CA PRO A 91 5.12 20.13 3.87
C PRO A 91 6.22 19.16 4.37
N LEU A 92 6.26 17.97 3.77
CA LEU A 92 7.27 16.95 4.11
C LEU A 92 8.37 16.87 3.02
N PRO A 93 9.60 16.46 3.40
CA PRO A 93 10.72 16.34 2.45
C PRO A 93 10.60 15.09 1.55
N ALA A 94 11.53 14.96 0.59
CA ALA A 94 11.53 13.83 -0.35
C ALA A 94 11.82 12.50 0.35
N PHE A 95 11.04 11.47 0.03
CA PHE A 95 11.14 10.16 0.69
C PHE A 95 11.17 9.00 -0.32
N SER A 96 11.76 7.88 0.11
CA SER A 96 11.84 6.67 -0.71
C SER A 96 11.77 5.42 0.17
N GLY A 97 11.64 4.24 -0.45
CA GLY A 97 11.57 3.01 0.34
C GLY A 97 11.50 1.75 -0.52
N THR A 98 11.33 0.60 0.14
CA THR A 98 11.26 -0.70 -0.55
C THR A 98 9.81 -1.20 -0.63
N VAL A 99 9.44 -1.76 -1.77
CA VAL A 99 8.08 -2.25 -1.99
C VAL A 99 8.07 -3.73 -2.43
N GLU A 100 7.26 -4.53 -1.74
CA GLU A 100 7.06 -5.94 -2.11
C GLU A 100 5.87 -6.06 -3.07
N TYR A 101 5.99 -6.92 -4.08
CA TYR A 101 4.86 -7.15 -4.99
C TYR A 101 4.84 -8.61 -5.49
N GLY A 102 3.72 -9.28 -5.24
CA GLY A 102 3.57 -10.67 -5.63
C GLY A 102 2.13 -11.16 -5.52
N GLN A 103 1.95 -12.44 -5.19
CA GLN A 103 0.62 -13.05 -5.13
C GLN A 103 0.33 -13.66 -3.75
N ILE A 104 -0.95 -13.69 -3.37
CA ILE A 104 -1.39 -14.29 -2.11
C ILE A 104 -2.15 -15.61 -2.35
N GLN A 105 -1.80 -16.64 -1.59
CA GLN A 105 -2.58 -17.90 -1.60
C GLN A 105 -3.10 -18.23 -0.19
N GLY A 106 -4.37 -17.90 0.05
CA GLY A 106 -5.00 -18.24 1.32
C GLY A 106 -6.10 -17.26 1.72
N THR A 107 -6.46 -17.29 3.00
CA THR A 107 -7.54 -16.45 3.55
C THR A 107 -6.97 -15.34 4.45
N ILE A 108 -7.86 -14.65 5.19
CA ILE A 108 -7.42 -13.59 6.11
C ILE A 108 -6.59 -14.16 7.26
N ASP A 109 -7.08 -15.25 7.86
CA ASP A 109 -6.40 -15.87 9.00
C ASP A 109 -5.10 -16.58 8.59
N ASN A 110 -5.15 -17.40 7.54
CA ASN A 110 -3.95 -18.08 7.04
C ASN A 110 -3.74 -17.88 5.52
N PHE A 111 -2.70 -17.12 5.17
CA PHE A 111 -2.34 -16.88 3.77
C PHE A 111 -0.82 -16.89 3.58
N GLN A 112 -0.37 -17.20 2.36
CA GLN A 112 1.06 -17.23 2.06
C GLN A 112 1.43 -16.30 0.91
N GLU A 113 2.51 -15.53 1.09
CA GLU A 113 2.99 -14.59 0.08
C GLU A 113 3.96 -15.28 -0.91
N ILE A 114 3.48 -15.56 -2.12
CA ILE A 114 4.31 -16.23 -3.14
C ILE A 114 4.58 -15.30 -4.33
N ASN A 115 5.58 -15.64 -5.16
CA ASN A 115 5.91 -14.86 -6.37
C ASN A 115 6.14 -13.37 -6.05
N VAL A 116 6.63 -13.09 -4.83
CA VAL A 116 6.83 -11.72 -4.37
C VAL A 116 8.27 -11.21 -4.61
N GLN A 117 8.40 -10.10 -5.32
CA GLN A 117 9.70 -9.45 -5.56
C GLN A 117 9.77 -8.10 -4.86
N ASN A 118 10.98 -7.58 -4.70
CA ASN A 118 11.21 -6.29 -4.02
C ASN A 118 11.69 -5.22 -5.01
N GLN A 119 11.20 -3.99 -4.84
CA GLN A 119 11.58 -2.87 -5.72
C GLN A 119 11.75 -1.56 -4.92
N LEU A 120 12.47 -0.60 -5.48
CA LEU A 120 12.66 0.71 -4.83
C LEU A 120 11.75 1.78 -5.44
N ILE A 121 11.15 2.60 -4.58
CA ILE A 121 10.34 3.74 -5.03
C ILE A 121 10.93 5.07 -4.53
N ASN A 122 10.89 6.11 -5.36
CA ASN A 122 11.45 7.42 -5.01
C ASN A 122 10.43 8.55 -5.29
N ALA A 123 9.99 9.24 -4.24
CA ALA A 123 9.00 10.31 -4.38
C ALA A 123 9.62 11.70 -4.10
N PRO A 124 9.27 12.71 -4.92
CA PRO A 124 9.75 14.09 -4.72
C PRO A 124 9.13 14.77 -3.48
N ALA A 125 9.73 15.89 -3.07
CA ALA A 125 9.32 16.60 -1.87
C ALA A 125 8.12 17.54 -2.11
N SER A 126 7.35 17.79 -1.04
CA SER A 126 6.24 18.75 -1.09
C SER A 126 6.71 20.13 -0.62
N VAL A 127 6.76 21.09 -1.54
CA VAL A 127 7.23 22.45 -1.23
C VAL A 127 6.17 23.25 -0.46
N LEU A 128 4.95 23.22 -0.96
CA LEU A 128 3.82 23.91 -0.32
C LEU A 128 2.86 22.90 0.32
N ALA A 129 2.17 23.34 1.37
CA ALA A 129 1.23 22.47 2.08
C ALA A 129 -0.10 22.32 1.32
N PRO A 130 -0.79 21.17 1.44
CA PRO A 130 -0.34 20.02 2.25
C PRO A 130 0.65 19.11 1.52
N SER A 131 1.11 18.07 2.20
CA SER A 131 2.04 17.11 1.60
C SER A 131 1.30 15.98 0.85
N ASP A 132 0.97 16.22 -0.41
CA ASP A 132 0.33 15.20 -1.24
C ASP A 132 1.04 15.04 -2.60
N VAL A 133 1.63 13.87 -2.82
CA VAL A 133 2.41 13.57 -4.03
C VAL A 133 1.89 12.29 -4.70
N ASP A 134 2.23 12.08 -5.98
CA ASP A 134 1.91 10.82 -6.65
C ASP A 134 3.05 10.40 -7.60
N ILE A 135 3.40 9.11 -7.60
CA ILE A 135 4.49 8.59 -8.42
C ILE A 135 4.06 7.34 -9.21
N PRO A 136 4.33 7.29 -10.53
CA PRO A 136 4.08 6.08 -11.33
C PRO A 136 5.07 4.95 -11.03
N LEU A 137 4.56 3.91 -10.41
CA LEU A 137 5.37 2.74 -10.01
C LEU A 137 5.35 1.67 -11.11
N GLN A 138 6.53 1.22 -11.55
CA GLN A 138 6.63 0.17 -12.57
C GLN A 138 7.01 -1.18 -11.96
N LEU A 139 6.02 -2.06 -11.79
CA LEU A 139 6.26 -3.42 -11.31
C LEU A 139 6.60 -4.34 -12.48
N LYS A 140 7.70 -5.07 -12.38
CA LYS A 140 8.18 -5.90 -13.50
C LYS A 140 8.23 -7.40 -13.12
N GLY A 141 7.86 -8.25 -14.08
CA GLY A 141 7.84 -9.69 -13.84
C GLY A 141 6.50 -10.20 -13.28
N ILE A 142 5.44 -9.40 -13.46
CA ILE A 142 4.12 -9.77 -12.93
C ILE A 142 2.98 -9.09 -13.70
N SER A 143 1.95 -9.86 -14.06
CA SER A 143 0.81 -9.36 -14.84
C SER A 143 -0.18 -8.58 -13.96
N VAL A 144 -0.93 -7.66 -14.58
CA VAL A 144 -1.87 -6.78 -13.86
C VAL A 144 -2.95 -7.58 -13.09
N ASP A 145 -3.56 -8.57 -13.75
CA ASP A 145 -4.57 -9.42 -13.11
C ASP A 145 -3.93 -10.43 -12.16
N GLN A 146 -2.62 -10.64 -12.31
CA GLN A 146 -1.88 -11.58 -11.48
C GLN A 146 -1.24 -10.89 -10.25
N LEU A 147 -1.57 -9.61 -10.07
CA LEU A 147 -1.13 -8.86 -8.89
C LEU A 147 -1.94 -9.24 -7.65
N GLY A 148 -1.29 -9.91 -6.69
CA GLY A 148 -1.95 -10.29 -5.45
C GLY A 148 -1.90 -9.20 -4.39
N PHE A 149 -0.72 -8.61 -4.19
CA PHE A 149 -0.54 -7.55 -3.18
C PHE A 149 0.68 -6.66 -3.48
N VAL A 150 0.59 -5.40 -3.03
CA VAL A 150 1.71 -4.46 -3.11
C VAL A 150 2.06 -3.96 -1.68
N ARG A 151 3.06 -4.58 -1.08
CA ARG A 151 3.41 -4.34 0.33
C ARG A 151 4.52 -3.29 0.48
N ILE A 152 4.13 -2.06 0.79
CA ILE A 152 5.09 -0.95 0.95
C ILE A 152 5.77 -0.99 2.33
N HIS A 153 7.08 -0.70 2.40
CA HIS A 153 7.78 -0.66 3.70
C HIS A 153 9.12 0.09 3.63
N ASP A 154 9.69 0.41 4.80
CA ASP A 154 10.99 1.08 4.93
C ASP A 154 11.00 2.49 4.29
N ILE A 155 9.89 3.21 4.42
CA ILE A 155 9.79 4.57 3.88
C ILE A 155 10.61 5.57 4.71
N GLN A 156 11.66 6.11 4.10
CA GLN A 156 12.65 6.96 4.77
C GLN A 156 13.05 8.15 3.89
N PRO A 157 13.68 9.20 4.47
CA PRO A 157 14.18 10.35 3.68
C PRO A 157 15.28 9.94 2.68
N VAL A 158 15.31 10.60 1.52
CA VAL A 158 16.28 10.28 0.45
C VAL A 158 17.64 10.99 0.67
N MET A 159 17.90 11.44 1.89
CA MET A 159 19.08 12.28 2.14
C MET A 159 19.69 12.02 3.52
N GLN A 160 20.60 12.91 3.93
CA GLN A 160 21.19 12.88 5.28
C GLN A 160 20.18 13.29 6.36
N LEU A 161 20.68 13.50 7.59
CA LEU A 161 19.84 13.94 8.71
C LEU A 161 18.76 12.90 9.07
N GLU A 162 19.04 11.63 8.82
CA GLU A 162 18.13 10.53 9.17
C GLU A 162 17.97 10.41 10.70
N HIS A 163 16.77 10.00 11.13
CA HIS A 163 16.47 9.79 12.55
C HIS A 163 15.22 8.91 12.71
N HIS A 164 15.41 7.71 13.26
CA HIS A 164 14.36 6.68 13.31
C HIS A 164 13.27 7.02 14.34
N HIS A 165 12.03 6.60 14.06
CA HIS A 165 10.88 6.91 14.94
C HIS A 165 10.67 5.84 16.02
N HIS A 166 10.04 4.72 15.66
CA HIS A 166 9.73 3.66 16.65
C HIS A 166 10.22 2.28 16.18
N HIS A 167 9.83 1.24 16.94
CA HIS A 167 10.37 -0.12 16.79
C HIS A 167 11.82 -0.16 17.29
N HIS A 168 11.99 -0.05 18.61
CA HIS A 168 13.32 -0.04 19.24
C HIS A 168 13.62 -1.38 19.94
N MET A 1 -25.80 24.99 -55.57
CA MET A 1 -24.45 25.25 -55.01
C MET A 1 -24.55 25.99 -53.67
N VAL A 2 -24.44 25.25 -52.57
CA VAL A 2 -24.47 25.82 -51.22
C VAL A 2 -23.42 25.16 -50.32
N GLN A 3 -22.55 25.96 -49.71
CA GLN A 3 -21.48 25.45 -48.84
C GLN A 3 -21.68 25.88 -47.38
N GLN A 4 -21.43 24.94 -46.47
CA GLN A 4 -21.58 25.19 -45.02
C GLN A 4 -20.45 24.51 -44.23
N SER A 5 -20.42 24.72 -42.91
CA SER A 5 -19.41 24.09 -42.05
C SER A 5 -19.71 24.32 -40.56
N GLU A 6 -19.88 23.22 -39.82
CA GLU A 6 -20.08 23.28 -38.36
C GLU A 6 -19.09 22.36 -37.62
N VAL A 7 -19.24 22.27 -36.30
CA VAL A 7 -18.31 21.51 -35.46
C VAL A 7 -19.02 20.46 -34.59
N ARG A 8 -18.24 19.55 -34.01
CA ARG A 8 -18.74 18.59 -33.01
C ARG A 8 -18.23 18.97 -31.62
N GLN A 9 -19.15 19.20 -30.68
CA GLN A 9 -18.81 19.69 -29.34
C GLN A 9 -18.38 18.55 -28.40
N MET A 10 -17.76 18.93 -27.27
CA MET A 10 -17.36 17.96 -26.23
C MET A 10 -18.58 17.49 -25.42
N LYS A 11 -18.35 16.63 -24.43
CA LYS A 11 -19.45 16.06 -23.63
C LYS A 11 -19.10 15.95 -22.14
N HIS A 12 -20.13 15.98 -21.30
CA HIS A 12 -19.98 15.84 -19.84
C HIS A 12 -20.86 14.69 -19.32
N SER A 13 -20.37 13.94 -18.33
CA SER A 13 -21.11 12.78 -17.78
C SER A 13 -22.31 13.21 -16.94
N VAL A 14 -23.00 12.24 -16.34
CA VAL A 14 -24.21 12.49 -15.54
C VAL A 14 -24.02 12.07 -14.07
N SER A 15 -24.65 12.81 -13.16
CA SER A 15 -24.57 12.52 -11.71
C SER A 15 -25.62 11.46 -11.31
N THR A 16 -25.16 10.41 -10.64
CA THR A 16 -26.05 9.32 -10.20
C THR A 16 -26.51 9.51 -8.75
N LEU A 17 -27.83 9.66 -8.56
CA LEU A 17 -28.40 9.82 -7.21
C LEU A 17 -28.30 8.51 -6.40
N ASN A 18 -28.25 8.64 -5.07
CA ASN A 18 -28.08 7.48 -4.19
C ASN A 18 -29.41 6.79 -3.86
N GLN A 19 -29.53 5.52 -4.25
CA GLN A 19 -30.70 4.70 -3.92
C GLN A 19 -30.33 3.61 -2.89
N GLU A 20 -31.37 2.95 -2.34
CA GLU A 20 -31.18 1.88 -1.35
C GLU A 20 -30.22 0.79 -1.87
N MET A 21 -29.02 0.76 -1.31
CA MET A 21 -27.98 -0.20 -1.72
C MET A 21 -28.19 -1.59 -1.08
N THR A 22 -27.43 -2.57 -1.57
CA THR A 22 -27.56 -3.96 -1.11
C THR A 22 -26.52 -4.29 -0.01
N GLN A 23 -26.29 -5.58 0.23
CA GLN A 23 -25.30 -6.04 1.22
C GLN A 23 -23.85 -5.77 0.76
N LEU A 24 -22.89 -6.40 1.43
CA LEU A 24 -21.46 -6.25 1.11
C LEU A 24 -21.17 -6.64 -0.35
N ASN A 25 -20.35 -5.83 -1.03
CA ASN A 25 -20.04 -6.06 -2.46
C ASN A 25 -18.59 -6.49 -2.64
N GLN A 26 -18.31 -7.20 -3.74
CA GLN A 26 -16.97 -7.77 -3.99
C GLN A 26 -15.86 -6.70 -3.92
N GLU A 27 -16.15 -5.50 -4.43
CA GLU A 27 -15.22 -4.37 -4.33
C GLU A 27 -14.84 -4.12 -2.86
N THR A 28 -15.85 -3.98 -2.00
CA THR A 28 -15.62 -3.72 -0.57
C THR A 28 -15.01 -4.94 0.13
N VAL A 29 -15.30 -6.14 -0.37
CA VAL A 29 -14.68 -7.36 0.16
C VAL A 29 -13.16 -7.33 -0.02
N LYS A 30 -12.71 -6.90 -1.21
CA LYS A 30 -11.28 -6.74 -1.48
C LYS A 30 -10.67 -5.68 -0.55
N ILE A 31 -11.40 -4.57 -0.37
CA ILE A 31 -11.01 -3.53 0.59
C ILE A 31 -10.84 -4.11 2.00
N THR A 32 -11.84 -4.87 2.44
CA THR A 32 -11.82 -5.50 3.77
C THR A 32 -10.59 -6.40 3.93
N GLN A 33 -10.28 -7.18 2.89
CA GLN A 33 -9.10 -8.04 2.88
C GLN A 33 -7.82 -7.20 3.11
N GLN A 34 -7.71 -6.09 2.40
CA GLN A 34 -6.58 -5.17 2.54
C GLN A 34 -6.47 -4.64 3.99
N ASN A 35 -7.58 -4.17 4.52
CA ASN A 35 -7.64 -3.64 5.89
C ASN A 35 -7.35 -4.73 6.94
N ARG A 36 -7.63 -5.98 6.62
CA ARG A 36 -7.29 -7.10 7.50
C ARG A 36 -5.78 -7.39 7.48
N LEU A 37 -5.18 -7.34 6.29
CA LEU A 37 -3.72 -7.48 6.16
C LEU A 37 -3.00 -6.31 6.83
N ASN A 38 -3.62 -5.12 6.73
CA ASN A 38 -3.15 -3.94 7.44
C ASN A 38 -3.14 -4.17 8.96
N ALA A 39 -4.14 -4.90 9.46
CA ALA A 39 -4.21 -5.26 10.88
C ALA A 39 -3.03 -6.16 11.32
N LYS A 40 -2.65 -7.11 10.46
CA LYS A 40 -1.50 -7.98 10.74
C LYS A 40 -0.16 -7.23 10.60
N SER A 41 -0.15 -6.12 9.85
CA SER A 41 1.08 -5.34 9.65
C SER A 41 1.21 -4.22 10.68
N SER A 42 2.44 -4.00 11.18
CA SER A 42 2.69 -3.01 12.23
C SER A 42 2.68 -1.56 11.69
N SER A 43 3.80 -1.11 11.13
CA SER A 43 3.93 0.28 10.64
C SER A 43 3.68 0.39 9.13
N GLY A 44 4.12 -0.62 8.38
CA GLY A 44 3.90 -0.64 6.93
C GLY A 44 2.50 -1.15 6.56
N VAL A 45 2.18 -1.15 5.26
CA VAL A 45 0.84 -1.57 4.81
C VAL A 45 0.89 -2.50 3.58
N TYR A 46 -0.12 -3.35 3.46
CA TYR A 46 -0.33 -4.18 2.27
C TYR A 46 -1.35 -3.54 1.34
N LEU A 47 -0.90 -2.90 0.26
CA LEU A 47 -1.80 -2.30 -0.72
C LEU A 47 -2.23 -3.32 -1.78
N LEU A 48 -3.52 -3.66 -1.77
CA LEU A 48 -4.07 -4.62 -2.73
C LEU A 48 -4.56 -3.91 -4.00
N PRO A 49 -3.92 -4.19 -5.16
CA PRO A 49 -4.23 -3.52 -6.44
C PRO A 49 -5.66 -3.80 -6.98
N GLY A 50 -6.51 -4.38 -6.16
CA GLY A 50 -7.90 -4.59 -6.53
C GLY A 50 -8.86 -3.67 -5.77
N ALA A 51 -8.35 -2.99 -4.75
CA ALA A 51 -9.16 -2.11 -3.90
C ALA A 51 -8.86 -0.62 -4.17
N LYS A 52 -9.90 0.16 -4.44
CA LYS A 52 -9.74 1.59 -4.73
C LYS A 52 -9.53 2.43 -3.47
N THR A 53 -9.17 1.78 -2.37
CA THR A 53 -9.05 2.45 -1.06
C THR A 53 -7.61 2.79 -0.70
N PRO A 54 -7.42 3.91 0.02
CA PRO A 54 -6.11 4.32 0.56
C PRO A 54 -5.78 3.67 1.91
N ALA A 55 -4.50 3.74 2.31
CA ALA A 55 -4.06 3.22 3.60
C ALA A 55 -3.02 4.14 4.25
N ARG A 56 -3.20 4.42 5.54
CA ARG A 56 -2.27 5.30 6.29
C ARG A 56 -1.23 4.46 7.06
N LEU A 57 0.05 4.71 6.80
CA LEU A 57 1.13 3.92 7.40
C LEU A 57 2.07 4.82 8.21
N GLU A 58 2.81 4.20 9.13
CA GLU A 58 3.77 4.92 9.95
C GLU A 58 5.19 4.81 9.37
N SER A 59 5.66 5.92 8.79
CA SER A 59 7.01 5.96 8.19
C SER A 59 8.00 6.64 9.14
N GLN A 60 9.26 6.71 8.72
CA GLN A 60 10.31 7.34 9.52
C GLN A 60 10.22 8.88 9.47
N ILE A 61 9.24 9.41 8.74
CA ILE A 61 8.94 10.85 8.75
C ILE A 61 7.59 11.13 9.41
N GLY A 62 6.77 10.08 9.58
CA GLY A 62 5.45 10.23 10.19
C GLY A 62 4.37 9.48 9.42
N THR A 63 3.12 9.89 9.61
CA THR A 63 1.99 9.27 8.88
C THR A 63 1.91 9.74 7.43
N LEU A 64 1.80 8.79 6.52
CA LEU A 64 1.50 9.10 5.13
C LEU A 64 0.54 8.07 4.53
N ARG A 65 -0.42 8.56 3.76
CA ARG A 65 -1.48 7.76 3.18
C ARG A 65 -1.16 7.39 1.72
N MET A 66 -0.98 6.12 1.44
CA MET A 66 -0.69 5.65 0.08
C MET A 66 -1.87 4.87 -0.51
N SER A 67 -1.97 4.85 -1.84
CA SER A 67 -3.04 4.12 -2.54
C SER A 67 -2.65 3.83 -4.01
N LEU A 68 -3.26 2.80 -4.59
CA LEU A 68 -2.93 2.37 -5.95
C LEU A 68 -4.05 2.73 -6.93
N VAL A 69 -3.82 3.75 -7.76
CA VAL A 69 -4.80 4.15 -8.78
C VAL A 69 -4.24 3.96 -10.20
N ASN A 70 -5.13 3.95 -11.20
CA ASN A 70 -4.71 3.90 -12.61
C ASN A 70 -3.91 2.62 -12.94
N ILE A 71 -4.26 1.52 -12.27
CA ILE A 71 -3.53 0.26 -12.40
C ILE A 71 -3.81 -0.43 -13.75
N THR A 72 -2.82 -0.42 -14.64
CA THR A 72 -2.96 -1.02 -15.98
C THR A 72 -1.74 -1.88 -16.35
N PRO A 73 -1.94 -2.92 -17.18
CA PRO A 73 -0.86 -3.84 -17.59
C PRO A 73 0.21 -3.16 -18.47
N ASP A 74 1.46 -3.61 -18.33
CA ASP A 74 2.60 -3.06 -19.08
C ASP A 74 3.21 -4.12 -20.03
N ALA A 75 4.12 -3.69 -20.90
CA ALA A 75 4.82 -4.60 -21.80
C ALA A 75 5.54 -5.71 -21.04
N ASP A 76 6.39 -5.33 -20.09
CA ASP A 76 7.15 -6.30 -19.29
C ASP A 76 6.34 -6.77 -18.07
N GLY A 77 5.72 -5.83 -17.36
CA GLY A 77 4.96 -6.17 -16.16
C GLY A 77 3.65 -5.39 -16.03
N THR A 78 3.58 -4.50 -15.04
CA THR A 78 2.36 -3.71 -14.79
C THR A 78 2.70 -2.29 -14.28
N THR A 79 2.00 -1.29 -14.81
CA THR A 79 2.21 0.11 -14.40
C THR A 79 1.03 0.62 -13.56
N LEU A 80 1.32 1.12 -12.36
CA LEU A 80 0.27 1.70 -11.49
C LEU A 80 0.73 3.04 -10.90
N THR A 81 -0.20 3.78 -10.30
CA THR A 81 0.12 5.09 -9.73
C THR A 81 -0.02 5.09 -8.20
N LEU A 82 1.10 5.31 -7.51
CA LEU A 82 1.12 5.35 -6.04
C LEU A 82 0.96 6.80 -5.54
N ARG A 83 -0.19 7.10 -4.94
CA ARG A 83 -0.48 8.45 -4.44
C ARG A 83 -0.24 8.57 -2.93
N ILE A 84 0.73 9.40 -2.53
CA ILE A 84 1.06 9.63 -1.12
C ILE A 84 0.35 10.88 -0.57
N GLN A 85 0.00 10.85 0.71
CA GLN A 85 -0.54 12.04 1.40
C GLN A 85 -0.08 12.06 2.88
N GLY A 86 0.84 12.95 3.21
CA GLY A 86 1.49 12.92 4.53
C GLY A 86 0.60 13.39 5.70
N GLU A 87 -0.72 13.24 5.57
CA GLU A 87 -1.70 13.69 6.57
C GLU A 87 -1.63 15.22 6.81
N SER A 88 -0.52 15.67 7.41
CA SER A 88 -0.29 17.11 7.67
C SER A 88 -0.22 17.92 6.35
N ASN A 89 -0.72 19.14 6.39
CA ASN A 89 -0.66 20.03 5.21
C ASN A 89 0.75 20.59 5.00
N ASP A 90 1.53 20.68 6.08
CA ASP A 90 2.90 21.22 6.01
C ASP A 90 3.78 20.43 5.01
N PRO A 91 4.51 21.16 4.12
CA PRO A 91 5.33 20.53 3.07
C PRO A 91 6.45 19.63 3.62
N LEU A 92 6.37 18.34 3.32
CA LEU A 92 7.35 17.36 3.80
C LEU A 92 8.50 17.18 2.79
N PRO A 93 9.71 16.81 3.26
CA PRO A 93 10.85 16.53 2.37
C PRO A 93 10.65 15.28 1.52
N ALA A 94 11.60 14.99 0.62
CA ALA A 94 11.54 13.79 -0.22
C ALA A 94 11.69 12.51 0.60
N PHE A 95 11.31 11.38 0.02
CA PHE A 95 11.34 10.10 0.74
C PHE A 95 11.38 8.89 -0.21
N SER A 96 12.02 7.83 0.26
CA SER A 96 12.15 6.57 -0.50
C SER A 96 11.68 5.38 0.34
N GLY A 97 11.52 4.21 -0.29
CA GLY A 97 11.08 3.03 0.45
C GLY A 97 11.10 1.74 -0.36
N THR A 98 10.96 0.61 0.33
CA THR A 98 10.98 -0.71 -0.30
C THR A 98 9.54 -1.24 -0.51
N VAL A 99 9.15 -1.44 -1.76
CA VAL A 99 7.82 -1.99 -2.07
C VAL A 99 7.92 -3.42 -2.64
N GLU A 100 7.41 -4.39 -1.87
CA GLU A 100 7.47 -5.80 -2.28
C GLU A 100 6.15 -6.25 -2.93
N TYR A 101 6.20 -6.50 -4.23
CA TYR A 101 5.02 -6.94 -4.98
C TYR A 101 5.11 -8.42 -5.34
N GLY A 102 3.99 -9.14 -5.22
CA GLY A 102 3.97 -10.56 -5.52
C GLY A 102 2.57 -11.16 -5.53
N GLN A 103 2.49 -12.48 -5.49
CA GLN A 103 1.21 -13.21 -5.53
C GLN A 103 0.87 -13.78 -4.14
N ILE A 104 -0.42 -14.04 -3.91
CA ILE A 104 -0.88 -14.62 -2.65
C ILE A 104 -1.62 -15.95 -2.89
N GLN A 105 -1.43 -16.90 -1.99
CA GLN A 105 -2.24 -18.13 -1.98
C GLN A 105 -2.59 -18.52 -0.52
N GLY A 106 -3.82 -18.25 -0.13
CA GLY A 106 -4.29 -18.62 1.21
C GLY A 106 -5.44 -17.75 1.72
N THR A 107 -5.67 -17.80 3.03
CA THR A 107 -6.75 -17.02 3.66
C THR A 107 -6.18 -15.82 4.44
N ILE A 108 -7.07 -15.05 5.08
CA ILE A 108 -6.63 -13.93 5.93
C ILE A 108 -5.78 -14.42 7.10
N ASP A 109 -6.02 -15.66 7.52
CA ASP A 109 -5.24 -16.28 8.59
C ASP A 109 -3.92 -16.85 8.03
N ASN A 110 -4.03 -17.73 7.03
CA ASN A 110 -2.86 -18.37 6.42
C ASN A 110 -2.71 -18.02 4.93
N PHE A 111 -2.08 -16.88 4.67
CA PHE A 111 -1.80 -16.43 3.30
C PHE A 111 -0.30 -16.56 2.99
N GLN A 112 0.03 -17.29 1.93
CA GLN A 112 1.43 -17.48 1.53
C GLN A 112 1.85 -16.46 0.45
N GLU A 113 2.83 -15.63 0.79
CA GLU A 113 3.40 -14.66 -0.16
C GLU A 113 4.35 -15.37 -1.14
N ILE A 114 3.88 -15.62 -2.35
CA ILE A 114 4.67 -16.35 -3.36
C ILE A 114 5.06 -15.44 -4.54
N ASN A 115 6.20 -15.74 -5.18
CA ASN A 115 6.67 -14.96 -6.34
C ASN A 115 6.77 -13.46 -6.03
N VAL A 116 7.14 -13.13 -4.80
CA VAL A 116 7.24 -11.73 -4.38
C VAL A 116 8.68 -11.20 -4.50
N GLN A 117 8.82 -10.04 -5.14
CA GLN A 117 10.11 -9.35 -5.25
C GLN A 117 9.93 -7.84 -5.00
N ASN A 118 11.01 -7.16 -4.61
CA ASN A 118 10.92 -5.77 -4.15
C ASN A 118 11.41 -4.76 -5.21
N GLN A 119 10.87 -3.54 -5.12
CA GLN A 119 11.30 -2.41 -5.94
C GLN A 119 11.51 -1.17 -5.06
N LEU A 120 12.42 -0.28 -5.45
CA LEU A 120 12.68 0.96 -4.70
C LEU A 120 11.88 2.14 -5.26
N ILE A 121 11.06 2.77 -4.41
CA ILE A 121 10.31 3.98 -4.78
C ILE A 121 10.99 5.25 -4.28
N ASN A 122 11.00 6.29 -5.11
CA ASN A 122 11.59 7.58 -4.74
C ASN A 122 10.67 8.74 -5.13
N ALA A 123 10.02 9.34 -4.13
CA ALA A 123 9.08 10.45 -4.37
C ALA A 123 9.77 11.81 -4.20
N PRO A 124 9.46 12.78 -5.09
CA PRO A 124 10.07 14.12 -5.07
C PRO A 124 9.81 14.91 -3.76
N ALA A 125 10.66 15.89 -3.50
CA ALA A 125 10.55 16.73 -2.30
C ALA A 125 9.35 17.69 -2.41
N SER A 126 8.52 17.74 -1.37
CA SER A 126 7.34 18.61 -1.36
C SER A 126 7.67 19.97 -0.72
N VAL A 127 7.89 20.99 -1.55
CA VAL A 127 8.17 22.34 -1.07
C VAL A 127 6.87 23.14 -0.87
N LEU A 128 5.81 22.70 -1.54
CA LEU A 128 4.49 23.34 -1.44
C LEU A 128 3.54 22.55 -0.51
N ALA A 129 2.45 23.18 -0.12
CA ALA A 129 1.43 22.55 0.72
C ALA A 129 0.10 22.40 -0.03
N PRO A 130 -0.70 21.35 0.24
CA PRO A 130 -0.33 20.29 1.20
C PRO A 130 0.57 19.20 0.60
N SER A 131 1.10 18.31 1.46
CA SER A 131 2.02 17.26 1.02
C SER A 131 1.29 16.01 0.48
N ASP A 132 0.90 16.06 -0.79
CA ASP A 132 0.34 14.89 -1.47
C ASP A 132 0.92 14.74 -2.90
N VAL A 133 1.60 13.63 -3.13
CA VAL A 133 2.33 13.40 -4.39
C VAL A 133 1.85 12.12 -5.09
N ASP A 134 1.94 12.08 -6.43
CA ASP A 134 1.53 10.89 -7.19
C ASP A 134 2.68 10.38 -8.10
N ILE A 135 3.26 9.23 -7.75
CA ILE A 135 4.40 8.67 -8.50
C ILE A 135 4.02 7.37 -9.24
N PRO A 136 4.47 7.23 -10.51
CA PRO A 136 4.20 6.02 -11.32
C PRO A 136 5.16 4.85 -11.00
N LEU A 137 4.64 3.63 -11.10
CA LEU A 137 5.43 2.42 -10.81
C LEU A 137 5.28 1.36 -11.90
N GLN A 138 6.37 1.02 -12.57
CA GLN A 138 6.38 -0.11 -13.50
C GLN A 138 6.92 -1.36 -12.80
N LEU A 139 6.03 -2.18 -12.27
CA LEU A 139 6.40 -3.42 -11.61
C LEU A 139 6.76 -4.49 -12.67
N LYS A 140 8.03 -4.81 -12.74
CA LYS A 140 8.55 -5.69 -13.79
C LYS A 140 8.39 -7.17 -13.45
N GLY A 141 8.24 -8.00 -14.49
CA GLY A 141 8.15 -9.44 -14.30
C GLY A 141 6.84 -9.94 -13.67
N ILE A 142 5.82 -9.08 -13.62
CA ILE A 142 4.54 -9.48 -13.03
C ILE A 142 3.33 -8.84 -13.74
N SER A 143 2.37 -9.68 -14.13
CA SER A 143 1.13 -9.22 -14.77
C SER A 143 0.09 -8.77 -13.73
N VAL A 144 -0.70 -7.75 -14.08
CA VAL A 144 -1.69 -7.18 -13.17
C VAL A 144 -2.69 -8.22 -12.64
N ASP A 145 -3.05 -9.19 -13.48
CA ASP A 145 -3.94 -10.28 -13.07
C ASP A 145 -3.37 -11.06 -11.88
N GLN A 146 -2.04 -11.17 -11.83
CA GLN A 146 -1.35 -11.94 -10.80
C GLN A 146 -0.84 -11.05 -9.65
N LEU A 147 -1.17 -9.76 -9.69
CA LEU A 147 -0.82 -8.83 -8.60
C LEU A 147 -1.64 -9.13 -7.33
N GLY A 148 -1.04 -9.90 -6.43
CA GLY A 148 -1.71 -10.26 -5.19
C GLY A 148 -1.67 -9.16 -4.13
N PHE A 149 -0.52 -8.49 -4.01
CA PHE A 149 -0.33 -7.44 -3.00
C PHE A 149 0.87 -6.54 -3.33
N VAL A 150 0.84 -5.32 -2.78
CA VAL A 150 1.98 -4.40 -2.84
C VAL A 150 2.38 -3.98 -1.41
N ARG A 151 3.44 -4.61 -0.88
CA ARG A 151 3.85 -4.41 0.51
C ARG A 151 4.74 -3.16 0.68
N ILE A 152 4.16 -2.11 1.25
CA ILE A 152 4.86 -0.82 1.44
C ILE A 152 5.57 -0.76 2.79
N HIS A 153 6.89 -0.56 2.78
CA HIS A 153 7.67 -0.42 4.03
C HIS A 153 9.02 0.30 3.80
N ASP A 154 9.77 0.50 4.89
CA ASP A 154 11.10 1.13 4.85
C ASP A 154 11.08 2.59 4.37
N ILE A 155 9.89 3.21 4.43
CA ILE A 155 9.73 4.61 4.00
C ILE A 155 10.56 5.57 4.87
N GLN A 156 11.56 6.19 4.25
CA GLN A 156 12.54 7.04 4.95
C GLN A 156 12.82 8.35 4.19
N PRO A 157 13.23 9.42 4.91
CA PRO A 157 13.50 10.73 4.29
C PRO A 157 14.79 10.78 3.45
N VAL A 158 14.71 11.37 2.26
CA VAL A 158 15.88 11.56 1.40
C VAL A 158 16.02 13.04 1.00
N MET A 159 17.23 13.60 1.14
CA MET A 159 17.49 15.00 0.84
C MET A 159 18.95 15.22 0.43
N GLN A 160 19.39 16.46 0.41
CA GLN A 160 20.80 16.78 0.11
C GLN A 160 21.74 16.31 1.23
N LEU A 161 23.02 16.12 0.90
CA LEU A 161 24.02 15.81 1.91
C LEU A 161 24.22 17.02 2.84
N GLU A 162 23.75 16.90 4.09
CA GLU A 162 23.79 18.02 5.03
C GLU A 162 25.21 18.59 5.19
N HIS A 163 25.30 19.89 5.43
CA HIS A 163 26.58 20.59 5.49
C HIS A 163 27.20 20.54 6.90
N HIS A 164 27.44 19.31 7.40
CA HIS A 164 28.07 19.08 8.72
C HIS A 164 27.56 20.05 9.79
N HIS A 165 26.25 20.03 10.02
CA HIS A 165 25.60 20.93 10.99
C HIS A 165 25.66 20.37 12.43
N HIS A 166 25.78 19.06 12.56
CA HIS A 166 25.84 18.39 13.87
C HIS A 166 26.99 18.94 14.74
N HIS A 167 26.64 19.79 15.71
CA HIS A 167 27.61 20.42 16.62
C HIS A 167 28.63 21.28 15.85
N HIS A 168 28.24 22.52 15.58
CA HIS A 168 29.13 23.49 14.91
C HIS A 168 30.38 23.82 15.77
N MET A 1 20.23 -25.30 18.13
CA MET A 1 19.82 -23.90 17.84
C MET A 1 18.37 -23.66 18.28
N VAL A 2 17.42 -24.37 17.67
CA VAL A 2 16.00 -24.24 18.01
C VAL A 2 15.64 -25.10 19.24
N GLN A 3 15.28 -24.45 20.34
CA GLN A 3 14.85 -25.15 21.54
C GLN A 3 13.32 -25.26 21.59
N GLN A 4 12.82 -26.48 21.71
CA GLN A 4 11.38 -26.74 21.67
C GLN A 4 10.68 -26.34 22.99
N SER A 5 9.74 -25.39 22.90
CA SER A 5 8.95 -24.96 24.05
C SER A 5 7.53 -25.53 23.98
N GLU A 6 7.37 -26.75 24.49
CA GLU A 6 6.10 -27.49 24.39
C GLU A 6 5.08 -27.00 25.44
N VAL A 7 4.54 -25.81 25.21
CA VAL A 7 3.58 -25.20 26.13
C VAL A 7 2.12 -25.55 25.78
N ARG A 8 1.22 -25.46 26.76
CA ARG A 8 -0.20 -25.75 26.53
C ARG A 8 -1.10 -24.58 26.96
N GLN A 9 -1.72 -23.91 25.99
CA GLN A 9 -2.69 -22.85 26.27
C GLN A 9 -4.12 -23.42 26.28
N MET A 10 -4.95 -22.97 27.21
CA MET A 10 -6.32 -23.48 27.35
C MET A 10 -7.35 -22.34 27.42
N LYS A 11 -8.38 -22.41 26.58
CA LYS A 11 -9.50 -21.47 26.64
C LYS A 11 -10.79 -22.11 26.11
N HIS A 12 -11.93 -21.73 26.68
CA HIS A 12 -13.23 -22.30 26.29
C HIS A 12 -13.73 -21.68 24.96
N SER A 13 -13.79 -22.51 23.92
CA SER A 13 -14.29 -22.06 22.60
C SER A 13 -15.74 -21.57 22.68
N VAL A 14 -15.97 -20.34 22.25
CA VAL A 14 -17.30 -19.72 22.30
C VAL A 14 -18.05 -19.83 20.96
N SER A 15 -19.36 -20.08 21.04
CA SER A 15 -20.23 -20.13 19.85
C SER A 15 -21.17 -18.92 19.83
N THR A 16 -21.28 -18.25 18.68
CA THR A 16 -22.07 -17.00 18.58
C THR A 16 -22.96 -16.97 17.33
N LEU A 17 -24.04 -16.18 17.41
CA LEU A 17 -24.95 -15.98 16.27
C LEU A 17 -24.33 -15.07 15.20
N ASN A 18 -24.65 -15.32 13.94
CA ASN A 18 -24.12 -14.50 12.83
C ASN A 18 -24.99 -13.27 12.57
N GLN A 19 -24.54 -12.11 13.06
CA GLN A 19 -25.27 -10.84 12.87
C GLN A 19 -24.94 -10.21 11.50
N GLU A 20 -24.53 -11.04 10.55
CA GLU A 20 -24.05 -10.57 9.24
C GLU A 20 -25.16 -10.62 8.16
N MET A 21 -24.81 -10.19 6.96
CA MET A 21 -25.77 -10.13 5.83
C MET A 21 -25.46 -11.20 4.76
N THR A 22 -26.13 -11.11 3.61
CA THR A 22 -25.98 -12.09 2.51
C THR A 22 -24.76 -11.78 1.61
N GLN A 23 -24.74 -12.40 0.42
CA GLN A 23 -23.68 -12.22 -0.58
C GLN A 23 -23.22 -10.75 -0.74
N LEU A 24 -21.92 -10.56 -0.95
CA LEU A 24 -21.33 -9.23 -1.08
C LEU A 24 -20.59 -9.06 -2.42
N ASN A 25 -20.63 -7.84 -2.97
CA ASN A 25 -19.95 -7.54 -4.24
C ASN A 25 -18.42 -7.72 -4.13
N GLN A 26 -17.83 -8.39 -5.12
CA GLN A 26 -16.38 -8.69 -5.12
C GLN A 26 -15.52 -7.47 -4.80
N GLU A 27 -15.91 -6.30 -5.31
CA GLU A 27 -15.20 -5.04 -5.03
C GLU A 27 -15.01 -4.83 -3.52
N THR A 28 -16.12 -4.83 -2.79
CA THR A 28 -16.08 -4.65 -1.33
C THR A 28 -15.43 -5.84 -0.63
N VAL A 29 -15.53 -7.03 -1.23
CA VAL A 29 -14.86 -8.23 -0.70
C VAL A 29 -13.34 -8.05 -0.65
N LYS A 30 -12.75 -7.59 -1.75
CA LYS A 30 -11.32 -7.29 -1.80
C LYS A 30 -10.93 -6.21 -0.77
N ILE A 31 -11.70 -5.13 -0.73
CA ILE A 31 -11.47 -4.04 0.23
C ILE A 31 -11.49 -4.57 1.68
N THR A 32 -12.52 -5.34 2.03
CA THR A 32 -12.61 -5.94 3.37
C THR A 32 -11.39 -6.80 3.67
N GLN A 33 -10.96 -7.60 2.69
CA GLN A 33 -9.77 -8.45 2.83
C GLN A 33 -8.52 -7.61 3.13
N GLN A 34 -8.35 -6.50 2.41
CA GLN A 34 -7.21 -5.60 2.62
C GLN A 34 -7.17 -5.09 4.06
N ASN A 35 -8.32 -4.70 4.60
CA ASN A 35 -8.40 -4.23 5.99
C ASN A 35 -8.02 -5.33 6.99
N ARG A 36 -8.39 -6.58 6.71
CA ARG A 36 -8.03 -7.70 7.58
C ARG A 36 -6.51 -7.92 7.59
N LEU A 37 -5.91 -7.98 6.40
CA LEU A 37 -4.45 -8.13 6.26
C LEU A 37 -3.72 -6.92 6.84
N ASN A 38 -4.26 -5.72 6.61
CA ASN A 38 -3.67 -4.49 7.12
C ASN A 38 -3.64 -4.48 8.66
N ALA A 39 -4.70 -5.01 9.26
CA ALA A 39 -4.78 -5.14 10.73
C ALA A 39 -3.74 -6.15 11.26
N LYS A 40 -3.46 -7.18 10.47
CA LYS A 40 -2.46 -8.19 10.85
C LYS A 40 -1.06 -7.84 10.31
N SER A 41 -0.95 -6.69 9.65
CA SER A 41 0.34 -6.18 9.15
C SER A 41 1.15 -5.55 10.29
N SER A 42 2.15 -6.27 10.77
CA SER A 42 2.99 -5.79 11.88
C SER A 42 4.19 -4.97 11.38
N SER A 43 4.56 -5.20 10.12
CA SER A 43 5.69 -4.49 9.50
C SER A 43 5.30 -3.93 8.12
N GLY A 44 5.09 -2.61 8.06
CA GLY A 44 4.64 -1.98 6.82
C GLY A 44 3.13 -2.01 6.65
N VAL A 45 2.65 -1.79 5.42
CA VAL A 45 1.22 -1.82 5.13
C VAL A 45 0.89 -2.69 3.90
N TYR A 46 -0.27 -3.36 3.93
CA TYR A 46 -0.73 -4.16 2.79
C TYR A 46 -1.72 -3.38 1.92
N LEU A 47 -1.37 -3.21 0.64
CA LEU A 47 -2.28 -2.67 -0.38
C LEU A 47 -2.64 -3.76 -1.41
N LEU A 48 -3.91 -3.84 -1.77
CA LEU A 48 -4.35 -4.85 -2.74
C LEU A 48 -4.69 -4.21 -4.11
N PRO A 49 -4.14 -4.76 -5.21
CA PRO A 49 -4.40 -4.23 -6.56
C PRO A 49 -5.89 -4.26 -6.94
N GLY A 50 -6.62 -5.24 -6.39
CA GLY A 50 -8.06 -5.32 -6.62
C GLY A 50 -8.87 -4.40 -5.70
N ALA A 51 -8.21 -3.86 -4.68
CA ALA A 51 -8.85 -2.95 -3.73
C ALA A 51 -8.16 -1.57 -3.70
N LYS A 52 -8.43 -0.77 -4.72
CA LYS A 52 -7.80 0.56 -4.85
C LYS A 52 -8.28 1.53 -3.75
N THR A 53 -7.72 1.41 -2.56
CA THR A 53 -8.11 2.24 -1.42
C THR A 53 -6.90 2.76 -0.63
N PRO A 54 -7.05 3.92 0.04
CA PRO A 54 -5.97 4.53 0.84
C PRO A 54 -5.65 3.77 2.16
N ALA A 55 -4.38 3.80 2.55
CA ALA A 55 -3.92 3.18 3.79
C ALA A 55 -2.83 4.04 4.45
N ARG A 56 -2.88 4.16 5.79
CA ARG A 56 -1.92 4.99 6.53
C ARG A 56 -0.63 4.22 6.85
N LEU A 57 0.50 4.90 6.73
CA LEU A 57 1.82 4.29 6.98
C LEU A 57 2.77 5.30 7.62
N GLU A 58 3.41 4.90 8.72
CA GLU A 58 4.43 5.74 9.35
C GLU A 58 5.79 5.57 8.66
N SER A 59 6.50 6.67 8.49
CA SER A 59 7.79 6.67 7.77
C SER A 59 8.91 7.24 8.64
N GLN A 60 10.08 7.39 8.05
CA GLN A 60 11.23 8.00 8.73
C GLN A 60 11.28 9.52 8.49
N ILE A 61 10.20 10.08 7.94
CA ILE A 61 10.04 11.53 7.78
C ILE A 61 8.77 12.03 8.49
N GLY A 62 7.98 11.10 9.03
CA GLY A 62 6.70 11.43 9.68
C GLY A 62 5.61 10.43 9.33
N THR A 63 4.36 10.77 9.65
CA THR A 63 3.22 9.89 9.35
C THR A 63 2.58 10.26 8.01
N LEU A 64 2.52 9.30 7.08
CA LEU A 64 1.92 9.53 5.76
C LEU A 64 0.78 8.54 5.45
N ARG A 65 0.23 8.63 4.25
CA ARG A 65 -0.99 7.90 3.89
C ARG A 65 -1.01 7.60 2.38
N MET A 66 -0.75 6.35 2.01
CA MET A 66 -0.54 5.98 0.60
C MET A 66 -1.77 5.31 -0.04
N SER A 67 -1.77 5.21 -1.37
CA SER A 67 -2.88 4.57 -2.10
C SER A 67 -2.47 4.20 -3.54
N LEU A 68 -3.31 3.37 -4.19
CA LEU A 68 -3.04 2.88 -5.56
C LEU A 68 -4.11 3.35 -6.54
N VAL A 69 -3.68 4.04 -7.61
CA VAL A 69 -4.60 4.48 -8.68
C VAL A 69 -3.96 4.29 -10.08
N ASN A 70 -4.76 4.48 -11.13
CA ASN A 70 -4.28 4.35 -12.52
C ASN A 70 -3.67 2.97 -12.82
N ILE A 71 -4.20 1.93 -12.18
CA ILE A 71 -3.66 0.57 -12.33
C ILE A 71 -3.97 -0.02 -13.71
N THR A 72 -2.94 -0.14 -14.55
CA THR A 72 -3.09 -0.71 -15.90
C THR A 72 -1.97 -1.71 -16.23
N PRO A 73 -2.26 -2.68 -17.12
CA PRO A 73 -1.27 -3.69 -17.55
C PRO A 73 -0.15 -3.08 -18.42
N ASP A 74 1.09 -3.48 -18.16
CA ASP A 74 2.25 -2.91 -18.86
C ASP A 74 2.95 -3.95 -19.75
N ALA A 75 3.67 -3.49 -20.76
CA ALA A 75 4.37 -4.37 -21.70
C ALA A 75 5.48 -5.19 -21.02
N ASP A 76 6.04 -4.65 -19.94
CA ASP A 76 7.05 -5.35 -19.14
C ASP A 76 6.45 -5.97 -17.87
N GLY A 77 5.40 -5.33 -17.34
CA GLY A 77 4.72 -5.86 -16.16
C GLY A 77 3.36 -5.20 -15.91
N THR A 78 3.31 -4.28 -14.95
CA THR A 78 2.07 -3.55 -14.62
C THR A 78 2.40 -2.16 -14.06
N THR A 79 1.79 -1.12 -14.62
CA THR A 79 2.04 0.26 -14.19
C THR A 79 0.85 0.83 -13.41
N LEU A 80 1.14 1.45 -12.27
CA LEU A 80 0.11 2.08 -11.44
C LEU A 80 0.66 3.30 -10.70
N THR A 81 -0.15 4.34 -10.55
CA THR A 81 0.29 5.56 -9.86
C THR A 81 0.19 5.41 -8.34
N LEU A 82 1.34 5.48 -7.68
CA LEU A 82 1.41 5.39 -6.22
C LEU A 82 1.25 6.80 -5.62
N ARG A 83 0.19 7.01 -4.84
CA ARG A 83 -0.08 8.32 -4.23
C ARG A 83 0.40 8.36 -2.76
N ILE A 84 1.04 9.46 -2.37
CA ILE A 84 1.49 9.65 -0.99
C ILE A 84 0.79 10.87 -0.35
N GLN A 85 -0.34 10.63 0.30
CA GLN A 85 -1.05 11.68 1.04
C GLN A 85 -0.39 11.88 2.41
N GLY A 86 0.07 13.08 2.68
CA GLY A 86 0.67 13.36 3.98
C GLY A 86 -0.36 13.78 5.02
N GLU A 87 -0.45 13.06 6.15
CA GLU A 87 -1.28 13.48 7.27
C GLU A 87 -0.98 14.93 7.65
N SER A 88 0.31 15.27 7.60
CA SER A 88 0.76 16.65 7.75
C SER A 88 0.47 17.46 6.48
N ASN A 89 -0.37 18.48 6.59
CA ASN A 89 -0.71 19.32 5.43
C ASN A 89 0.53 20.00 4.85
N ASP A 90 1.48 20.30 5.72
CA ASP A 90 2.73 20.97 5.33
C ASP A 90 3.60 20.08 4.42
N PRO A 91 4.38 20.69 3.51
CA PRO A 91 5.16 19.96 2.48
C PRO A 91 6.17 18.95 3.06
N LEU A 92 6.05 17.69 2.63
CA LEU A 92 7.00 16.64 3.05
C LEU A 92 8.26 16.64 2.17
N PRO A 93 9.43 16.25 2.72
CA PRO A 93 10.69 16.19 1.96
C PRO A 93 10.76 14.96 1.02
N ALA A 94 11.83 14.90 0.21
CA ALA A 94 12.02 13.79 -0.74
C ALA A 94 12.41 12.50 -0.01
N PHE A 95 11.90 11.36 -0.48
CA PHE A 95 12.12 10.07 0.18
C PHE A 95 12.13 8.90 -0.82
N SER A 96 12.70 7.78 -0.39
CA SER A 96 12.69 6.53 -1.16
C SER A 96 12.10 5.39 -0.30
N GLY A 97 11.48 4.41 -0.93
CA GLY A 97 10.86 3.32 -0.19
C GLY A 97 10.96 1.96 -0.88
N THR A 98 10.92 0.89 -0.08
CA THR A 98 10.98 -0.48 -0.61
C THR A 98 9.58 -1.09 -0.72
N VAL A 99 9.09 -1.21 -1.96
CA VAL A 99 7.77 -1.81 -2.21
C VAL A 99 7.89 -3.30 -2.56
N GLU A 100 7.02 -4.13 -1.97
CA GLU A 100 7.02 -5.58 -2.20
C GLU A 100 5.73 -6.02 -2.89
N TYR A 101 5.86 -6.51 -4.12
CA TYR A 101 4.70 -6.94 -4.91
C TYR A 101 4.80 -8.42 -5.31
N GLY A 102 3.79 -9.20 -4.95
CA GLY A 102 3.79 -10.64 -5.24
C GLY A 102 2.42 -11.29 -5.07
N GLN A 103 2.41 -12.55 -4.65
CA GLN A 103 1.16 -13.32 -4.52
C GLN A 103 1.00 -13.95 -3.12
N ILE A 104 -0.24 -14.21 -2.74
CA ILE A 104 -0.57 -14.88 -1.47
C ILE A 104 -1.18 -16.27 -1.74
N GLN A 105 -0.67 -17.30 -1.07
CA GLN A 105 -1.13 -18.69 -1.31
C GLN A 105 -2.11 -19.20 -0.25
N GLY A 106 -2.40 -18.41 0.78
CA GLY A 106 -3.19 -18.91 1.91
C GLY A 106 -4.41 -18.05 2.26
N THR A 107 -4.89 -18.20 3.49
CA THR A 107 -6.08 -17.47 3.98
C THR A 107 -5.69 -16.25 4.82
N ILE A 108 -6.69 -15.56 5.36
CA ILE A 108 -6.47 -14.42 6.25
C ILE A 108 -5.90 -14.88 7.61
N ASP A 109 -6.18 -16.14 7.97
CA ASP A 109 -5.70 -16.71 9.22
C ASP A 109 -4.28 -17.28 9.09
N ASN A 110 -4.01 -17.97 7.99
CA ASN A 110 -2.68 -18.54 7.72
C ASN A 110 -2.32 -18.47 6.23
N PHE A 111 -1.28 -17.70 5.91
CA PHE A 111 -0.86 -17.50 4.52
C PHE A 111 0.67 -17.35 4.40
N GLN A 112 1.18 -17.51 3.19
CA GLN A 112 2.60 -17.29 2.89
C GLN A 112 2.75 -16.44 1.61
N GLU A 113 3.55 -15.38 1.72
CA GLU A 113 3.76 -14.46 0.59
C GLU A 113 4.79 -15.01 -0.40
N ILE A 114 4.33 -15.48 -1.55
CA ILE A 114 5.20 -16.13 -2.54
C ILE A 114 5.36 -15.28 -3.82
N ASN A 115 6.42 -15.57 -4.58
CA ASN A 115 6.68 -14.91 -5.89
C ASN A 115 6.80 -13.38 -5.78
N VAL A 116 7.11 -12.89 -4.58
CA VAL A 116 7.16 -11.44 -4.33
C VAL A 116 8.52 -10.82 -4.72
N GLN A 117 8.46 -9.66 -5.35
CA GLN A 117 9.67 -8.91 -5.75
C GLN A 117 9.71 -7.54 -5.04
N ASN A 118 10.89 -6.95 -5.00
CA ASN A 118 11.07 -5.62 -4.39
C ASN A 118 11.38 -4.55 -5.45
N GLN A 119 11.00 -3.31 -5.18
CA GLN A 119 11.33 -2.18 -6.05
C GLN A 119 11.51 -0.90 -5.23
N LEU A 120 12.44 -0.04 -5.64
CA LEU A 120 12.72 1.21 -4.91
C LEU A 120 12.05 2.42 -5.58
N ILE A 121 11.07 2.99 -4.90
CA ILE A 121 10.38 4.19 -5.38
C ILE A 121 11.00 5.47 -4.80
N ASN A 122 11.56 6.32 -5.67
CA ASN A 122 12.17 7.58 -5.24
C ASN A 122 11.23 8.78 -5.53
N ALA A 123 10.60 9.31 -4.49
CA ALA A 123 9.66 10.43 -4.63
C ALA A 123 10.37 11.79 -4.52
N PRO A 124 9.89 12.82 -5.25
CA PRO A 124 10.46 14.17 -5.22
C PRO A 124 10.15 14.94 -3.93
N ALA A 125 10.80 16.08 -3.73
CA ALA A 125 10.62 16.90 -2.51
C ALA A 125 9.48 17.91 -2.68
N SER A 126 8.54 17.91 -1.73
CA SER A 126 7.42 18.87 -1.76
C SER A 126 7.80 20.19 -1.08
N VAL A 127 7.45 21.30 -1.73
CA VAL A 127 7.73 22.64 -1.20
C VAL A 127 6.43 23.43 -0.91
N LEU A 128 5.28 22.78 -1.11
CA LEU A 128 3.97 23.45 -0.97
C LEU A 128 2.96 22.58 -0.21
N ALA A 129 1.81 23.17 0.14
CA ALA A 129 0.74 22.48 0.86
C ALA A 129 -0.58 22.55 0.08
N PRO A 130 -1.44 21.49 0.13
CA PRO A 130 -1.18 20.26 0.90
C PRO A 130 -0.16 19.32 0.23
N SER A 131 0.48 18.48 1.03
CA SER A 131 1.54 17.58 0.52
C SER A 131 1.00 16.18 0.17
N ASP A 132 0.44 16.03 -1.02
CA ASP A 132 0.08 14.70 -1.56
C ASP A 132 0.84 14.45 -2.88
N VAL A 133 1.81 13.55 -2.83
CA VAL A 133 2.73 13.31 -3.95
C VAL A 133 2.26 12.18 -4.88
N ASP A 134 2.49 12.33 -6.19
CA ASP A 134 2.17 11.30 -7.17
C ASP A 134 3.44 10.76 -7.87
N ILE A 135 3.68 9.46 -7.76
CA ILE A 135 4.79 8.81 -8.46
C ILE A 135 4.35 7.52 -9.18
N PRO A 136 4.62 7.41 -10.49
CA PRO A 136 4.26 6.21 -11.27
C PRO A 136 5.11 4.98 -10.91
N LEU A 137 4.47 3.96 -10.36
CA LEU A 137 5.14 2.74 -9.95
C LEU A 137 5.12 1.71 -11.10
N GLN A 138 6.29 1.44 -11.68
CA GLN A 138 6.40 0.56 -12.84
C GLN A 138 6.87 -0.85 -12.45
N LEU A 139 5.95 -1.79 -12.36
CA LEU A 139 6.25 -3.17 -11.95
C LEU A 139 6.64 -4.06 -13.14
N LYS A 140 7.50 -5.05 -12.90
CA LYS A 140 7.95 -5.98 -13.95
C LYS A 140 7.63 -7.44 -13.60
N GLY A 141 7.42 -8.26 -14.62
CA GLY A 141 7.24 -9.71 -14.43
C GLY A 141 6.00 -10.08 -13.62
N ILE A 142 4.96 -9.26 -13.69
CA ILE A 142 3.72 -9.51 -12.94
C ILE A 142 2.53 -8.76 -13.55
N SER A 143 1.40 -9.46 -13.68
CA SER A 143 0.20 -8.90 -14.32
C SER A 143 -0.83 -8.44 -13.28
N VAL A 144 -1.61 -7.40 -13.61
CA VAL A 144 -2.60 -6.81 -12.70
C VAL A 144 -3.58 -7.85 -12.11
N ASP A 145 -4.21 -8.66 -12.96
CA ASP A 145 -5.19 -9.66 -12.50
C ASP A 145 -4.50 -10.82 -11.77
N GLN A 146 -3.18 -10.95 -11.98
CA GLN A 146 -2.38 -12.01 -11.35
C GLN A 146 -1.63 -11.48 -10.11
N LEU A 147 -1.79 -10.20 -9.81
CA LEU A 147 -1.11 -9.57 -8.66
C LEU A 147 -1.86 -9.90 -7.35
N GLY A 148 -1.13 -10.37 -6.35
CA GLY A 148 -1.74 -10.75 -5.08
C GLY A 148 -1.75 -9.64 -4.04
N PHE A 149 -0.57 -9.11 -3.70
CA PHE A 149 -0.46 -8.08 -2.66
C PHE A 149 0.67 -7.07 -2.95
N VAL A 150 0.56 -5.88 -2.37
CA VAL A 150 1.62 -4.86 -2.44
C VAL A 150 1.93 -4.32 -1.04
N ARG A 151 3.01 -4.80 -0.44
CA ARG A 151 3.42 -4.38 0.92
C ARG A 151 4.45 -3.23 0.87
N ILE A 152 4.15 -2.12 1.55
CA ILE A 152 5.06 -0.98 1.58
C ILE A 152 5.79 -0.87 2.94
N HIS A 153 7.09 -0.53 2.91
CA HIS A 153 7.86 -0.30 4.15
C HIS A 153 9.22 0.35 3.86
N ASP A 154 9.94 0.72 4.93
CA ASP A 154 11.28 1.34 4.84
C ASP A 154 11.25 2.67 4.07
N ILE A 155 10.22 3.47 4.32
CA ILE A 155 10.12 4.81 3.73
C ILE A 155 11.12 5.78 4.41
N GLN A 156 12.21 6.07 3.71
CA GLN A 156 13.33 6.83 4.29
C GLN A 156 13.65 8.10 3.47
N PRO A 157 14.10 9.19 4.13
CA PRO A 157 14.43 10.45 3.44
C PRO A 157 15.73 10.37 2.62
N VAL A 158 15.74 11.00 1.44
CA VAL A 158 16.95 11.03 0.62
C VAL A 158 17.74 12.33 0.86
N MET A 159 19.02 12.34 0.48
CA MET A 159 19.92 13.48 0.76
C MET A 159 20.07 13.71 2.27
N GLN A 160 19.88 12.65 3.05
CA GLN A 160 19.92 12.73 4.51
C GLN A 160 21.35 12.89 5.04
N LEU A 161 21.49 13.57 6.18
CA LEU A 161 22.79 13.71 6.84
C LEU A 161 23.17 12.42 7.60
N GLU A 162 24.46 12.22 7.83
CA GLU A 162 24.94 11.00 8.51
C GLU A 162 24.37 10.87 9.93
N HIS A 163 23.96 9.64 10.28
CA HIS A 163 23.54 9.34 11.66
C HIS A 163 24.05 7.95 12.07
N HIS A 164 25.28 7.92 12.58
CA HIS A 164 25.92 6.67 12.99
C HIS A 164 25.45 6.22 14.38
N HIS A 165 25.09 4.95 14.51
CA HIS A 165 24.63 4.38 15.79
C HIS A 165 25.62 3.35 16.34
N HIS A 166 26.05 3.54 17.58
CA HIS A 166 27.00 2.63 18.24
C HIS A 166 26.29 1.68 19.22
N HIS A 167 26.71 0.41 19.24
CA HIS A 167 26.09 -0.60 20.12
C HIS A 167 26.53 -0.45 21.60
N HIS A 168 27.25 0.63 21.90
CA HIS A 168 27.61 0.96 23.30
C HIS A 168 27.71 2.50 23.48
N MET A 1 20.41 -8.49 41.52
CA MET A 1 19.84 -7.22 40.99
C MET A 1 18.88 -7.50 39.82
N VAL A 2 17.59 -7.23 40.02
CA VAL A 2 16.57 -7.54 39.01
C VAL A 2 15.93 -6.26 38.43
N GLN A 3 15.68 -6.28 37.11
CA GLN A 3 15.01 -5.16 36.42
C GLN A 3 13.66 -5.62 35.85
N GLN A 4 12.64 -4.76 35.99
CA GLN A 4 11.28 -5.11 35.53
C GLN A 4 11.13 -4.96 34.00
N SER A 5 10.22 -5.72 33.43
CA SER A 5 9.84 -5.60 32.01
C SER A 5 8.33 -5.73 31.84
N GLU A 6 7.76 -4.97 30.91
CA GLU A 6 6.31 -4.98 30.71
C GLU A 6 5.87 -6.13 29.78
N VAL A 7 5.67 -7.31 30.35
CA VAL A 7 5.14 -8.45 29.61
C VAL A 7 3.61 -8.50 29.73
N ARG A 8 2.93 -8.96 28.69
CA ARG A 8 1.46 -9.07 28.71
C ARG A 8 0.99 -10.44 29.21
N GLN A 9 -0.13 -10.44 29.94
CA GLN A 9 -0.68 -11.69 30.50
C GLN A 9 -1.61 -12.41 29.52
N MET A 10 -2.29 -13.44 29.99
CA MET A 10 -3.21 -14.23 29.15
C MET A 10 -4.46 -14.67 29.93
N LYS A 11 -5.38 -15.34 29.23
CA LYS A 11 -6.61 -15.85 29.84
C LYS A 11 -7.12 -17.09 29.07
N HIS A 12 -8.21 -17.70 29.56
CA HIS A 12 -8.78 -18.89 28.92
C HIS A 12 -9.34 -18.57 27.52
N SER A 13 -9.39 -19.58 26.66
CA SER A 13 -9.92 -19.43 25.30
C SER A 13 -11.45 -19.39 25.29
N VAL A 14 -12.03 -18.79 24.26
CA VAL A 14 -13.48 -18.73 24.08
C VAL A 14 -13.88 -19.22 22.68
N SER A 15 -14.51 -20.38 22.60
CA SER A 15 -14.97 -20.94 21.32
C SER A 15 -16.17 -20.15 20.78
N THR A 16 -15.89 -19.17 19.93
CA THR A 16 -16.94 -18.31 19.37
C THR A 16 -17.58 -18.91 18.13
N LEU A 17 -18.90 -18.77 18.00
CA LEU A 17 -19.62 -19.21 16.80
C LEU A 17 -19.31 -18.28 15.60
N ASN A 18 -19.12 -18.87 14.42
CA ASN A 18 -18.74 -18.10 13.23
C ASN A 18 -19.91 -17.30 12.65
N GLN A 19 -19.89 -15.99 12.86
CA GLN A 19 -20.89 -15.09 12.26
C GLN A 19 -20.29 -14.27 11.11
N GLU A 20 -20.34 -14.84 9.91
CA GLU A 20 -19.92 -14.14 8.68
C GLU A 20 -21.04 -14.26 7.64
N MET A 21 -21.50 -13.12 7.13
CA MET A 21 -22.73 -13.07 6.33
C MET A 21 -22.49 -13.10 4.81
N THR A 22 -22.78 -14.26 4.21
CA THR A 22 -22.89 -14.44 2.74
C THR A 22 -21.71 -13.85 1.94
N GLN A 23 -21.91 -13.76 0.62
CA GLN A 23 -20.91 -13.18 -0.29
C GLN A 23 -21.00 -11.64 -0.33
N LEU A 24 -19.96 -11.01 -0.85
CA LEU A 24 -19.89 -9.54 -0.92
C LEU A 24 -19.29 -9.09 -2.26
N ASN A 25 -19.48 -7.82 -2.62
CA ASN A 25 -18.89 -7.25 -3.83
C ASN A 25 -17.39 -7.57 -3.93
N GLN A 26 -17.00 -8.23 -5.02
CA GLN A 26 -15.61 -8.73 -5.21
C GLN A 26 -14.55 -7.69 -4.84
N GLU A 27 -14.72 -6.46 -5.33
CA GLU A 27 -13.83 -5.35 -4.96
C GLU A 27 -13.78 -5.17 -3.43
N THR A 28 -14.96 -5.01 -2.83
CA THR A 28 -15.07 -4.80 -1.38
C THR A 28 -14.62 -6.04 -0.58
N VAL A 29 -14.62 -7.21 -1.23
CA VAL A 29 -14.07 -8.43 -0.62
C VAL A 29 -12.55 -8.31 -0.47
N LYS A 30 -11.89 -7.88 -1.55
CA LYS A 30 -10.43 -7.66 -1.50
C LYS A 30 -10.10 -6.54 -0.50
N ILE A 31 -10.97 -5.53 -0.43
CA ILE A 31 -10.86 -4.47 0.58
C ILE A 31 -10.95 -5.05 2.00
N THR A 32 -11.97 -5.87 2.24
CA THR A 32 -12.16 -6.52 3.55
C THR A 32 -10.91 -7.30 3.96
N GLN A 33 -10.30 -8.00 3.00
CA GLN A 33 -9.04 -8.70 3.26
C GLN A 33 -7.93 -7.71 3.65
N GLN A 34 -7.84 -6.60 2.92
CA GLN A 34 -6.83 -5.55 3.19
C GLN A 34 -6.95 -5.04 4.64
N ASN A 35 -8.19 -4.85 5.12
CA ASN A 35 -8.44 -4.45 6.51
C ASN A 35 -7.83 -5.45 7.51
N ARG A 36 -8.12 -6.73 7.30
CA ARG A 36 -7.59 -7.79 8.17
C ARG A 36 -6.06 -7.87 8.12
N LEU A 37 -5.51 -7.74 6.91
CA LEU A 37 -4.05 -7.67 6.73
C LEU A 37 -3.47 -6.43 7.41
N ASN A 38 -4.22 -5.32 7.39
CA ASN A 38 -3.81 -4.07 8.04
C ASN A 38 -3.68 -4.28 9.56
N ALA A 39 -4.47 -5.20 10.09
CA ALA A 39 -4.36 -5.59 11.51
C ALA A 39 -3.07 -6.41 11.76
N LYS A 40 -2.74 -7.28 10.80
CA LYS A 40 -1.51 -8.10 10.88
C LYS A 40 -0.32 -7.46 10.13
N SER A 41 -0.48 -6.18 9.76
CA SER A 41 0.59 -5.42 9.08
C SER A 41 1.78 -5.16 10.03
N SER A 42 2.73 -6.11 10.05
CA SER A 42 3.89 -6.02 10.94
C SER A 42 4.83 -4.86 10.56
N SER A 43 5.31 -4.84 9.32
CA SER A 43 6.22 -3.78 8.85
C SER A 43 5.86 -3.33 7.42
N GLY A 44 5.24 -2.14 7.32
CA GLY A 44 4.81 -1.65 6.02
C GLY A 44 3.37 -2.02 5.70
N VAL A 45 2.64 -1.11 5.06
CA VAL A 45 1.20 -1.29 4.81
C VAL A 45 0.92 -2.09 3.53
N TYR A 46 -0.19 -2.84 3.54
CA TYR A 46 -0.61 -3.63 2.37
C TYR A 46 -1.64 -2.88 1.51
N LEU A 47 -1.25 -2.54 0.28
CA LEU A 47 -2.18 -1.96 -0.70
C LEU A 47 -2.56 -3.00 -1.77
N LEU A 48 -3.77 -3.54 -1.66
CA LEU A 48 -4.23 -4.56 -2.62
C LEU A 48 -4.79 -3.90 -3.90
N PRO A 49 -4.22 -4.25 -5.08
CA PRO A 49 -4.60 -3.62 -6.36
C PRO A 49 -6.11 -3.70 -6.67
N GLY A 50 -6.76 -4.78 -6.22
CA GLY A 50 -8.19 -4.94 -6.41
C GLY A 50 -9.03 -4.28 -5.32
N ALA A 51 -8.40 -3.46 -4.48
CA ALA A 51 -9.08 -2.78 -3.38
C ALA A 51 -9.15 -1.26 -3.59
N LYS A 52 -10.35 -0.70 -3.44
CA LYS A 52 -10.56 0.75 -3.59
C LYS A 52 -10.27 1.50 -2.26
N THR A 53 -9.32 0.98 -1.49
CA THR A 53 -9.01 1.56 -0.17
C THR A 53 -7.52 1.87 0.04
N PRO A 54 -7.23 3.08 0.56
CA PRO A 54 -5.85 3.50 0.90
C PRO A 54 -5.36 2.95 2.24
N ALA A 55 -4.12 3.27 2.62
CA ALA A 55 -3.55 2.84 3.90
C ALA A 55 -2.61 3.92 4.48
N ARG A 56 -2.76 4.18 5.78
CA ARG A 56 -1.92 5.15 6.48
C ARG A 56 -0.67 4.47 7.11
N LEU A 57 0.51 4.97 6.77
CA LEU A 57 1.78 4.33 7.16
C LEU A 57 2.67 5.26 8.00
N GLU A 58 3.29 4.69 9.04
CA GLU A 58 4.31 5.39 9.83
C GLU A 58 5.68 5.32 9.14
N SER A 59 6.22 6.46 8.75
CA SER A 59 7.50 6.51 8.03
C SER A 59 8.56 7.27 8.82
N GLN A 60 9.79 7.26 8.32
CA GLN A 60 10.90 7.99 8.96
C GLN A 60 10.87 9.49 8.64
N ILE A 61 9.87 9.93 7.88
CA ILE A 61 9.65 11.37 7.65
C ILE A 61 8.44 11.86 8.47
N GLY A 62 7.44 10.99 8.62
CA GLY A 62 6.23 11.34 9.36
C GLY A 62 5.07 10.38 9.08
N THR A 63 3.85 10.84 9.29
CA THR A 63 2.66 10.01 9.03
C THR A 63 2.05 10.36 7.66
N LEU A 64 1.89 9.35 6.80
CA LEU A 64 1.37 9.55 5.44
C LEU A 64 0.30 8.52 5.07
N ARG A 65 -0.37 8.72 3.94
CA ARG A 65 -1.44 7.83 3.48
C ARG A 65 -1.29 7.52 1.99
N MET A 66 -1.05 6.25 1.66
CA MET A 66 -0.78 5.86 0.27
C MET A 66 -1.96 5.11 -0.37
N SER A 67 -2.03 5.16 -1.70
CA SER A 67 -3.10 4.47 -2.47
C SER A 67 -2.64 4.16 -3.91
N LEU A 68 -3.28 3.17 -4.54
CA LEU A 68 -2.93 2.76 -5.91
C LEU A 68 -3.96 3.29 -6.93
N VAL A 69 -3.48 3.99 -7.96
CA VAL A 69 -4.35 4.46 -9.06
C VAL A 69 -3.68 4.27 -10.43
N ASN A 70 -4.45 4.45 -11.50
CA ASN A 70 -3.96 4.30 -12.88
C ASN A 70 -3.31 2.92 -13.14
N ILE A 71 -3.75 1.91 -12.38
CA ILE A 71 -3.22 0.55 -12.52
C ILE A 71 -3.49 -0.01 -13.94
N THR A 72 -2.42 -0.20 -14.71
CA THR A 72 -2.53 -0.67 -16.10
C THR A 72 -1.54 -1.80 -16.42
N PRO A 73 -1.89 -2.68 -17.38
CA PRO A 73 -1.03 -3.79 -17.81
C PRO A 73 0.23 -3.31 -18.56
N ASP A 74 1.40 -3.61 -18.00
CA ASP A 74 2.68 -3.19 -18.58
C ASP A 74 3.35 -4.34 -19.37
N ALA A 75 4.34 -3.99 -20.19
CA ALA A 75 5.08 -4.98 -20.98
C ALA A 75 5.78 -6.02 -20.08
N ASP A 76 6.41 -5.55 -19.00
CA ASP A 76 7.05 -6.45 -18.03
C ASP A 76 6.05 -6.93 -16.96
N GLY A 77 5.20 -6.01 -16.50
CA GLY A 77 4.23 -6.38 -15.47
C GLY A 77 3.04 -5.42 -15.39
N THR A 78 3.13 -4.44 -14.50
CA THR A 78 2.01 -3.52 -14.23
C THR A 78 2.49 -2.09 -13.96
N THR A 79 2.07 -1.14 -14.79
CA THR A 79 2.35 0.28 -14.56
C THR A 79 1.20 0.98 -13.85
N LEU A 80 1.45 1.51 -12.67
CA LEU A 80 0.44 2.22 -11.88
C LEU A 80 0.98 3.55 -11.34
N THR A 81 0.21 4.21 -10.48
CA THR A 81 0.63 5.47 -9.88
C THR A 81 0.43 5.43 -8.36
N LEU A 82 1.53 5.42 -7.62
CA LEU A 82 1.49 5.37 -6.15
C LEU A 82 1.30 6.79 -5.59
N ARG A 83 0.15 7.04 -4.98
CA ARG A 83 -0.15 8.36 -4.39
C ARG A 83 0.22 8.40 -2.90
N ILE A 84 1.05 9.37 -2.52
CA ILE A 84 1.41 9.58 -1.12
C ILE A 84 0.81 10.89 -0.58
N GLN A 85 -0.34 10.78 0.10
CA GLN A 85 -0.95 11.95 0.74
C GLN A 85 -0.52 12.01 2.22
N GLY A 86 0.33 12.97 2.55
CA GLY A 86 0.81 13.11 3.91
C GLY A 86 -0.25 13.64 4.87
N GLU A 87 -0.28 13.08 6.08
CA GLU A 87 -1.19 13.57 7.13
C GLU A 87 -0.66 14.89 7.72
N SER A 88 0.65 15.10 7.55
CA SER A 88 1.32 16.30 8.05
C SER A 88 0.82 17.58 7.36
N ASN A 89 0.26 18.49 8.16
CA ASN A 89 -0.19 19.79 7.67
C ASN A 89 1.02 20.71 7.35
N ASP A 90 2.20 20.29 7.83
CA ASP A 90 3.46 20.97 7.53
C ASP A 90 4.21 20.26 6.38
N PRO A 91 4.99 21.01 5.57
CA PRO A 91 5.71 20.44 4.41
C PRO A 91 6.81 19.43 4.82
N LEU A 92 6.88 18.32 4.08
CA LEU A 92 7.85 17.25 4.36
C LEU A 92 9.03 17.28 3.36
N PRO A 93 10.18 16.68 3.73
CA PRO A 93 11.33 16.57 2.80
C PRO A 93 11.09 15.50 1.71
N ALA A 94 12.16 15.10 1.02
CA ALA A 94 12.07 14.02 0.03
C ALA A 94 12.19 12.64 0.70
N PHE A 95 11.66 11.60 0.07
CA PHE A 95 11.61 10.28 0.69
C PHE A 95 11.68 9.13 -0.33
N SER A 96 11.99 7.94 0.17
CA SER A 96 12.18 6.74 -0.67
C SER A 96 11.99 5.47 0.15
N GLY A 97 11.61 4.37 -0.49
CA GLY A 97 11.40 3.12 0.25
C GLY A 97 11.33 1.88 -0.64
N THR A 98 11.05 0.73 -0.02
CA THR A 98 10.96 -0.55 -0.73
C THR A 98 9.51 -1.06 -0.78
N VAL A 99 9.14 -1.72 -1.87
CA VAL A 99 7.78 -2.26 -2.02
C VAL A 99 7.79 -3.78 -2.31
N GLU A 100 7.00 -4.53 -1.53
CA GLU A 100 6.83 -5.98 -1.75
C GLU A 100 5.52 -6.24 -2.52
N TYR A 101 5.63 -6.68 -3.77
CA TYR A 101 4.43 -6.96 -4.57
C TYR A 101 4.40 -8.40 -5.07
N GLY A 102 3.36 -9.14 -4.65
CA GLY A 102 3.21 -10.54 -5.01
C GLY A 102 1.77 -11.04 -4.90
N GLN A 103 1.59 -12.35 -4.67
CA GLN A 103 0.25 -12.96 -4.62
C GLN A 103 -0.06 -13.60 -3.25
N ILE A 104 -1.32 -13.53 -2.84
CA ILE A 104 -1.80 -14.17 -1.60
C ILE A 104 -2.72 -15.36 -1.93
N GLN A 105 -2.21 -16.57 -1.78
CA GLN A 105 -2.98 -17.79 -2.11
C GLN A 105 -3.80 -18.32 -0.92
N GLY A 106 -3.54 -17.80 0.28
CA GLY A 106 -4.16 -18.36 1.49
C GLY A 106 -5.12 -17.40 2.19
N THR A 107 -5.52 -17.78 3.41
CA THR A 107 -6.47 -16.99 4.21
C THR A 107 -5.75 -16.00 5.13
N ILE A 108 -6.50 -15.28 5.96
CA ILE A 108 -5.91 -14.37 6.94
C ILE A 108 -5.30 -15.14 8.11
N ASP A 109 -5.84 -16.34 8.36
CA ASP A 109 -5.30 -17.25 9.36
C ASP A 109 -4.03 -17.97 8.84
N ASN A 110 -4.01 -18.28 7.55
CA ASN A 110 -2.88 -18.95 6.93
C ASN A 110 -2.67 -18.48 5.47
N PHE A 111 -1.75 -17.54 5.27
CA PHE A 111 -1.41 -17.05 3.92
C PHE A 111 0.07 -17.22 3.61
N GLN A 112 0.38 -17.38 2.32
CA GLN A 112 1.76 -17.55 1.86
C GLN A 112 2.04 -16.63 0.66
N GLU A 113 2.98 -15.70 0.82
CA GLU A 113 3.33 -14.76 -0.25
C GLU A 113 4.13 -15.46 -1.36
N ILE A 114 3.48 -15.65 -2.51
CA ILE A 114 4.14 -16.28 -3.67
C ILE A 114 4.29 -15.27 -4.82
N ASN A 115 5.31 -15.48 -5.66
CA ASN A 115 5.56 -14.61 -6.82
C ASN A 115 5.74 -13.14 -6.39
N VAL A 116 6.33 -12.95 -5.21
CA VAL A 116 6.54 -11.61 -4.66
C VAL A 116 7.93 -11.04 -5.01
N GLN A 117 7.93 -9.86 -5.63
CA GLN A 117 9.18 -9.16 -5.96
C GLN A 117 9.27 -7.84 -5.17
N ASN A 118 10.49 -7.33 -5.02
CA ASN A 118 10.70 -6.04 -4.34
C ASN A 118 11.21 -4.99 -5.33
N GLN A 119 10.95 -3.71 -5.03
CA GLN A 119 11.40 -2.61 -5.89
C GLN A 119 11.58 -1.30 -5.08
N LEU A 120 12.45 -0.41 -5.55
CA LEU A 120 12.70 0.88 -4.89
C LEU A 120 11.80 2.00 -5.45
N ILE A 121 11.03 2.63 -4.56
CA ILE A 121 10.16 3.76 -4.94
C ILE A 121 10.65 5.08 -4.31
N ASN A 122 10.95 6.07 -5.14
CA ASN A 122 11.44 7.37 -4.67
C ASN A 122 10.48 8.50 -5.06
N ALA A 123 10.26 9.44 -4.15
CA ALA A 123 9.31 10.55 -4.38
C ALA A 123 9.96 11.92 -4.09
N PRO A 124 9.50 12.99 -4.81
CA PRO A 124 10.03 14.36 -4.65
C PRO A 124 9.79 14.97 -3.26
N ALA A 125 10.51 16.05 -2.95
CA ALA A 125 10.38 16.75 -1.67
C ALA A 125 9.05 17.48 -1.55
N SER A 126 8.30 17.20 -0.48
CA SER A 126 6.98 17.81 -0.26
C SER A 126 7.10 19.20 0.39
N VAL A 127 7.88 20.08 -0.23
CA VAL A 127 8.19 21.41 0.32
C VAL A 127 6.98 22.37 0.33
N LEU A 128 5.85 21.93 -0.19
CA LEU A 128 4.62 22.76 -0.20
C LEU A 128 3.41 21.96 0.32
N ALA A 129 2.75 22.50 1.34
CA ALA A 129 1.56 21.86 1.93
C ALA A 129 0.30 22.15 1.10
N PRO A 130 -0.65 21.20 1.00
CA PRO A 130 -0.55 19.87 1.64
C PRO A 130 0.37 18.90 0.87
N SER A 131 0.89 17.90 1.57
CA SER A 131 1.86 16.95 0.99
C SER A 131 1.16 15.86 0.16
N ASP A 132 0.39 16.28 -0.85
CA ASP A 132 -0.28 15.36 -1.77
C ASP A 132 0.65 15.02 -2.95
N VAL A 133 1.44 13.97 -2.79
CA VAL A 133 2.43 13.56 -3.80
C VAL A 133 1.97 12.33 -4.58
N ASP A 134 2.46 12.18 -5.81
CA ASP A 134 2.18 11.00 -6.64
C ASP A 134 3.42 10.59 -7.46
N ILE A 135 3.61 9.29 -7.65
CA ILE A 135 4.74 8.77 -8.44
C ILE A 135 4.33 7.56 -9.30
N PRO A 136 4.63 7.59 -10.62
CA PRO A 136 4.39 6.44 -11.51
C PRO A 136 5.34 5.27 -11.21
N LEU A 137 4.83 4.04 -11.30
CA LEU A 137 5.58 2.86 -10.88
C LEU A 137 5.42 1.70 -11.89
N GLN A 138 6.52 1.20 -12.42
CA GLN A 138 6.49 0.03 -13.32
C GLN A 138 6.93 -1.25 -12.58
N LEU A 139 5.96 -2.08 -12.21
CA LEU A 139 6.25 -3.37 -11.58
C LEU A 139 6.57 -4.43 -12.65
N LYS A 140 7.69 -5.12 -12.51
CA LYS A 140 8.15 -6.07 -13.54
C LYS A 140 7.90 -7.53 -13.14
N GLY A 141 7.55 -8.35 -14.13
CA GLY A 141 7.36 -9.79 -13.93
C GLY A 141 6.06 -10.15 -13.21
N ILE A 142 5.11 -9.22 -13.17
CA ILE A 142 3.83 -9.46 -12.48
C ILE A 142 2.66 -8.69 -13.13
N SER A 143 1.70 -9.43 -13.70
CA SER A 143 0.55 -8.83 -14.40
C SER A 143 -0.54 -8.35 -13.43
N VAL A 144 -1.33 -7.37 -13.87
CA VAL A 144 -2.34 -6.72 -13.02
C VAL A 144 -3.37 -7.70 -12.41
N ASP A 145 -3.93 -8.59 -13.24
CA ASP A 145 -4.92 -9.56 -12.77
C ASP A 145 -4.28 -10.59 -11.81
N GLN A 146 -2.96 -10.66 -11.82
CA GLN A 146 -2.21 -11.58 -10.94
C GLN A 146 -1.47 -10.82 -9.82
N LEU A 147 -1.79 -9.54 -9.66
CA LEU A 147 -1.17 -8.72 -8.61
C LEU A 147 -2.00 -8.82 -7.31
N GLY A 148 -1.45 -9.52 -6.32
CA GLY A 148 -2.19 -9.78 -5.08
C GLY A 148 -2.15 -8.61 -4.09
N PHE A 149 -0.94 -8.18 -3.73
CA PHE A 149 -0.77 -7.10 -2.74
C PHE A 149 0.45 -6.21 -3.07
N VAL A 150 0.38 -4.96 -2.63
CA VAL A 150 1.50 -4.02 -2.75
C VAL A 150 1.90 -3.48 -1.37
N ARG A 151 2.88 -4.11 -0.74
CA ARG A 151 3.31 -3.78 0.63
C ARG A 151 4.40 -2.70 0.64
N ILE A 152 4.03 -1.49 1.06
CA ILE A 152 4.96 -0.34 1.10
C ILE A 152 5.70 -0.27 2.44
N HIS A 153 7.03 -0.21 2.42
CA HIS A 153 7.83 -0.17 3.66
C HIS A 153 9.21 0.48 3.44
N ASP A 154 9.99 0.62 4.52
CA ASP A 154 11.35 1.19 4.48
C ASP A 154 11.35 2.67 4.06
N ILE A 155 10.23 3.35 4.25
CA ILE A 155 10.07 4.75 3.82
C ILE A 155 10.97 5.71 4.62
N GLN A 156 12.15 6.00 4.05
CA GLN A 156 13.16 6.86 4.67
C GLN A 156 13.40 8.14 3.84
N PRO A 157 13.81 9.25 4.48
CA PRO A 157 14.05 10.52 3.79
C PRO A 157 15.31 10.51 2.89
N VAL A 158 15.15 10.92 1.62
CA VAL A 158 16.27 11.04 0.69
C VAL A 158 16.69 12.51 0.50
N MET A 159 17.69 12.93 1.28
CA MET A 159 18.14 14.32 1.32
C MET A 159 19.48 14.51 0.59
N GLN A 160 20.16 15.63 0.86
CA GLN A 160 21.47 15.89 0.26
C GLN A 160 22.63 15.65 1.23
N LEU A 161 23.83 16.10 0.86
CA LEU A 161 25.05 15.81 1.63
C LEU A 161 25.13 16.58 2.95
N GLU A 162 24.55 16.00 4.00
CA GLU A 162 24.70 16.53 5.37
C GLU A 162 25.91 15.86 6.04
N HIS A 163 26.57 16.57 6.95
CA HIS A 163 27.79 16.03 7.57
C HIS A 163 27.96 16.48 9.03
N HIS A 164 27.64 15.58 9.96
CA HIS A 164 27.90 15.79 11.39
C HIS A 164 29.07 14.91 11.85
N HIS A 165 30.22 15.53 12.07
CA HIS A 165 31.47 14.81 12.38
C HIS A 165 31.68 14.64 13.90
N HIS A 166 32.44 13.60 14.25
CA HIS A 166 32.85 13.36 15.63
C HIS A 166 33.64 14.56 16.22
N HIS A 167 32.98 15.35 17.06
CA HIS A 167 33.63 16.49 17.71
C HIS A 167 34.09 16.13 19.14
N HIS A 168 33.28 15.35 19.85
CA HIS A 168 33.61 14.91 21.21
C HIS A 168 34.36 13.56 21.21
N MET A 1 -2.75 -25.77 -42.68
CA MET A 1 -3.87 -24.89 -43.11
C MET A 1 -4.85 -24.62 -41.95
N VAL A 2 -4.76 -23.44 -41.36
CA VAL A 2 -5.67 -23.02 -40.29
C VAL A 2 -6.25 -21.62 -40.57
N GLN A 3 -7.58 -21.54 -40.64
CA GLN A 3 -8.28 -20.27 -40.85
C GLN A 3 -9.51 -20.18 -39.93
N GLN A 4 -9.56 -19.14 -39.10
CA GLN A 4 -10.64 -19.01 -38.11
C GLN A 4 -10.97 -17.54 -37.80
N SER A 5 -12.23 -17.27 -37.45
CA SER A 5 -12.70 -15.90 -37.19
C SER A 5 -12.59 -15.53 -35.70
N GLU A 6 -12.30 -14.26 -35.43
CA GLU A 6 -12.23 -13.76 -34.05
C GLU A 6 -13.48 -12.97 -33.66
N VAL A 7 -13.86 -13.02 -32.40
CA VAL A 7 -14.99 -12.26 -31.88
C VAL A 7 -14.51 -11.12 -30.96
N ARG A 8 -14.93 -9.90 -31.27
CA ARG A 8 -14.47 -8.71 -30.54
C ARG A 8 -15.61 -7.73 -30.26
N GLN A 9 -15.67 -7.23 -29.03
CA GLN A 9 -16.71 -6.27 -28.63
C GLN A 9 -16.17 -4.83 -28.64
N MET A 10 -17.03 -3.87 -28.32
CA MET A 10 -16.64 -2.46 -28.24
C MET A 10 -17.15 -1.82 -26.93
N LYS A 11 -16.40 -0.85 -26.41
CA LYS A 11 -16.75 -0.18 -25.15
C LYS A 11 -17.83 0.89 -25.35
N HIS A 12 -19.05 0.61 -24.87
CA HIS A 12 -20.16 1.58 -24.95
C HIS A 12 -19.96 2.73 -23.95
N SER A 13 -20.21 3.96 -24.41
CA SER A 13 -20.01 5.15 -23.57
C SER A 13 -21.22 5.40 -22.66
N VAL A 14 -21.01 5.28 -21.35
CA VAL A 14 -22.10 5.41 -20.36
C VAL A 14 -22.13 6.79 -19.70
N SER A 15 -23.16 7.03 -18.89
CA SER A 15 -23.28 8.29 -18.13
C SER A 15 -24.32 8.15 -17.00
N THR A 16 -23.84 8.02 -15.77
CA THR A 16 -24.73 7.87 -14.60
C THR A 16 -24.69 9.11 -13.69
N LEU A 17 -25.42 9.04 -12.57
CA LEU A 17 -25.49 10.17 -11.64
C LEU A 17 -25.60 9.69 -10.18
N ASN A 18 -25.55 10.63 -9.23
CA ASN A 18 -25.54 10.28 -7.80
C ASN A 18 -26.85 9.61 -7.34
N GLN A 19 -26.77 8.31 -7.03
CA GLN A 19 -27.92 7.54 -6.53
C GLN A 19 -27.52 6.71 -5.30
N GLU A 20 -28.48 5.98 -4.75
CA GLU A 20 -28.22 5.11 -3.59
C GLU A 20 -27.31 3.92 -3.98
N MET A 21 -26.24 3.71 -3.22
CA MET A 21 -25.36 2.57 -3.46
C MET A 21 -26.06 1.26 -3.09
N THR A 22 -25.92 0.24 -3.92
CA THR A 22 -26.61 -1.03 -3.73
C THR A 22 -25.82 -1.99 -2.82
N GLN A 23 -26.14 -3.30 -2.89
CA GLN A 23 -25.52 -4.32 -2.02
C GLN A 23 -23.98 -4.28 -2.04
N LEU A 24 -23.37 -4.89 -1.02
CA LEU A 24 -21.91 -4.87 -0.86
C LEU A 24 -21.16 -5.30 -2.13
N ASN A 25 -20.10 -4.58 -2.46
CA ASN A 25 -19.32 -4.84 -3.67
C ASN A 25 -18.11 -5.74 -3.39
N GLN A 26 -17.75 -6.57 -4.37
CA GLN A 26 -16.61 -7.49 -4.24
C GLN A 26 -15.29 -6.71 -4.11
N GLU A 27 -15.23 -5.54 -4.73
CA GLU A 27 -14.09 -4.63 -4.55
C GLU A 27 -13.97 -4.24 -3.06
N THR A 28 -15.10 -3.89 -2.46
CA THR A 28 -15.15 -3.55 -1.03
C THR A 28 -14.75 -4.74 -0.16
N VAL A 29 -15.15 -5.94 -0.56
CA VAL A 29 -14.72 -7.18 0.11
C VAL A 29 -13.20 -7.33 0.06
N LYS A 30 -12.61 -7.00 -1.09
CA LYS A 30 -11.15 -7.01 -1.25
C LYS A 30 -10.50 -5.95 -0.33
N ILE A 31 -11.17 -4.81 -0.19
CA ILE A 31 -10.76 -3.76 0.75
C ILE A 31 -10.68 -4.30 2.20
N THR A 32 -11.70 -5.08 2.58
CA THR A 32 -11.72 -5.70 3.90
C THR A 32 -10.50 -6.62 4.10
N GLN A 33 -10.17 -7.39 3.06
CA GLN A 33 -8.97 -8.22 3.08
C GLN A 33 -7.71 -7.38 3.29
N GLN A 34 -7.59 -6.29 2.53
CA GLN A 34 -6.46 -5.36 2.65
C GLN A 34 -6.25 -4.91 4.10
N ASN A 35 -7.31 -4.41 4.74
CA ASN A 35 -7.23 -3.94 6.13
C ASN A 35 -6.93 -5.07 7.11
N ARG A 36 -7.23 -6.31 6.74
CA ARG A 36 -6.88 -7.47 7.59
C ARG A 36 -5.40 -7.84 7.45
N LEU A 37 -4.86 -7.72 6.23
CA LEU A 37 -3.44 -7.94 5.98
C LEU A 37 -2.60 -6.87 6.71
N ASN A 38 -3.01 -5.61 6.59
CA ASN A 38 -2.37 -4.50 7.30
C ASN A 38 -2.40 -4.71 8.82
N ALA A 39 -3.53 -5.24 9.32
CA ALA A 39 -3.66 -5.56 10.75
C ALA A 39 -2.60 -6.57 11.21
N LYS A 40 -2.29 -7.54 10.35
CA LYS A 40 -1.25 -8.54 10.65
C LYS A 40 0.18 -7.96 10.47
N SER A 41 0.34 -7.04 9.52
CA SER A 41 1.66 -6.49 9.20
C SER A 41 1.96 -5.18 9.95
N SER A 42 2.79 -5.27 10.99
CA SER A 42 3.23 -4.09 11.74
C SER A 42 4.60 -3.60 11.22
N SER A 43 4.87 -3.87 9.95
CA SER A 43 6.13 -3.45 9.31
C SER A 43 5.86 -2.95 7.88
N GLY A 44 4.75 -2.25 7.71
CA GLY A 44 4.37 -1.74 6.39
C GLY A 44 2.93 -2.07 6.01
N VAL A 45 2.37 -1.30 5.09
CA VAL A 45 0.96 -1.47 4.71
C VAL A 45 0.79 -2.25 3.39
N TYR A 46 -0.27 -3.02 3.29
CA TYR A 46 -0.62 -3.71 2.04
C TYR A 46 -1.58 -2.87 1.20
N LEU A 47 -1.36 -2.86 -0.10
CA LEU A 47 -2.28 -2.24 -1.06
C LEU A 47 -2.67 -3.25 -2.15
N LEU A 48 -3.97 -3.53 -2.26
CA LEU A 48 -4.45 -4.54 -3.21
C LEU A 48 -4.95 -3.92 -4.51
N PRO A 49 -4.56 -4.48 -5.68
CA PRO A 49 -4.96 -3.95 -7.00
C PRO A 49 -6.47 -3.99 -7.23
N GLY A 50 -7.15 -4.89 -6.54
CA GLY A 50 -8.61 -4.99 -6.62
C GLY A 50 -9.31 -4.18 -5.54
N ALA A 51 -8.61 -3.22 -4.95
CA ALA A 51 -9.16 -2.35 -3.91
C ALA A 51 -8.59 -0.93 -4.02
N LYS A 52 -9.40 0.02 -4.49
CA LYS A 52 -8.93 1.39 -4.73
C LYS A 52 -8.74 2.19 -3.42
N THR A 53 -8.78 1.50 -2.28
CA THR A 53 -8.66 2.17 -0.98
C THR A 53 -7.19 2.36 -0.55
N PRO A 54 -6.90 3.51 0.09
CA PRO A 54 -5.58 3.81 0.63
C PRO A 54 -5.26 3.06 1.94
N ALA A 55 -4.08 3.33 2.49
CA ALA A 55 -3.66 2.78 3.78
C ALA A 55 -2.85 3.81 4.57
N ARG A 56 -3.12 3.92 5.88
CA ARG A 56 -2.44 4.89 6.74
C ARG A 56 -1.08 4.34 7.22
N LEU A 57 -0.02 4.75 6.54
CA LEU A 57 1.34 4.29 6.89
C LEU A 57 2.13 5.40 7.61
N GLU A 58 2.61 5.09 8.81
CA GLU A 58 3.38 6.05 9.61
C GLU A 58 4.89 5.83 9.41
N SER A 59 5.52 6.77 8.70
CA SER A 59 6.93 6.61 8.29
C SER A 59 7.90 7.32 9.26
N GLN A 60 9.20 7.26 8.92
CA GLN A 60 10.24 7.91 9.72
C GLN A 60 10.28 9.43 9.48
N ILE A 61 9.47 9.92 8.55
CA ILE A 61 9.35 11.37 8.32
C ILE A 61 7.99 11.90 8.81
N GLY A 62 6.96 11.08 8.69
CA GLY A 62 5.62 11.48 9.11
C GLY A 62 4.53 10.50 8.67
N THR A 63 3.31 10.70 9.14
CA THR A 63 2.18 9.85 8.78
C THR A 63 1.66 10.18 7.38
N LEU A 64 1.60 9.17 6.50
CA LEU A 64 1.16 9.36 5.12
C LEU A 64 0.08 8.33 4.72
N ARG A 65 -0.61 8.61 3.62
CA ARG A 65 -1.75 7.82 3.17
C ARG A 65 -1.60 7.44 1.68
N MET A 66 -1.17 6.19 1.44
CA MET A 66 -0.85 5.74 0.07
C MET A 66 -1.97 4.85 -0.52
N SER A 67 -2.13 4.90 -1.85
CA SER A 67 -3.12 4.07 -2.57
C SER A 67 -2.64 3.72 -3.98
N LEU A 68 -3.23 2.67 -4.57
CA LEU A 68 -2.92 2.27 -5.95
C LEU A 68 -4.06 2.65 -6.91
N VAL A 69 -3.76 3.49 -7.90
CA VAL A 69 -4.75 3.92 -8.89
C VAL A 69 -4.18 3.89 -10.32
N ASN A 70 -5.07 3.88 -11.31
CA ASN A 70 -4.68 3.85 -12.74
C ASN A 70 -3.86 2.58 -13.09
N ILE A 71 -4.21 1.47 -12.44
CA ILE A 71 -3.47 0.22 -12.60
C ILE A 71 -3.73 -0.41 -13.99
N THR A 72 -2.68 -0.48 -14.82
CA THR A 72 -2.80 -1.00 -16.19
C THR A 72 -1.61 -1.91 -16.56
N PRO A 73 -1.83 -2.88 -17.47
CA PRO A 73 -0.79 -3.84 -17.88
C PRO A 73 0.37 -3.18 -18.65
N ASP A 74 1.54 -3.82 -18.61
CA ASP A 74 2.75 -3.30 -19.26
C ASP A 74 3.58 -4.42 -19.89
N ALA A 75 4.49 -4.06 -20.80
CA ALA A 75 5.36 -5.05 -21.47
C ALA A 75 6.29 -5.75 -20.46
N ASP A 76 6.88 -4.99 -19.54
CA ASP A 76 7.75 -5.54 -18.51
C ASP A 76 6.94 -6.11 -17.33
N GLY A 77 5.72 -5.61 -17.14
CA GLY A 77 4.86 -6.11 -16.07
C GLY A 77 3.53 -5.35 -15.95
N THR A 78 3.47 -4.42 -14.99
CA THR A 78 2.24 -3.65 -14.74
C THR A 78 2.56 -2.21 -14.29
N THR A 79 1.99 -1.23 -15.00
CA THR A 79 2.18 0.19 -14.66
C THR A 79 1.01 0.73 -13.83
N LEU A 80 1.30 1.27 -12.65
CA LEU A 80 0.28 1.85 -11.79
C LEU A 80 0.76 3.17 -11.14
N THR A 81 -0.17 3.93 -10.57
CA THR A 81 0.15 5.21 -9.95
C THR A 81 0.05 5.13 -8.42
N LEU A 82 1.14 5.45 -7.73
CA LEU A 82 1.19 5.42 -6.25
C LEU A 82 0.99 6.83 -5.68
N ARG A 83 -0.15 7.06 -5.05
CA ARG A 83 -0.46 8.37 -4.45
C ARG A 83 0.03 8.43 -2.99
N ILE A 84 0.80 9.46 -2.65
CA ILE A 84 1.24 9.65 -1.26
C ILE A 84 0.60 10.91 -0.67
N GLN A 85 -0.55 10.76 -0.03
CA GLN A 85 -1.22 11.89 0.63
C GLN A 85 -0.79 11.96 2.09
N GLY A 86 0.05 12.94 2.42
CA GLY A 86 0.50 13.10 3.81
C GLY A 86 -0.62 13.50 4.76
N GLU A 87 -0.83 12.69 5.81
CA GLU A 87 -1.86 12.98 6.81
C GLU A 87 -1.51 14.25 7.59
N SER A 88 -0.23 14.56 7.65
CA SER A 88 0.25 15.83 8.19
C SER A 88 0.31 16.91 7.09
N ASN A 89 -0.44 18.00 7.27
CA ASN A 89 -0.50 19.07 6.27
C ASN A 89 0.89 19.70 6.02
N ASP A 90 1.78 19.56 7.01
CA ASP A 90 3.14 20.11 6.93
C ASP A 90 3.96 19.42 5.82
N PRO A 91 4.69 20.21 5.00
CA PRO A 91 5.49 19.68 3.88
C PRO A 91 6.57 18.69 4.34
N LEU A 92 6.50 17.45 3.84
CA LEU A 92 7.48 16.40 4.17
C LEU A 92 8.69 16.43 3.22
N PRO A 93 9.88 16.03 3.69
CA PRO A 93 11.09 15.99 2.85
C PRO A 93 11.10 14.82 1.85
N ALA A 94 12.14 14.77 1.00
CA ALA A 94 12.26 13.71 -0.01
C ALA A 94 12.47 12.34 0.63
N PHE A 95 11.72 11.33 0.18
CA PHE A 95 11.75 10.01 0.81
C PHE A 95 11.73 8.87 -0.22
N SER A 96 12.19 7.69 0.22
CA SER A 96 12.18 6.48 -0.61
C SER A 96 11.82 5.26 0.25
N GLY A 97 11.45 4.16 -0.38
CA GLY A 97 11.06 2.97 0.36
C GLY A 97 11.06 1.68 -0.46
N THR A 98 10.92 0.55 0.23
CA THR A 98 10.90 -0.77 -0.41
C THR A 98 9.46 -1.28 -0.57
N VAL A 99 9.10 -1.71 -1.77
CA VAL A 99 7.76 -2.25 -2.02
C VAL A 99 7.80 -3.76 -2.34
N GLU A 100 7.18 -4.57 -1.48
CA GLU A 100 7.11 -6.03 -1.69
C GLU A 100 5.82 -6.40 -2.44
N TYR A 101 5.94 -6.70 -3.73
CA TYR A 101 4.77 -7.08 -4.51
C TYR A 101 4.83 -8.54 -4.96
N GLY A 102 3.70 -9.24 -4.86
CA GLY A 102 3.64 -10.66 -5.23
C GLY A 102 2.22 -11.20 -5.27
N GLN A 103 2.06 -12.47 -4.89
CA GLN A 103 0.75 -13.14 -4.96
C GLN A 103 0.40 -13.86 -3.63
N ILE A 104 -0.87 -13.88 -3.29
CA ILE A 104 -1.36 -14.59 -2.11
C ILE A 104 -2.09 -15.89 -2.52
N GLN A 105 -1.61 -17.03 -2.04
CA GLN A 105 -2.16 -18.33 -2.45
C GLN A 105 -3.22 -18.87 -1.49
N GLY A 106 -3.58 -18.11 -0.44
CA GLY A 106 -4.48 -18.63 0.58
C GLY A 106 -5.48 -17.61 1.11
N THR A 107 -6.06 -17.94 2.28
CA THR A 107 -7.10 -17.13 2.91
C THR A 107 -6.51 -16.05 3.83
N ILE A 108 -7.32 -15.52 4.73
CA ILE A 108 -6.85 -14.59 5.76
C ILE A 108 -6.29 -15.36 6.96
N ASP A 109 -6.72 -16.62 7.09
CA ASP A 109 -6.29 -17.47 8.22
C ASP A 109 -5.06 -18.30 7.84
N ASN A 110 -5.01 -18.75 6.59
CA ASN A 110 -3.89 -19.58 6.10
C ASN A 110 -3.47 -19.16 4.67
N PHE A 111 -2.32 -18.50 4.57
CA PHE A 111 -1.81 -18.03 3.27
C PHE A 111 -0.29 -17.88 3.26
N GLN A 112 0.30 -18.01 2.08
CA GLN A 112 1.74 -17.76 1.88
C GLN A 112 1.96 -16.74 0.76
N GLU A 113 3.01 -15.93 0.90
CA GLU A 113 3.37 -14.93 -0.11
C GLU A 113 4.29 -15.54 -1.18
N ILE A 114 3.73 -15.79 -2.37
CA ILE A 114 4.48 -16.40 -3.48
C ILE A 114 4.72 -15.40 -4.61
N ASN A 115 5.74 -15.66 -5.44
CA ASN A 115 6.09 -14.78 -6.57
C ASN A 115 6.34 -13.33 -6.10
N VAL A 116 6.81 -13.19 -4.86
CA VAL A 116 7.02 -11.88 -4.26
C VAL A 116 8.47 -11.37 -4.45
N GLN A 117 8.60 -10.13 -4.89
CA GLN A 117 9.90 -9.46 -5.01
C GLN A 117 9.77 -7.97 -4.66
N ASN A 118 10.91 -7.31 -4.43
CA ASN A 118 10.89 -5.92 -3.92
C ASN A 118 11.48 -4.92 -4.93
N GLN A 119 10.87 -3.74 -4.99
CA GLN A 119 11.34 -2.64 -5.85
C GLN A 119 11.51 -1.35 -5.01
N LEU A 120 12.37 -0.45 -5.48
CA LEU A 120 12.62 0.83 -4.76
C LEU A 120 11.83 1.99 -5.37
N ILE A 121 11.01 2.64 -4.55
CA ILE A 121 10.25 3.83 -4.99
C ILE A 121 10.90 5.13 -4.46
N ASN A 122 10.87 6.19 -5.27
CA ASN A 122 11.51 7.46 -4.91
C ASN A 122 10.58 8.66 -5.17
N ALA A 123 10.27 9.40 -4.10
CA ALA A 123 9.38 10.57 -4.21
C ALA A 123 10.13 11.88 -3.87
N PRO A 124 9.80 12.99 -4.56
CA PRO A 124 10.44 14.30 -4.34
C PRO A 124 9.99 15.00 -3.03
N ALA A 125 10.76 15.99 -2.59
CA ALA A 125 10.46 16.71 -1.35
C ALA A 125 9.31 17.72 -1.54
N SER A 126 8.44 17.79 -0.55
CA SER A 126 7.34 18.76 -0.55
C SER A 126 7.82 20.14 -0.08
N VAL A 127 7.71 21.15 -0.94
CA VAL A 127 8.11 22.52 -0.57
C VAL A 127 6.91 23.33 -0.05
N LEU A 128 5.71 22.99 -0.53
CA LEU A 128 4.48 23.65 -0.10
C LEU A 128 3.52 22.65 0.59
N ALA A 129 2.35 23.14 1.00
CA ALA A 129 1.36 22.30 1.69
C ALA A 129 0.04 22.22 0.89
N PRO A 130 -0.72 21.10 1.04
CA PRO A 130 -0.35 19.95 1.87
C PRO A 130 0.75 19.07 1.25
N SER A 131 1.09 17.98 1.94
CA SER A 131 2.15 17.06 1.48
C SER A 131 1.59 15.93 0.58
N ASP A 132 0.66 16.28 -0.30
CA ASP A 132 0.08 15.33 -1.25
C ASP A 132 0.97 15.19 -2.52
N VAL A 133 1.77 14.13 -2.55
CA VAL A 133 2.68 13.87 -3.68
C VAL A 133 2.26 12.61 -4.46
N ASP A 134 2.24 12.70 -5.79
CA ASP A 134 1.84 11.58 -6.64
C ASP A 134 3.02 11.07 -7.49
N ILE A 135 3.31 9.77 -7.44
CA ILE A 135 4.40 9.20 -8.22
C ILE A 135 3.96 7.93 -9.00
N PRO A 136 4.54 7.69 -10.20
CA PRO A 136 4.28 6.47 -10.97
C PRO A 136 5.13 5.28 -10.48
N LEU A 137 4.71 4.06 -10.85
CA LEU A 137 5.43 2.85 -10.44
C LEU A 137 5.27 1.74 -11.50
N GLN A 138 6.39 1.20 -11.99
CA GLN A 138 6.37 0.10 -12.96
C GLN A 138 6.83 -1.23 -12.32
N LEU A 139 5.88 -2.13 -12.09
CA LEU A 139 6.19 -3.45 -11.54
C LEU A 139 6.56 -4.44 -12.64
N LYS A 140 7.63 -5.22 -12.44
CA LYS A 140 8.12 -6.14 -13.48
C LYS A 140 7.87 -7.61 -13.11
N GLY A 141 7.68 -8.45 -14.13
CA GLY A 141 7.51 -9.89 -13.92
C GLY A 141 6.13 -10.28 -13.39
N ILE A 142 5.23 -9.32 -13.31
CA ILE A 142 3.88 -9.57 -12.77
C ILE A 142 2.81 -8.76 -13.53
N SER A 143 1.70 -9.41 -13.86
CA SER A 143 0.60 -8.75 -14.59
C SER A 143 -0.55 -8.37 -13.64
N VAL A 144 -1.24 -7.27 -13.94
CA VAL A 144 -2.37 -6.79 -13.14
C VAL A 144 -3.38 -7.92 -12.81
N ASP A 145 -3.70 -8.74 -13.81
CA ASP A 145 -4.64 -9.86 -13.62
C ASP A 145 -4.11 -10.88 -12.60
N GLN A 146 -2.79 -10.97 -12.49
CA GLN A 146 -2.14 -11.93 -11.58
C GLN A 146 -1.50 -11.22 -10.37
N LEU A 147 -1.84 -9.94 -10.18
CA LEU A 147 -1.29 -9.15 -9.08
C LEU A 147 -2.02 -9.46 -7.76
N GLY A 148 -1.28 -9.93 -6.75
CA GLY A 148 -1.89 -10.27 -5.48
C GLY A 148 -1.87 -9.12 -4.48
N PHE A 149 -0.68 -8.63 -4.15
CA PHE A 149 -0.53 -7.56 -3.14
C PHE A 149 0.69 -6.67 -3.43
N VAL A 150 0.62 -5.42 -2.96
CA VAL A 150 1.77 -4.51 -2.96
C VAL A 150 2.02 -3.96 -1.55
N ARG A 151 3.07 -4.42 -0.89
CA ARG A 151 3.37 -4.04 0.49
C ARG A 151 4.38 -2.88 0.57
N ILE A 152 3.92 -1.72 1.00
CA ILE A 152 4.76 -0.51 1.09
C ILE A 152 5.42 -0.41 2.48
N HIS A 153 6.76 -0.31 2.52
CA HIS A 153 7.47 -0.11 3.79
C HIS A 153 8.89 0.46 3.58
N ASP A 154 9.63 0.62 4.69
CA ASP A 154 10.99 1.21 4.68
C ASP A 154 10.98 2.68 4.23
N ILE A 155 9.81 3.33 4.26
CA ILE A 155 9.69 4.74 3.88
C ILE A 155 10.54 5.64 4.79
N GLN A 156 11.67 6.08 4.27
CA GLN A 156 12.66 6.86 5.04
C GLN A 156 13.20 8.05 4.25
N PRO A 157 13.73 9.08 4.93
CA PRO A 157 14.30 10.26 4.26
C PRO A 157 15.60 9.96 3.51
N VAL A 158 15.69 10.42 2.27
CA VAL A 158 16.87 10.18 1.42
C VAL A 158 17.98 11.20 1.69
N MET A 159 19.16 10.94 1.13
CA MET A 159 20.33 11.84 1.28
C MET A 159 20.79 11.94 2.75
N GLN A 160 20.46 10.94 3.55
CA GLN A 160 20.82 10.95 4.99
C GLN A 160 22.34 10.76 5.19
N LEU A 161 22.83 11.20 6.33
CA LEU A 161 24.27 11.11 6.65
C LEU A 161 24.58 9.88 7.52
N GLU A 162 25.74 9.26 7.29
CA GLU A 162 26.17 8.12 8.10
C GLU A 162 26.83 8.56 9.40
N HIS A 163 26.19 8.29 10.53
CA HIS A 163 26.77 8.61 11.84
C HIS A 163 27.81 7.55 12.24
N HIS A 164 28.98 7.63 11.61
CA HIS A 164 30.06 6.66 11.83
C HIS A 164 30.55 6.65 13.29
N HIS A 165 30.70 5.45 13.86
CA HIS A 165 31.17 5.28 15.23
C HIS A 165 32.04 4.02 15.36
N HIS A 166 32.66 3.83 16.52
CA HIS A 166 33.67 2.76 16.69
C HIS A 166 33.23 1.66 17.67
N HIS A 167 33.06 0.44 17.16
CA HIS A 167 32.85 -0.76 17.97
C HIS A 167 31.49 -0.79 18.67
N HIS A 168 30.50 -1.38 18.03
CA HIS A 168 29.21 -1.65 18.67
C HIS A 168 29.19 -3.05 19.33
N MET A 1 -8.06 -39.87 -10.19
CA MET A 1 -8.35 -38.54 -9.57
C MET A 1 -9.74 -38.04 -9.98
N VAL A 2 -10.56 -37.70 -8.98
CA VAL A 2 -11.93 -37.21 -9.23
C VAL A 2 -12.22 -35.92 -8.44
N GLN A 3 -12.35 -34.81 -9.13
CA GLN A 3 -12.71 -33.53 -8.50
C GLN A 3 -14.21 -33.24 -8.61
N GLN A 4 -14.65 -32.13 -8.02
CA GLN A 4 -16.07 -31.76 -8.03
C GLN A 4 -16.25 -30.24 -8.10
N SER A 5 -17.46 -29.81 -8.48
CA SER A 5 -17.77 -28.37 -8.58
C SER A 5 -19.09 -28.04 -7.89
N GLU A 6 -19.15 -26.87 -7.25
CA GLU A 6 -20.35 -26.45 -6.50
C GLU A 6 -21.31 -25.65 -7.38
N VAL A 7 -22.37 -25.13 -6.73
CA VAL A 7 -23.29 -24.20 -7.38
C VAL A 7 -23.53 -22.98 -6.48
N ARG A 8 -22.77 -21.91 -6.74
CA ARG A 8 -22.83 -20.69 -5.93
C ARG A 8 -23.85 -19.69 -6.50
N GLN A 9 -23.86 -18.46 -5.98
CA GLN A 9 -24.82 -17.43 -6.40
C GLN A 9 -24.59 -17.02 -7.87
N MET A 10 -25.19 -17.77 -8.80
CA MET A 10 -25.09 -17.49 -10.23
C MET A 10 -26.43 -16.96 -10.78
N LYS A 11 -26.35 -15.91 -11.59
CA LYS A 11 -27.55 -15.26 -12.14
C LYS A 11 -28.29 -16.16 -13.15
N HIS A 12 -29.39 -16.78 -12.71
CA HIS A 12 -30.25 -17.56 -13.60
C HIS A 12 -31.50 -16.76 -13.99
N SER A 13 -31.37 -15.94 -15.05
CA SER A 13 -32.47 -15.06 -15.50
C SER A 13 -32.97 -14.15 -14.36
N VAL A 14 -32.18 -13.12 -14.03
CA VAL A 14 -32.48 -12.24 -12.89
C VAL A 14 -33.13 -10.92 -13.34
N SER A 15 -34.39 -10.74 -12.97
CA SER A 15 -35.11 -9.47 -13.18
C SER A 15 -36.08 -9.24 -12.02
N THR A 16 -35.77 -8.28 -11.16
CA THR A 16 -36.57 -8.04 -9.96
C THR A 16 -36.68 -6.55 -9.59
N LEU A 17 -37.49 -6.26 -8.58
CA LEU A 17 -37.76 -4.88 -8.17
C LEU A 17 -36.84 -4.44 -7.01
N ASN A 18 -37.14 -3.29 -6.40
CA ASN A 18 -36.36 -2.78 -5.28
C ASN A 18 -36.68 -3.58 -4.00
N GLN A 19 -35.92 -4.65 -3.77
CA GLN A 19 -36.16 -5.54 -2.62
C GLN A 19 -35.05 -5.42 -1.55
N GLU A 20 -35.02 -6.38 -0.63
CA GLU A 20 -34.01 -6.40 0.45
C GLU A 20 -32.57 -6.22 -0.09
N MET A 21 -31.70 -5.68 0.75
CA MET A 21 -30.31 -5.40 0.37
C MET A 21 -29.61 -6.62 -0.23
N THR A 22 -29.03 -6.44 -1.42
CA THR A 22 -28.35 -7.53 -2.13
C THR A 22 -26.96 -7.81 -1.54
N GLN A 23 -26.22 -8.72 -2.18
CA GLN A 23 -24.89 -9.12 -1.70
C GLN A 23 -23.85 -7.99 -1.88
N LEU A 24 -22.71 -8.12 -1.21
CA LEU A 24 -21.63 -7.13 -1.30
C LEU A 24 -20.75 -7.37 -2.53
N ASN A 25 -20.31 -6.28 -3.16
CA ASN A 25 -19.48 -6.35 -4.37
C ASN A 25 -18.06 -6.86 -4.04
N GLN A 26 -17.50 -7.71 -4.91
CA GLN A 26 -16.19 -8.33 -4.68
C GLN A 26 -15.06 -7.29 -4.55
N GLU A 27 -15.17 -6.16 -5.25
CA GLU A 27 -14.18 -5.09 -5.13
C GLU A 27 -14.16 -4.56 -3.67
N THR A 28 -15.34 -4.34 -3.10
CA THR A 28 -15.46 -3.94 -1.69
C THR A 28 -14.95 -5.06 -0.76
N VAL A 29 -15.19 -6.31 -1.16
CA VAL A 29 -14.65 -7.47 -0.44
C VAL A 29 -13.12 -7.43 -0.41
N LYS A 30 -12.51 -7.00 -1.51
CA LYS A 30 -11.05 -6.80 -1.58
C LYS A 30 -10.60 -5.62 -0.69
N ILE A 31 -11.45 -4.61 -0.54
CA ILE A 31 -11.17 -3.50 0.38
C ILE A 31 -11.03 -4.02 1.83
N THR A 32 -12.02 -4.78 2.28
CA THR A 32 -11.97 -5.43 3.60
C THR A 32 -10.75 -6.36 3.70
N GLN A 33 -10.54 -7.15 2.66
CA GLN A 33 -9.39 -8.07 2.56
C GLN A 33 -8.06 -7.30 2.74
N GLN A 34 -7.94 -6.17 2.05
CA GLN A 34 -6.75 -5.31 2.13
C GLN A 34 -6.56 -4.75 3.55
N ASN A 35 -7.60 -4.09 4.07
CA ASN A 35 -7.54 -3.46 5.40
C ASN A 35 -7.22 -4.49 6.51
N ARG A 36 -7.74 -5.70 6.38
CA ARG A 36 -7.44 -6.77 7.33
C ARG A 36 -5.95 -7.15 7.29
N LEU A 37 -5.42 -7.38 6.09
CA LEU A 37 -3.98 -7.65 5.93
C LEU A 37 -3.13 -6.49 6.48
N ASN A 38 -3.58 -5.26 6.18
CA ASN A 38 -2.93 -4.04 6.68
C ASN A 38 -2.84 -4.02 8.21
N ALA A 39 -3.92 -4.41 8.88
CA ALA A 39 -3.98 -4.45 10.34
C ALA A 39 -3.17 -5.61 10.93
N LYS A 40 -3.13 -6.73 10.22
CA LYS A 40 -2.41 -7.92 10.70
C LYS A 40 -0.91 -7.88 10.36
N SER A 41 -0.50 -6.89 9.56
CA SER A 41 0.90 -6.73 9.17
C SER A 41 1.57 -5.54 9.87
N SER A 42 2.61 -5.83 10.65
CA SER A 42 3.40 -4.78 11.31
C SER A 42 4.46 -4.22 10.36
N SER A 43 5.16 -5.11 9.68
CA SER A 43 6.21 -4.71 8.73
C SER A 43 5.61 -4.13 7.43
N GLY A 44 5.25 -2.85 7.48
CA GLY A 44 4.74 -2.16 6.30
C GLY A 44 3.22 -2.27 6.12
N VAL A 45 2.73 -1.81 4.97
CA VAL A 45 1.28 -1.83 4.69
C VAL A 45 0.97 -2.64 3.42
N TYR A 46 -0.16 -3.35 3.45
CA TYR A 46 -0.64 -4.12 2.28
C TYR A 46 -1.64 -3.30 1.44
N LEU A 47 -1.43 -3.31 0.13
CA LEU A 47 -2.35 -2.71 -0.84
C LEU A 47 -2.72 -3.72 -1.94
N LEU A 48 -3.99 -3.77 -2.33
CA LEU A 48 -4.47 -4.75 -3.31
C LEU A 48 -4.89 -4.08 -4.63
N PRO A 49 -4.52 -4.68 -5.79
CA PRO A 49 -4.86 -4.14 -7.12
C PRO A 49 -6.36 -4.17 -7.42
N GLY A 50 -7.05 -5.16 -6.85
CA GLY A 50 -8.49 -5.32 -7.09
C GLY A 50 -9.37 -4.28 -6.41
N ALA A 51 -8.78 -3.44 -5.55
CA ALA A 51 -9.53 -2.42 -4.82
C ALA A 51 -8.71 -1.13 -4.60
N LYS A 52 -8.92 -0.14 -5.48
CA LYS A 52 -8.20 1.12 -5.37
C LYS A 52 -8.58 1.89 -4.09
N THR A 53 -7.86 1.62 -3.00
CA THR A 53 -8.14 2.27 -1.71
C THR A 53 -6.86 2.70 -0.97
N PRO A 54 -6.96 3.77 -0.14
CA PRO A 54 -5.84 4.26 0.67
C PRO A 54 -5.60 3.47 1.97
N ALA A 55 -4.38 3.59 2.51
CA ALA A 55 -4.02 2.97 3.79
C ALA A 55 -2.98 3.83 4.53
N ARG A 56 -3.06 3.87 5.86
CA ARG A 56 -2.16 4.70 6.66
C ARG A 56 -0.82 3.99 6.93
N LEU A 57 0.27 4.59 6.47
CA LEU A 57 1.62 4.08 6.72
C LEU A 57 2.41 5.05 7.61
N GLU A 58 2.82 4.57 8.77
CA GLU A 58 3.59 5.38 9.73
C GLU A 58 5.09 5.19 9.50
N SER A 59 5.75 6.24 9.01
CA SER A 59 7.15 6.13 8.55
C SER A 59 8.11 6.98 9.39
N GLN A 60 9.38 7.01 8.95
CA GLN A 60 10.44 7.76 9.64
C GLN A 60 10.28 9.28 9.45
N ILE A 61 9.61 9.69 8.37
CA ILE A 61 9.39 11.13 8.09
C ILE A 61 8.06 11.61 8.70
N GLY A 62 7.28 10.68 9.23
CA GLY A 62 5.99 11.03 9.83
C GLY A 62 4.85 10.10 9.40
N THR A 63 3.63 10.50 9.69
CA THR A 63 2.45 9.70 9.35
C THR A 63 1.89 10.10 7.98
N LEU A 64 1.79 9.15 7.06
CA LEU A 64 1.28 9.42 5.71
C LEU A 64 0.27 8.34 5.26
N ARG A 65 -0.49 8.64 4.22
CA ARG A 65 -1.52 7.72 3.71
C ARG A 65 -1.28 7.42 2.21
N MET A 66 -0.97 6.17 1.88
CA MET A 66 -0.70 5.80 0.49
C MET A 66 -1.93 5.15 -0.17
N SER A 67 -2.14 5.43 -1.45
CA SER A 67 -3.30 4.93 -2.19
C SER A 67 -2.93 4.53 -3.63
N LEU A 68 -3.54 3.45 -4.12
CA LEU A 68 -3.31 2.97 -5.48
C LEU A 68 -4.43 3.44 -6.43
N VAL A 69 -4.04 4.17 -7.49
CA VAL A 69 -4.97 4.58 -8.54
C VAL A 69 -4.40 4.29 -9.93
N ASN A 70 -5.26 4.28 -10.94
CA ASN A 70 -4.83 4.16 -12.35
C ASN A 70 -4.08 2.84 -12.60
N ILE A 71 -4.48 1.79 -11.89
CA ILE A 71 -3.83 0.47 -11.99
C ILE A 71 -4.14 -0.22 -13.33
N THR A 72 -3.16 -0.25 -14.23
CA THR A 72 -3.33 -0.90 -15.54
C THR A 72 -2.13 -1.77 -15.92
N PRO A 73 -2.38 -2.85 -16.70
CA PRO A 73 -1.31 -3.77 -17.15
C PRO A 73 -0.38 -3.14 -18.21
N ASP A 74 0.88 -3.55 -18.22
CA ASP A 74 1.88 -3.04 -19.16
C ASP A 74 2.50 -4.20 -19.97
N ALA A 75 3.50 -3.89 -20.80
CA ALA A 75 4.17 -4.91 -21.61
C ALA A 75 5.12 -5.79 -20.78
N ASP A 76 5.94 -5.16 -19.93
CA ASP A 76 6.88 -5.91 -19.08
C ASP A 76 6.28 -6.25 -17.70
N GLY A 77 5.30 -5.47 -17.26
CA GLY A 77 4.64 -5.75 -15.98
C GLY A 77 3.33 -5.00 -15.77
N THR A 78 3.26 -4.17 -14.74
CA THR A 78 2.04 -3.42 -14.40
C THR A 78 2.36 -1.98 -13.97
N THR A 79 1.63 -1.02 -14.53
CA THR A 79 1.83 0.40 -14.19
C THR A 79 0.66 0.96 -13.37
N LEU A 80 0.98 1.48 -12.20
CA LEU A 80 -0.03 2.09 -11.31
C LEU A 80 0.49 3.37 -10.67
N THR A 81 -0.42 4.29 -10.35
CA THR A 81 -0.04 5.56 -9.72
C THR A 81 -0.06 5.42 -8.18
N LEU A 82 1.13 5.48 -7.57
CA LEU A 82 1.24 5.41 -6.12
C LEU A 82 1.12 6.82 -5.52
N ARG A 83 0.00 7.10 -4.87
CA ARG A 83 -0.23 8.42 -4.26
C ARG A 83 0.09 8.43 -2.77
N ILE A 84 0.85 9.42 -2.32
CA ILE A 84 1.21 9.56 -0.91
C ILE A 84 0.59 10.82 -0.30
N GLN A 85 -0.56 10.68 0.36
CA GLN A 85 -1.20 11.82 1.04
C GLN A 85 -0.66 11.96 2.47
N GLY A 86 0.22 12.93 2.70
CA GLY A 86 0.76 13.14 4.04
C GLY A 86 -0.27 13.68 5.02
N GLU A 87 -0.35 13.06 6.20
CA GLU A 87 -1.26 13.53 7.26
C GLU A 87 -0.79 14.89 7.80
N SER A 88 0.51 15.16 7.67
CA SER A 88 1.07 16.48 7.98
C SER A 88 0.82 17.45 6.82
N ASN A 89 0.06 18.50 7.08
CA ASN A 89 -0.30 19.49 6.04
C ASN A 89 0.84 20.49 5.77
N ASP A 90 2.08 19.98 5.75
CA ASP A 90 3.27 20.80 5.50
C ASP A 90 4.13 20.14 4.40
N PRO A 91 4.94 20.93 3.65
CA PRO A 91 5.82 20.39 2.60
C PRO A 91 6.83 19.37 3.14
N LEU A 92 6.61 18.10 2.78
CA LEU A 92 7.45 16.98 3.26
C LEU A 92 8.72 16.80 2.39
N PRO A 93 9.82 16.29 2.98
CA PRO A 93 11.07 16.05 2.23
C PRO A 93 11.00 14.80 1.33
N ALA A 94 11.88 14.73 0.33
CA ALA A 94 11.92 13.59 -0.60
C ALA A 94 12.32 12.29 0.13
N PHE A 95 11.63 11.20 -0.18
CA PHE A 95 11.85 9.92 0.51
C PHE A 95 11.96 8.74 -0.47
N SER A 96 12.49 7.63 0.03
CA SER A 96 12.65 6.39 -0.73
C SER A 96 12.20 5.18 0.08
N GLY A 97 11.40 4.31 -0.51
CA GLY A 97 10.93 3.12 0.20
C GLY A 97 11.04 1.84 -0.62
N THR A 98 10.91 0.70 0.03
CA THR A 98 10.98 -0.60 -0.63
C THR A 98 9.59 -1.26 -0.70
N VAL A 99 9.15 -1.62 -1.90
CA VAL A 99 7.85 -2.26 -2.10
C VAL A 99 7.98 -3.76 -2.41
N GLU A 100 7.42 -4.60 -1.53
CA GLU A 100 7.37 -6.05 -1.76
C GLU A 100 6.09 -6.42 -2.52
N TYR A 101 6.22 -6.88 -3.75
CA TYR A 101 5.05 -7.26 -4.55
C TYR A 101 5.14 -8.73 -5.02
N GLY A 102 4.08 -9.48 -4.77
CA GLY A 102 4.06 -10.90 -5.10
C GLY A 102 2.65 -11.49 -5.07
N GLN A 103 2.53 -12.76 -4.67
CA GLN A 103 1.24 -13.46 -4.65
C GLN A 103 0.94 -14.11 -3.28
N ILE A 104 -0.34 -14.33 -2.99
CA ILE A 104 -0.77 -14.94 -1.72
C ILE A 104 -1.47 -16.29 -1.96
N GLN A 105 -0.93 -17.35 -1.37
CA GLN A 105 -1.50 -18.71 -1.53
C GLN A 105 -2.50 -19.06 -0.41
N GLY A 106 -2.27 -18.52 0.79
CA GLY A 106 -3.06 -18.92 1.96
C GLY A 106 -4.28 -18.03 2.21
N THR A 107 -4.76 -18.04 3.45
CA THR A 107 -5.93 -17.26 3.86
C THR A 107 -5.54 -15.88 4.41
N ILE A 108 -6.52 -15.14 4.92
CA ILE A 108 -6.25 -13.82 5.51
C ILE A 108 -5.77 -13.95 6.98
N ASP A 109 -5.74 -15.18 7.48
CA ASP A 109 -5.23 -15.47 8.82
C ASP A 109 -3.89 -16.21 8.75
N ASN A 110 -3.78 -17.13 7.80
CA ASN A 110 -2.56 -17.93 7.60
C ASN A 110 -2.18 -18.00 6.11
N PHE A 111 -1.18 -17.22 5.70
CA PHE A 111 -0.76 -17.19 4.30
C PHE A 111 0.76 -17.07 4.17
N GLN A 112 1.30 -17.64 3.10
CA GLN A 112 2.73 -17.53 2.78
C GLN A 112 2.93 -16.64 1.55
N GLU A 113 3.77 -15.61 1.68
CA GLU A 113 4.07 -14.69 0.59
C GLU A 113 4.98 -15.36 -0.47
N ILE A 114 4.39 -15.72 -1.61
CA ILE A 114 5.12 -16.44 -2.66
C ILE A 114 5.36 -15.56 -3.89
N ASN A 115 6.43 -15.86 -4.64
CA ASN A 115 6.76 -15.13 -5.87
C ASN A 115 6.93 -13.62 -5.62
N VAL A 116 7.36 -13.26 -4.41
CA VAL A 116 7.47 -11.86 -4.01
C VAL A 116 8.89 -11.27 -4.23
N GLN A 117 8.99 -10.30 -5.12
CA GLN A 117 10.21 -9.51 -5.29
C GLN A 117 9.94 -8.03 -4.97
N ASN A 118 11.00 -7.23 -4.89
CA ASN A 118 10.87 -5.85 -4.42
C ASN A 118 11.39 -4.80 -5.42
N GLN A 119 10.98 -3.55 -5.20
CA GLN A 119 11.41 -2.41 -6.03
C GLN A 119 11.56 -1.15 -5.15
N LEU A 120 12.44 -0.25 -5.56
CA LEU A 120 12.65 1.01 -4.84
C LEU A 120 11.72 2.12 -5.35
N ILE A 121 10.84 2.61 -4.49
CA ILE A 121 9.94 3.71 -4.84
C ILE A 121 10.41 5.05 -4.22
N ASN A 122 11.00 5.89 -5.07
CA ASN A 122 11.52 7.19 -4.61
C ASN A 122 10.63 8.34 -5.09
N ALA A 123 10.01 9.03 -4.14
CA ALA A 123 9.14 10.18 -4.46
C ALA A 123 9.92 11.51 -4.36
N PRO A 124 9.70 12.45 -5.29
CA PRO A 124 10.37 13.76 -5.29
C PRO A 124 10.07 14.61 -4.05
N ALA A 125 10.80 15.72 -3.89
CA ALA A 125 10.58 16.63 -2.76
C ALA A 125 9.16 17.23 -2.79
N SER A 126 8.40 16.99 -1.71
CA SER A 126 7.02 17.48 -1.62
C SER A 126 6.97 18.97 -1.28
N VAL A 127 7.40 19.80 -2.22
CA VAL A 127 7.43 21.26 -2.03
C VAL A 127 6.00 21.85 -1.94
N LEU A 128 5.02 21.09 -2.42
CA LEU A 128 3.62 21.54 -2.41
C LEU A 128 2.93 21.22 -1.09
N ALA A 129 2.15 22.18 -0.58
CA ALA A 129 1.40 22.00 0.67
C ALA A 129 -0.11 22.22 0.45
N PRO A 130 -0.98 21.27 0.87
CA PRO A 130 -0.57 20.01 1.55
C PRO A 130 0.13 19.00 0.62
N SER A 131 0.97 18.14 1.20
CA SER A 131 1.79 17.21 0.42
C SER A 131 1.07 15.89 0.12
N ASP A 132 0.40 15.81 -1.03
CA ASP A 132 -0.09 14.53 -1.56
C ASP A 132 0.58 14.23 -2.92
N VAL A 133 1.59 13.36 -2.89
CA VAL A 133 2.47 13.13 -4.05
C VAL A 133 1.93 12.05 -5.00
N ASP A 134 2.16 12.25 -6.30
CA ASP A 134 1.81 11.29 -7.34
C ASP A 134 3.07 10.74 -8.03
N ILE A 135 3.35 9.45 -7.90
CA ILE A 135 4.49 8.82 -8.57
C ILE A 135 4.08 7.60 -9.41
N PRO A 136 4.44 7.58 -10.71
CA PRO A 136 4.16 6.44 -11.60
C PRO A 136 5.04 5.22 -11.27
N LEU A 137 4.42 4.15 -10.76
CA LEU A 137 5.13 2.94 -10.34
C LEU A 137 4.95 1.83 -11.38
N GLN A 138 6.04 1.41 -12.02
CA GLN A 138 6.00 0.31 -12.99
C GLN A 138 6.62 -0.97 -12.41
N LEU A 139 5.76 -1.91 -12.02
CA LEU A 139 6.21 -3.22 -11.55
C LEU A 139 6.57 -4.10 -12.75
N LYS A 140 7.66 -4.87 -12.66
CA LYS A 140 8.13 -5.67 -13.80
C LYS A 140 8.08 -7.17 -13.51
N GLY A 141 7.58 -7.95 -14.49
CA GLY A 141 7.48 -9.40 -14.34
C GLY A 141 6.13 -9.86 -13.82
N ILE A 142 5.40 -8.95 -13.16
CA ILE A 142 4.12 -9.30 -12.56
C ILE A 142 2.95 -8.53 -13.23
N SER A 143 1.93 -9.26 -13.68
CA SER A 143 0.77 -8.65 -14.34
C SER A 143 -0.38 -8.40 -13.34
N VAL A 144 -1.16 -7.34 -13.61
CA VAL A 144 -2.23 -6.89 -12.69
C VAL A 144 -3.18 -8.01 -12.24
N ASP A 145 -3.62 -8.88 -13.16
CA ASP A 145 -4.53 -9.98 -12.81
C ASP A 145 -3.80 -11.02 -11.93
N GLN A 146 -2.50 -11.18 -12.17
CA GLN A 146 -1.69 -12.14 -11.42
C GLN A 146 -0.98 -11.47 -10.23
N LEU A 147 -1.33 -10.21 -9.95
CA LEU A 147 -0.73 -9.45 -8.85
C LEU A 147 -1.46 -9.75 -7.53
N GLY A 148 -0.74 -10.34 -6.59
CA GLY A 148 -1.34 -10.72 -5.31
C GLY A 148 -1.42 -9.57 -4.32
N PHE A 149 -0.28 -8.98 -3.97
CA PHE A 149 -0.24 -7.90 -2.98
C PHE A 149 0.87 -6.89 -3.27
N VAL A 150 0.63 -5.63 -2.90
CA VAL A 150 1.63 -4.57 -2.97
C VAL A 150 1.96 -4.08 -1.54
N ARG A 151 3.14 -4.44 -1.04
CA ARG A 151 3.50 -4.18 0.37
C ARG A 151 4.56 -3.06 0.49
N ILE A 152 4.13 -1.89 0.94
CA ILE A 152 5.03 -0.73 1.08
C ILE A 152 5.69 -0.70 2.47
N HIS A 153 7.00 -0.45 2.51
CA HIS A 153 7.71 -0.34 3.80
C HIS A 153 9.10 0.31 3.61
N ASP A 154 9.79 0.56 4.74
CA ASP A 154 11.16 1.11 4.74
C ASP A 154 11.23 2.50 4.11
N ILE A 155 10.17 3.28 4.28
CA ILE A 155 10.12 4.67 3.82
C ILE A 155 11.12 5.54 4.61
N GLN A 156 12.28 5.79 4.02
CA GLN A 156 13.35 6.56 4.68
C GLN A 156 13.78 7.76 3.80
N PRO A 157 14.27 8.85 4.42
CA PRO A 157 14.70 10.07 3.69
C PRO A 157 15.87 9.82 2.71
N VAL A 158 15.90 10.60 1.63
CA VAL A 158 17.00 10.54 0.65
C VAL A 158 18.04 11.64 0.94
N MET A 159 18.80 12.05 -0.08
CA MET A 159 19.80 13.11 0.04
C MET A 159 19.26 14.36 0.78
N GLN A 160 19.67 14.50 2.04
CA GLN A 160 19.24 15.63 2.88
C GLN A 160 20.44 16.31 3.56
N LEU A 161 20.68 17.57 3.23
CA LEU A 161 21.76 18.35 3.86
C LEU A 161 21.21 19.27 4.95
N GLU A 162 21.68 19.08 6.19
CA GLU A 162 21.17 19.83 7.34
C GLU A 162 22.33 20.29 8.25
N HIS A 163 22.06 21.26 9.13
CA HIS A 163 23.05 21.78 10.09
C HIS A 163 23.69 20.63 10.89
N HIS A 164 24.99 20.44 10.72
CA HIS A 164 25.71 19.36 11.39
C HIS A 164 25.93 19.66 12.89
N HIS A 165 25.46 18.76 13.74
CA HIS A 165 25.66 18.87 15.20
C HIS A 165 26.80 17.94 15.66
N HIS A 166 27.51 18.34 16.71
CA HIS A 166 28.65 17.55 17.22
C HIS A 166 28.21 16.29 17.98
N HIS A 167 29.19 15.45 18.33
CA HIS A 167 28.98 14.27 19.18
C HIS A 167 30.11 14.16 20.22
N HIS A 168 31.33 14.39 19.75
CA HIS A 168 32.52 14.43 20.64
C HIS A 168 33.47 15.58 20.24
N MET A 1 23.47 -33.74 9.15
CA MET A 1 22.42 -32.75 9.50
C MET A 1 21.04 -33.40 9.59
N VAL A 2 20.51 -33.53 10.81
CA VAL A 2 19.18 -34.13 11.03
C VAL A 2 18.11 -33.05 11.23
N GLN A 3 17.01 -33.17 10.50
CA GLN A 3 15.87 -32.25 10.65
C GLN A 3 14.55 -33.03 10.74
N GLN A 4 13.67 -32.61 11.64
CA GLN A 4 12.41 -33.32 11.89
C GLN A 4 11.34 -32.99 10.84
N SER A 5 10.35 -33.88 10.72
CA SER A 5 9.22 -33.71 9.81
C SER A 5 8.09 -34.69 10.17
N GLU A 6 6.84 -34.23 10.05
CA GLU A 6 5.69 -35.04 10.49
C GLU A 6 4.42 -34.73 9.66
N VAL A 7 3.34 -35.45 9.95
CA VAL A 7 2.04 -35.21 9.31
C VAL A 7 0.90 -35.80 10.16
N ARG A 8 -0.32 -35.29 9.97
CA ARG A 8 -1.50 -35.80 10.69
C ARG A 8 -2.79 -35.38 9.98
N GLN A 9 -3.68 -36.33 9.73
CA GLN A 9 -4.95 -36.06 9.02
C GLN A 9 -6.17 -36.61 9.77
N MET A 10 -7.35 -36.18 9.34
CA MET A 10 -8.63 -36.68 9.84
C MET A 10 -9.67 -36.70 8.71
N LYS A 11 -10.69 -37.54 8.83
CA LYS A 11 -11.67 -37.71 7.75
C LYS A 11 -13.08 -38.03 8.26
N HIS A 12 -13.94 -37.00 8.28
CA HIS A 12 -15.36 -37.14 8.62
C HIS A 12 -16.18 -36.06 7.88
N SER A 13 -17.30 -36.48 7.26
CA SER A 13 -18.14 -35.55 6.49
C SER A 13 -19.31 -35.03 7.34
N VAL A 14 -19.22 -33.77 7.77
CA VAL A 14 -20.27 -33.15 8.59
C VAL A 14 -21.28 -32.37 7.72
N SER A 15 -22.54 -32.78 7.76
CA SER A 15 -23.61 -32.11 7.00
C SER A 15 -24.66 -31.49 7.93
N THR A 16 -24.28 -31.28 9.19
CA THR A 16 -25.20 -30.73 10.21
C THR A 16 -25.70 -29.32 9.84
N LEU A 17 -26.95 -29.03 10.16
CA LEU A 17 -27.58 -27.75 9.83
C LEU A 17 -27.46 -26.74 10.99
N ASN A 18 -27.10 -25.50 10.66
CA ASN A 18 -27.07 -24.40 11.63
C ASN A 18 -27.64 -23.11 11.00
N GLN A 19 -26.76 -22.29 10.41
CA GLN A 19 -27.18 -21.06 9.74
C GLN A 19 -26.42 -20.86 8.43
N GLU A 20 -26.92 -19.97 7.57
CA GLU A 20 -26.25 -19.61 6.32
C GLU A 20 -26.48 -18.13 6.01
N MET A 21 -25.39 -17.38 5.84
CA MET A 21 -25.47 -15.92 5.68
C MET A 21 -25.53 -15.50 4.20
N THR A 22 -25.65 -14.18 3.98
CA THR A 22 -25.74 -13.63 2.62
C THR A 22 -24.37 -13.45 1.98
N GLN A 23 -24.35 -12.87 0.78
CA GLN A 23 -23.10 -12.64 0.03
C GLN A 23 -22.68 -11.17 0.06
N LEU A 24 -21.45 -10.90 -0.38
CA LEU A 24 -20.91 -9.54 -0.39
C LEU A 24 -20.25 -9.21 -1.74
N ASN A 25 -20.22 -7.92 -2.09
CA ASN A 25 -19.56 -7.48 -3.33
C ASN A 25 -18.05 -7.81 -3.30
N GLN A 26 -17.56 -8.41 -4.37
CA GLN A 26 -16.15 -8.83 -4.45
C GLN A 26 -15.17 -7.67 -4.22
N GLU A 27 -15.43 -6.53 -4.85
CA GLU A 27 -14.59 -5.33 -4.62
C GLU A 27 -14.58 -4.96 -3.13
N THR A 28 -15.77 -4.91 -2.53
CA THR A 28 -15.92 -4.62 -1.10
C THR A 28 -15.15 -5.64 -0.24
N VAL A 29 -15.09 -6.89 -0.70
CA VAL A 29 -14.32 -7.94 -0.02
C VAL A 29 -12.82 -7.62 -0.03
N LYS A 30 -12.30 -7.20 -1.19
CA LYS A 30 -10.89 -6.80 -1.31
C LYS A 30 -10.57 -5.59 -0.42
N ILE A 31 -11.47 -4.58 -0.44
CA ILE A 31 -11.33 -3.41 0.44
C ILE A 31 -11.21 -3.83 1.90
N THR A 32 -12.20 -4.61 2.37
CA THR A 32 -12.21 -5.13 3.74
C THR A 32 -10.93 -5.92 4.04
N GLN A 33 -10.51 -6.77 3.09
CA GLN A 33 -9.30 -7.57 3.24
C GLN A 33 -8.05 -6.68 3.45
N GLN A 34 -7.94 -5.61 2.66
CA GLN A 34 -6.80 -4.69 2.79
C GLN A 34 -6.75 -4.06 4.20
N ASN A 35 -7.92 -3.67 4.71
CA ASN A 35 -8.01 -3.12 6.07
C ASN A 35 -7.55 -4.14 7.12
N ARG A 36 -8.01 -5.38 6.98
CA ARG A 36 -7.66 -6.46 7.90
C ARG A 36 -6.15 -6.79 7.84
N LEU A 37 -5.60 -6.84 6.62
CA LEU A 37 -4.16 -7.05 6.43
C LEU A 37 -3.35 -5.87 6.98
N ASN A 38 -3.88 -4.66 6.79
CA ASN A 38 -3.25 -3.44 7.32
C ASN A 38 -3.08 -3.53 8.85
N ALA A 39 -4.04 -4.18 9.50
CA ALA A 39 -3.98 -4.40 10.94
C ALA A 39 -2.92 -5.46 11.33
N LYS A 40 -2.82 -6.53 10.53
CA LYS A 40 -1.85 -7.61 10.80
C LYS A 40 -0.45 -7.29 10.28
N SER A 41 -0.35 -6.33 9.36
CA SER A 41 0.94 -5.96 8.75
C SER A 41 1.96 -5.50 9.79
N SER A 42 3.04 -6.25 9.94
CA SER A 42 4.11 -5.90 10.89
C SER A 42 5.21 -5.06 10.22
N SER A 43 5.39 -5.23 8.91
CA SER A 43 6.38 -4.46 8.16
C SER A 43 5.74 -3.57 7.09
N GLY A 44 5.33 -2.37 7.49
CA GLY A 44 4.71 -1.43 6.55
C GLY A 44 3.21 -1.67 6.35
N VAL A 45 2.77 -1.68 5.09
CA VAL A 45 1.35 -1.90 4.76
C VAL A 45 1.18 -2.80 3.53
N TYR A 46 0.04 -3.49 3.45
CA TYR A 46 -0.30 -4.34 2.30
C TYR A 46 -1.43 -3.73 1.47
N LEU A 47 -1.07 -3.12 0.34
CA LEU A 47 -2.05 -2.55 -0.59
C LEU A 47 -2.55 -3.61 -1.56
N LEU A 48 -3.87 -3.67 -1.77
CA LEU A 48 -4.46 -4.64 -2.69
C LEU A 48 -4.95 -3.96 -3.97
N PRO A 49 -4.26 -4.19 -5.10
CA PRO A 49 -4.60 -3.55 -6.40
C PRO A 49 -6.04 -3.82 -6.86
N GLY A 50 -6.64 -4.90 -6.36
CA GLY A 50 -8.03 -5.22 -6.69
C GLY A 50 -9.03 -4.18 -6.17
N ALA A 51 -8.65 -3.49 -5.10
CA ALA A 51 -9.52 -2.47 -4.47
C ALA A 51 -8.82 -1.11 -4.37
N LYS A 52 -9.32 -0.12 -5.10
CA LYS A 52 -8.73 1.22 -5.06
C LYS A 52 -9.13 1.94 -3.76
N THR A 53 -8.48 1.55 -2.67
CA THR A 53 -8.73 2.17 -1.36
C THR A 53 -7.42 2.52 -0.65
N PRO A 54 -7.42 3.62 0.12
CA PRO A 54 -6.24 4.08 0.87
C PRO A 54 -5.95 3.24 2.14
N ALA A 55 -4.67 3.07 2.44
CA ALA A 55 -4.23 2.41 3.68
C ALA A 55 -3.31 3.34 4.50
N ARG A 56 -3.29 3.17 5.81
CA ARG A 56 -2.54 4.06 6.70
C ARG A 56 -1.14 3.50 7.01
N LEU A 57 -0.10 4.22 6.62
CA LEU A 57 1.28 3.77 6.81
C LEU A 57 2.08 4.74 7.70
N GLU A 58 2.66 4.19 8.77
CA GLU A 58 3.56 4.94 9.65
C GLU A 58 5.00 4.89 9.11
N SER A 59 5.44 5.98 8.48
CA SER A 59 6.77 6.03 7.88
C SER A 59 7.81 6.64 8.83
N GLN A 60 9.02 6.86 8.31
CA GLN A 60 10.09 7.52 9.08
C GLN A 60 10.09 9.04 8.86
N ILE A 61 9.19 9.53 8.01
CA ILE A 61 9.00 10.98 7.81
C ILE A 61 7.69 11.44 8.47
N GLY A 62 6.80 10.50 8.74
CA GLY A 62 5.52 10.82 9.38
C GLY A 62 4.39 9.88 8.94
N THR A 63 3.32 9.82 9.73
CA THR A 63 2.15 9.00 9.35
C THR A 63 1.52 9.53 8.05
N LEU A 64 1.33 8.64 7.08
CA LEU A 64 0.80 9.03 5.77
C LEU A 64 -0.19 8.00 5.22
N ARG A 65 -0.93 8.39 4.19
CA ARG A 65 -1.97 7.54 3.61
C ARG A 65 -1.67 7.23 2.14
N MET A 66 -1.41 5.97 1.83
CA MET A 66 -1.08 5.55 0.45
C MET A 66 -2.26 4.86 -0.25
N SER A 67 -2.32 4.99 -1.58
CA SER A 67 -3.40 4.37 -2.37
C SER A 67 -2.92 4.04 -3.80
N LEU A 68 -3.55 3.03 -4.41
CA LEU A 68 -3.21 2.59 -5.77
C LEU A 68 -4.24 3.09 -6.80
N VAL A 69 -3.84 3.99 -7.68
CA VAL A 69 -4.72 4.52 -8.72
C VAL A 69 -4.16 4.26 -10.13
N ASN A 70 -5.05 4.23 -11.13
CA ASN A 70 -4.64 4.16 -12.54
C ASN A 70 -3.83 2.88 -12.83
N ILE A 71 -4.22 1.78 -12.18
CA ILE A 71 -3.51 0.51 -12.33
C ILE A 71 -3.71 -0.10 -13.73
N THR A 72 -2.70 0.05 -14.58
CA THR A 72 -2.72 -0.50 -15.95
C THR A 72 -1.56 -1.47 -16.19
N PRO A 73 -1.64 -2.30 -17.24
CA PRO A 73 -0.54 -3.22 -17.60
C PRO A 73 0.71 -2.50 -18.15
N ASP A 74 1.81 -3.22 -18.22
CA ASP A 74 3.06 -2.70 -18.78
C ASP A 74 3.61 -3.64 -19.86
N ALA A 75 4.57 -3.17 -20.65
CA ALA A 75 5.21 -4.00 -21.67
C ALA A 75 5.88 -5.23 -21.04
N ASP A 76 6.38 -5.07 -19.82
CA ASP A 76 7.01 -6.16 -19.07
C ASP A 76 6.11 -6.65 -17.92
N GLY A 77 5.57 -5.73 -17.13
CA GLY A 77 4.74 -6.10 -15.99
C GLY A 77 3.46 -5.26 -15.84
N THR A 78 3.47 -4.32 -14.88
CA THR A 78 2.28 -3.50 -14.58
C THR A 78 2.64 -2.05 -14.20
N THR A 79 1.96 -1.09 -14.83
CA THR A 79 2.16 0.34 -14.54
C THR A 79 1.02 0.91 -13.69
N LEU A 80 1.31 1.32 -12.46
CA LEU A 80 0.29 1.89 -11.57
C LEU A 80 0.81 3.11 -10.81
N THR A 81 -0.09 4.05 -10.51
CA THR A 81 0.30 5.28 -9.82
C THR A 81 0.13 5.16 -8.30
N LEU A 82 1.25 5.19 -7.59
CA LEU A 82 1.25 5.08 -6.12
C LEU A 82 1.16 6.48 -5.49
N ARG A 83 0.04 6.78 -4.84
CA ARG A 83 -0.17 8.10 -4.22
C ARG A 83 0.17 8.10 -2.73
N ILE A 84 1.03 9.03 -2.32
CA ILE A 84 1.38 9.22 -0.92
C ILE A 84 0.81 10.55 -0.39
N GLN A 85 -0.23 10.47 0.45
CA GLN A 85 -0.83 11.68 1.04
C GLN A 85 -0.47 11.79 2.52
N GLY A 86 0.42 12.73 2.85
CA GLY A 86 0.83 12.93 4.24
C GLY A 86 -0.34 13.29 5.17
N GLU A 87 -0.46 12.59 6.30
CA GLU A 87 -1.58 12.80 7.23
C GLU A 87 -1.32 13.99 8.15
N SER A 88 -1.12 15.17 7.56
CA SER A 88 -0.85 16.41 8.29
C SER A 88 -0.95 17.63 7.37
N ASN A 89 -0.46 18.78 7.83
CA ASN A 89 -0.36 19.98 6.96
C ASN A 89 1.12 20.32 6.69
N ASP A 90 2.00 19.39 7.02
CA ASP A 90 3.45 19.61 6.88
C ASP A 90 3.95 19.31 5.46
N PRO A 91 4.82 20.20 4.92
CA PRO A 91 5.47 19.94 3.63
C PRO A 91 6.62 18.92 3.77
N LEU A 92 6.32 17.65 3.50
CA LEU A 92 7.30 16.57 3.65
C LEU A 92 8.38 16.61 2.56
N PRO A 93 9.65 16.33 2.92
CA PRO A 93 10.76 16.30 1.95
C PRO A 93 10.79 15.02 1.10
N ALA A 94 11.69 14.97 0.12
CA ALA A 94 11.80 13.81 -0.77
C ALA A 94 12.17 12.54 0.00
N PHE A 95 11.55 11.42 -0.36
CA PHE A 95 11.70 10.17 0.38
C PHE A 95 11.83 8.94 -0.54
N SER A 96 12.15 7.80 0.04
CA SER A 96 12.32 6.55 -0.71
C SER A 96 12.04 5.35 0.19
N GLY A 97 11.68 4.22 -0.41
CA GLY A 97 11.41 3.00 0.36
C GLY A 97 11.41 1.74 -0.50
N THR A 98 11.13 0.60 0.13
CA THR A 98 11.12 -0.69 -0.57
C THR A 98 9.69 -1.22 -0.74
N VAL A 99 9.32 -1.56 -1.97
CA VAL A 99 8.01 -2.16 -2.26
C VAL A 99 8.16 -3.63 -2.69
N GLU A 100 7.47 -4.52 -1.97
CA GLU A 100 7.46 -5.94 -2.30
C GLU A 100 6.12 -6.34 -2.93
N TYR A 101 6.14 -6.60 -4.23
CA TYR A 101 4.91 -6.95 -4.97
C TYR A 101 4.92 -8.40 -5.46
N GLY A 102 3.84 -9.12 -5.15
CA GLY A 102 3.75 -10.54 -5.50
C GLY A 102 2.33 -11.08 -5.40
N GLN A 103 2.20 -12.35 -5.01
CA GLN A 103 0.89 -13.01 -4.93
C GLN A 103 0.63 -13.62 -3.54
N ILE A 104 -0.61 -13.51 -3.06
CA ILE A 104 -1.02 -14.11 -1.79
C ILE A 104 -1.77 -15.42 -2.00
N GLN A 105 -1.27 -16.51 -1.41
CA GLN A 105 -2.01 -17.77 -1.37
C GLN A 105 -2.45 -18.09 0.07
N GLY A 106 -3.70 -17.80 0.38
CA GLY A 106 -4.24 -18.11 1.70
C GLY A 106 -5.40 -17.21 2.12
N THR A 107 -5.78 -17.29 3.40
CA THR A 107 -6.92 -16.52 3.94
C THR A 107 -6.44 -15.27 4.71
N ILE A 108 -7.35 -14.68 5.49
CA ILE A 108 -7.02 -13.54 6.34
C ILE A 108 -6.15 -13.97 7.54
N ASP A 109 -6.20 -15.25 7.88
CA ASP A 109 -5.44 -15.77 9.03
C ASP A 109 -4.23 -16.59 8.58
N ASN A 110 -4.38 -17.38 7.53
CA ASN A 110 -3.30 -18.22 7.02
C ASN A 110 -2.99 -17.89 5.54
N PHE A 111 -2.04 -16.98 5.33
CA PHE A 111 -1.67 -16.54 3.97
C PHE A 111 -0.17 -16.63 3.74
N GLN A 112 0.23 -17.00 2.53
CA GLN A 112 1.65 -17.12 2.16
C GLN A 112 2.03 -16.15 1.02
N GLU A 113 3.15 -15.45 1.20
CA GLU A 113 3.67 -14.50 0.19
C GLU A 113 4.57 -15.22 -0.83
N ILE A 114 4.08 -15.36 -2.07
CA ILE A 114 4.82 -16.05 -3.14
C ILE A 114 5.03 -15.15 -4.37
N ASN A 115 5.97 -15.53 -5.25
CA ASN A 115 6.23 -14.82 -6.50
C ASN A 115 6.47 -13.30 -6.29
N VAL A 116 7.00 -12.95 -5.13
CA VAL A 116 7.18 -11.54 -4.77
C VAL A 116 8.55 -10.98 -5.20
N GLN A 117 8.55 -9.75 -5.71
CA GLN A 117 9.76 -9.05 -6.13
C GLN A 117 9.88 -7.70 -5.42
N ASN A 118 11.11 -7.23 -5.22
CA ASN A 118 11.35 -5.97 -4.50
C ASN A 118 11.80 -4.84 -5.46
N GLN A 119 11.17 -3.68 -5.33
CA GLN A 119 11.52 -2.50 -6.13
C GLN A 119 11.72 -1.28 -5.21
N LEU A 120 12.49 -0.29 -5.67
CA LEU A 120 12.73 0.93 -4.89
C LEU A 120 11.78 2.06 -5.32
N ILE A 121 10.97 2.54 -4.38
CA ILE A 121 10.04 3.64 -4.65
C ILE A 121 10.58 4.99 -4.16
N ASN A 122 11.13 5.78 -5.09
CA ASN A 122 11.64 7.12 -4.78
C ASN A 122 10.66 8.19 -5.25
N ALA A 123 10.34 9.15 -4.38
CA ALA A 123 9.34 10.17 -4.68
C ALA A 123 9.87 11.61 -4.47
N PRO A 124 9.37 12.58 -5.27
CA PRO A 124 9.73 14.01 -5.13
C PRO A 124 9.33 14.61 -3.77
N ALA A 125 9.72 15.87 -3.54
CA ALA A 125 9.47 16.54 -2.26
C ALA A 125 8.25 17.48 -2.30
N SER A 126 7.52 17.55 -1.20
CA SER A 126 6.41 18.51 -1.04
C SER A 126 6.95 19.84 -0.49
N VAL A 127 7.09 20.84 -1.35
CA VAL A 127 7.61 22.15 -0.93
C VAL A 127 6.54 23.03 -0.27
N LEU A 128 5.27 22.64 -0.41
CA LEU A 128 4.15 23.39 0.18
C LEU A 128 3.10 22.44 0.77
N ALA A 129 2.04 23.02 1.33
CA ALA A 129 0.94 22.23 1.90
C ALA A 129 -0.27 22.16 0.97
N PRO A 130 -1.00 21.02 0.92
CA PRO A 130 -0.70 19.82 1.70
C PRO A 130 0.38 18.94 1.04
N SER A 131 0.86 17.94 1.77
CA SER A 131 1.87 17.02 1.24
C SER A 131 1.22 15.86 0.48
N ASP A 132 0.94 16.08 -0.81
CA ASP A 132 0.47 15.00 -1.70
C ASP A 132 1.54 14.71 -2.76
N VAL A 133 1.99 13.45 -2.83
CA VAL A 133 3.00 13.04 -3.82
C VAL A 133 2.62 11.72 -4.48
N ASP A 134 2.31 11.74 -5.77
CA ASP A 134 2.00 10.51 -6.51
C ASP A 134 3.07 10.20 -7.57
N ILE A 135 3.47 8.92 -7.63
CA ILE A 135 4.54 8.47 -8.54
C ILE A 135 4.09 7.30 -9.43
N PRO A 136 4.38 7.38 -10.75
CA PRO A 136 4.08 6.28 -11.69
C PRO A 136 5.06 5.10 -11.56
N LEU A 137 4.56 3.97 -11.08
CA LEU A 137 5.38 2.76 -10.88
C LEU A 137 5.31 1.81 -12.08
N GLN A 138 6.45 1.22 -12.40
CA GLN A 138 6.54 0.16 -13.41
C GLN A 138 7.01 -1.16 -12.77
N LEU A 139 6.06 -1.98 -12.36
CA LEU A 139 6.35 -3.27 -11.71
C LEU A 139 6.78 -4.31 -12.75
N LYS A 140 7.88 -5.01 -12.46
CA LYS A 140 8.51 -5.91 -13.43
C LYS A 140 8.06 -7.38 -13.24
N GLY A 141 7.96 -8.11 -14.36
CA GLY A 141 7.70 -9.55 -14.32
C GLY A 141 6.42 -9.96 -13.57
N ILE A 142 5.39 -9.11 -13.60
CA ILE A 142 4.12 -9.44 -12.95
C ILE A 142 2.94 -8.74 -13.63
N SER A 143 1.92 -9.51 -14.00
CA SER A 143 0.74 -8.98 -14.69
C SER A 143 -0.31 -8.44 -13.72
N VAL A 144 -0.99 -7.36 -14.11
CA VAL A 144 -1.99 -6.70 -13.26
C VAL A 144 -3.09 -7.67 -12.78
N ASP A 145 -3.59 -8.51 -13.68
CA ASP A 145 -4.64 -9.47 -13.34
C ASP A 145 -4.15 -10.49 -12.29
N GLN A 146 -2.83 -10.66 -12.20
CA GLN A 146 -2.23 -11.64 -11.28
C GLN A 146 -1.57 -10.95 -10.07
N LEU A 147 -1.80 -9.65 -9.90
CA LEU A 147 -1.28 -8.90 -8.74
C LEU A 147 -1.97 -9.34 -7.44
N GLY A 148 -1.21 -9.94 -6.53
CA GLY A 148 -1.77 -10.39 -5.25
C GLY A 148 -1.71 -9.33 -4.16
N PHE A 149 -0.54 -8.71 -3.98
CA PHE A 149 -0.37 -7.68 -2.93
C PHE A 149 0.75 -6.69 -3.27
N VAL A 150 0.68 -5.50 -2.67
CA VAL A 150 1.72 -4.47 -2.79
C VAL A 150 2.22 -4.06 -1.38
N ARG A 151 3.34 -4.63 -0.97
CA ARG A 151 3.86 -4.44 0.40
C ARG A 151 4.81 -3.23 0.50
N ILE A 152 4.30 -2.10 1.01
CA ILE A 152 5.09 -0.87 1.13
C ILE A 152 5.74 -0.75 2.53
N HIS A 153 7.04 -0.43 2.57
CA HIS A 153 7.75 -0.28 3.86
C HIS A 153 9.11 0.44 3.69
N ASP A 154 9.75 0.77 4.82
CA ASP A 154 11.07 1.43 4.85
C ASP A 154 11.05 2.85 4.27
N ILE A 155 9.88 3.48 4.24
CA ILE A 155 9.75 4.86 3.74
C ILE A 155 10.55 5.85 4.61
N GLN A 156 11.72 6.25 4.11
CA GLN A 156 12.60 7.19 4.82
C GLN A 156 13.03 8.35 3.90
N PRO A 157 13.47 9.50 4.47
CA PRO A 157 13.90 10.65 3.67
C PRO A 157 15.25 10.45 2.97
N VAL A 158 15.44 11.10 1.82
CA VAL A 158 16.69 11.04 1.06
C VAL A 158 17.65 12.17 1.51
N MET A 159 18.55 12.60 0.62
CA MET A 159 19.47 13.71 0.91
C MET A 159 18.72 14.96 1.45
N GLN A 160 18.64 15.06 2.78
CA GLN A 160 17.91 16.15 3.44
C GLN A 160 18.88 17.17 4.07
N LEU A 161 18.43 18.42 4.21
CA LEU A 161 19.25 19.48 4.78
C LEU A 161 19.46 19.31 6.30
N GLU A 162 20.71 19.43 6.74
CA GLU A 162 21.05 19.30 8.17
C GLU A 162 20.46 20.43 9.01
N HIS A 163 20.02 20.10 10.21
CA HIS A 163 19.51 21.09 11.17
C HIS A 163 20.40 21.13 12.41
N HIS A 164 21.51 21.88 12.33
CA HIS A 164 22.52 21.87 13.40
C HIS A 164 22.20 22.87 14.53
N HIS A 165 21.96 22.33 15.72
CA HIS A 165 21.77 23.15 16.93
C HIS A 165 22.91 22.89 17.94
N HIS A 166 23.38 23.94 18.60
CA HIS A 166 24.50 23.83 19.54
C HIS A 166 24.16 22.98 20.79
N HIS A 167 24.41 21.68 20.70
CA HIS A 167 24.33 20.78 21.86
C HIS A 167 25.65 19.99 22.02
N HIS A 168 26.75 20.59 21.58
CA HIS A 168 28.08 19.99 21.72
C HIS A 168 29.18 21.07 21.86
N MET A 1 5.19 46.89 -21.67
CA MET A 1 3.90 47.18 -20.96
C MET A 1 4.06 47.06 -19.45
N VAL A 2 2.98 47.28 -18.71
CA VAL A 2 2.97 47.08 -17.27
C VAL A 2 2.45 45.68 -16.92
N GLN A 3 3.36 44.79 -16.52
CA GLN A 3 2.99 43.43 -16.13
C GLN A 3 3.12 43.24 -14.60
N GLN A 4 2.64 42.10 -14.10
CA GLN A 4 2.74 41.80 -12.66
C GLN A 4 2.72 40.29 -12.40
N SER A 5 3.14 39.90 -11.19
CA SER A 5 3.14 38.49 -10.79
C SER A 5 2.70 38.32 -9.33
N GLU A 6 1.81 37.36 -9.08
CA GLU A 6 1.25 37.13 -7.74
C GLU A 6 1.20 35.62 -7.42
N VAL A 7 1.13 35.29 -6.13
CA VAL A 7 1.04 33.90 -5.69
C VAL A 7 -0.37 33.55 -5.19
N ARG A 8 -0.97 32.50 -5.76
CA ARG A 8 -2.29 32.04 -5.35
C ARG A 8 -2.20 31.15 -4.09
N GLN A 9 -3.19 31.29 -3.20
CA GLN A 9 -3.25 30.49 -1.97
C GLN A 9 -3.25 28.97 -2.25
N MET A 10 -2.67 28.21 -1.33
CA MET A 10 -2.47 26.77 -1.50
C MET A 10 -3.77 25.97 -1.59
N LYS A 11 -3.64 24.69 -1.92
CA LYS A 11 -4.78 23.77 -2.03
C LYS A 11 -5.33 23.40 -0.65
N HIS A 12 -6.36 24.12 -0.22
CA HIS A 12 -6.99 23.87 1.08
C HIS A 12 -7.73 22.52 1.10
N SER A 13 -7.62 21.78 2.21
CA SER A 13 -8.27 20.46 2.34
C SER A 13 -9.81 20.60 2.46
N VAL A 14 -10.53 19.61 1.97
CA VAL A 14 -12.01 19.67 1.93
C VAL A 14 -12.66 18.42 2.55
N SER A 15 -14.00 18.39 2.53
CA SER A 15 -14.78 17.26 3.05
C SER A 15 -15.89 16.89 2.06
N THR A 16 -16.64 15.83 2.35
CA THR A 16 -17.70 15.36 1.43
C THR A 16 -18.74 14.46 2.12
N LEU A 17 -19.97 14.51 1.62
CA LEU A 17 -21.06 13.63 2.08
C LEU A 17 -21.56 12.77 0.90
N ASN A 18 -21.39 11.46 1.00
CA ASN A 18 -21.71 10.55 -0.12
C ASN A 18 -23.22 10.23 -0.20
N GLN A 19 -23.60 9.43 -1.19
CA GLN A 19 -25.01 9.06 -1.41
C GLN A 19 -25.43 7.86 -0.56
N GLU A 20 -26.64 7.34 -0.80
CA GLU A 20 -27.17 6.19 -0.06
C GLU A 20 -26.43 4.89 -0.41
N MET A 21 -26.52 3.90 0.49
CA MET A 21 -25.85 2.59 0.30
C MET A 21 -26.22 1.90 -1.02
N THR A 22 -25.37 0.99 -1.47
CA THR A 22 -25.59 0.24 -2.71
C THR A 22 -25.10 -1.20 -2.59
N GLN A 23 -25.15 -1.97 -3.68
CA GLN A 23 -24.74 -3.38 -3.67
C GLN A 23 -23.21 -3.54 -3.53
N LEU A 24 -22.79 -4.78 -3.25
CA LEU A 24 -21.38 -5.08 -2.98
C LEU A 24 -20.56 -5.22 -4.28
N ASN A 25 -19.33 -4.69 -4.26
CA ASN A 25 -18.42 -4.82 -5.40
C ASN A 25 -17.25 -5.76 -5.05
N GLN A 26 -16.72 -6.45 -6.07
CA GLN A 26 -15.53 -7.30 -5.88
C GLN A 26 -14.35 -6.46 -5.36
N GLU A 27 -14.27 -5.22 -5.82
CA GLU A 27 -13.28 -4.26 -5.32
C GLU A 27 -13.51 -3.98 -3.82
N THR A 28 -14.78 -3.78 -3.44
CA THR A 28 -15.13 -3.58 -2.03
C THR A 28 -14.68 -4.78 -1.18
N VAL A 29 -14.72 -5.97 -1.76
CA VAL A 29 -14.21 -7.18 -1.10
C VAL A 29 -12.68 -7.08 -0.91
N LYS A 30 -11.97 -6.63 -1.95
CA LYS A 30 -10.52 -6.44 -1.87
C LYS A 30 -10.17 -5.38 -0.80
N ILE A 31 -10.98 -4.32 -0.72
CA ILE A 31 -10.82 -3.30 0.31
C ILE A 31 -10.94 -3.91 1.72
N THR A 32 -11.98 -4.70 1.92
CA THR A 32 -12.20 -5.39 3.20
C THR A 32 -10.99 -6.27 3.57
N GLN A 33 -10.55 -7.08 2.61
CA GLN A 33 -9.36 -7.92 2.78
C GLN A 33 -8.11 -7.07 3.08
N GLN A 34 -7.95 -5.97 2.34
CA GLN A 34 -6.80 -5.07 2.47
C GLN A 34 -6.66 -4.56 3.92
N ASN A 35 -7.74 -4.01 4.46
CA ASN A 35 -7.71 -3.47 5.83
C ASN A 35 -7.34 -4.55 6.86
N ARG A 36 -7.93 -5.74 6.74
CA ARG A 36 -7.63 -6.84 7.67
C ARG A 36 -6.16 -7.28 7.58
N LEU A 37 -5.67 -7.53 6.35
CA LEU A 37 -4.26 -7.88 6.14
C LEU A 37 -3.33 -6.76 6.64
N ASN A 38 -3.72 -5.52 6.34
CA ASN A 38 -2.95 -4.33 6.75
C ASN A 38 -2.78 -4.29 8.28
N ALA A 39 -3.88 -4.53 9.00
CA ALA A 39 -3.86 -4.53 10.47
C ALA A 39 -3.10 -5.75 11.04
N LYS A 40 -3.05 -6.83 10.26
CA LYS A 40 -2.30 -8.04 10.66
C LYS A 40 -0.81 -7.93 10.34
N SER A 41 -0.43 -6.96 9.51
CA SER A 41 0.97 -6.77 9.11
C SER A 41 1.86 -6.38 10.29
N SER A 42 3.06 -6.99 10.35
CA SER A 42 4.06 -6.64 11.37
C SER A 42 5.24 -5.89 10.74
N SER A 43 5.10 -5.53 9.45
CA SER A 43 6.14 -4.80 8.72
C SER A 43 5.56 -4.10 7.49
N GLY A 44 5.65 -2.77 7.46
CA GLY A 44 5.09 -2.00 6.35
C GLY A 44 3.57 -2.13 6.21
N VAL A 45 3.01 -1.62 5.11
CA VAL A 45 1.56 -1.66 4.88
C VAL A 45 1.20 -2.52 3.66
N TYR A 46 0.10 -3.28 3.78
CA TYR A 46 -0.42 -4.07 2.66
C TYR A 46 -1.43 -3.26 1.83
N LEU A 47 -1.11 -3.06 0.56
CA LEU A 47 -2.04 -2.47 -0.42
C LEU A 47 -2.43 -3.52 -1.47
N LEU A 48 -3.72 -3.78 -1.63
CA LEU A 48 -4.18 -4.83 -2.55
C LEU A 48 -4.71 -4.25 -3.87
N PRO A 49 -4.12 -4.65 -5.02
CA PRO A 49 -4.63 -4.27 -6.34
C PRO A 49 -6.09 -4.69 -6.52
N GLY A 50 -6.91 -3.75 -6.98
CA GLY A 50 -8.34 -3.97 -7.04
C GLY A 50 -9.06 -3.43 -5.82
N ALA A 51 -8.41 -2.52 -5.09
CA ALA A 51 -9.01 -1.86 -3.92
C ALA A 51 -8.60 -0.38 -3.83
N LYS A 52 -9.47 0.53 -4.26
CA LYS A 52 -9.18 1.97 -4.20
C LYS A 52 -9.30 2.52 -2.77
N THR A 53 -8.29 2.23 -1.93
CA THR A 53 -8.25 2.76 -0.55
C THR A 53 -6.82 2.97 -0.05
N PRO A 54 -6.57 4.10 0.64
CA PRO A 54 -5.26 4.42 1.23
C PRO A 54 -4.98 3.68 2.54
N ALA A 55 -3.72 3.32 2.76
CA ALA A 55 -3.29 2.67 4.02
C ALA A 55 -2.36 3.59 4.83
N ARG A 56 -2.54 3.62 6.15
CA ARG A 56 -1.78 4.53 7.01
C ARG A 56 -0.39 3.96 7.33
N LEU A 57 0.63 4.44 6.63
CA LEU A 57 2.01 4.02 6.89
C LEU A 57 2.74 5.01 7.81
N GLU A 58 3.05 4.56 9.02
CA GLU A 58 3.73 5.38 10.02
C GLU A 58 5.26 5.29 9.83
N SER A 59 5.82 6.21 9.05
CA SER A 59 7.23 6.11 8.61
C SER A 59 8.17 7.01 9.43
N GLN A 60 9.44 7.03 9.03
CA GLN A 60 10.47 7.83 9.71
C GLN A 60 10.28 9.33 9.50
N ILE A 61 9.79 9.72 8.32
CA ILE A 61 9.54 11.14 8.01
C ILE A 61 8.26 11.64 8.69
N GLY A 62 7.32 10.72 8.88
CA GLY A 62 6.03 11.06 9.47
C GLY A 62 4.95 10.05 9.08
N THR A 63 3.69 10.43 9.23
CA THR A 63 2.58 9.53 8.89
C THR A 63 1.95 9.89 7.54
N LEU A 64 1.99 8.95 6.60
CA LEU A 64 1.43 9.16 5.27
C LEU A 64 0.52 7.99 4.85
N ARG A 65 -0.45 8.27 3.98
CA ARG A 65 -1.38 7.25 3.51
C ARG A 65 -1.24 7.02 2.00
N MET A 66 -0.80 5.82 1.62
CA MET A 66 -0.58 5.48 0.21
C MET A 66 -1.77 4.67 -0.37
N SER A 67 -2.11 4.95 -1.63
CA SER A 67 -3.25 4.29 -2.28
C SER A 67 -2.92 3.85 -3.71
N LEU A 68 -3.54 2.76 -4.15
CA LEU A 68 -3.33 2.22 -5.51
C LEU A 68 -4.48 2.62 -6.45
N VAL A 69 -4.19 3.47 -7.44
CA VAL A 69 -5.18 3.85 -8.46
C VAL A 69 -4.56 3.80 -9.87
N ASN A 70 -5.41 3.81 -10.90
CA ASN A 70 -4.95 3.76 -12.30
C ASN A 70 -4.20 2.45 -12.61
N ILE A 71 -4.57 1.38 -11.91
CA ILE A 71 -3.91 0.07 -12.07
C ILE A 71 -4.20 -0.54 -13.45
N THR A 72 -3.18 -0.60 -14.31
CA THR A 72 -3.34 -1.11 -15.67
C THR A 72 -2.11 -1.93 -16.14
N PRO A 73 -2.32 -2.84 -17.11
CA PRO A 73 -1.23 -3.68 -17.69
C PRO A 73 -0.09 -2.84 -18.31
N ASP A 74 1.09 -3.45 -18.42
CA ASP A 74 2.27 -2.76 -18.95
C ASP A 74 3.21 -3.72 -19.71
N ALA A 75 4.11 -3.14 -20.51
CA ALA A 75 5.11 -3.92 -21.26
C ALA A 75 5.94 -4.83 -20.34
N ASP A 76 6.47 -4.28 -19.25
CA ASP A 76 7.19 -5.06 -18.25
C ASP A 76 6.24 -5.94 -17.44
N GLY A 77 5.11 -5.37 -17.05
CA GLY A 77 4.11 -6.11 -16.29
C GLY A 77 2.86 -5.29 -15.99
N THR A 78 2.95 -4.40 -15.01
CA THR A 78 1.80 -3.59 -14.58
C THR A 78 2.24 -2.22 -14.05
N THR A 79 1.49 -1.17 -14.41
CA THR A 79 1.77 0.19 -13.91
C THR A 79 0.55 0.78 -13.19
N LEU A 80 0.81 1.52 -12.12
CA LEU A 80 -0.26 2.13 -11.32
C LEU A 80 0.19 3.45 -10.68
N THR A 81 -0.77 4.34 -10.43
CA THR A 81 -0.48 5.62 -9.76
C THR A 81 -0.47 5.44 -8.24
N LEU A 82 0.72 5.41 -7.64
CA LEU A 82 0.86 5.30 -6.19
C LEU A 82 0.72 6.71 -5.57
N ARG A 83 -0.44 6.98 -4.98
CA ARG A 83 -0.69 8.28 -4.36
C ARG A 83 -0.25 8.31 -2.88
N ILE A 84 0.42 9.38 -2.48
CA ILE A 84 0.88 9.55 -1.10
C ILE A 84 0.20 10.78 -0.47
N GLN A 85 -0.84 10.55 0.32
CA GLN A 85 -1.51 11.62 1.05
C GLN A 85 -0.96 11.77 2.48
N GLY A 86 -0.23 12.85 2.72
CA GLY A 86 0.30 13.12 4.04
C GLY A 86 -0.78 13.37 5.09
N GLU A 87 -0.68 12.67 6.22
CA GLU A 87 -1.69 12.79 7.29
C GLU A 87 -1.54 14.13 8.03
N SER A 88 -0.42 14.81 7.80
CA SER A 88 -0.18 16.16 8.32
C SER A 88 -0.27 17.21 7.20
N ASN A 89 -0.79 18.39 7.52
CA ASN A 89 -0.98 19.45 6.52
C ASN A 89 0.32 20.21 6.23
N ASP A 90 1.29 20.09 7.13
CA ASP A 90 2.62 20.69 6.94
C ASP A 90 3.41 19.96 5.83
N PRO A 91 4.27 20.70 5.09
CA PRO A 91 5.03 20.11 3.97
C PRO A 91 6.09 19.09 4.44
N LEU A 92 5.93 17.83 4.02
CA LEU A 92 6.87 16.75 4.37
C LEU A 92 8.11 16.77 3.46
N PRO A 93 9.25 16.22 3.92
CA PRO A 93 10.47 16.12 3.10
C PRO A 93 10.38 15.00 2.04
N ALA A 94 11.45 14.81 1.28
CA ALA A 94 11.51 13.73 0.29
C ALA A 94 11.77 12.37 0.97
N PHE A 95 11.42 11.29 0.29
CA PHE A 95 11.51 9.95 0.88
C PHE A 95 11.71 8.84 -0.17
N SER A 96 12.41 7.79 0.24
CA SER A 96 12.63 6.61 -0.60
C SER A 96 12.37 5.33 0.20
N GLY A 97 12.20 4.22 -0.49
CA GLY A 97 11.95 2.96 0.20
C GLY A 97 11.89 1.75 -0.74
N THR A 98 11.24 0.69 -0.27
CA THR A 98 11.13 -0.55 -1.05
C THR A 98 9.72 -1.13 -0.99
N VAL A 99 9.28 -1.74 -2.08
CA VAL A 99 7.93 -2.31 -2.16
C VAL A 99 7.97 -3.83 -2.48
N GLU A 100 7.27 -4.61 -1.66
CA GLU A 100 7.12 -6.05 -1.87
C GLU A 100 5.89 -6.34 -2.75
N TYR A 101 6.10 -6.79 -3.98
CA TYR A 101 4.98 -7.12 -4.86
C TYR A 101 5.03 -8.58 -5.34
N GLY A 102 3.95 -9.31 -5.07
CA GLY A 102 3.88 -10.72 -5.44
C GLY A 102 2.47 -11.29 -5.31
N GLN A 103 2.37 -12.53 -4.82
CA GLN A 103 1.07 -13.21 -4.71
C GLN A 103 0.83 -13.74 -3.29
N ILE A 104 -0.43 -14.07 -2.99
CA ILE A 104 -0.81 -14.63 -1.68
C ILE A 104 -1.66 -15.91 -1.84
N GLN A 105 -1.11 -17.04 -1.40
CA GLN A 105 -1.82 -18.32 -1.47
C GLN A 105 -2.61 -18.61 -0.19
N GLY A 106 -2.39 -17.81 0.86
CA GLY A 106 -3.00 -18.06 2.16
C GLY A 106 -4.34 -17.37 2.35
N THR A 107 -4.96 -17.60 3.51
CA THR A 107 -6.27 -17.03 3.83
C THR A 107 -6.14 -15.62 4.42
N ILE A 108 -7.22 -15.11 5.02
CA ILE A 108 -7.21 -13.77 5.62
C ILE A 108 -6.42 -13.76 6.95
N ASP A 109 -6.44 -14.89 7.66
CA ASP A 109 -5.75 -15.00 8.94
C ASP A 109 -4.33 -15.59 8.78
N ASN A 110 -4.22 -16.65 7.97
CA ASN A 110 -2.92 -17.28 7.69
C ASN A 110 -2.53 -17.12 6.22
N PHE A 111 -1.73 -16.10 5.92
CA PHE A 111 -1.30 -15.82 4.55
C PHE A 111 0.23 -15.85 4.40
N GLN A 112 0.69 -16.32 3.25
CA GLN A 112 2.12 -16.41 2.94
C GLN A 112 2.47 -15.58 1.70
N GLU A 113 3.45 -14.69 1.82
CA GLU A 113 3.92 -13.90 0.68
C GLU A 113 4.75 -14.76 -0.28
N ILE A 114 4.11 -15.21 -1.37
CA ILE A 114 4.77 -16.08 -2.35
C ILE A 114 5.06 -15.31 -3.66
N ASN A 115 6.13 -15.72 -4.35
CA ASN A 115 6.46 -15.15 -5.66
C ASN A 115 6.64 -13.61 -5.60
N VAL A 116 7.06 -13.12 -4.43
CA VAL A 116 7.20 -11.68 -4.20
C VAL A 116 8.61 -11.17 -4.54
N GLN A 117 8.67 -10.07 -5.29
CA GLN A 117 9.93 -9.38 -5.59
C GLN A 117 9.93 -7.97 -4.99
N ASN A 118 11.12 -7.44 -4.73
CA ASN A 118 11.24 -6.12 -4.10
C ASN A 118 11.73 -5.05 -5.09
N GLN A 119 11.06 -3.90 -5.11
CA GLN A 119 11.46 -2.78 -5.98
C GLN A 119 11.74 -1.50 -5.16
N LEU A 120 12.74 -0.74 -5.57
CA LEU A 120 13.13 0.49 -4.87
C LEU A 120 12.31 1.70 -5.35
N ILE A 121 11.33 2.11 -4.54
CA ILE A 121 10.46 3.25 -4.89
C ILE A 121 11.03 4.58 -4.35
N ASN A 122 10.92 5.63 -5.16
CA ASN A 122 11.41 6.97 -4.77
C ASN A 122 10.32 8.04 -5.02
N ALA A 123 10.29 9.09 -4.19
CA ALA A 123 9.33 10.18 -4.37
C ALA A 123 9.97 11.56 -4.18
N PRO A 124 9.53 12.58 -4.95
CA PRO A 124 10.04 13.96 -4.86
C PRO A 124 9.74 14.64 -3.51
N ALA A 125 10.40 15.78 -3.26
CA ALA A 125 10.23 16.53 -2.01
C ALA A 125 8.93 17.34 -1.99
N SER A 126 8.14 17.19 -0.93
CA SER A 126 6.92 17.98 -0.77
C SER A 126 7.24 19.38 -0.24
N VAL A 127 7.76 20.23 -1.11
CA VAL A 127 8.11 21.61 -0.75
C VAL A 127 6.84 22.45 -0.50
N LEU A 128 5.76 22.11 -1.19
CA LEU A 128 4.48 22.79 -1.03
C LEU A 128 3.57 22.03 -0.06
N ALA A 129 2.58 22.73 0.49
CA ALA A 129 1.62 22.12 1.43
C ALA A 129 0.18 22.25 0.93
N PRO A 130 -0.69 21.25 1.23
CA PRO A 130 -0.35 20.03 1.97
C PRO A 130 0.33 18.97 1.08
N SER A 131 0.84 17.90 1.71
CA SER A 131 1.50 16.83 0.96
C SER A 131 0.48 15.91 0.26
N ASP A 132 0.15 16.26 -0.99
CA ASP A 132 -0.72 15.42 -1.83
C ASP A 132 0.03 14.96 -3.08
N VAL A 133 0.78 13.87 -2.94
CA VAL A 133 1.67 13.38 -4.00
C VAL A 133 1.07 12.19 -4.76
N ASP A 134 1.52 11.98 -5.99
CA ASP A 134 1.12 10.82 -6.80
C ASP A 134 2.25 10.40 -7.76
N ILE A 135 2.89 9.27 -7.48
CA ILE A 135 4.01 8.78 -8.31
C ILE A 135 3.66 7.48 -9.04
N PRO A 136 4.00 7.38 -10.35
CA PRO A 136 3.76 6.16 -11.13
C PRO A 136 4.71 5.01 -10.77
N LEU A 137 4.16 3.91 -10.31
CA LEU A 137 4.94 2.72 -9.93
C LEU A 137 4.94 1.68 -11.08
N GLN A 138 6.12 1.31 -11.55
CA GLN A 138 6.25 0.38 -12.67
C GLN A 138 6.69 -1.02 -12.20
N LEU A 139 5.76 -1.96 -12.18
CA LEU A 139 6.04 -3.33 -11.73
C LEU A 139 6.45 -4.22 -12.92
N LYS A 140 7.56 -4.95 -12.77
CA LYS A 140 8.10 -5.77 -13.86
C LYS A 140 7.88 -7.27 -13.61
N GLY A 141 7.65 -8.02 -14.69
CA GLY A 141 7.53 -9.48 -14.59
C GLY A 141 6.28 -9.95 -13.84
N ILE A 142 5.22 -9.14 -13.85
CA ILE A 142 3.97 -9.50 -13.18
C ILE A 142 2.76 -8.77 -13.79
N SER A 143 1.78 -9.55 -14.26
CA SER A 143 0.57 -8.99 -14.86
C SER A 143 -0.48 -8.66 -13.78
N VAL A 144 -1.29 -7.63 -14.03
CA VAL A 144 -2.34 -7.22 -13.09
C VAL A 144 -3.29 -8.37 -12.74
N ASP A 145 -3.55 -9.25 -13.72
CA ASP A 145 -4.39 -10.43 -13.51
C ASP A 145 -3.80 -11.35 -12.41
N GLN A 146 -2.48 -11.32 -12.25
CA GLN A 146 -1.78 -12.18 -11.30
C GLN A 146 -1.22 -11.39 -10.10
N LEU A 147 -1.63 -10.12 -9.98
CA LEU A 147 -1.18 -9.26 -8.89
C LEU A 147 -1.84 -9.63 -7.56
N GLY A 148 -1.05 -10.11 -6.60
CA GLY A 148 -1.57 -10.48 -5.29
C GLY A 148 -1.60 -9.31 -4.31
N PHE A 149 -0.42 -8.73 -4.03
CA PHE A 149 -0.32 -7.64 -3.06
C PHE A 149 0.81 -6.65 -3.39
N VAL A 150 0.68 -5.43 -2.86
CA VAL A 150 1.70 -4.39 -2.96
C VAL A 150 2.05 -3.87 -1.55
N ARG A 151 3.24 -4.22 -1.05
CA ARG A 151 3.59 -3.94 0.35
C ARG A 151 4.68 -2.85 0.46
N ILE A 152 4.28 -1.68 0.94
CA ILE A 152 5.21 -0.54 1.07
C ILE A 152 5.97 -0.57 2.41
N HIS A 153 7.30 -0.40 2.37
CA HIS A 153 8.13 -0.35 3.58
C HIS A 153 9.50 0.29 3.33
N ASP A 154 10.32 0.39 4.39
CA ASP A 154 11.69 0.96 4.31
C ASP A 154 11.69 2.46 3.95
N ILE A 155 10.57 3.14 4.14
CA ILE A 155 10.47 4.58 3.83
C ILE A 155 11.39 5.43 4.73
N GLN A 156 12.35 6.11 4.10
CA GLN A 156 13.36 6.90 4.82
C GLN A 156 13.48 8.32 4.24
N PRO A 157 13.91 9.30 5.07
CA PRO A 157 14.08 10.70 4.61
C PRO A 157 15.31 10.91 3.71
N VAL A 158 15.06 11.32 2.46
CA VAL A 158 16.14 11.64 1.53
C VAL A 158 16.20 13.16 1.24
N MET A 159 17.34 13.77 1.52
CA MET A 159 17.52 15.22 1.35
C MET A 159 19.00 15.60 1.29
N GLN A 160 19.26 16.90 1.10
CA GLN A 160 20.63 17.41 1.13
C GLN A 160 21.28 17.16 2.50
N LEU A 161 22.49 16.61 2.50
CA LEU A 161 23.16 16.20 3.74
C LEU A 161 23.64 17.39 4.58
N GLU A 162 22.76 17.91 5.43
CA GLU A 162 23.16 18.92 6.43
C GLU A 162 23.79 18.22 7.63
N HIS A 163 24.99 18.66 8.01
CA HIS A 163 25.75 18.02 9.09
C HIS A 163 24.94 18.00 10.40
N HIS A 164 24.63 16.79 10.87
CA HIS A 164 23.74 16.59 12.03
C HIS A 164 24.44 16.97 13.35
N HIS A 165 23.76 17.78 14.16
CA HIS A 165 24.32 18.23 15.44
C HIS A 165 23.67 17.52 16.63
N HIS A 166 24.27 16.42 17.07
CA HIS A 166 23.82 15.72 18.27
C HIS A 166 24.34 16.44 19.52
N HIS A 167 23.43 16.77 20.45
CA HIS A 167 23.77 17.54 21.65
C HIS A 167 24.16 18.98 21.30
N HIS A 168 23.16 19.85 21.22
CA HIS A 168 23.39 21.28 20.97
C HIS A 168 24.03 21.99 22.18
N MET A 1 -26.21 8.31 -42.55
CA MET A 1 -26.15 9.32 -41.47
C MET A 1 -25.08 8.95 -40.42
N VAL A 2 -24.53 9.95 -39.75
CA VAL A 2 -23.50 9.73 -38.72
C VAL A 2 -24.07 9.85 -37.31
N GLN A 3 -23.44 9.19 -36.35
CA GLN A 3 -23.83 9.31 -34.94
C GLN A 3 -22.63 9.04 -34.02
N GLN A 4 -21.90 10.09 -33.68
CA GLN A 4 -20.73 9.97 -32.79
C GLN A 4 -21.13 10.06 -31.32
N SER A 5 -20.33 9.46 -30.44
CA SER A 5 -20.62 9.45 -29.00
C SER A 5 -19.33 9.45 -28.17
N GLU A 6 -19.46 9.82 -26.89
CA GLU A 6 -18.32 9.86 -25.96
C GLU A 6 -18.58 9.01 -24.71
N VAL A 7 -17.60 8.20 -24.33
CA VAL A 7 -17.70 7.37 -23.12
C VAL A 7 -16.92 8.01 -21.94
N ARG A 8 -17.59 8.19 -20.82
CA ARG A 8 -17.00 8.88 -19.66
C ARG A 8 -17.17 8.10 -18.35
N GLN A 9 -16.23 8.29 -17.42
CA GLN A 9 -16.28 7.63 -16.11
C GLN A 9 -17.26 8.34 -15.16
N MET A 10 -17.64 7.66 -14.08
CA MET A 10 -18.58 8.23 -13.09
C MET A 10 -17.96 8.32 -11.69
N LYS A 11 -18.79 8.73 -10.71
CA LYS A 11 -18.31 9.05 -9.36
C LYS A 11 -18.22 7.81 -8.46
N HIS A 12 -17.37 7.88 -7.43
CA HIS A 12 -17.21 6.76 -6.48
C HIS A 12 -17.24 7.27 -5.02
N SER A 13 -17.83 6.47 -4.14
CA SER A 13 -18.01 6.84 -2.72
C SER A 13 -16.84 6.38 -1.84
N VAL A 14 -16.89 6.73 -0.55
CA VAL A 14 -15.88 6.28 0.41
C VAL A 14 -16.25 4.90 0.99
N SER A 15 -15.38 3.91 0.78
CA SER A 15 -15.62 2.54 1.25
C SER A 15 -15.11 2.34 2.69
N THR A 16 -15.86 1.58 3.49
CA THR A 16 -15.53 1.34 4.90
C THR A 16 -15.46 -0.15 5.24
N LEU A 17 -15.14 -0.47 6.49
CA LEU A 17 -15.01 -1.85 6.95
C LEU A 17 -16.37 -2.59 6.96
N ASN A 18 -16.49 -3.64 6.16
CA ASN A 18 -17.72 -4.45 6.15
C ASN A 18 -17.64 -5.58 7.19
N GLN A 19 -18.79 -5.95 7.73
CA GLN A 19 -18.88 -6.96 8.80
C GLN A 19 -19.29 -8.34 8.26
N GLU A 20 -19.69 -9.24 9.15
CA GLU A 20 -20.24 -10.53 8.73
C GLU A 20 -21.57 -10.36 8.00
N MET A 21 -21.50 -10.25 6.67
CA MET A 21 -22.69 -10.01 5.85
C MET A 21 -22.80 -11.04 4.70
N THR A 22 -23.70 -10.76 3.75
CA THR A 22 -23.93 -11.66 2.60
C THR A 22 -22.83 -11.54 1.54
N GLN A 23 -23.04 -12.20 0.40
CA GLN A 23 -22.12 -12.08 -0.74
C GLN A 23 -22.11 -10.66 -1.30
N LEU A 24 -20.93 -10.07 -1.42
CA LEU A 24 -20.79 -8.69 -1.90
C LEU A 24 -19.69 -8.60 -2.96
N ASN A 25 -19.68 -7.50 -3.73
CA ASN A 25 -18.66 -7.25 -4.75
C ASN A 25 -17.26 -7.43 -4.17
N GLN A 26 -16.45 -8.29 -4.80
CA GLN A 26 -15.13 -8.63 -4.28
C GLN A 26 -14.21 -7.40 -4.19
N GLU A 27 -14.55 -6.34 -4.90
CA GLU A 27 -13.83 -5.06 -4.75
C GLU A 27 -13.90 -4.58 -3.29
N THR A 28 -15.11 -4.29 -2.82
CA THR A 28 -15.33 -3.83 -1.44
C THR A 28 -14.88 -4.90 -0.41
N VAL A 29 -14.98 -6.17 -0.80
CA VAL A 29 -14.47 -7.26 0.05
C VAL A 29 -12.94 -7.18 0.20
N LYS A 30 -12.24 -6.99 -0.93
CA LYS A 30 -10.78 -6.82 -0.92
C LYS A 30 -10.37 -5.55 -0.18
N ILE A 31 -11.23 -4.53 -0.22
CA ILE A 31 -10.98 -3.29 0.54
C ILE A 31 -10.95 -3.57 2.05
N THR A 32 -11.95 -4.31 2.54
CA THR A 32 -11.98 -4.73 3.95
C THR A 32 -10.82 -5.68 4.27
N GLN A 33 -10.55 -6.60 3.33
CA GLN A 33 -9.41 -7.53 3.44
C GLN A 33 -8.09 -6.76 3.57
N GLN A 34 -7.89 -5.77 2.71
CA GLN A 34 -6.69 -4.93 2.73
C GLN A 34 -6.47 -4.29 4.10
N ASN A 35 -7.54 -3.72 4.66
CA ASN A 35 -7.47 -3.09 5.98
C ASN A 35 -7.19 -4.10 7.10
N ARG A 36 -7.58 -5.36 6.90
CA ARG A 36 -7.25 -6.42 7.85
C ARG A 36 -5.78 -6.88 7.70
N LEU A 37 -5.29 -6.89 6.46
CA LEU A 37 -3.87 -7.16 6.22
C LEU A 37 -3.01 -6.03 6.77
N ASN A 38 -3.54 -4.80 6.67
CA ASN A 38 -2.93 -3.63 7.30
C ASN A 38 -2.78 -3.84 8.82
N ALA A 39 -3.81 -4.43 9.43
CA ALA A 39 -3.78 -4.76 10.87
C ALA A 39 -2.69 -5.80 11.21
N LYS A 40 -2.45 -6.74 10.29
CA LYS A 40 -1.41 -7.77 10.49
C LYS A 40 -0.02 -7.33 10.03
N SER A 41 0.06 -6.18 9.34
CA SER A 41 1.33 -5.70 8.80
C SER A 41 2.35 -5.38 9.92
N SER A 42 3.52 -6.02 9.85
CA SER A 42 4.58 -5.80 10.84
C SER A 42 5.49 -4.63 10.44
N SER A 43 5.63 -4.43 9.13
CA SER A 43 6.45 -3.34 8.59
C SER A 43 5.86 -2.79 7.28
N GLY A 44 5.28 -1.60 7.35
CA GLY A 44 4.67 -0.99 6.17
C GLY A 44 3.18 -1.29 6.04
N VAL A 45 2.69 -1.47 4.81
CA VAL A 45 1.28 -1.79 4.56
C VAL A 45 1.10 -2.78 3.40
N TYR A 46 0.00 -3.52 3.43
CA TYR A 46 -0.37 -4.43 2.35
C TYR A 46 -1.47 -3.80 1.46
N LEU A 47 -1.10 -3.35 0.28
CA LEU A 47 -2.07 -2.80 -0.68
C LEU A 47 -2.52 -3.88 -1.68
N LEU A 48 -3.82 -3.94 -1.97
CA LEU A 48 -4.36 -4.95 -2.89
C LEU A 48 -4.83 -4.31 -4.21
N PRO A 49 -4.42 -4.87 -5.37
CA PRO A 49 -4.80 -4.34 -6.69
C PRO A 49 -6.32 -4.39 -6.94
N GLY A 50 -7.00 -5.34 -6.29
CA GLY A 50 -8.45 -5.40 -6.35
C GLY A 50 -9.11 -4.35 -5.47
N ALA A 51 -8.38 -3.89 -4.46
CA ALA A 51 -8.88 -2.88 -3.52
C ALA A 51 -8.33 -1.48 -3.85
N LYS A 52 -8.85 -0.89 -4.92
CA LYS A 52 -8.42 0.44 -5.36
C LYS A 52 -8.81 1.52 -4.34
N THR A 53 -8.07 1.55 -3.22
CA THR A 53 -8.40 2.44 -2.08
C THR A 53 -7.14 2.88 -1.31
N PRO A 54 -7.25 3.99 -0.55
CA PRO A 54 -6.15 4.48 0.31
C PRO A 54 -5.99 3.70 1.62
N ALA A 55 -4.76 3.62 2.13
CA ALA A 55 -4.47 2.95 3.41
C ALA A 55 -3.54 3.82 4.29
N ARG A 56 -3.74 3.75 5.61
CA ARG A 56 -2.95 4.53 6.56
C ARG A 56 -1.61 3.85 6.87
N LEU A 57 -0.52 4.62 6.87
CA LEU A 57 0.82 4.07 7.09
C LEU A 57 1.73 5.01 7.90
N GLU A 58 2.46 4.44 8.85
CA GLU A 58 3.49 5.17 9.59
C GLU A 58 4.84 5.09 8.85
N SER A 59 5.60 6.18 8.89
CA SER A 59 6.90 6.23 8.20
C SER A 59 7.95 6.96 9.02
N GLN A 60 9.20 6.89 8.57
CA GLN A 60 10.32 7.53 9.27
C GLN A 60 10.36 9.06 9.02
N ILE A 61 9.34 9.58 8.32
CA ILE A 61 9.15 11.03 8.19
C ILE A 61 7.88 11.49 8.95
N GLY A 62 6.96 10.55 9.19
CA GLY A 62 5.72 10.84 9.89
C GLY A 62 4.57 9.90 9.50
N THR A 63 3.33 10.32 9.77
CA THR A 63 2.16 9.54 9.39
C THR A 63 1.63 9.97 8.01
N LEU A 64 1.30 9.00 7.16
CA LEU A 64 0.86 9.30 5.80
C LEU A 64 -0.23 8.32 5.30
N ARG A 65 -0.71 8.56 4.08
CA ARG A 65 -1.81 7.79 3.49
C ARG A 65 -1.50 7.42 2.02
N MET A 66 -1.20 6.16 1.75
CA MET A 66 -0.86 5.71 0.38
C MET A 66 -2.08 5.11 -0.34
N SER A 67 -1.94 4.87 -1.64
CA SER A 67 -3.06 4.35 -2.46
C SER A 67 -2.60 3.90 -3.85
N LEU A 68 -3.33 2.93 -4.43
CA LEU A 68 -3.04 2.43 -5.78
C LEU A 68 -4.08 2.95 -6.80
N VAL A 69 -3.63 3.76 -7.75
CA VAL A 69 -4.51 4.27 -8.82
C VAL A 69 -3.90 4.04 -10.21
N ASN A 70 -4.72 4.14 -11.26
CA ASN A 70 -4.24 4.13 -12.64
C ASN A 70 -3.47 2.83 -12.97
N ILE A 71 -4.01 1.70 -12.52
CA ILE A 71 -3.37 0.40 -12.70
C ILE A 71 -3.67 -0.20 -14.08
N THR A 72 -2.65 -0.26 -14.94
CA THR A 72 -2.79 -0.86 -16.28
C THR A 72 -1.68 -1.86 -16.59
N PRO A 73 -1.94 -2.82 -17.50
CA PRO A 73 -0.93 -3.82 -17.91
C PRO A 73 0.20 -3.21 -18.77
N ASP A 74 1.44 -3.60 -18.47
CA ASP A 74 2.63 -3.08 -19.16
C ASP A 74 3.34 -4.18 -19.96
N ALA A 75 4.23 -3.79 -20.87
CA ALA A 75 5.00 -4.75 -21.68
C ALA A 75 5.83 -5.70 -20.81
N ASP A 76 6.37 -5.20 -19.71
CA ASP A 76 7.18 -6.01 -18.80
C ASP A 76 6.38 -6.48 -17.56
N GLY A 77 5.26 -5.82 -17.28
CA GLY A 77 4.44 -6.20 -16.12
C GLY A 77 3.17 -5.39 -15.96
N THR A 78 3.17 -4.43 -15.02
CA THR A 78 1.99 -3.62 -14.70
C THR A 78 2.39 -2.21 -14.21
N THR A 79 1.86 -1.18 -14.86
CA THR A 79 2.14 0.21 -14.48
C THR A 79 0.99 0.83 -13.67
N LEU A 80 1.29 1.34 -12.48
CA LEU A 80 0.30 2.01 -11.65
C LEU A 80 0.88 3.27 -10.99
N THR A 81 0.06 4.00 -10.24
CA THR A 81 0.50 5.24 -9.59
C THR A 81 0.30 5.18 -8.07
N LEU A 82 1.36 5.44 -7.32
CA LEU A 82 1.31 5.45 -5.85
C LEU A 82 1.10 6.88 -5.34
N ARG A 83 -0.06 7.15 -4.72
CA ARG A 83 -0.35 8.49 -4.19
C ARG A 83 -0.22 8.55 -2.66
N ILE A 84 0.81 9.26 -2.19
CA ILE A 84 1.08 9.39 -0.75
C ILE A 84 0.64 10.76 -0.22
N GLN A 85 -0.40 10.78 0.63
CA GLN A 85 -0.86 12.01 1.28
C GLN A 85 -0.30 12.13 2.70
N GLY A 86 0.06 13.34 3.12
CA GLY A 86 0.53 13.57 4.48
C GLY A 86 -0.61 13.72 5.49
N GLU A 87 -0.40 13.21 6.70
CA GLU A 87 -1.39 13.36 7.79
C GLU A 87 -1.61 14.84 8.13
N SER A 88 -0.52 15.61 8.16
CA SER A 88 -0.58 17.05 8.45
C SER A 88 -0.60 17.88 7.17
N ASN A 89 -0.61 19.20 7.33
CA ASN A 89 -0.60 20.13 6.19
C ASN A 89 0.83 20.55 5.81
N ASP A 90 1.82 19.91 6.46
CA ASP A 90 3.23 20.22 6.21
C ASP A 90 3.72 19.61 4.89
N PRO A 91 4.47 20.38 4.07
CA PRO A 91 5.10 19.86 2.85
C PRO A 91 6.18 18.81 3.17
N LEU A 92 5.80 17.53 3.10
CA LEU A 92 6.70 16.43 3.46
C LEU A 92 7.97 16.40 2.57
N PRO A 93 9.14 16.08 3.17
CA PRO A 93 10.41 16.03 2.44
C PRO A 93 10.53 14.79 1.52
N ALA A 94 11.63 14.69 0.78
CA ALA A 94 11.84 13.58 -0.16
C ALA A 94 12.09 12.26 0.57
N PHE A 95 11.43 11.20 0.12
CA PHE A 95 11.52 9.89 0.79
C PHE A 95 11.48 8.73 -0.22
N SER A 96 11.95 7.56 0.22
CA SER A 96 11.92 6.34 -0.61
C SER A 96 11.51 5.13 0.21
N GLY A 97 11.22 4.02 -0.47
CA GLY A 97 10.85 2.79 0.23
C GLY A 97 10.93 1.54 -0.67
N THR A 98 10.91 0.37 -0.05
CA THR A 98 10.98 -0.90 -0.78
C THR A 98 9.58 -1.52 -0.96
N VAL A 99 9.08 -1.48 -2.19
CA VAL A 99 7.80 -2.12 -2.52
C VAL A 99 8.01 -3.57 -2.97
N GLU A 100 7.52 -4.52 -2.16
CA GLU A 100 7.60 -5.93 -2.50
C GLU A 100 6.26 -6.46 -3.00
N TYR A 101 6.15 -6.64 -4.31
CA TYR A 101 4.90 -7.05 -4.96
C TYR A 101 4.92 -8.53 -5.37
N GLY A 102 3.82 -9.23 -5.14
CA GLY A 102 3.75 -10.64 -5.49
C GLY A 102 2.34 -11.22 -5.42
N GLN A 103 2.25 -12.49 -5.01
CA GLN A 103 0.95 -13.20 -4.95
C GLN A 103 0.76 -13.87 -3.58
N ILE A 104 -0.49 -14.20 -3.26
CA ILE A 104 -0.84 -14.79 -1.96
C ILE A 104 -1.52 -16.16 -2.09
N GLN A 105 -1.16 -17.10 -1.22
CA GLN A 105 -1.89 -18.37 -1.10
C GLN A 105 -2.20 -18.68 0.38
N GLY A 106 -3.46 -18.47 0.77
CA GLY A 106 -3.89 -18.80 2.12
C GLY A 106 -5.13 -18.04 2.57
N THR A 107 -5.32 -17.93 3.88
CA THR A 107 -6.47 -17.21 4.45
C THR A 107 -6.08 -15.79 4.90
N ILE A 108 -6.97 -15.11 5.60
CA ILE A 108 -6.67 -13.77 6.13
C ILE A 108 -5.75 -13.85 7.36
N ASP A 109 -5.65 -15.05 7.93
CA ASP A 109 -4.80 -15.28 9.09
C ASP A 109 -3.51 -16.04 8.72
N ASN A 110 -3.64 -17.09 7.92
CA ASN A 110 -2.49 -17.87 7.46
C ASN A 110 -2.32 -17.79 5.94
N PHE A 111 -1.52 -16.82 5.49
CA PHE A 111 -1.30 -16.61 4.06
C PHE A 111 0.19 -16.60 3.70
N GLN A 112 0.55 -17.34 2.66
CA GLN A 112 1.94 -17.39 2.18
C GLN A 112 2.16 -16.42 1.02
N GLU A 113 3.14 -15.54 1.17
CA GLU A 113 3.46 -14.52 0.16
C GLU A 113 4.47 -15.08 -0.87
N ILE A 114 3.95 -15.54 -2.01
CA ILE A 114 4.77 -16.18 -3.05
C ILE A 114 5.03 -15.24 -4.23
N ASN A 115 6.04 -15.57 -5.06
CA ASN A 115 6.38 -14.79 -6.26
C ASN A 115 6.60 -13.29 -5.97
N VAL A 116 6.91 -12.98 -4.71
CA VAL A 116 7.10 -11.59 -4.29
C VAL A 116 8.49 -11.05 -4.65
N GLN A 117 8.51 -9.86 -5.24
CA GLN A 117 9.74 -9.22 -5.72
C GLN A 117 9.85 -7.79 -5.18
N ASN A 118 11.08 -7.34 -4.92
CA ASN A 118 11.30 -6.01 -4.32
C ASN A 118 11.65 -4.95 -5.38
N GLN A 119 11.15 -3.73 -5.15
CA GLN A 119 11.45 -2.58 -6.01
C GLN A 119 11.60 -1.31 -5.16
N LEU A 120 12.43 -0.37 -5.61
CA LEU A 120 12.67 0.88 -4.86
C LEU A 120 11.86 2.06 -5.44
N ILE A 121 10.92 2.56 -4.65
CA ILE A 121 10.11 3.73 -5.05
C ILE A 121 10.66 5.01 -4.40
N ASN A 122 11.02 5.99 -5.23
CA ASN A 122 11.55 7.28 -4.75
C ASN A 122 10.59 8.44 -5.05
N ALA A 123 10.40 9.30 -4.05
CA ALA A 123 9.50 10.46 -4.18
C ALA A 123 10.23 11.78 -3.88
N PRO A 124 9.94 12.85 -4.65
CA PRO A 124 10.61 14.15 -4.50
C PRO A 124 10.13 14.94 -3.26
N ALA A 125 10.84 16.02 -2.93
CA ALA A 125 10.52 16.85 -1.77
C ALA A 125 9.41 17.85 -2.09
N SER A 126 8.44 17.97 -1.18
CA SER A 126 7.31 18.89 -1.37
C SER A 126 7.72 20.35 -1.07
N VAL A 127 7.51 21.23 -2.04
CA VAL A 127 7.78 22.67 -1.84
C VAL A 127 6.60 23.36 -1.16
N LEU A 128 5.38 23.02 -1.58
CA LEU A 128 4.15 23.60 -1.04
C LEU A 128 3.17 22.52 -0.55
N ALA A 129 2.11 22.95 0.13
CA ALA A 129 1.09 22.04 0.66
C ALA A 129 -0.19 22.04 -0.21
N PRO A 130 -1.02 20.97 -0.13
CA PRO A 130 -0.77 19.77 0.69
C PRO A 130 0.09 18.72 -0.01
N SER A 131 0.70 17.83 0.76
CA SER A 131 1.58 16.80 0.21
C SER A 131 0.82 15.55 -0.24
N ASP A 132 0.17 15.63 -1.40
CA ASP A 132 -0.37 14.45 -2.09
C ASP A 132 0.59 14.01 -3.19
N VAL A 133 1.65 13.32 -2.82
CA VAL A 133 2.70 12.93 -3.76
C VAL A 133 2.28 11.76 -4.65
N ASP A 134 1.86 12.06 -5.87
CA ASP A 134 1.52 11.02 -6.85
C ASP A 134 2.76 10.65 -7.71
N ILE A 135 3.34 9.48 -7.46
CA ILE A 135 4.52 9.02 -8.20
C ILE A 135 4.21 7.78 -9.06
N PRO A 136 4.62 7.81 -10.35
CA PRO A 136 4.48 6.65 -11.25
C PRO A 136 5.30 5.44 -10.77
N LEU A 137 4.70 4.25 -10.82
CA LEU A 137 5.33 3.02 -10.32
C LEU A 137 5.18 1.88 -11.35
N GLN A 138 6.30 1.45 -11.92
CA GLN A 138 6.29 0.37 -12.92
C GLN A 138 6.68 -0.98 -12.30
N LEU A 139 5.72 -1.88 -12.18
CA LEU A 139 5.98 -3.25 -11.72
C LEU A 139 6.33 -4.14 -12.93
N LYS A 140 7.30 -5.04 -12.76
CA LYS A 140 7.71 -5.93 -13.85
C LYS A 140 7.75 -7.40 -13.40
N GLY A 141 7.51 -8.32 -14.33
CA GLY A 141 7.46 -9.74 -14.01
C GLY A 141 6.17 -10.15 -13.30
N ILE A 142 5.07 -9.46 -13.61
CA ILE A 142 3.77 -9.76 -13.01
C ILE A 142 2.62 -9.03 -13.74
N SER A 143 1.62 -9.78 -14.17
CA SER A 143 0.46 -9.19 -14.87
C SER A 143 -0.59 -8.67 -13.88
N VAL A 144 -1.24 -7.57 -14.25
CA VAL A 144 -2.26 -6.93 -13.40
C VAL A 144 -3.34 -7.94 -12.91
N ASP A 145 -3.82 -8.78 -13.83
CA ASP A 145 -4.81 -9.80 -13.49
C ASP A 145 -4.27 -10.77 -12.42
N GLN A 146 -2.99 -11.11 -12.52
CA GLN A 146 -2.36 -12.08 -11.61
C GLN A 146 -1.69 -11.41 -10.40
N LEU A 147 -1.88 -10.09 -10.26
CA LEU A 147 -1.29 -9.36 -9.14
C LEU A 147 -1.99 -9.74 -7.82
N GLY A 148 -1.20 -10.17 -6.82
CA GLY A 148 -1.77 -10.59 -5.54
C GLY A 148 -1.76 -9.49 -4.48
N PHE A 149 -0.56 -9.02 -4.11
CA PHE A 149 -0.44 -7.99 -3.07
C PHE A 149 0.73 -7.03 -3.35
N VAL A 150 0.67 -5.86 -2.72
CA VAL A 150 1.74 -4.85 -2.81
C VAL A 150 2.24 -4.47 -1.41
N ARG A 151 3.40 -5.00 -1.02
CA ARG A 151 3.96 -4.78 0.32
C ARG A 151 4.84 -3.52 0.37
N ILE A 152 4.25 -2.39 0.76
CA ILE A 152 4.99 -1.12 0.88
C ILE A 152 5.67 -1.01 2.25
N HIS A 153 6.98 -0.73 2.28
CA HIS A 153 7.70 -0.54 3.55
C HIS A 153 9.07 0.14 3.37
N ASP A 154 9.80 0.31 4.47
CA ASP A 154 11.13 0.95 4.49
C ASP A 154 11.07 2.44 4.10
N ILE A 155 9.91 3.07 4.32
CA ILE A 155 9.72 4.47 3.94
C ILE A 155 10.59 5.42 4.79
N GLN A 156 11.66 5.94 4.20
CA GLN A 156 12.63 6.78 4.90
C GLN A 156 13.05 7.99 4.05
N PRO A 157 13.44 9.12 4.69
CA PRO A 157 13.88 10.32 3.97
C PRO A 157 15.25 10.15 3.29
N VAL A 158 15.34 10.57 2.02
CA VAL A 158 16.57 10.41 1.23
C VAL A 158 17.54 11.59 1.45
N MET A 159 17.49 12.19 2.64
CA MET A 159 18.34 13.34 2.97
C MET A 159 19.18 13.07 4.22
N GLN A 160 19.92 14.09 4.67
CA GLN A 160 20.73 13.99 5.89
C GLN A 160 19.87 14.15 7.16
N LEU A 161 19.89 13.14 8.02
CA LEU A 161 19.18 13.21 9.32
C LEU A 161 20.17 13.53 10.46
N GLU A 162 19.69 14.23 11.48
CA GLU A 162 20.50 14.54 12.67
C GLU A 162 19.70 14.36 13.97
N HIS A 163 20.40 14.06 15.06
CA HIS A 163 19.78 13.89 16.38
C HIS A 163 20.82 14.08 17.51
N HIS A 164 20.36 14.48 18.69
CA HIS A 164 21.26 14.81 19.80
C HIS A 164 20.76 14.24 21.15
N HIS A 165 21.60 13.42 21.79
CA HIS A 165 21.30 12.88 23.12
C HIS A 165 21.96 13.72 24.23
N HIS A 166 21.85 13.25 25.48
CA HIS A 166 22.52 13.89 26.61
C HIS A 166 23.23 12.83 27.49
N HIS A 167 23.78 13.25 28.62
CA HIS A 167 24.29 12.31 29.61
C HIS A 167 23.12 11.67 30.37
N HIS A 168 22.05 12.44 30.54
CA HIS A 168 20.81 11.95 31.15
C HIS A 168 19.74 11.66 30.07
#